data_8BII
#
_entry.id   8BII
#
_cell.length_a   58.920
_cell.length_b   98.300
_cell.length_c   531.570
_cell.angle_alpha   90.00
_cell.angle_beta   90.00
_cell.angle_gamma   90.00
#
_symmetry.space_group_name_H-M   'P 21 21 21'
#
loop_
_entity.id
_entity.type
_entity.pdbx_description
1 polymer 'methyltransferase Plu4895 H229N mutant'
2 non-polymer S-ADENOSYL-L-HOMOCYSTEINE
3 non-polymer 'CHLORIDE ION'
4 water water
#
_entity_poly.entity_id   1
_entity_poly.type   'polypeptide(L)'
_entity_poly.pdbx_seq_one_letter_code
;MRGSHHHHHHENLYFQGSMLIDLITSYRKTAAIYTFVDAGLSIHFKNGDYVDINKLASQYGIDYSRLNRLCDFLIEIGVL
VSSDHGVALSEECSALADPNSVEFLTVKYEINSEHWDSWLMYPKSLLENNGKSAFEMVHGKSFFEHLDSNKGLKSDFDAL
MSKYTNKIIKELLVIYDFDKHNRILDLGGGDGELLIRISEQVKGKDYTVLDRYNEVPISEGINFIKGDFFKPIPTGYDLY
ILKNVLNNWPDNDAISILKNCREAMDNNATLLIITLMKKPQSLVVKSVDILMDMLFSAKQRYLSEFEDIANQAGLVIRHY
KDLDEIFSLIELKVK
;
_entity_poly.pdbx_strand_id   A,B,C,D,E,F,G,H
#
loop_
_chem_comp.id
_chem_comp.type
_chem_comp.name
_chem_comp.formula
CL non-polymer 'CHLORIDE ION' 'Cl -1'
SAH non-polymer S-ADENOSYL-L-HOMOCYSTEINE 'C14 H20 N6 O5 S'
#
# COMPACT_ATOMS: atom_id res chain seq x y z
N SER A 18 -27.89 28.79 2.14
CA SER A 18 -28.28 28.05 3.38
C SER A 18 -29.43 28.76 4.12
N MET A 19 -30.22 29.59 3.42
CA MET A 19 -31.37 30.33 3.99
C MET A 19 -32.57 29.38 4.12
N LEU A 20 -32.94 28.70 3.02
CA LEU A 20 -34.19 27.90 2.88
C LEU A 20 -34.23 26.80 3.95
N ILE A 21 -33.17 25.97 4.04
CA ILE A 21 -33.09 24.83 4.99
C ILE A 21 -33.28 25.35 6.43
N ASP A 22 -32.70 26.52 6.75
CA ASP A 22 -32.79 27.16 8.08
C ASP A 22 -34.24 27.59 8.35
N LEU A 23 -34.91 28.16 7.34
CA LEU A 23 -36.34 28.58 7.41
C LEU A 23 -37.22 27.37 7.71
N ILE A 24 -36.94 26.23 7.07
CA ILE A 24 -37.74 24.97 7.20
C ILE A 24 -37.55 24.39 8.61
N THR A 25 -36.30 24.34 9.10
CA THR A 25 -35.93 23.68 10.37
C THR A 25 -36.05 24.64 11.56
N SER A 26 -36.28 25.94 11.31
CA SER A 26 -36.42 26.98 12.37
C SER A 26 -37.54 26.64 13.35
N TYR A 27 -38.50 25.79 12.94
CA TYR A 27 -39.64 25.34 13.78
C TYR A 27 -39.11 24.58 15.00
N ARG A 28 -37.98 23.90 14.87
CA ARG A 28 -37.35 23.09 15.95
C ARG A 28 -36.95 24.02 17.11
N LYS A 29 -36.49 25.23 16.79
CA LYS A 29 -36.11 26.27 17.79
C LYS A 29 -37.35 26.67 18.59
N THR A 30 -38.46 26.94 17.90
CA THR A 30 -39.80 27.18 18.52
C THR A 30 -40.12 26.03 19.47
N ALA A 31 -40.01 24.79 18.98
CA ALA A 31 -40.33 23.55 19.72
C ALA A 31 -39.44 23.43 20.96
N ALA A 32 -38.14 23.72 20.82
CA ALA A 32 -37.15 23.66 21.91
C ALA A 32 -37.50 24.70 22.99
N ILE A 33 -37.85 25.92 22.58
CA ILE A 33 -38.30 27.02 23.48
C ILE A 33 -39.59 26.58 24.18
N TYR A 34 -40.51 25.96 23.43
CA TYR A 34 -41.82 25.47 23.92
C TYR A 34 -41.62 24.47 25.08
N THR A 35 -40.76 23.47 24.89
CA THR A 35 -40.54 22.36 25.86
C THR A 35 -39.90 22.92 27.13
N PHE A 36 -39.06 23.94 26.99
CA PHE A 36 -38.39 24.68 28.10
C PHE A 36 -39.41 25.48 28.91
N VAL A 37 -40.45 26.01 28.24
CA VAL A 37 -41.56 26.76 28.89
C VAL A 37 -42.59 25.76 29.44
N ASP A 38 -42.97 24.76 28.64
CA ASP A 38 -44.09 23.81 28.92
C ASP A 38 -43.77 22.92 30.12
N ALA A 39 -42.48 22.62 30.35
CA ALA A 39 -42.00 21.75 31.45
C ALA A 39 -41.83 22.56 32.75
N GLY A 40 -42.04 23.89 32.68
CA GLY A 40 -42.04 24.79 33.84
C GLY A 40 -40.64 25.09 34.34
N LEU A 41 -39.63 25.06 33.44
CA LEU A 41 -38.20 25.28 33.77
C LEU A 41 -37.85 26.77 33.69
N SER A 42 -38.41 27.48 32.71
CA SER A 42 -38.08 28.90 32.38
C SER A 42 -38.26 29.82 33.60
N ILE A 43 -39.15 29.47 34.53
CA ILE A 43 -39.53 30.29 35.73
C ILE A 43 -38.29 30.49 36.62
N HIS A 44 -37.32 29.58 36.57
CA HIS A 44 -36.13 29.55 37.46
C HIS A 44 -35.01 30.48 36.96
N PHE A 45 -35.22 31.20 35.85
CA PHE A 45 -34.17 31.96 35.13
C PHE A 45 -34.46 33.47 35.16
N LYS A 46 -34.96 33.98 36.30
CA LYS A 46 -35.31 35.42 36.46
C LYS A 46 -34.05 36.23 36.78
N ASN A 47 -34.01 37.49 36.36
CA ASN A 47 -32.94 38.48 36.67
C ASN A 47 -31.60 38.01 36.07
N GLY A 48 -31.64 37.24 34.98
CA GLY A 48 -30.46 36.63 34.35
C GLY A 48 -29.62 35.86 35.36
N ASP A 49 -30.27 35.14 36.28
CA ASP A 49 -29.61 34.32 37.34
C ASP A 49 -29.16 33.00 36.73
N TYR A 50 -27.89 32.62 36.94
CA TYR A 50 -27.30 31.34 36.49
C TYR A 50 -27.81 30.22 37.40
N VAL A 51 -28.31 29.13 36.80
CA VAL A 51 -28.88 27.96 37.54
C VAL A 51 -28.10 26.69 37.13
N ASP A 52 -27.91 25.79 38.10
CA ASP A 52 -27.17 24.50 37.95
C ASP A 52 -28.11 23.46 37.33
N ILE A 53 -27.71 22.89 36.17
CA ILE A 53 -28.55 21.97 35.35
C ILE A 53 -28.87 20.71 36.16
N ASN A 54 -27.91 20.26 36.97
CA ASN A 54 -28.01 19.01 37.77
C ASN A 54 -29.14 19.14 38.79
N LYS A 55 -29.20 20.27 39.49
CA LYS A 55 -30.21 20.57 40.55
C LYS A 55 -31.59 20.79 39.91
N LEU A 56 -31.63 21.39 38.72
CA LEU A 56 -32.89 21.65 37.95
C LEU A 56 -33.49 20.31 37.49
N ALA A 57 -32.64 19.38 37.06
CA ALA A 57 -33.01 18.01 36.63
C ALA A 57 -33.66 17.26 37.80
N SER A 58 -33.11 17.39 39.00
CA SER A 58 -33.55 16.69 40.23
C SER A 58 -34.91 17.23 40.70
N GLN A 59 -35.08 18.55 40.71
CA GLN A 59 -36.33 19.24 41.15
C GLN A 59 -37.54 18.68 40.39
N TYR A 60 -37.42 18.52 39.06
CA TYR A 60 -38.53 18.16 38.15
C TYR A 60 -38.45 16.69 37.72
N GLY A 61 -37.48 15.93 38.26
CA GLY A 61 -37.32 14.48 38.02
C GLY A 61 -37.02 14.18 36.56
N ILE A 62 -36.20 15.02 35.93
CA ILE A 62 -35.75 14.86 34.51
C ILE A 62 -34.35 14.22 34.53
N ASP A 63 -34.04 13.40 33.52
CA ASP A 63 -32.68 12.85 33.29
C ASP A 63 -31.73 14.00 32.94
N TYR A 64 -30.81 14.34 33.84
CA TYR A 64 -29.79 15.41 33.66
C TYR A 64 -29.25 15.38 32.23
N SER A 65 -28.85 14.20 31.77
CA SER A 65 -28.28 13.94 30.41
C SER A 65 -29.19 14.57 29.34
N ARG A 66 -30.49 14.26 29.40
CA ARG A 66 -31.50 14.75 28.42
C ARG A 66 -31.66 16.28 28.55
N LEU A 67 -31.76 16.79 29.78
CA LEU A 67 -31.98 18.23 30.09
C LEU A 67 -30.75 19.05 29.68
N ASN A 68 -29.54 18.50 29.87
CA ASN A 68 -28.25 19.14 29.49
C ASN A 68 -28.14 19.26 27.98
N ARG A 69 -28.63 18.26 27.24
CA ARG A 69 -28.63 18.24 25.75
C ARG A 69 -29.61 19.27 25.20
N LEU A 70 -30.79 19.40 25.82
CA LEU A 70 -31.80 20.44 25.46
C LEU A 70 -31.19 21.82 25.67
N CYS A 71 -30.51 22.02 26.80
CA CYS A 71 -29.87 23.31 27.20
C CYS A 71 -28.74 23.66 26.23
N ASP A 72 -28.02 22.66 25.74
CA ASP A 72 -26.93 22.82 24.73
C ASP A 72 -27.52 23.39 23.44
N PHE A 73 -28.68 22.87 22.99
CA PHE A 73 -29.39 23.35 21.78
C PHE A 73 -29.86 24.78 22.00
N LEU A 74 -30.41 25.07 23.18
CA LEU A 74 -30.90 26.42 23.59
C LEU A 74 -29.72 27.41 23.65
N ILE A 75 -28.52 26.93 24.02
CA ILE A 75 -27.26 27.74 24.05
C ILE A 75 -26.88 28.12 22.61
N GLU A 76 -26.98 27.18 21.67
CA GLU A 76 -26.55 27.35 20.25
C GLU A 76 -27.48 28.33 19.52
N ILE A 77 -28.77 28.39 19.90
CA ILE A 77 -29.78 29.29 19.27
C ILE A 77 -29.84 30.64 20.02
N GLY A 78 -29.00 30.80 21.06
CA GLY A 78 -28.77 32.08 21.76
C GLY A 78 -29.82 32.37 22.82
N VAL A 79 -30.62 31.36 23.22
CA VAL A 79 -31.68 31.48 24.26
C VAL A 79 -31.01 31.47 25.64
N LEU A 80 -30.08 30.53 25.86
CA LEU A 80 -29.29 30.38 27.11
C LEU A 80 -27.83 30.76 26.86
N VAL A 81 -27.12 31.19 27.91
CA VAL A 81 -25.66 31.48 27.90
C VAL A 81 -25.00 30.58 28.96
N SER A 82 -23.84 30.00 28.61
CA SER A 82 -23.11 29.00 29.43
C SER A 82 -22.06 29.68 30.31
N SER A 83 -21.82 29.14 31.51
CA SER A 83 -20.76 29.56 32.45
C SER A 83 -20.38 28.39 33.36
N ASP A 84 -19.31 28.55 34.15
CA ASP A 84 -18.86 27.55 35.16
C ASP A 84 -19.77 27.63 36.39
N HIS A 85 -20.56 28.70 36.48
CA HIS A 85 -21.61 28.93 37.53
C HIS A 85 -22.88 28.16 37.15
N GLY A 86 -23.17 28.06 35.85
CA GLY A 86 -24.33 27.33 35.30
C GLY A 86 -24.76 27.89 33.95
N VAL A 87 -26.07 27.90 33.67
CA VAL A 87 -26.66 28.54 32.46
C VAL A 87 -27.77 29.51 32.91
N ALA A 88 -27.87 30.66 32.23
CA ALA A 88 -28.91 31.69 32.43
C ALA A 88 -29.48 32.07 31.06
N LEU A 89 -30.70 32.62 31.04
CA LEU A 89 -31.33 33.19 29.82
C LEU A 89 -30.48 34.36 29.33
N SER A 90 -30.28 34.48 28.02
CA SER A 90 -29.62 35.62 27.35
C SER A 90 -30.45 36.89 27.58
N GLU A 91 -29.82 38.06 27.52
CA GLU A 91 -30.47 39.38 27.71
C GLU A 91 -31.65 39.52 26.73
N GLU A 92 -31.49 39.02 25.50
CA GLU A 92 -32.49 39.13 24.40
C GLU A 92 -33.67 38.19 24.64
N CYS A 93 -33.49 37.12 25.43
CA CYS A 93 -34.52 36.08 25.70
C CYS A 93 -34.86 36.03 27.20
N SER A 94 -34.81 37.19 27.87
CA SER A 94 -35.09 37.36 29.33
C SER A 94 -36.56 37.10 29.63
N ALA A 95 -37.45 37.42 28.68
CA ALA A 95 -38.92 37.47 28.86
C ALA A 95 -39.52 36.06 29.06
N LEU A 96 -38.75 35.00 28.76
CA LEU A 96 -39.13 33.59 29.02
C LEU A 96 -39.28 33.35 30.53
N ALA A 97 -38.63 34.19 31.35
CA ALA A 97 -38.61 34.10 32.83
C ALA A 97 -40.01 34.40 33.41
N ASP A 98 -40.58 35.58 33.11
CA ASP A 98 -41.83 36.06 33.72
C ASP A 98 -43.02 35.58 32.88
N PRO A 99 -44.03 34.90 33.48
CA PRO A 99 -45.18 34.38 32.74
C PRO A 99 -46.02 35.42 31.99
N ASN A 100 -46.12 36.65 32.50
CA ASN A 100 -46.92 37.76 31.89
C ASN A 100 -46.04 38.57 30.95
N SER A 101 -45.47 37.93 29.92
CA SER A 101 -44.74 38.57 28.80
C SER A 101 -45.39 38.13 27.49
N VAL A 102 -45.33 38.99 26.46
CA VAL A 102 -45.92 38.73 25.12
C VAL A 102 -45.28 37.46 24.54
N GLU A 103 -44.03 37.16 24.92
CA GLU A 103 -43.26 36.00 24.40
C GLU A 103 -43.77 34.72 25.08
N PHE A 104 -43.82 34.69 26.41
CA PHE A 104 -44.25 33.51 27.21
C PHE A 104 -45.69 33.13 26.84
N LEU A 105 -46.60 34.10 26.85
CA LEU A 105 -48.06 33.89 26.63
C LEU A 105 -48.32 33.41 25.20
N THR A 106 -47.49 33.82 24.23
CA THR A 106 -47.53 33.36 22.82
C THR A 106 -47.21 31.87 22.77
N VAL A 107 -46.22 31.42 23.55
CA VAL A 107 -45.82 29.98 23.67
C VAL A 107 -47.01 29.18 24.21
N LYS A 108 -47.69 29.71 25.24
CA LYS A 108 -48.83 29.04 25.92
C LYS A 108 -50.03 28.98 24.95
N TYR A 109 -50.37 30.10 24.32
CA TYR A 109 -51.56 30.24 23.43
C TYR A 109 -51.38 29.42 22.16
N GLU A 110 -50.28 29.63 21.43
CA GLU A 110 -50.14 29.26 20.00
C GLU A 110 -49.48 27.89 19.85
N ILE A 111 -48.44 27.58 20.62
CA ILE A 111 -47.63 26.34 20.44
C ILE A 111 -48.35 25.17 21.10
N ASN A 112 -49.25 24.53 20.35
CA ASN A 112 -50.09 23.39 20.81
C ASN A 112 -50.74 22.72 19.59
N SER A 113 -51.42 21.59 19.80
CA SER A 113 -52.15 20.80 18.77
C SER A 113 -53.19 21.69 18.07
N GLU A 114 -53.89 22.54 18.83
CA GLU A 114 -55.00 23.39 18.32
C GLU A 114 -54.54 24.15 17.08
N HIS A 115 -53.29 24.65 17.07
CA HIS A 115 -52.70 25.43 15.95
C HIS A 115 -51.90 24.51 15.02
N TRP A 116 -51.11 23.58 15.58
CA TRP A 116 -50.12 22.76 14.83
C TRP A 116 -50.82 21.64 14.04
N ASP A 117 -51.90 21.05 14.57
CA ASP A 117 -52.76 20.11 13.81
C ASP A 117 -53.39 20.84 12.63
N SER A 118 -53.80 22.10 12.84
CA SER A 118 -54.48 22.96 11.84
C SER A 118 -53.51 23.37 10.74
N TRP A 119 -52.29 23.77 11.11
CA TRP A 119 -51.21 24.16 10.15
C TRP A 119 -50.93 23.01 9.18
N LEU A 120 -50.98 21.77 9.67
CA LEU A 120 -50.76 20.54 8.85
C LEU A 120 -51.95 20.32 7.91
N MET A 121 -53.16 20.74 8.32
CA MET A 121 -54.43 20.58 7.56
C MET A 121 -54.62 21.78 6.61
N TYR A 122 -53.85 22.86 6.78
CA TYR A 122 -54.00 24.12 6.01
C TYR A 122 -53.90 23.87 4.52
N PRO A 123 -52.90 23.11 4.00
CA PRO A 123 -52.84 22.81 2.56
C PRO A 123 -54.07 22.10 2.01
N LYS A 124 -54.80 21.33 2.83
CA LYS A 124 -56.06 20.65 2.44
C LYS A 124 -57.20 21.67 2.35
N SER A 125 -57.25 22.64 3.28
CA SER A 125 -58.30 23.70 3.36
C SER A 125 -58.24 24.59 2.11
N LEU A 126 -57.06 24.73 1.51
CA LEU A 126 -56.85 25.45 0.22
C LEU A 126 -57.44 24.61 -0.92
N LEU A 127 -57.02 23.34 -1.02
CA LEU A 127 -57.41 22.39 -2.10
C LEU A 127 -58.91 22.10 -2.03
N GLU A 128 -59.45 21.88 -0.82
CA GLU A 128 -60.91 21.66 -0.58
C GLU A 128 -61.55 22.99 -0.19
N ASN A 129 -61.95 23.78 -1.20
CA ASN A 129 -62.58 25.11 -1.01
C ASN A 129 -64.04 24.92 -0.58
N ASN A 130 -64.24 24.62 0.71
CA ASN A 130 -65.59 24.55 1.37
C ASN A 130 -65.60 25.57 2.51
N GLY A 131 -66.75 25.73 3.18
CA GLY A 131 -66.97 26.77 4.22
C GLY A 131 -66.19 26.51 5.50
N LYS A 132 -65.39 25.43 5.55
CA LYS A 132 -64.62 24.99 6.75
C LYS A 132 -63.18 25.51 6.68
N SER A 133 -62.74 26.18 7.74
CA SER A 133 -61.33 26.59 7.99
C SER A 133 -60.50 25.35 8.34
N ALA A 134 -59.17 25.42 8.14
CA ALA A 134 -58.21 24.35 8.48
C ALA A 134 -58.48 23.85 9.90
N PHE A 135 -58.80 24.76 10.83
CA PHE A 135 -59.11 24.48 12.26
C PHE A 135 -60.41 23.67 12.36
N GLU A 136 -61.46 24.08 11.64
CA GLU A 136 -62.80 23.42 11.65
C GLU A 136 -62.68 21.97 11.18
N MET A 137 -61.93 21.74 10.09
CA MET A 137 -61.68 20.40 9.50
C MET A 137 -61.09 19.46 10.56
N VAL A 138 -60.23 19.99 11.44
CA VAL A 138 -59.50 19.22 12.50
C VAL A 138 -60.45 18.99 13.68
N HIS A 139 -60.96 20.07 14.27
CA HIS A 139 -61.63 20.08 15.60
C HIS A 139 -63.14 19.79 15.48
N GLY A 140 -63.73 20.00 14.30
CA GLY A 140 -65.17 19.78 14.05
C GLY A 140 -66.03 20.82 14.75
N LYS A 141 -65.45 21.96 15.14
CA LYS A 141 -66.13 23.13 15.72
C LYS A 141 -65.45 24.40 15.18
N SER A 142 -65.98 25.57 15.52
CA SER A 142 -65.31 26.89 15.27
C SER A 142 -64.27 27.11 16.37
N PHE A 143 -63.34 28.05 16.16
CA PHE A 143 -62.24 28.38 17.09
C PHE A 143 -62.82 28.86 18.43
N PHE A 144 -63.86 29.71 18.39
CA PHE A 144 -64.51 30.32 19.58
C PHE A 144 -65.46 29.30 20.24
N GLU A 145 -66.07 28.41 19.46
CA GLU A 145 -66.88 27.27 19.94
C GLU A 145 -65.97 26.31 20.74
N HIS A 146 -64.72 26.15 20.30
CA HIS A 146 -63.71 25.26 20.94
C HIS A 146 -63.26 25.85 22.28
N LEU A 147 -63.01 27.16 22.33
CA LEU A 147 -62.54 27.89 23.54
C LEU A 147 -63.57 27.76 24.68
N ASP A 148 -64.86 27.65 24.34
CA ASP A 148 -65.96 27.39 25.32
C ASP A 148 -65.66 26.10 26.09
N SER A 149 -65.19 25.07 25.38
CA SER A 149 -64.83 23.74 25.93
C SER A 149 -63.43 23.79 26.58
N ASN A 150 -62.42 24.18 25.80
CA ASN A 150 -60.99 24.25 26.24
C ASN A 150 -60.78 25.53 27.06
N LYS A 151 -61.01 25.46 28.37
CA LYS A 151 -60.98 26.63 29.30
C LYS A 151 -59.55 27.15 29.45
N GLY A 152 -58.58 26.25 29.58
CA GLY A 152 -57.14 26.57 29.73
C GLY A 152 -56.63 27.45 28.59
N LEU A 153 -57.05 27.17 27.35
CA LEU A 153 -56.64 27.92 26.13
C LEU A 153 -57.34 29.29 26.09
N LYS A 154 -58.56 29.39 26.63
CA LYS A 154 -59.35 30.64 26.66
C LYS A 154 -58.63 31.67 27.54
N SER A 155 -58.20 31.25 28.73
CA SER A 155 -57.47 32.08 29.72
C SER A 155 -56.12 32.53 29.13
N ASP A 156 -55.45 31.64 28.40
CA ASP A 156 -54.17 31.92 27.69
C ASP A 156 -54.42 32.96 26.58
N PHE A 157 -55.50 32.77 25.80
CA PHE A 157 -55.92 33.66 24.69
C PHE A 157 -56.19 35.07 25.23
N ASP A 158 -57.02 35.16 26.29
CA ASP A 158 -57.40 36.44 26.95
C ASP A 158 -56.14 37.13 27.50
N ALA A 159 -55.20 36.36 28.07
CA ALA A 159 -53.94 36.85 28.67
C ALA A 159 -53.04 37.48 27.57
N LEU A 160 -52.93 36.82 26.42
CA LEU A 160 -52.10 37.27 25.27
C LEU A 160 -52.72 38.52 24.65
N MET A 161 -54.06 38.54 24.54
CA MET A 161 -54.83 39.67 23.95
C MET A 161 -54.74 40.90 24.86
N SER A 162 -54.65 40.70 26.18
CA SER A 162 -54.49 41.77 27.19
C SER A 162 -53.18 42.54 26.95
N LYS A 163 -52.12 41.83 26.56
CA LYS A 163 -50.77 42.40 26.32
C LYS A 163 -50.80 43.31 25.08
N TYR A 164 -51.50 42.90 24.02
CA TYR A 164 -51.62 43.65 22.75
C TYR A 164 -52.54 44.87 22.94
N THR A 165 -53.45 44.80 23.91
CA THR A 165 -54.33 45.94 24.33
C THR A 165 -53.48 47.00 25.04
N ASN A 166 -52.56 46.58 25.91
CA ASN A 166 -51.79 47.46 26.82
C ASN A 166 -50.65 48.18 26.06
N LYS A 167 -50.26 47.67 24.89
CA LYS A 167 -49.26 48.32 24.00
C LYS A 167 -49.88 49.57 23.36
N ILE A 168 -51.21 49.63 23.27
CA ILE A 168 -51.98 50.59 22.42
C ILE A 168 -52.59 51.71 23.27
N ILE A 169 -53.04 51.42 24.49
CA ILE A 169 -53.80 52.34 25.37
C ILE A 169 -53.17 53.74 25.38
N LYS A 170 -51.84 53.83 25.49
CA LYS A 170 -51.10 55.11 25.70
C LYS A 170 -51.27 56.01 24.48
N GLU A 171 -50.98 55.51 23.28
CA GLU A 171 -51.06 56.28 22.01
C GLU A 171 -52.53 56.46 21.61
N LEU A 172 -53.39 55.48 21.90
CA LEU A 172 -54.84 55.51 21.62
C LEU A 172 -55.49 56.68 22.37
N LEU A 173 -55.17 56.84 23.66
CA LEU A 173 -55.74 57.89 24.55
C LEU A 173 -55.25 59.28 24.12
N VAL A 174 -54.11 59.36 23.43
CA VAL A 174 -53.52 60.62 22.90
C VAL A 174 -54.21 60.99 21.57
N ILE A 175 -54.35 60.02 20.67
CA ILE A 175 -54.80 60.24 19.25
C ILE A 175 -56.31 60.46 19.22
N TYR A 176 -57.10 59.63 19.92
CA TYR A 176 -58.59 59.71 19.94
C TYR A 176 -59.06 60.34 21.27
N ASP A 177 -60.07 61.21 21.18
CA ASP A 177 -60.71 61.90 22.32
C ASP A 177 -61.94 61.10 22.77
N PHE A 178 -61.82 60.35 23.87
CA PHE A 178 -62.91 59.55 24.48
C PHE A 178 -63.76 60.42 25.41
N ASP A 179 -63.21 61.57 25.83
CA ASP A 179 -63.82 62.49 26.82
C ASP A 179 -65.10 63.13 26.25
N LYS A 180 -65.19 63.27 24.93
CA LYS A 180 -66.36 63.90 24.24
C LYS A 180 -67.59 62.97 24.29
N HIS A 181 -67.38 61.65 24.45
CA HIS A 181 -68.46 60.63 24.41
C HIS A 181 -69.13 60.48 25.77
N ASN A 182 -70.18 59.65 25.84
CA ASN A 182 -70.95 59.32 27.08
C ASN A 182 -71.04 57.79 27.21
N ARG A 183 -71.82 57.15 26.34
CA ARG A 183 -72.06 55.68 26.33
C ARG A 183 -71.11 55.02 25.32
N ILE A 184 -70.33 54.03 25.77
CA ILE A 184 -69.31 53.31 24.95
C ILE A 184 -69.64 51.81 24.99
N LEU A 185 -69.64 51.15 23.82
CA LEU A 185 -69.87 49.69 23.66
C LEU A 185 -68.70 49.07 22.89
N ASP A 186 -67.97 48.14 23.53
CA ASP A 186 -66.89 47.35 22.90
C ASP A 186 -67.47 46.02 22.42
N LEU A 187 -67.73 45.91 21.10
CA LEU A 187 -68.27 44.69 20.46
C LEU A 187 -67.16 43.64 20.35
N GLY A 188 -67.30 42.52 21.07
CA GLY A 188 -66.27 41.46 21.16
C GLY A 188 -65.05 41.93 21.93
N GLY A 189 -65.24 42.33 23.18
CA GLY A 189 -64.19 42.91 24.05
C GLY A 189 -63.72 41.94 25.12
N GLY A 190 -64.10 40.65 25.02
CA GLY A 190 -63.72 39.60 25.98
C GLY A 190 -63.72 40.10 27.41
N ASP A 191 -62.61 39.89 28.13
CA ASP A 191 -62.32 40.59 29.43
C ASP A 191 -62.00 42.04 29.08
N GLY A 192 -62.81 42.99 29.57
CA GLY A 192 -62.87 44.37 29.07
C GLY A 192 -61.60 45.17 29.37
N GLU A 193 -60.44 44.64 28.97
CA GLU A 193 -59.11 45.24 29.24
C GLU A 193 -59.05 46.63 28.61
N LEU A 194 -59.45 46.74 27.34
CA LEU A 194 -59.49 48.02 26.58
C LEU A 194 -60.25 49.06 27.40
N LEU A 195 -61.49 48.72 27.81
CA LEU A 195 -62.43 49.64 28.50
C LEU A 195 -61.98 49.87 29.95
N ILE A 196 -61.47 48.83 30.62
CA ILE A 196 -60.88 48.94 31.99
C ILE A 196 -59.75 49.98 31.96
N ARG A 197 -58.89 49.93 30.94
CA ARG A 197 -57.68 50.77 30.81
C ARG A 197 -58.07 52.20 30.39
N ILE A 198 -59.14 52.35 29.60
CA ILE A 198 -59.66 53.68 29.16
C ILE A 198 -60.42 54.32 30.34
N SER A 199 -61.18 53.53 31.10
CA SER A 199 -61.94 53.99 32.31
C SER A 199 -60.97 54.49 33.38
N GLU A 200 -59.72 54.03 33.35
CA GLU A 200 -58.63 54.44 34.28
C GLU A 200 -58.24 55.91 34.02
N GLN A 201 -58.25 56.35 32.76
CA GLN A 201 -57.77 57.70 32.36
C GLN A 201 -58.93 58.60 31.92
N VAL A 202 -60.17 58.11 31.94
CA VAL A 202 -61.39 58.88 31.54
C VAL A 202 -62.58 58.42 32.39
N LYS A 203 -63.00 59.25 33.36
CA LYS A 203 -64.18 58.97 34.24
C LYS A 203 -65.38 59.79 33.76
N GLY A 204 -66.59 59.39 34.18
CA GLY A 204 -67.87 60.04 33.86
C GLY A 204 -68.53 59.39 32.66
N LYS A 205 -68.15 58.15 32.34
CA LYS A 205 -68.52 57.43 31.09
C LYS A 205 -69.24 56.12 31.44
N ASP A 206 -70.19 55.72 30.58
CA ASP A 206 -70.91 54.42 30.64
C ASP A 206 -70.15 53.41 29.76
N TYR A 207 -69.30 52.60 30.39
CA TYR A 207 -68.47 51.56 29.72
C TYR A 207 -69.20 50.22 29.74
N THR A 208 -69.47 49.65 28.56
CA THR A 208 -70.18 48.36 28.36
C THR A 208 -69.40 47.48 27.38
N VAL A 209 -69.28 46.19 27.66
CA VAL A 209 -68.56 45.18 26.82
C VAL A 209 -69.57 44.10 26.40
N LEU A 210 -69.78 43.93 25.10
CA LEU A 210 -70.65 42.89 24.50
C LEU A 210 -69.78 41.74 23.99
N ASP A 211 -70.08 40.51 24.42
CA ASP A 211 -69.36 39.28 23.98
C ASP A 211 -70.15 38.04 24.44
N ARG A 212 -70.05 36.95 23.68
CA ARG A 212 -70.63 35.61 23.99
C ARG A 212 -69.86 35.00 25.19
N TYR A 213 -70.44 35.09 26.39
CA TYR A 213 -69.84 34.58 27.66
C TYR A 213 -70.57 33.31 28.12
N ASN A 214 -69.82 32.32 28.62
CA ASN A 214 -70.34 31.19 29.41
C ASN A 214 -70.77 31.74 30.78
N GLU A 215 -69.81 32.36 31.48
CA GLU A 215 -70.02 33.11 32.75
C GLU A 215 -69.63 34.57 32.48
N VAL A 216 -70.56 35.51 32.72
CA VAL A 216 -70.37 36.97 32.45
C VAL A 216 -69.32 37.49 33.43
N PRO A 217 -68.19 38.07 32.95
CA PRO A 217 -67.20 38.68 33.83
C PRO A 217 -67.83 39.73 34.74
N ILE A 218 -67.34 39.85 35.99
CA ILE A 218 -67.83 40.84 37.01
C ILE A 218 -66.77 41.93 37.17
N SER A 219 -67.20 43.19 37.15
CA SER A 219 -66.42 44.39 37.53
C SER A 219 -67.36 45.43 38.12
N GLU A 220 -66.82 46.58 38.51
CA GLU A 220 -67.57 47.79 38.95
C GLU A 220 -67.16 48.94 38.03
N GLY A 221 -68.14 49.66 37.45
CA GLY A 221 -67.92 50.73 36.47
C GLY A 221 -67.94 50.22 35.04
N ILE A 222 -67.55 48.96 34.82
CA ILE A 222 -67.59 48.27 33.50
C ILE A 222 -68.80 47.32 33.46
N ASN A 223 -69.70 47.54 32.51
CA ASN A 223 -70.90 46.69 32.25
C ASN A 223 -70.53 45.59 31.26
N PHE A 224 -71.06 44.37 31.45
CA PHE A 224 -70.78 43.18 30.61
C PHE A 224 -72.10 42.59 30.11
N ILE A 225 -72.41 42.78 28.82
CA ILE A 225 -73.61 42.21 28.14
C ILE A 225 -73.22 40.84 27.55
N LYS A 226 -74.10 39.84 27.73
CA LYS A 226 -73.98 38.49 27.11
C LYS A 226 -74.82 38.49 25.84
N GLY A 227 -74.23 38.90 24.71
CA GLY A 227 -74.92 39.11 23.42
C GLY A 227 -74.20 38.48 22.24
N ASP A 228 -74.52 38.95 21.03
CA ASP A 228 -74.02 38.43 19.73
C ASP A 228 -74.13 39.54 18.69
N PHE A 229 -73.02 39.91 18.04
CA PHE A 229 -72.94 41.06 17.09
C PHE A 229 -73.45 40.65 15.70
N PHE A 230 -73.85 39.39 15.51
CA PHE A 230 -74.56 38.90 14.30
C PHE A 230 -76.06 39.18 14.43
N LYS A 231 -76.54 39.38 15.67
CA LYS A 231 -77.91 39.86 15.99
C LYS A 231 -77.88 41.39 16.13
N PRO A 232 -79.00 42.10 15.86
CA PRO A 232 -79.06 43.54 16.01
C PRO A 232 -78.41 44.06 17.31
N ILE A 233 -77.51 45.03 17.18
CA ILE A 233 -76.67 45.59 18.30
C ILE A 233 -77.50 46.63 19.04
N PRO A 234 -77.45 46.66 20.40
CA PRO A 234 -78.25 47.61 21.18
C PRO A 234 -77.94 49.08 20.84
N THR A 235 -78.98 49.92 20.74
CA THR A 235 -78.91 51.38 20.46
C THR A 235 -78.58 52.14 21.74
N GLY A 236 -78.41 53.46 21.63
CA GLY A 236 -78.19 54.39 22.76
C GLY A 236 -76.75 54.87 22.82
N TYR A 237 -75.80 54.02 22.42
CA TYR A 237 -74.34 54.28 22.48
C TYR A 237 -73.94 55.30 21.41
N ASP A 238 -73.06 56.24 21.77
CA ASP A 238 -72.51 57.28 20.86
C ASP A 238 -71.09 56.91 20.44
N LEU A 239 -70.53 55.83 21.00
CA LEU A 239 -69.24 55.22 20.58
C LEU A 239 -69.37 53.70 20.55
N TYR A 240 -69.15 53.08 19.39
CA TYR A 240 -68.99 51.62 19.19
C TYR A 240 -67.52 51.32 18.87
N ILE A 241 -66.99 50.21 19.38
CA ILE A 241 -65.58 49.77 19.13
C ILE A 241 -65.60 48.33 18.60
N LEU A 242 -64.81 48.06 17.56
CA LEU A 242 -64.52 46.70 17.02
C LEU A 242 -63.00 46.51 16.96
N LYS A 243 -62.40 46.07 18.07
CA LYS A 243 -60.93 45.88 18.23
C LYS A 243 -60.59 44.40 18.03
N ASN A 244 -59.90 44.07 16.93
CA ASN A 244 -59.39 42.71 16.61
C ASN A 244 -60.57 41.73 16.54
N VAL A 245 -61.62 42.09 15.79
CA VAL A 245 -62.85 41.27 15.60
C VAL A 245 -62.99 40.91 14.12
N LEU A 246 -63.07 41.94 13.25
CA LEU A 246 -63.38 41.82 11.81
C LEU A 246 -62.34 40.91 11.12
N ASN A 247 -61.12 40.86 11.64
CA ASN A 247 -60.02 39.98 11.13
C ASN A 247 -60.29 38.50 11.44
N ASN A 248 -61.37 38.19 12.17
CA ASN A 248 -61.81 36.80 12.49
C ASN A 248 -62.99 36.40 11.59
N TRP A 249 -63.34 37.23 10.59
CA TRP A 249 -64.58 37.06 9.78
C TRP A 249 -64.32 37.39 8.32
N PRO A 250 -64.75 36.51 7.37
CA PRO A 250 -64.71 36.84 5.94
C PRO A 250 -65.52 38.09 5.60
N ASP A 251 -65.44 38.55 4.35
CA ASP A 251 -66.09 39.80 3.87
C ASP A 251 -67.59 39.76 4.18
N ASN A 252 -68.28 38.66 3.85
CA ASN A 252 -69.76 38.54 3.98
C ASN A 252 -70.17 38.62 5.46
N ASP A 253 -69.40 38.01 6.37
CA ASP A 253 -69.67 38.00 7.83
C ASP A 253 -69.29 39.37 8.44
N ALA A 254 -68.18 39.96 7.98
CA ALA A 254 -67.69 41.30 8.40
C ALA A 254 -68.75 42.36 8.07
N ILE A 255 -69.30 42.30 6.85
CA ILE A 255 -70.37 43.21 6.35
C ILE A 255 -71.61 43.08 7.27
N SER A 256 -71.98 41.84 7.61
CA SER A 256 -73.11 41.52 8.54
C SER A 256 -72.93 42.28 9.86
N ILE A 257 -71.73 42.23 10.43
CA ILE A 257 -71.37 42.87 11.74
C ILE A 257 -71.45 44.39 11.59
N LEU A 258 -70.93 44.94 10.50
CA LEU A 258 -70.88 46.41 10.22
C LEU A 258 -72.28 46.93 9.89
N LYS A 259 -73.09 46.14 9.18
CA LYS A 259 -74.51 46.47 8.85
C LYS A 259 -75.29 46.65 10.16
N ASN A 260 -75.12 45.71 11.10
CA ASN A 260 -75.79 45.73 12.43
C ASN A 260 -75.30 46.92 13.26
N CYS A 261 -74.03 47.31 13.09
CA CYS A 261 -73.40 48.49 13.73
C CYS A 261 -74.09 49.77 13.24
N ARG A 262 -74.21 49.94 11.92
CA ARG A 262 -74.88 51.12 11.30
C ARG A 262 -76.31 51.24 11.85
N GLU A 263 -77.07 50.14 11.82
CA GLU A 263 -78.48 50.07 12.27
C GLU A 263 -78.56 50.56 13.73
N ALA A 264 -77.64 50.08 14.57
CA ALA A 264 -77.55 50.41 16.02
C ALA A 264 -77.05 51.84 16.23
N MET A 265 -76.32 52.40 15.26
CA MET A 265 -75.74 53.77 15.32
C MET A 265 -76.78 54.80 14.89
N ASP A 266 -76.85 55.93 15.60
CA ASP A 266 -77.60 57.15 15.19
C ASP A 266 -76.61 58.06 14.44
N ASN A 267 -77.08 59.21 13.95
CA ASN A 267 -76.30 60.14 13.08
C ASN A 267 -74.98 60.54 13.73
N ASN A 268 -74.97 60.78 15.05
CA ASN A 268 -73.83 61.35 15.80
C ASN A 268 -72.90 60.24 16.31
N ALA A 269 -73.37 58.99 16.34
CA ALA A 269 -72.62 57.80 16.83
C ALA A 269 -71.36 57.58 15.96
N THR A 270 -70.29 57.08 16.59
CA THR A 270 -68.97 56.84 15.95
C THR A 270 -68.56 55.38 16.16
N LEU A 271 -68.06 54.71 15.11
CA LEU A 271 -67.56 53.31 15.15
C LEU A 271 -66.03 53.33 15.03
N LEU A 272 -65.32 52.88 16.08
CA LEU A 272 -63.84 52.73 16.09
C LEU A 272 -63.46 51.30 15.70
N ILE A 273 -62.75 51.14 14.59
CA ILE A 273 -62.06 49.88 14.21
C ILE A 273 -60.59 49.99 14.64
N ILE A 274 -60.16 49.15 15.57
CA ILE A 274 -58.75 48.99 16.01
C ILE A 274 -58.27 47.63 15.48
N THR A 275 -57.35 47.63 14.51
CA THR A 275 -56.96 46.43 13.72
C THR A 275 -55.46 46.42 13.43
N LEU A 276 -54.94 45.24 13.10
CA LEU A 276 -53.59 45.06 12.48
C LEU A 276 -53.71 45.41 10.99
N MET A 277 -53.21 46.57 10.60
CA MET A 277 -53.31 47.10 9.21
C MET A 277 -52.27 46.41 8.32
N LYS A 278 -52.75 45.70 7.29
CA LYS A 278 -51.90 45.07 6.24
C LYS A 278 -51.35 46.17 5.34
N LYS A 279 -50.03 46.20 5.17
CA LYS A 279 -49.28 47.16 4.30
C LYS A 279 -48.41 46.34 3.36
N PRO A 280 -48.04 46.87 2.17
CA PRO A 280 -47.21 46.11 1.22
C PRO A 280 -45.92 45.58 1.85
N GLN A 281 -45.37 46.31 2.83
CA GLN A 281 -44.24 45.89 3.71
C GLN A 281 -44.78 45.78 5.14
N SER A 282 -45.08 44.55 5.60
CA SER A 282 -45.60 44.24 6.95
C SER A 282 -45.56 42.73 7.22
N LEU A 283 -44.39 42.20 7.61
CA LEU A 283 -44.15 40.75 7.86
C LEU A 283 -45.03 40.28 9.02
N VAL A 284 -45.00 41.00 10.15
CA VAL A 284 -45.74 40.67 11.41
C VAL A 284 -47.23 40.52 11.10
N VAL A 285 -47.78 41.42 10.27
CA VAL A 285 -49.24 41.46 9.92
C VAL A 285 -49.53 40.36 8.89
N LYS A 286 -48.57 40.05 8.02
CA LYS A 286 -48.71 39.03 6.95
C LYS A 286 -48.72 37.62 7.54
N SER A 287 -47.87 37.34 8.53
CA SER A 287 -47.80 36.02 9.21
C SER A 287 -49.12 35.77 9.93
N VAL A 288 -49.67 36.80 10.59
CA VAL A 288 -50.96 36.76 11.33
C VAL A 288 -52.11 36.61 10.32
N ASP A 289 -51.97 37.20 9.12
CA ASP A 289 -52.97 37.09 8.02
C ASP A 289 -53.26 35.61 7.74
N ILE A 290 -52.21 34.81 7.53
CA ILE A 290 -52.31 33.36 7.18
C ILE A 290 -52.87 32.60 8.40
N LEU A 291 -52.56 33.06 9.61
CA LEU A 291 -53.08 32.47 10.88
C LEU A 291 -54.60 32.65 10.93
N MET A 292 -55.10 33.83 10.56
CA MET A 292 -56.55 34.15 10.55
C MET A 292 -57.25 33.31 9.47
N ASP A 293 -56.59 33.05 8.34
CA ASP A 293 -57.12 32.17 7.26
C ASP A 293 -57.27 30.75 7.81
N MET A 294 -56.22 30.25 8.45
CA MET A 294 -56.15 28.88 9.04
C MET A 294 -57.30 28.68 10.03
N LEU A 295 -57.52 29.65 10.92
CA LEU A 295 -58.43 29.53 12.09
C LEU A 295 -59.88 29.81 11.69
N PHE A 296 -60.14 30.89 10.94
CA PHE A 296 -61.51 31.45 10.72
C PHE A 296 -61.86 31.55 9.22
N SER A 297 -60.95 31.19 8.30
CA SER A 297 -61.05 31.49 6.85
C SER A 297 -61.19 33.00 6.65
N ALA A 298 -60.62 33.79 7.56
CA ALA A 298 -60.70 35.27 7.61
C ALA A 298 -59.37 35.85 7.11
N LYS A 299 -59.08 37.12 7.41
CA LYS A 299 -57.87 37.82 6.92
C LYS A 299 -57.66 39.14 7.66
N GLN A 300 -56.44 39.66 7.60
CA GLN A 300 -56.14 41.10 7.81
C GLN A 300 -56.46 41.82 6.50
N ARG A 301 -56.85 43.09 6.57
CA ARG A 301 -57.36 43.87 5.41
C ARG A 301 -56.51 45.12 5.19
N TYR A 302 -56.31 45.49 3.91
CA TYR A 302 -55.78 46.80 3.49
C TYR A 302 -56.83 47.88 3.80
N LEU A 303 -56.45 49.15 3.74
CA LEU A 303 -57.36 50.30 3.99
C LEU A 303 -58.55 50.24 3.03
N SER A 304 -58.28 49.92 1.75
CA SER A 304 -59.27 49.83 0.64
C SER A 304 -60.28 48.72 0.91
N GLU A 305 -59.86 47.63 1.55
CA GLU A 305 -60.71 46.44 1.86
C GLU A 305 -61.65 46.77 3.03
N PHE A 306 -61.21 47.61 3.98
CA PHE A 306 -62.03 48.11 5.10
C PHE A 306 -63.12 49.05 4.57
N GLU A 307 -62.79 49.85 3.54
CA GLU A 307 -63.74 50.78 2.89
C GLU A 307 -64.78 49.97 2.10
N ASP A 308 -64.34 48.93 1.40
CA ASP A 308 -65.19 48.03 0.56
C ASP A 308 -66.32 47.45 1.43
N ILE A 309 -65.99 46.89 2.61
CA ILE A 309 -66.96 46.25 3.54
C ILE A 309 -67.77 47.33 4.26
N ALA A 310 -67.18 48.50 4.52
CA ALA A 310 -67.83 49.66 5.18
C ALA A 310 -68.87 50.27 4.24
N ASN A 311 -68.50 50.45 2.96
CA ASN A 311 -69.37 51.03 1.90
C ASN A 311 -70.60 50.13 1.70
N GLN A 312 -70.42 48.81 1.75
CA GLN A 312 -71.51 47.81 1.56
C GLN A 312 -72.40 47.76 2.82
N ALA A 313 -71.90 48.20 3.97
CA ALA A 313 -72.64 48.29 5.25
C ALA A 313 -73.23 49.70 5.43
N GLY A 314 -72.93 50.62 4.50
CA GLY A 314 -73.44 52.00 4.49
C GLY A 314 -72.76 52.89 5.52
N LEU A 315 -71.48 52.62 5.81
CA LEU A 315 -70.63 53.42 6.72
C LEU A 315 -69.52 54.10 5.90
N VAL A 316 -69.06 55.27 6.34
CA VAL A 316 -68.03 56.09 5.64
C VAL A 316 -66.84 56.29 6.59
N ILE A 317 -65.62 56.09 6.08
CA ILE A 317 -64.34 56.30 6.83
C ILE A 317 -64.09 57.81 6.92
N ARG A 318 -64.04 58.36 8.14
CA ARG A 318 -63.79 59.80 8.44
C ARG A 318 -62.32 60.03 8.77
N HIS A 319 -61.70 59.13 9.54
CA HIS A 319 -60.29 59.21 10.01
C HIS A 319 -59.63 57.83 9.99
N TYR A 320 -58.35 57.79 9.61
CA TYR A 320 -57.46 56.60 9.69
C TYR A 320 -56.05 57.05 10.09
N LYS A 321 -55.47 56.44 11.13
CA LYS A 321 -54.12 56.78 11.66
C LYS A 321 -53.50 55.57 12.35
N ASP A 322 -52.18 55.39 12.21
CA ASP A 322 -51.39 54.30 12.84
C ASP A 322 -51.17 54.63 14.32
N LEU A 323 -51.37 53.64 15.20
CA LEU A 323 -51.14 53.74 16.67
C LEU A 323 -49.69 53.37 16.97
N ASP A 324 -49.17 52.32 16.31
CA ASP A 324 -47.74 51.92 16.39
C ASP A 324 -47.32 51.36 15.02
N GLU A 325 -46.37 50.42 14.99
CA GLU A 325 -45.75 49.89 13.74
C GLU A 325 -46.75 48.99 13.00
N ILE A 326 -47.62 48.29 13.74
CA ILE A 326 -48.49 47.21 13.19
C ILE A 326 -49.98 47.52 13.42
N PHE A 327 -50.34 48.19 14.52
CA PHE A 327 -51.74 48.51 14.90
C PHE A 327 -52.15 49.86 14.30
N SER A 328 -53.45 50.01 13.99
CA SER A 328 -54.06 51.24 13.41
C SER A 328 -55.46 51.48 13.97
N LEU A 329 -55.98 52.69 13.77
CA LEU A 329 -57.33 53.16 14.19
C LEU A 329 -58.09 53.64 12.94
N ILE A 330 -59.38 53.31 12.83
CA ILE A 330 -60.28 53.78 11.74
C ILE A 330 -61.60 54.28 12.36
N GLU A 331 -61.93 55.56 12.14
CA GLU A 331 -63.22 56.17 12.55
C GLU A 331 -64.23 56.04 11.40
N LEU A 332 -65.31 55.30 11.63
CA LEU A 332 -66.45 55.14 10.68
C LEU A 332 -67.70 55.81 11.28
N LYS A 333 -68.40 56.61 10.49
CA LYS A 333 -69.65 57.31 10.90
C LYS A 333 -70.75 56.97 9.88
N VAL A 334 -72.00 56.88 10.35
CA VAL A 334 -73.20 56.54 9.52
C VAL A 334 -73.49 57.72 8.59
N LYS A 335 -73.19 57.56 7.30
CA LYS A 335 -73.50 58.55 6.23
C LYS A 335 -73.80 57.81 4.92
N SER B 18 -37.67 41.61 17.32
CA SER B 18 -36.66 41.19 18.34
C SER B 18 -36.48 39.66 18.30
N MET B 19 -35.40 39.16 18.92
CA MET B 19 -34.94 37.75 18.81
C MET B 19 -36.03 36.78 19.26
N LEU B 20 -36.41 36.82 20.54
CA LEU B 20 -37.20 35.76 21.24
C LEU B 20 -38.53 35.54 20.52
N ILE B 21 -39.33 36.60 20.35
CA ILE B 21 -40.67 36.52 19.70
C ILE B 21 -40.53 35.97 18.27
N ASP B 22 -39.54 36.46 17.52
CA ASP B 22 -39.28 36.03 16.12
C ASP B 22 -38.97 34.53 16.10
N LEU B 23 -38.16 34.04 17.06
CA LEU B 23 -37.83 32.59 17.22
C LEU B 23 -39.13 31.79 17.46
N ILE B 24 -40.00 32.28 18.35
CA ILE B 24 -41.27 31.60 18.74
C ILE B 24 -42.19 31.50 17.52
N THR B 25 -42.42 32.62 16.82
CA THR B 25 -43.39 32.75 15.70
C THR B 25 -42.77 32.27 14.38
N SER B 26 -41.45 32.04 14.32
CA SER B 26 -40.72 31.65 13.08
C SER B 26 -41.27 30.34 12.50
N TYR B 27 -41.88 29.49 13.33
CA TYR B 27 -42.45 28.18 12.92
C TYR B 27 -43.53 28.40 11.84
N ARG B 28 -44.19 29.56 11.87
CA ARG B 28 -45.22 29.96 10.86
C ARG B 28 -44.59 30.02 9.47
N LYS B 29 -43.31 30.38 9.39
CA LYS B 29 -42.53 30.41 8.12
C LYS B 29 -42.38 28.97 7.60
N THR B 30 -42.00 28.05 8.49
CA THR B 30 -41.93 26.58 8.22
C THR B 30 -43.28 26.11 7.65
N ALA B 31 -44.37 26.43 8.36
CA ALA B 31 -45.76 26.02 8.02
C ALA B 31 -46.16 26.60 6.65
N ALA B 32 -45.81 27.85 6.39
CA ALA B 32 -46.06 28.54 5.11
C ALA B 32 -45.36 27.80 3.97
N ILE B 33 -44.06 27.51 4.14
CA ILE B 33 -43.22 26.79 3.13
C ILE B 33 -43.82 25.40 2.93
N TYR B 34 -44.17 24.71 4.02
CA TYR B 34 -44.76 23.35 4.02
C TYR B 34 -46.03 23.34 3.15
N THR B 35 -46.95 24.25 3.42
CA THR B 35 -48.26 24.41 2.70
C THR B 35 -48.00 24.61 1.20
N PHE B 36 -47.10 25.52 0.86
CA PHE B 36 -46.69 25.87 -0.53
C PHE B 36 -46.22 24.59 -1.27
N VAL B 37 -45.53 23.69 -0.56
CA VAL B 37 -44.96 22.43 -1.10
C VAL B 37 -46.04 21.34 -1.09
N ASP B 38 -46.71 21.14 0.04
CA ASP B 38 -47.66 20.01 0.28
C ASP B 38 -48.79 20.03 -0.75
N ALA B 39 -49.33 21.22 -1.05
CA ALA B 39 -50.42 21.45 -2.02
C ALA B 39 -49.91 21.20 -3.45
N GLY B 40 -48.59 21.33 -3.67
CA GLY B 40 -47.90 20.98 -4.93
C GLY B 40 -47.83 22.15 -5.89
N LEU B 41 -47.54 23.35 -5.37
CA LEU B 41 -47.41 24.61 -6.16
C LEU B 41 -45.94 24.80 -6.57
N SER B 42 -45.01 24.50 -5.65
CA SER B 42 -43.55 24.76 -5.76
C SER B 42 -42.96 24.23 -7.07
N ILE B 43 -43.56 23.18 -7.65
CA ILE B 43 -43.10 22.51 -8.91
C ILE B 43 -43.18 23.48 -10.09
N HIS B 44 -44.06 24.50 -10.03
CA HIS B 44 -44.32 25.46 -11.13
C HIS B 44 -43.38 26.68 -11.06
N PHE B 45 -42.26 26.58 -10.33
CA PHE B 45 -41.28 27.69 -10.12
C PHE B 45 -39.87 27.19 -10.47
N LYS B 46 -39.75 26.39 -11.53
CA LYS B 46 -38.48 25.77 -11.98
C LYS B 46 -37.63 26.82 -12.71
N ASN B 47 -36.31 26.77 -12.50
CA ASN B 47 -35.29 27.65 -13.15
C ASN B 47 -35.54 29.11 -12.75
N GLY B 48 -36.11 29.34 -11.57
CA GLY B 48 -36.46 30.67 -11.04
C GLY B 48 -37.31 31.47 -12.01
N ASP B 49 -38.27 30.82 -12.67
CA ASP B 49 -39.15 31.43 -13.71
C ASP B 49 -40.42 31.97 -13.04
N TYR B 50 -40.81 33.19 -13.42
CA TYR B 50 -41.95 33.94 -12.81
C TYR B 50 -43.28 33.27 -13.19
N VAL B 51 -44.33 33.52 -12.41
CA VAL B 51 -45.65 32.83 -12.49
C VAL B 51 -46.75 33.77 -11.96
N ASP B 52 -47.94 33.72 -12.58
CA ASP B 52 -49.14 34.49 -12.19
C ASP B 52 -49.86 33.74 -11.05
N ILE B 53 -50.31 34.47 -10.02
CA ILE B 53 -51.00 33.90 -8.83
C ILE B 53 -52.43 33.52 -9.20
N ASN B 54 -53.21 34.50 -9.71
CA ASN B 54 -54.62 34.31 -10.15
C ASN B 54 -54.71 33.08 -11.05
N LYS B 55 -53.71 32.87 -11.91
CA LYS B 55 -53.56 31.66 -12.76
C LYS B 55 -53.42 30.42 -11.86
N LEU B 56 -52.35 30.36 -11.05
CA LEU B 56 -52.04 29.26 -10.11
C LEU B 56 -53.31 28.88 -9.32
N ALA B 57 -53.93 29.87 -8.67
CA ALA B 57 -55.16 29.74 -7.86
C ALA B 57 -56.26 29.05 -8.68
N SER B 58 -56.43 29.47 -9.94
CA SER B 58 -57.48 28.98 -10.88
C SER B 58 -57.27 27.50 -11.20
N GLN B 59 -56.01 27.06 -11.35
CA GLN B 59 -55.64 25.71 -11.84
C GLN B 59 -56.08 24.64 -10.85
N TYR B 60 -55.71 24.78 -9.57
CA TYR B 60 -55.91 23.78 -8.49
C TYR B 60 -57.28 23.97 -7.81
N GLY B 61 -57.98 25.07 -8.11
CA GLY B 61 -59.29 25.40 -7.51
C GLY B 61 -59.14 25.96 -6.12
N ILE B 62 -58.27 26.97 -5.98
CA ILE B 62 -57.99 27.71 -4.70
C ILE B 62 -58.53 29.14 -4.87
N ASP B 63 -59.18 29.68 -3.83
CA ASP B 63 -59.68 31.07 -3.76
C ASP B 63 -58.48 32.02 -3.95
N TYR B 64 -58.50 32.85 -5.01
CA TYR B 64 -57.40 33.79 -5.37
C TYR B 64 -56.87 34.48 -4.11
N SER B 65 -57.78 35.04 -3.30
CA SER B 65 -57.47 35.77 -2.04
C SER B 65 -56.63 34.88 -1.12
N ARG B 66 -57.09 33.66 -0.84
CA ARG B 66 -56.45 32.69 0.11
C ARG B 66 -55.00 32.43 -0.31
N LEU B 67 -54.74 32.22 -1.61
CA LEU B 67 -53.39 31.88 -2.14
C LEU B 67 -52.54 33.15 -2.28
N ASN B 68 -53.10 34.23 -2.81
CA ASN B 68 -52.38 35.52 -3.02
C ASN B 68 -51.83 36.01 -1.67
N ARG B 69 -52.63 35.91 -0.60
CA ARG B 69 -52.24 36.29 0.78
C ARG B 69 -51.09 35.39 1.26
N LEU B 70 -51.16 34.08 0.99
CA LEU B 70 -50.09 33.10 1.30
C LEU B 70 -48.80 33.51 0.59
N CYS B 71 -48.90 33.84 -0.70
CA CYS B 71 -47.77 34.28 -1.56
C CYS B 71 -47.23 35.63 -1.05
N ASP B 72 -48.12 36.51 -0.57
CA ASP B 72 -47.75 37.82 0.03
C ASP B 72 -46.81 37.58 1.22
N PHE B 73 -47.14 36.62 2.09
CA PHE B 73 -46.34 36.25 3.29
C PHE B 73 -45.02 35.61 2.87
N LEU B 74 -45.05 34.76 1.84
CA LEU B 74 -43.85 34.06 1.28
C LEU B 74 -42.85 35.10 0.75
N ILE B 75 -43.34 36.22 0.21
CA ILE B 75 -42.51 37.35 -0.29
C ILE B 75 -41.81 38.03 0.89
N GLU B 76 -42.53 38.22 2.01
CA GLU B 76 -42.03 38.93 3.22
C GLU B 76 -40.86 38.15 3.85
N ILE B 77 -41.00 36.82 3.98
CA ILE B 77 -39.98 35.93 4.60
C ILE B 77 -38.81 35.72 3.62
N GLY B 78 -39.00 36.05 2.34
CA GLY B 78 -37.93 36.12 1.31
C GLY B 78 -37.89 34.89 0.42
N VAL B 79 -38.88 33.99 0.53
CA VAL B 79 -38.97 32.73 -0.25
C VAL B 79 -39.35 33.05 -1.70
N LEU B 80 -40.33 33.93 -1.89
CA LEU B 80 -40.78 34.42 -3.22
C LEU B 80 -40.26 35.85 -3.45
N VAL B 81 -40.21 36.28 -4.72
CA VAL B 81 -39.91 37.67 -5.15
C VAL B 81 -41.08 38.16 -6.01
N SER B 82 -41.60 39.35 -5.71
CA SER B 82 -42.78 39.97 -6.39
C SER B 82 -42.32 40.83 -7.57
N SER B 83 -43.18 40.96 -8.59
CA SER B 83 -42.96 41.79 -9.80
C SER B 83 -44.31 42.05 -10.49
N ASP B 84 -44.35 42.99 -11.44
CA ASP B 84 -45.56 43.41 -12.18
C ASP B 84 -46.15 42.22 -12.95
N HIS B 85 -45.29 41.30 -13.41
CA HIS B 85 -45.63 40.17 -14.33
C HIS B 85 -45.82 38.86 -13.56
N GLY B 86 -45.73 38.89 -12.22
CA GLY B 86 -46.06 37.73 -11.35
C GLY B 86 -45.07 37.56 -10.20
N VAL B 87 -44.89 36.33 -9.73
CA VAL B 87 -43.99 35.95 -8.59
C VAL B 87 -43.07 34.81 -9.03
N ALA B 88 -41.88 34.72 -8.40
CA ALA B 88 -40.87 33.67 -8.65
C ALA B 88 -40.21 33.27 -7.32
N LEU B 89 -39.61 32.09 -7.26
CA LEU B 89 -38.72 31.66 -6.14
C LEU B 89 -37.42 32.45 -6.22
N SER B 90 -36.99 33.05 -5.10
CA SER B 90 -35.71 33.78 -4.95
C SER B 90 -34.54 32.83 -5.28
N GLU B 91 -33.36 33.38 -5.56
CA GLU B 91 -32.12 32.62 -5.87
C GLU B 91 -31.84 31.63 -4.72
N GLU B 92 -32.00 32.07 -3.48
CA GLU B 92 -31.64 31.30 -2.25
C GLU B 92 -32.65 30.17 -2.00
N CYS B 93 -33.90 30.31 -2.46
CA CYS B 93 -35.01 29.35 -2.22
C CYS B 93 -35.44 28.65 -3.51
N SER B 94 -34.55 28.59 -4.52
CA SER B 94 -34.80 27.94 -5.84
C SER B 94 -34.98 26.43 -5.67
N ALA B 95 -34.41 25.85 -4.60
CA ALA B 95 -34.36 24.40 -4.32
C ALA B 95 -35.76 23.84 -4.02
N LEU B 96 -36.72 24.68 -3.63
CA LEU B 96 -38.13 24.28 -3.39
C LEU B 96 -38.76 23.75 -4.68
N ALA B 97 -38.25 24.17 -5.84
CA ALA B 97 -38.80 23.85 -7.18
C ALA B 97 -38.63 22.36 -7.50
N ASP B 98 -37.40 21.84 -7.45
CA ASP B 98 -37.06 20.46 -7.88
C ASP B 98 -37.38 19.48 -6.75
N PRO B 99 -38.17 18.42 -7.02
CA PRO B 99 -38.56 17.45 -5.99
C PRO B 99 -37.40 16.77 -5.24
N ASN B 100 -36.35 16.35 -5.95
CA ASN B 100 -35.14 15.73 -5.35
C ASN B 100 -34.14 16.84 -4.98
N SER B 101 -34.46 17.59 -3.91
CA SER B 101 -33.56 18.58 -3.25
C SER B 101 -33.62 18.35 -1.74
N VAL B 102 -32.54 18.63 -1.02
CA VAL B 102 -32.44 18.38 0.45
C VAL B 102 -33.54 19.17 1.17
N GLU B 103 -33.84 20.38 0.69
CA GLU B 103 -34.84 21.29 1.31
C GLU B 103 -36.27 20.75 1.08
N PHE B 104 -36.60 20.36 -0.15
CA PHE B 104 -37.92 19.79 -0.54
C PHE B 104 -38.18 18.51 0.25
N LEU B 105 -37.21 17.59 0.24
CA LEU B 105 -37.32 16.24 0.87
C LEU B 105 -37.39 16.37 2.39
N THR B 106 -36.75 17.41 2.97
CA THR B 106 -36.80 17.73 4.43
C THR B 106 -38.22 18.18 4.79
N VAL B 107 -38.86 18.99 3.95
CA VAL B 107 -40.26 19.47 4.12
C VAL B 107 -41.20 18.26 4.09
N LYS B 108 -41.07 17.41 3.07
CA LYS B 108 -41.94 16.22 2.87
C LYS B 108 -41.79 15.26 4.06
N TYR B 109 -40.55 15.00 4.49
CA TYR B 109 -40.22 14.02 5.56
C TYR B 109 -40.63 14.57 6.93
N GLU B 110 -40.08 15.73 7.31
CA GLU B 110 -40.08 16.23 8.71
C GLU B 110 -41.42 16.90 9.06
N ILE B 111 -41.91 17.81 8.19
CA ILE B 111 -43.11 18.65 8.50
C ILE B 111 -44.37 17.80 8.30
N ASN B 112 -44.74 17.03 9.33
CA ASN B 112 -45.98 16.21 9.38
C ASN B 112 -46.33 15.93 10.84
N SER B 113 -47.48 15.30 11.07
CA SER B 113 -48.03 14.92 12.41
C SER B 113 -46.98 14.12 13.20
N GLU B 114 -46.27 13.20 12.54
CA GLU B 114 -45.31 12.26 13.18
C GLU B 114 -44.33 13.03 14.06
N HIS B 115 -43.67 14.03 13.50
CA HIS B 115 -42.62 14.85 14.18
C HIS B 115 -43.29 15.89 15.08
N TRP B 116 -44.28 16.62 14.56
CA TRP B 116 -44.89 17.81 15.22
C TRP B 116 -45.65 17.38 16.49
N ASP B 117 -46.38 16.27 16.44
CA ASP B 117 -47.09 15.71 17.63
C ASP B 117 -46.05 15.25 18.66
N SER B 118 -44.95 14.65 18.20
CA SER B 118 -43.81 14.16 19.03
C SER B 118 -43.14 15.34 19.73
N TRP B 119 -42.92 16.45 19.01
CA TRP B 119 -42.32 17.70 19.55
C TRP B 119 -43.20 18.25 20.68
N LEU B 120 -44.52 18.23 20.51
CA LEU B 120 -45.51 18.74 21.50
C LEU B 120 -45.55 17.82 22.73
N MET B 121 -45.23 16.53 22.56
CA MET B 121 -45.19 15.51 23.64
C MET B 121 -43.82 15.52 24.32
N TYR B 122 -42.78 16.06 23.66
CA TYR B 122 -41.36 16.02 24.13
C TYR B 122 -41.25 16.45 25.59
N PRO B 123 -41.87 17.56 26.03
CA PRO B 123 -41.76 17.99 27.43
C PRO B 123 -42.42 17.02 28.41
N LYS B 124 -43.44 16.26 27.97
CA LYS B 124 -44.07 15.18 28.77
C LYS B 124 -43.07 14.03 28.94
N SER B 125 -42.37 13.64 27.88
CA SER B 125 -41.39 12.52 27.86
C SER B 125 -40.21 12.84 28.79
N LEU B 126 -39.83 14.11 28.92
CA LEU B 126 -38.77 14.59 29.84
C LEU B 126 -39.21 14.40 31.29
N LEU B 127 -40.43 14.83 31.63
CA LEU B 127 -41.01 14.76 33.00
C LEU B 127 -41.30 13.29 33.35
N GLU B 128 -41.96 12.55 32.44
CA GLU B 128 -42.18 11.08 32.54
C GLU B 128 -40.87 10.38 32.18
N ASN B 129 -39.98 10.17 33.16
CA ASN B 129 -38.60 9.68 32.93
C ASN B 129 -38.65 8.16 32.75
N ASN B 130 -39.19 7.69 31.62
CA ASN B 130 -39.32 6.25 31.26
C ASN B 130 -38.54 5.98 29.98
N GLY B 131 -38.46 4.71 29.56
CA GLY B 131 -37.73 4.27 28.35
C GLY B 131 -38.39 4.77 27.08
N LYS B 132 -39.71 4.96 27.10
CA LYS B 132 -40.55 5.30 25.91
C LYS B 132 -40.19 6.70 25.42
N SER B 133 -39.83 6.82 24.13
CA SER B 133 -39.55 8.10 23.43
C SER B 133 -40.85 8.88 23.25
N ALA B 134 -40.76 10.18 22.94
CA ALA B 134 -41.92 11.07 22.71
C ALA B 134 -42.77 10.53 21.55
N PHE B 135 -42.14 9.90 20.55
CA PHE B 135 -42.81 9.26 19.39
C PHE B 135 -43.68 8.10 19.86
N GLU B 136 -43.13 7.21 20.69
CA GLU B 136 -43.82 6.01 21.24
C GLU B 136 -45.06 6.45 22.03
N MET B 137 -44.93 7.53 22.82
CA MET B 137 -46.00 8.09 23.68
C MET B 137 -47.18 8.57 22.83
N VAL B 138 -46.91 9.00 21.58
CA VAL B 138 -47.94 9.50 20.62
C VAL B 138 -48.46 8.32 19.80
N HIS B 139 -47.56 7.57 19.15
CA HIS B 139 -47.86 6.60 18.06
C HIS B 139 -48.10 5.19 18.62
N GLY B 140 -47.59 4.88 19.81
CA GLY B 140 -47.70 3.56 20.45
C GLY B 140 -46.62 2.61 19.99
N LYS B 141 -46.11 2.78 18.76
CA LYS B 141 -45.07 1.94 18.13
C LYS B 141 -43.72 2.69 18.17
N SER B 142 -42.65 2.03 17.74
CA SER B 142 -41.32 2.65 17.48
C SER B 142 -41.36 3.37 16.13
N PHE B 143 -40.35 4.19 15.84
CA PHE B 143 -40.26 5.02 14.60
C PHE B 143 -40.31 4.13 13.36
N PHE B 144 -39.48 3.07 13.33
CA PHE B 144 -39.30 2.17 12.16
C PHE B 144 -40.47 1.18 12.06
N GLU B 145 -41.08 0.82 13.20
CA GLU B 145 -42.33 0.01 13.25
C GLU B 145 -43.46 0.77 12.56
N HIS B 146 -43.52 2.10 12.77
CA HIS B 146 -44.55 3.00 12.19
C HIS B 146 -44.31 3.18 10.68
N LEU B 147 -43.05 3.23 10.24
CA LEU B 147 -42.66 3.44 8.82
C LEU B 147 -43.00 2.20 7.98
N ASP B 148 -43.08 1.02 8.59
CA ASP B 148 -43.44 -0.26 7.92
C ASP B 148 -44.96 -0.28 7.63
N SER B 149 -45.72 0.65 8.21
CA SER B 149 -47.18 0.83 7.99
C SER B 149 -47.44 2.01 7.04
N ASN B 150 -46.77 3.15 7.26
CA ASN B 150 -46.86 4.36 6.40
C ASN B 150 -45.75 4.29 5.34
N LYS B 151 -46.07 3.72 4.16
CA LYS B 151 -45.10 3.44 3.07
C LYS B 151 -44.60 4.76 2.46
N GLY B 152 -45.50 5.74 2.29
CA GLY B 152 -45.20 7.06 1.69
C GLY B 152 -44.13 7.82 2.45
N LEU B 153 -44.17 7.78 3.79
CA LEU B 153 -43.20 8.45 4.68
C LEU B 153 -41.83 7.77 4.56
N LYS B 154 -41.81 6.43 4.48
CA LYS B 154 -40.55 5.64 4.36
C LYS B 154 -39.85 6.01 3.05
N SER B 155 -40.61 6.18 1.97
CA SER B 155 -40.10 6.61 0.64
C SER B 155 -39.47 8.01 0.75
N ASP B 156 -40.15 8.93 1.43
CA ASP B 156 -39.67 10.32 1.70
C ASP B 156 -38.42 10.26 2.58
N PHE B 157 -38.43 9.42 3.62
CA PHE B 157 -37.32 9.22 4.58
C PHE B 157 -36.08 8.72 3.82
N ASP B 158 -36.22 7.62 3.08
CA ASP B 158 -35.13 7.00 2.27
C ASP B 158 -34.59 8.02 1.26
N ALA B 159 -35.48 8.77 0.61
CA ALA B 159 -35.15 9.79 -0.43
C ALA B 159 -34.29 10.90 0.19
N LEU B 160 -34.59 11.31 1.42
CA LEU B 160 -33.84 12.36 2.17
C LEU B 160 -32.46 11.82 2.57
N MET B 161 -32.39 10.56 3.01
CA MET B 161 -31.14 9.88 3.43
C MET B 161 -30.23 9.68 2.22
N SER B 162 -30.80 9.56 1.02
CA SER B 162 -30.07 9.46 -0.28
C SER B 162 -29.24 10.73 -0.50
N LYS B 163 -29.78 11.90 -0.14
CA LYS B 163 -29.13 13.23 -0.34
C LYS B 163 -27.93 13.38 0.60
N TYR B 164 -28.10 13.02 1.88
CA TYR B 164 -27.04 13.10 2.93
C TYR B 164 -25.92 12.11 2.62
N THR B 165 -26.23 11.00 1.92
CA THR B 165 -25.25 10.03 1.37
C THR B 165 -24.40 10.72 0.29
N ASN B 166 -25.06 11.39 -0.66
CA ASN B 166 -24.45 11.99 -1.87
C ASN B 166 -23.49 13.14 -1.48
N LYS B 167 -23.70 13.76 -0.32
CA LYS B 167 -22.83 14.84 0.22
C LYS B 167 -21.45 14.28 0.60
N ILE B 168 -21.39 13.00 0.98
CA ILE B 168 -20.20 12.35 1.62
C ILE B 168 -19.41 11.52 0.60
N ILE B 169 -20.06 11.04 -0.46
CA ILE B 169 -19.46 10.06 -1.43
C ILE B 169 -18.09 10.54 -1.89
N LYS B 170 -17.99 11.76 -2.40
CA LYS B 170 -16.76 12.30 -3.06
C LYS B 170 -15.57 12.14 -2.11
N GLU B 171 -15.71 12.61 -0.86
CA GLU B 171 -14.61 12.63 0.15
C GLU B 171 -14.42 11.22 0.74
N LEU B 172 -15.49 10.43 0.85
CA LEU B 172 -15.45 9.04 1.39
C LEU B 172 -14.57 8.16 0.49
N LEU B 173 -14.75 8.26 -0.83
CA LEU B 173 -13.97 7.51 -1.86
C LEU B 173 -12.48 7.90 -1.77
N VAL B 174 -12.21 9.18 -1.53
CA VAL B 174 -10.82 9.76 -1.42
C VAL B 174 -10.17 9.23 -0.13
N ILE B 175 -10.92 9.16 0.97
CA ILE B 175 -10.39 8.89 2.34
C ILE B 175 -10.29 7.38 2.58
N TYR B 176 -11.21 6.59 2.01
CA TYR B 176 -11.24 5.12 2.17
C TYR B 176 -11.06 4.43 0.81
N ASP B 177 -10.04 3.58 0.72
CA ASP B 177 -9.76 2.70 -0.46
C ASP B 177 -10.71 1.50 -0.39
N PHE B 178 -11.75 1.48 -1.24
CA PHE B 178 -12.81 0.44 -1.27
C PHE B 178 -12.41 -0.70 -2.23
N ASP B 179 -11.35 -0.50 -3.02
CA ASP B 179 -10.94 -1.46 -4.08
C ASP B 179 -10.12 -2.62 -3.47
N LYS B 180 -9.68 -2.48 -2.21
CA LYS B 180 -8.95 -3.54 -1.46
C LYS B 180 -9.93 -4.56 -0.88
N HIS B 181 -11.24 -4.29 -0.94
CA HIS B 181 -12.32 -5.17 -0.41
C HIS B 181 -13.01 -5.90 -1.57
N ASN B 182 -13.38 -7.17 -1.36
CA ASN B 182 -14.02 -8.05 -2.37
C ASN B 182 -15.52 -8.08 -2.14
N ARG B 183 -15.95 -8.51 -0.95
CA ARG B 183 -17.38 -8.61 -0.53
C ARG B 183 -17.70 -7.51 0.48
N ILE B 184 -18.74 -6.71 0.22
CA ILE B 184 -19.14 -5.53 1.05
C ILE B 184 -20.62 -5.67 1.43
N LEU B 185 -20.92 -5.67 2.73
CA LEU B 185 -22.30 -5.67 3.30
C LEU B 185 -22.58 -4.30 3.94
N ASP B 186 -23.67 -3.64 3.54
CA ASP B 186 -24.14 -2.35 4.13
C ASP B 186 -25.33 -2.64 5.06
N LEU B 187 -25.11 -2.61 6.36
CA LEU B 187 -26.14 -2.92 7.40
C LEU B 187 -27.03 -1.70 7.60
N GLY B 188 -28.30 -1.81 7.19
CA GLY B 188 -29.33 -0.74 7.29
C GLY B 188 -29.09 0.35 6.27
N GLY B 189 -28.91 0.00 5.00
CA GLY B 189 -28.52 0.91 3.90
C GLY B 189 -29.71 1.32 3.03
N GLY B 190 -30.94 1.24 3.56
CA GLY B 190 -32.19 1.61 2.85
C GLY B 190 -32.15 1.15 1.40
N ASP B 191 -32.42 2.07 0.47
CA ASP B 191 -32.04 1.91 -0.97
C ASP B 191 -30.54 2.20 -1.07
N GLY B 192 -29.76 1.23 -1.55
CA GLY B 192 -28.30 1.17 -1.36
C GLY B 192 -27.56 2.28 -2.09
N GLU B 193 -27.90 3.54 -1.80
CA GLU B 193 -27.28 4.74 -2.44
C GLU B 193 -25.77 4.70 -2.20
N LEU B 194 -25.34 4.49 -0.95
CA LEU B 194 -23.91 4.40 -0.57
C LEU B 194 -23.21 3.39 -1.49
N LEU B 195 -23.78 2.20 -1.65
CA LEU B 195 -23.19 1.09 -2.45
C LEU B 195 -23.41 1.33 -3.95
N ILE B 196 -24.56 1.88 -4.35
CA ILE B 196 -24.86 2.28 -5.75
C ILE B 196 -23.81 3.30 -6.22
N ARG B 197 -23.50 4.29 -5.37
CA ARG B 197 -22.58 5.41 -5.70
C ARG B 197 -21.12 4.95 -5.66
N ILE B 198 -20.81 3.92 -4.87
CA ILE B 198 -19.44 3.29 -4.81
C ILE B 198 -19.30 2.32 -5.99
N SER B 199 -20.37 1.59 -6.35
CA SER B 199 -20.40 0.60 -7.46
C SER B 199 -20.10 1.28 -8.80
N GLU B 200 -20.45 2.57 -8.92
CA GLU B 200 -20.17 3.41 -10.12
C GLU B 200 -18.66 3.68 -10.22
N GLN B 201 -18.00 3.92 -9.08
CA GLN B 201 -16.59 4.39 -8.99
C GLN B 201 -15.63 3.22 -8.73
N VAL B 202 -16.10 2.16 -8.04
CA VAL B 202 -15.32 0.92 -7.73
C VAL B 202 -16.10 -0.29 -8.27
N LYS B 203 -15.54 -0.98 -9.26
CA LYS B 203 -16.25 -2.02 -10.06
C LYS B 203 -15.71 -3.41 -9.74
N GLY B 204 -16.49 -4.44 -10.07
CA GLY B 204 -16.12 -5.87 -9.92
C GLY B 204 -16.11 -6.31 -8.46
N LYS B 205 -17.06 -5.79 -7.66
CA LYS B 205 -17.19 -6.08 -6.21
C LYS B 205 -18.61 -6.62 -5.93
N ASP B 206 -18.74 -7.43 -4.88
CA ASP B 206 -20.01 -8.03 -4.42
C ASP B 206 -20.66 -7.08 -3.40
N TYR B 207 -21.49 -6.14 -3.87
CA TYR B 207 -22.20 -5.13 -3.06
C TYR B 207 -23.56 -5.67 -2.63
N THR B 208 -23.73 -5.94 -1.33
CA THR B 208 -24.99 -6.43 -0.71
C THR B 208 -25.46 -5.42 0.34
N VAL B 209 -26.75 -5.06 0.31
CA VAL B 209 -27.40 -4.13 1.28
C VAL B 209 -28.39 -4.93 2.13
N LEU B 210 -28.23 -4.91 3.45
CA LEU B 210 -29.15 -5.54 4.43
C LEU B 210 -30.00 -4.45 5.09
N ASP B 211 -31.32 -4.67 5.16
CA ASP B 211 -32.30 -3.72 5.77
C ASP B 211 -33.68 -4.40 5.83
N ARG B 212 -34.55 -3.95 6.73
CA ARG B 212 -35.99 -4.34 6.80
C ARG B 212 -36.71 -3.72 5.61
N TYR B 213 -37.39 -4.54 4.81
CA TYR B 213 -38.07 -4.14 3.54
C TYR B 213 -39.50 -4.71 3.50
N ASN B 214 -40.38 -4.04 2.75
CA ASN B 214 -41.67 -4.58 2.27
C ASN B 214 -41.45 -5.10 0.84
N GLU B 215 -41.15 -4.19 -0.09
CA GLU B 215 -40.69 -4.48 -1.47
C GLU B 215 -39.17 -4.26 -1.53
N VAL B 216 -38.42 -5.24 -2.04
CA VAL B 216 -36.93 -5.20 -2.10
C VAL B 216 -36.52 -4.23 -3.22
N PRO B 217 -35.69 -3.21 -2.93
CA PRO B 217 -35.20 -2.31 -3.97
C PRO B 217 -34.44 -3.05 -5.08
N ILE B 218 -34.40 -2.46 -6.29
CA ILE B 218 -33.77 -3.05 -7.50
C ILE B 218 -32.74 -2.05 -8.05
N SER B 219 -31.50 -2.50 -8.25
CA SER B 219 -30.35 -1.70 -8.76
C SER B 219 -29.29 -2.63 -9.35
N GLU B 220 -28.74 -2.29 -10.51
CA GLU B 220 -27.76 -3.11 -11.27
C GLU B 220 -26.46 -3.27 -10.47
N GLY B 221 -26.03 -4.51 -10.25
CA GLY B 221 -24.78 -4.87 -9.55
C GLY B 221 -24.90 -4.76 -8.03
N ILE B 222 -26.12 -4.59 -7.51
CA ILE B 222 -26.40 -4.40 -6.05
C ILE B 222 -27.40 -5.48 -5.61
N ASN B 223 -27.00 -6.32 -4.65
CA ASN B 223 -27.89 -7.32 -3.97
C ASN B 223 -28.60 -6.61 -2.81
N PHE B 224 -29.72 -7.18 -2.35
CA PHE B 224 -30.59 -6.62 -1.28
C PHE B 224 -31.16 -7.73 -0.42
N ILE B 225 -30.68 -7.85 0.82
CA ILE B 225 -31.14 -8.87 1.82
C ILE B 225 -32.25 -8.24 2.69
N LYS B 226 -33.34 -8.98 2.88
CA LYS B 226 -34.34 -8.73 3.97
C LYS B 226 -33.74 -9.28 5.26
N GLY B 227 -33.32 -8.41 6.18
CA GLY B 227 -32.56 -8.81 7.38
C GLY B 227 -32.82 -7.91 8.57
N ASP B 228 -32.39 -8.37 9.74
CA ASP B 228 -32.43 -7.65 11.05
C ASP B 228 -31.04 -7.78 11.69
N PHE B 229 -30.34 -6.66 11.91
CA PHE B 229 -28.97 -6.64 12.47
C PHE B 229 -28.99 -6.95 13.98
N PHE B 230 -30.19 -7.05 14.58
CA PHE B 230 -30.39 -7.53 15.97
C PHE B 230 -30.36 -9.07 15.99
N LYS B 231 -30.59 -9.71 14.83
CA LYS B 231 -30.37 -11.16 14.61
C LYS B 231 -28.92 -11.36 14.19
N PRO B 232 -28.38 -12.61 14.23
CA PRO B 232 -27.03 -12.87 13.73
C PRO B 232 -26.82 -12.37 12.30
N ILE B 233 -25.70 -11.69 12.05
CA ILE B 233 -25.34 -11.04 10.76
C ILE B 233 -24.59 -12.05 9.90
N PRO B 234 -24.79 -12.07 8.56
CA PRO B 234 -24.12 -13.04 7.70
C PRO B 234 -22.59 -12.87 7.64
N THR B 235 -21.87 -13.96 7.87
CA THR B 235 -20.37 -14.04 7.85
C THR B 235 -19.88 -14.04 6.40
N GLY B 236 -18.58 -13.86 6.21
CA GLY B 236 -17.89 -14.05 4.91
C GLY B 236 -17.71 -12.77 4.12
N TYR B 237 -18.16 -11.62 4.66
CA TYR B 237 -17.88 -10.27 4.11
C TYR B 237 -16.63 -9.72 4.81
N ASP B 238 -15.77 -9.02 4.07
CA ASP B 238 -14.49 -8.47 4.59
C ASP B 238 -14.67 -6.97 4.91
N LEU B 239 -15.79 -6.37 4.47
CA LEU B 239 -16.21 -4.99 4.86
C LEU B 239 -17.69 -4.99 5.25
N TYR B 240 -18.00 -4.53 6.46
CA TYR B 240 -19.36 -4.24 6.96
C TYR B 240 -19.49 -2.73 7.19
N ILE B 241 -20.65 -2.16 6.87
CA ILE B 241 -20.90 -0.69 6.98
C ILE B 241 -22.14 -0.44 7.85
N LEU B 242 -22.02 0.49 8.80
CA LEU B 242 -23.12 1.05 9.61
C LEU B 242 -23.10 2.58 9.47
N LYS B 243 -23.84 3.11 8.48
CA LYS B 243 -23.95 4.57 8.21
C LYS B 243 -25.27 5.09 8.78
N ASN B 244 -25.22 6.05 9.71
CA ASN B 244 -26.38 6.74 10.33
C ASN B 244 -27.37 5.69 10.84
N VAL B 245 -26.87 4.68 11.57
CA VAL B 245 -27.69 3.59 12.19
C VAL B 245 -27.61 3.73 13.71
N LEU B 246 -26.40 3.68 14.27
CA LEU B 246 -26.14 3.54 15.74
C LEU B 246 -26.80 4.67 16.53
N ASN B 247 -26.79 5.89 15.99
N ASN B 247 -26.79 5.89 15.99
CA ASN B 247 -27.34 7.11 16.64
CA ASN B 247 -27.34 7.11 16.66
C ASN B 247 -28.87 7.05 16.72
C ASN B 247 -28.87 7.04 16.71
N ASN B 248 -29.47 6.00 16.13
CA ASN B 248 -30.94 5.72 16.23
C ASN B 248 -31.22 4.75 17.38
N TRP B 249 -30.18 4.32 18.11
CA TRP B 249 -30.28 3.23 19.13
C TRP B 249 -29.62 3.65 20.44
N PRO B 250 -30.24 3.37 21.61
CA PRO B 250 -29.57 3.51 22.89
C PRO B 250 -28.38 2.54 23.02
N ASP B 251 -27.51 2.78 24.00
CA ASP B 251 -26.24 2.04 24.21
C ASP B 251 -26.48 0.53 24.12
N ASN B 252 -27.47 -0.01 24.84
CA ASN B 252 -27.72 -1.47 24.95
C ASN B 252 -28.07 -2.04 23.57
N ASP B 253 -28.89 -1.34 22.80
CA ASP B 253 -29.30 -1.73 21.42
C ASP B 253 -28.10 -1.55 20.48
N ALA B 254 -27.32 -0.49 20.68
CA ALA B 254 -26.11 -0.15 19.88
C ALA B 254 -25.05 -1.24 20.06
N ILE B 255 -24.84 -1.73 21.29
CA ILE B 255 -23.84 -2.77 21.63
C ILE B 255 -24.26 -4.12 21.03
N SER B 256 -25.57 -4.43 21.03
CA SER B 256 -26.15 -5.67 20.45
C SER B 256 -25.80 -5.76 18.96
N ILE B 257 -25.99 -4.65 18.23
CA ILE B 257 -25.68 -4.50 16.78
C ILE B 257 -24.17 -4.75 16.57
N LEU B 258 -23.33 -4.09 17.38
CA LEU B 258 -21.85 -4.19 17.29
C LEU B 258 -21.40 -5.60 17.70
N LYS B 259 -22.04 -6.21 18.71
CA LYS B 259 -21.79 -7.61 19.15
C LYS B 259 -22.05 -8.55 17.97
N ASN B 260 -23.19 -8.38 17.29
CA ASN B 260 -23.57 -9.19 16.10
C ASN B 260 -22.53 -8.99 15.00
N CYS B 261 -22.05 -7.76 14.81
CA CYS B 261 -21.03 -7.37 13.79
C CYS B 261 -19.71 -8.10 14.07
N ARG B 262 -19.19 -8.01 15.29
CA ARG B 262 -17.90 -8.62 15.71
C ARG B 262 -17.98 -10.14 15.55
N GLU B 263 -19.09 -10.75 15.97
CA GLU B 263 -19.36 -12.21 15.87
C GLU B 263 -19.40 -12.63 14.39
N ALA B 264 -19.92 -11.76 13.52
CA ALA B 264 -20.04 -11.99 12.06
C ALA B 264 -18.68 -11.79 11.38
N MET B 265 -17.87 -10.86 11.89
CA MET B 265 -16.54 -10.52 11.34
C MET B 265 -15.53 -11.60 11.70
N ASP B 266 -14.51 -11.81 10.85
CA ASP B 266 -13.28 -12.57 11.16
C ASP B 266 -12.15 -11.55 11.42
N ASN B 267 -10.92 -12.02 11.60
CA ASN B 267 -9.76 -11.20 12.04
C ASN B 267 -9.39 -10.17 10.96
N ASN B 268 -9.60 -10.50 9.68
CA ASN B 268 -9.19 -9.67 8.52
C ASN B 268 -10.32 -8.73 8.09
N ALA B 269 -11.54 -8.93 8.58
CA ALA B 269 -12.74 -8.13 8.24
C ALA B 269 -12.62 -6.73 8.86
N THR B 270 -13.27 -5.74 8.23
CA THR B 270 -13.33 -4.33 8.70
C THR B 270 -14.80 -3.92 8.89
N LEU B 271 -15.08 -3.13 9.93
CA LEU B 271 -16.38 -2.48 10.17
C LEU B 271 -16.19 -0.95 10.01
N LEU B 272 -16.93 -0.34 9.09
CA LEU B 272 -17.01 1.14 8.94
C LEU B 272 -18.25 1.64 9.69
N ILE B 273 -18.09 2.67 10.52
CA ILE B 273 -19.19 3.48 11.09
C ILE B 273 -19.10 4.88 10.48
N ILE B 274 -20.15 5.33 9.78
CA ILE B 274 -20.30 6.70 9.24
C ILE B 274 -21.45 7.36 10.01
N THR B 275 -21.18 8.46 10.72
CA THR B 275 -22.08 9.00 11.78
C THR B 275 -21.88 10.52 11.93
N LEU B 276 -22.94 11.20 12.38
CA LEU B 276 -22.87 12.58 12.93
C LEU B 276 -22.22 12.51 14.33
N MET B 277 -20.93 12.87 14.43
CA MET B 277 -20.20 12.95 15.72
C MET B 277 -20.78 14.09 16.55
N LYS B 278 -20.97 13.87 17.85
CA LYS B 278 -21.44 14.91 18.80
C LYS B 278 -20.33 15.96 18.95
N LYS B 279 -20.49 17.11 18.28
CA LYS B 279 -19.51 18.23 18.26
C LYS B 279 -19.98 19.31 19.22
N PRO B 280 -19.05 20.04 19.89
CA PRO B 280 -19.42 21.01 20.92
C PRO B 280 -20.01 22.35 20.43
N GLN B 281 -19.80 22.71 19.15
CA GLN B 281 -20.08 24.08 18.62
C GLN B 281 -21.15 24.08 17.52
N SER B 282 -21.51 22.94 16.94
CA SER B 282 -22.37 22.84 15.74
C SER B 282 -23.86 22.90 16.14
N LEU B 283 -24.59 23.91 15.65
CA LEU B 283 -26.06 24.09 15.82
C LEU B 283 -26.81 22.99 15.04
N VAL B 284 -26.34 22.67 13.83
CA VAL B 284 -26.94 21.64 12.93
C VAL B 284 -26.94 20.30 13.67
N VAL B 285 -25.79 19.91 14.22
CA VAL B 285 -25.58 18.61 14.93
C VAL B 285 -26.38 18.62 16.24
N LYS B 286 -26.47 19.78 16.91
CA LYS B 286 -27.11 19.94 18.25
C LYS B 286 -28.62 19.64 18.14
N SER B 287 -29.29 20.18 17.12
CA SER B 287 -30.75 20.05 16.90
C SER B 287 -31.10 18.59 16.57
N VAL B 288 -30.24 17.92 15.79
CA VAL B 288 -30.41 16.50 15.37
C VAL B 288 -30.33 15.58 16.60
N ASP B 289 -29.50 15.92 17.58
CA ASP B 289 -29.33 15.16 18.85
C ASP B 289 -30.67 15.11 19.59
N ILE B 290 -31.35 16.25 19.71
CA ILE B 290 -32.71 16.39 20.35
C ILE B 290 -33.70 15.53 19.56
N LEU B 291 -33.57 15.53 18.24
CA LEU B 291 -34.43 14.75 17.29
C LEU B 291 -34.26 13.25 17.57
N MET B 292 -33.04 12.80 17.86
CA MET B 292 -32.72 11.38 18.16
C MET B 292 -33.35 10.96 19.49
N ASP B 293 -33.35 11.85 20.49
CA ASP B 293 -34.01 11.62 21.81
C ASP B 293 -35.52 11.49 21.61
N MET B 294 -36.09 12.39 20.79
CA MET B 294 -37.56 12.54 20.57
C MET B 294 -38.11 11.33 19.82
N LEU B 295 -37.35 10.78 18.87
CA LEU B 295 -37.81 9.73 17.92
C LEU B 295 -37.38 8.33 18.39
N PHE B 296 -36.20 8.19 19.00
CA PHE B 296 -35.54 6.89 19.24
C PHE B 296 -35.18 6.65 20.71
N SER B 297 -35.35 7.66 21.58
CA SER B 297 -34.76 7.68 22.95
C SER B 297 -33.26 7.40 22.85
N ALA B 298 -32.63 7.89 21.78
CA ALA B 298 -31.20 7.67 21.43
C ALA B 298 -30.48 9.03 21.39
N LYS B 299 -29.20 9.02 21.03
CA LYS B 299 -28.30 10.20 21.15
C LYS B 299 -27.11 10.06 20.19
N GLN B 300 -26.48 11.19 19.87
CA GLN B 300 -25.13 11.24 19.25
C GLN B 300 -24.09 10.97 20.34
N ARG B 301 -22.97 10.35 19.98
CA ARG B 301 -21.91 9.93 20.93
C ARG B 301 -20.59 10.63 20.55
N TYR B 302 -19.79 11.00 21.54
CA TYR B 302 -18.38 11.43 21.37
C TYR B 302 -17.56 10.22 20.91
N LEU B 303 -16.36 10.45 20.38
CA LEU B 303 -15.43 9.39 19.90
C LEU B 303 -15.15 8.41 21.05
N SER B 304 -15.02 8.91 22.27
CA SER B 304 -14.76 8.12 23.50
C SER B 304 -15.95 7.19 23.81
N GLU B 305 -17.18 7.65 23.54
CA GLU B 305 -18.43 6.90 23.82
C GLU B 305 -18.60 5.78 22.79
N PHE B 306 -18.12 5.97 21.56
CA PHE B 306 -18.08 4.94 20.48
C PHE B 306 -17.06 3.85 20.87
N GLU B 307 -15.93 4.24 21.44
CA GLU B 307 -14.88 3.30 21.95
C GLU B 307 -15.50 2.43 23.05
N ASP B 308 -16.26 3.03 23.97
CA ASP B 308 -16.90 2.37 25.14
C ASP B 308 -17.79 1.22 24.64
N ILE B 309 -18.75 1.52 23.77
CA ILE B 309 -19.73 0.52 23.24
C ILE B 309 -19.02 -0.51 22.36
N ALA B 310 -18.06 -0.07 21.54
CA ALA B 310 -17.24 -0.93 20.65
C ALA B 310 -16.39 -1.88 21.49
N ASN B 311 -15.82 -1.38 22.59
CA ASN B 311 -15.00 -2.14 23.58
C ASN B 311 -15.87 -3.27 24.17
N GLN B 312 -17.05 -2.92 24.69
CA GLN B 312 -18.04 -3.87 25.29
C GLN B 312 -18.48 -4.91 24.26
N ALA B 313 -18.50 -4.54 22.98
CA ALA B 313 -18.92 -5.41 21.84
C ALA B 313 -17.74 -6.29 21.38
N GLY B 314 -16.52 -5.98 21.83
CA GLY B 314 -15.29 -6.74 21.51
C GLY B 314 -14.62 -6.25 20.24
N LEU B 315 -14.73 -4.94 19.95
CA LEU B 315 -14.13 -4.28 18.75
C LEU B 315 -13.15 -3.20 19.20
N VAL B 316 -12.11 -2.96 18.39
CA VAL B 316 -11.05 -1.93 18.61
C VAL B 316 -11.18 -0.88 17.50
N ILE B 317 -10.98 0.40 17.84
CA ILE B 317 -10.94 1.53 16.86
C ILE B 317 -9.52 1.61 16.30
N ARG B 318 -9.39 1.63 14.97
CA ARG B 318 -8.09 1.69 14.24
C ARG B 318 -7.93 3.03 13.53
N HIS B 319 -9.02 3.60 13.01
CA HIS B 319 -9.03 4.86 12.23
C HIS B 319 -10.31 5.66 12.56
N TYR B 320 -10.15 6.95 12.87
CA TYR B 320 -11.24 7.96 12.99
C TYR B 320 -10.85 9.18 12.15
N LYS B 321 -11.81 9.79 11.46
CA LYS B 321 -11.57 10.91 10.50
C LYS B 321 -12.89 11.62 10.21
N ASP B 322 -12.88 12.95 10.21
CA ASP B 322 -14.01 13.82 9.80
C ASP B 322 -14.02 13.89 8.27
N LEU B 323 -15.14 13.50 7.64
CA LEU B 323 -15.34 13.52 6.17
C LEU B 323 -15.75 14.95 5.73
N ASP B 324 -16.40 15.69 6.64
CA ASP B 324 -16.72 17.13 6.46
C ASP B 324 -16.99 17.73 7.86
N GLU B 325 -17.81 18.78 7.94
CA GLU B 325 -18.08 19.53 9.20
C GLU B 325 -18.97 18.70 10.12
N ILE B 326 -19.84 17.84 9.56
CA ILE B 326 -20.95 17.16 10.30
C ILE B 326 -20.66 15.65 10.39
N PHE B 327 -20.38 14.98 9.27
CA PHE B 327 -20.21 13.50 9.20
C PHE B 327 -18.75 13.13 9.51
N SER B 328 -18.53 11.93 10.05
CA SER B 328 -17.20 11.32 10.32
C SER B 328 -17.25 9.82 10.08
N LEU B 329 -16.06 9.20 9.94
CA LEU B 329 -15.87 7.75 9.66
C LEU B 329 -15.10 7.11 10.82
N ILE B 330 -15.41 5.85 11.16
CA ILE B 330 -14.70 5.04 12.18
C ILE B 330 -14.43 3.64 11.61
N GLU B 331 -13.15 3.26 11.48
CA GLU B 331 -12.74 1.86 11.18
C GLU B 331 -12.64 1.09 12.49
N LEU B 332 -13.38 -0.02 12.60
CA LEU B 332 -13.32 -0.95 13.76
C LEU B 332 -12.91 -2.34 13.27
N LYS B 333 -12.09 -3.04 14.05
CA LYS B 333 -11.58 -4.39 13.75
C LYS B 333 -11.80 -5.27 14.99
N VAL B 334 -11.58 -6.58 14.87
CA VAL B 334 -11.89 -7.59 15.93
C VAL B 334 -10.65 -7.82 16.79
N LYS B 335 -10.77 -7.62 18.11
CA LYS B 335 -9.81 -8.09 19.15
C LYS B 335 -10.29 -7.63 20.52
N SER C 18 7.38 -24.76 36.17
CA SER C 18 8.70 -24.45 35.51
C SER C 18 8.69 -23.07 34.87
N MET C 19 7.52 -22.57 34.44
CA MET C 19 7.34 -21.23 33.82
C MET C 19 7.86 -20.13 34.77
N LEU C 20 7.47 -20.19 36.05
CA LEU C 20 7.71 -19.12 37.05
C LEU C 20 9.22 -18.90 37.24
N ILE C 21 9.96 -19.95 37.58
CA ILE C 21 11.43 -19.88 37.87
C ILE C 21 12.16 -19.41 36.61
N ASP C 22 11.70 -19.80 35.43
CA ASP C 22 12.27 -19.37 34.12
C ASP C 22 12.13 -17.84 34.00
N LEU C 23 10.94 -17.30 34.26
CA LEU C 23 10.67 -15.83 34.21
C LEU C 23 11.57 -15.10 35.20
N ILE C 24 11.76 -15.65 36.40
CA ILE C 24 12.53 -15.02 37.51
C ILE C 24 14.04 -15.02 37.17
N THR C 25 14.54 -16.08 36.51
CA THR C 25 15.97 -16.25 36.18
C THR C 25 16.27 -15.84 34.72
N SER C 26 15.26 -15.37 33.98
CA SER C 26 15.40 -14.92 32.57
C SER C 26 16.23 -13.63 32.51
N TYR C 27 16.28 -12.86 33.61
CA TYR C 27 17.06 -11.60 33.72
C TYR C 27 18.56 -11.88 33.51
N ARG C 28 18.99 -13.12 33.79
CA ARG C 28 20.40 -13.57 33.61
C ARG C 28 20.75 -13.65 32.12
N LYS C 29 19.75 -13.92 31.27
CA LYS C 29 19.90 -13.94 29.78
C LYS C 29 20.15 -12.51 29.29
N THR C 30 19.42 -11.54 29.83
CA THR C 30 19.58 -10.09 29.56
C THR C 30 21.01 -9.66 29.94
N ALA C 31 21.46 -10.06 31.14
CA ALA C 31 22.81 -9.78 31.68
C ALA C 31 23.87 -10.42 30.76
N ALA C 32 23.69 -11.69 30.38
CA ALA C 32 24.60 -12.45 29.49
C ALA C 32 24.75 -11.70 28.17
N ILE C 33 23.64 -11.31 27.55
CA ILE C 33 23.61 -10.56 26.25
C ILE C 33 24.27 -9.18 26.46
N TYR C 34 23.90 -8.48 27.53
CA TYR C 34 24.43 -7.14 27.88
C TYR C 34 25.97 -7.18 27.88
N THR C 35 26.55 -8.15 28.60
CA THR C 35 28.01 -8.29 28.82
C THR C 35 28.70 -8.59 27.48
N PHE C 36 28.07 -9.41 26.64
CA PHE C 36 28.54 -9.78 25.28
C PHE C 36 28.63 -8.53 24.41
N VAL C 37 27.70 -7.58 24.59
CA VAL C 37 27.65 -6.28 23.84
C VAL C 37 28.57 -5.27 24.53
N ASP C 38 28.44 -5.09 25.84
CA ASP C 38 29.18 -4.05 26.64
C ASP C 38 30.69 -4.22 26.44
N ALA C 39 31.20 -5.45 26.53
CA ALA C 39 32.64 -5.78 26.50
C ALA C 39 33.23 -5.55 25.11
N GLY C 40 32.39 -5.32 24.09
CA GLY C 40 32.80 -4.95 22.72
C GLY C 40 33.01 -6.16 21.82
N LEU C 41 32.55 -7.33 22.25
CA LEU C 41 32.79 -8.63 21.55
C LEU C 41 31.80 -8.79 20.39
N SER C 42 30.55 -8.34 20.55
CA SER C 42 29.43 -8.52 19.58
C SER C 42 29.83 -7.99 18.19
N ILE C 43 30.66 -6.95 18.14
CA ILE C 43 31.12 -6.25 16.90
C ILE C 43 31.84 -7.25 15.98
N HIS C 44 32.51 -8.26 16.53
CA HIS C 44 33.38 -9.21 15.78
C HIS C 44 32.56 -10.31 15.10
N PHE C 45 31.22 -10.26 15.18
CA PHE C 45 30.30 -11.32 14.67
C PHE C 45 29.46 -10.78 13.50
N LYS C 46 30.06 -9.97 12.63
CA LYS C 46 29.39 -9.38 11.44
C LYS C 46 29.30 -10.44 10.33
N ASN C 47 28.20 -10.42 9.55
CA ASN C 47 27.99 -11.23 8.33
C ASN C 47 28.00 -12.73 8.66
N GLY C 48 27.51 -13.09 9.86
CA GLY C 48 27.42 -14.48 10.35
C GLY C 48 28.77 -15.20 10.31
N ASP C 49 29.87 -14.45 10.54
CA ASP C 49 31.25 -14.99 10.58
C ASP C 49 31.41 -15.84 11.85
N TYR C 50 32.16 -16.95 11.75
CA TYR C 50 32.51 -17.83 12.89
C TYR C 50 33.82 -17.32 13.51
N VAL C 51 33.74 -16.86 14.77
CA VAL C 51 34.86 -16.24 15.52
C VAL C 51 35.55 -17.32 16.35
N ASP C 52 36.89 -17.35 16.32
CA ASP C 52 37.74 -18.19 17.20
C ASP C 52 37.74 -17.56 18.60
N ILE C 53 37.27 -18.30 19.61
CA ILE C 53 37.14 -17.82 21.01
C ILE C 53 38.55 -17.54 21.56
N ASN C 54 39.52 -18.36 21.16
CA ASN C 54 40.94 -18.30 21.61
C ASN C 54 41.56 -16.97 21.14
N LYS C 55 41.38 -16.63 19.86
CA LYS C 55 41.89 -15.37 19.25
C LYS C 55 41.18 -14.17 19.88
N LEU C 56 39.86 -14.25 20.05
CA LEU C 56 39.01 -13.16 20.63
C LEU C 56 39.43 -12.90 22.08
N ALA C 57 39.71 -13.96 22.85
CA ALA C 57 40.20 -13.89 24.24
C ALA C 57 41.55 -13.16 24.29
N SER C 58 42.39 -13.34 23.27
CA SER C 58 43.74 -12.75 23.15
C SER C 58 43.67 -11.25 22.84
N GLN C 59 42.75 -10.84 21.96
CA GLN C 59 42.59 -9.43 21.50
C GLN C 59 42.29 -8.52 22.71
N TYR C 60 41.17 -8.77 23.39
CA TYR C 60 40.66 -7.96 24.53
C TYR C 60 41.33 -8.40 25.83
N GLY C 61 42.22 -9.40 25.77
CA GLY C 61 42.99 -9.91 26.93
C GLY C 61 42.08 -10.51 27.99
N ILE C 62 41.11 -11.32 27.56
CA ILE C 62 40.13 -12.02 28.44
C ILE C 62 40.64 -13.44 28.69
N ASP C 63 40.34 -14.00 29.86
CA ASP C 63 40.64 -15.42 30.21
C ASP C 63 39.75 -16.32 29.34
N TYR C 64 40.36 -17.19 28.52
CA TYR C 64 39.67 -18.08 27.55
C TYR C 64 38.57 -18.87 28.26
N SER C 65 38.90 -19.49 29.40
CA SER C 65 37.98 -20.31 30.24
C SER C 65 36.66 -19.56 30.47
N ARG C 66 36.74 -18.30 30.90
CA ARG C 66 35.58 -17.44 31.23
C ARG C 66 34.76 -17.18 29.96
N LEU C 67 35.42 -16.73 28.89
CA LEU C 67 34.78 -16.31 27.62
C LEU C 67 34.11 -17.51 26.94
N ASN C 68 34.74 -18.68 26.98
CA ASN C 68 34.20 -19.94 26.37
C ASN C 68 32.96 -20.38 27.16
N ARG C 69 32.95 -20.20 28.48
CA ARG C 69 31.81 -20.57 29.37
C ARG C 69 30.64 -19.61 29.16
N LEU C 70 30.92 -18.31 28.95
CA LEU C 70 29.90 -17.28 28.62
C LEU C 70 29.25 -17.64 27.28
N CYS C 71 30.06 -17.99 26.28
CA CYS C 71 29.62 -18.38 24.91
C CYS C 71 28.77 -19.65 24.96
N ASP C 72 29.09 -20.60 25.86
CA ASP C 72 28.30 -21.83 26.11
C ASP C 72 26.86 -21.45 26.47
N PHE C 73 26.69 -20.48 27.37
CA PHE C 73 25.38 -20.03 27.89
C PHE C 73 24.60 -19.34 26.78
N LEU C 74 25.27 -18.50 25.99
CA LEU C 74 24.67 -17.78 24.83
C LEU C 74 24.20 -18.79 23.79
N ILE C 75 24.91 -19.91 23.62
CA ILE C 75 24.55 -21.02 22.69
C ILE C 75 23.25 -21.68 23.16
N GLU C 76 23.11 -21.90 24.46
CA GLU C 76 21.94 -22.60 25.07
C GLU C 76 20.67 -21.74 24.88
N ILE C 77 20.77 -20.42 25.08
CA ILE C 77 19.61 -19.47 24.97
C ILE C 77 19.36 -19.10 23.50
N GLY C 78 20.23 -19.56 22.59
CA GLY C 78 20.02 -19.49 21.13
C GLY C 78 20.52 -18.19 20.52
N VAL C 79 21.44 -17.49 21.20
CA VAL C 79 22.08 -16.23 20.72
C VAL C 79 23.23 -16.60 19.77
N LEU C 80 24.05 -17.61 20.13
CA LEU C 80 25.22 -18.07 19.35
C LEU C 80 24.98 -19.50 18.84
N VAL C 81 25.79 -19.94 17.87
CA VAL C 81 25.78 -21.33 17.30
C VAL C 81 27.24 -21.78 17.11
N SER C 82 27.59 -22.94 17.66
CA SER C 82 28.97 -23.48 17.72
C SER C 82 29.30 -24.23 16.42
N SER C 83 30.60 -24.30 16.07
CA SER C 83 31.13 -25.02 14.87
C SER C 83 32.61 -25.35 15.07
N ASP C 84 33.23 -26.00 14.08
CA ASP C 84 34.69 -26.29 14.02
C ASP C 84 35.44 -24.98 13.74
N HIS C 85 34.92 -24.17 12.83
CA HIS C 85 35.43 -22.80 12.49
C HIS C 85 35.52 -21.94 13.75
N GLY C 86 34.54 -22.07 14.66
CA GLY C 86 34.44 -21.30 15.91
C GLY C 86 33.00 -21.19 16.38
N VAL C 87 32.56 -19.99 16.77
CA VAL C 87 31.14 -19.67 17.10
C VAL C 87 30.71 -18.43 16.30
N ALA C 88 29.43 -18.34 15.95
CA ALA C 88 28.81 -17.22 15.20
C ALA C 88 27.46 -16.85 15.85
N LEU C 89 27.00 -15.61 15.65
CA LEU C 89 25.64 -15.16 16.02
C LEU C 89 24.63 -15.95 15.17
N SER C 90 23.52 -16.37 15.77
CA SER C 90 22.36 -16.99 15.08
C SER C 90 21.71 -15.96 14.15
N GLU C 91 21.05 -16.43 13.09
CA GLU C 91 20.28 -15.57 12.15
C GLU C 91 19.21 -14.80 12.93
N GLU C 92 18.76 -15.35 14.07
CA GLU C 92 17.71 -14.76 14.95
C GLU C 92 18.28 -13.54 15.67
N CYS C 93 19.57 -13.56 16.04
CA CYS C 93 20.23 -12.55 16.91
C CYS C 93 21.38 -11.85 16.16
N SER C 94 21.27 -11.73 14.84
CA SER C 94 22.25 -11.04 13.96
C SER C 94 22.47 -9.60 14.42
N ALA C 95 21.37 -8.92 14.82
CA ALA C 95 21.31 -7.47 15.12
C ALA C 95 22.40 -7.05 16.11
N LEU C 96 22.81 -7.94 17.02
CA LEU C 96 23.86 -7.67 18.04
C LEU C 96 25.19 -7.31 17.35
N ALA C 97 25.35 -7.69 16.08
CA ALA C 97 26.54 -7.39 15.25
C ALA C 97 26.68 -5.87 15.04
N ASP C 98 25.67 -5.23 14.46
CA ASP C 98 25.74 -3.79 14.06
C ASP C 98 25.28 -2.92 15.24
N PRO C 99 26.01 -1.83 15.57
CA PRO C 99 25.67 -0.98 16.71
C PRO C 99 24.53 0.00 16.46
N ASN C 100 23.89 -0.05 15.28
CA ASN C 100 22.78 0.86 14.89
C ASN C 100 21.50 0.04 14.66
N SER C 101 21.38 -1.13 15.29
CA SER C 101 20.14 -1.94 15.36
C SER C 101 19.37 -1.55 16.61
N VAL C 102 18.03 -1.66 16.59
CA VAL C 102 17.15 -1.32 17.75
C VAL C 102 17.56 -2.20 18.94
N GLU C 103 17.88 -3.47 18.69
CA GLU C 103 18.24 -4.46 19.74
C GLU C 103 19.52 -4.02 20.45
N PHE C 104 20.56 -3.63 19.70
CA PHE C 104 21.87 -3.18 20.23
C PHE C 104 21.68 -1.88 21.03
N LEU C 105 20.91 -0.94 20.49
CA LEU C 105 20.69 0.40 21.10
C LEU C 105 19.78 0.27 22.32
N THR C 106 18.89 -0.74 22.35
CA THR C 106 18.05 -1.11 23.52
C THR C 106 18.98 -1.59 24.65
N VAL C 107 19.91 -2.50 24.32
CA VAL C 107 20.93 -3.07 25.26
C VAL C 107 21.76 -1.91 25.85
N LYS C 108 22.12 -0.94 25.00
CA LYS C 108 23.00 0.20 25.36
C LYS C 108 22.21 1.25 26.16
N TYR C 109 20.93 1.44 25.85
CA TYR C 109 20.05 2.44 26.52
C TYR C 109 19.55 1.90 27.86
N GLU C 110 18.99 0.69 27.86
CA GLU C 110 18.12 0.18 28.97
C GLU C 110 18.94 -0.58 30.02
N ILE C 111 19.91 -1.40 29.63
CA ILE C 111 20.65 -2.30 30.57
C ILE C 111 21.80 -1.51 31.20
N ASN C 112 21.50 -0.80 32.29
CA ASN C 112 22.45 0.02 33.07
C ASN C 112 21.86 0.31 34.46
N SER C 113 22.66 0.90 35.35
CA SER C 113 22.28 1.27 36.74
C SER C 113 21.05 2.20 36.74
N GLU C 114 20.90 3.03 35.70
CA GLU C 114 19.82 4.04 35.58
C GLU C 114 18.45 3.34 35.65
N HIS C 115 18.24 2.30 34.84
CA HIS C 115 16.97 1.51 34.79
C HIS C 115 16.96 0.45 35.90
N TRP C 116 18.08 -0.26 36.08
CA TRP C 116 18.16 -1.48 36.94
C TRP C 116 18.10 -1.12 38.43
N ASP C 117 18.70 0.00 38.85
CA ASP C 117 18.62 0.50 40.26
C ASP C 117 17.20 1.01 40.54
N SER C 118 16.54 1.58 39.52
CA SER C 118 15.18 2.18 39.60
C SER C 118 14.12 1.08 39.68
N TRP C 119 14.31 -0.02 38.94
CA TRP C 119 13.43 -1.22 38.96
C TRP C 119 13.44 -1.86 40.36
N LEU C 120 14.56 -1.75 41.09
CA LEU C 120 14.74 -2.29 42.46
C LEU C 120 14.05 -1.37 43.49
N MET C 121 13.79 -0.11 43.12
CA MET C 121 13.14 0.91 43.98
C MET C 121 11.65 1.04 43.63
N TYR C 122 11.19 0.39 42.56
CA TYR C 122 9.79 0.45 42.06
C TYR C 122 8.80 -0.01 43.14
N PRO C 123 9.07 -1.09 43.92
CA PRO C 123 8.14 -1.51 44.96
C PRO C 123 7.98 -0.43 46.04
N LYS C 124 9.11 0.16 46.47
CA LYS C 124 9.15 1.26 47.47
C LYS C 124 8.36 2.46 46.95
N SER C 125 8.40 2.72 45.64
CA SER C 125 7.68 3.84 44.98
C SER C 125 6.16 3.61 45.06
N LEU C 126 5.71 2.36 44.93
CA LEU C 126 4.28 1.97 45.04
C LEU C 126 3.82 2.19 46.49
N LEU C 127 4.54 1.61 47.45
CA LEU C 127 4.20 1.67 48.91
C LEU C 127 4.09 3.14 49.35
N GLU C 128 5.11 3.95 49.06
CA GLU C 128 5.16 5.39 49.42
C GLU C 128 4.48 6.20 48.33
N ASN C 129 3.22 6.61 48.57
CA ASN C 129 2.37 7.37 47.61
C ASN C 129 2.82 8.84 47.60
N ASN C 130 4.13 9.07 47.44
CA ASN C 130 4.75 10.42 47.32
C ASN C 130 4.75 10.82 45.84
N GLY C 131 5.01 12.10 45.55
CA GLY C 131 5.06 12.65 44.19
C GLY C 131 6.13 11.98 43.33
N LYS C 132 7.28 11.64 43.94
CA LYS C 132 8.51 11.16 43.25
C LYS C 132 8.24 9.79 42.58
N SER C 133 8.85 9.58 41.41
CA SER C 133 8.88 8.28 40.68
C SER C 133 10.05 7.43 41.21
N ALA C 134 10.01 6.12 40.97
CA ALA C 134 11.04 5.14 41.37
C ALA C 134 12.44 5.64 40.96
N PHE C 135 12.54 6.24 39.77
CA PHE C 135 13.79 6.80 39.21
C PHE C 135 14.26 8.01 40.03
N GLU C 136 13.33 8.92 40.36
CA GLU C 136 13.62 10.19 41.07
C GLU C 136 14.21 9.91 42.46
N MET C 137 13.72 8.86 43.14
CA MET C 137 14.18 8.44 44.49
C MET C 137 15.65 7.99 44.43
N VAL C 138 15.99 7.16 43.45
CA VAL C 138 17.35 6.57 43.25
C VAL C 138 18.33 7.69 42.87
N HIS C 139 18.00 8.48 41.84
CA HIS C 139 18.93 9.41 41.14
C HIS C 139 18.91 10.81 41.80
N GLY C 140 17.81 11.18 42.45
CA GLY C 140 17.65 12.48 43.11
C GLY C 140 17.38 13.60 42.11
N LYS C 141 17.03 13.24 40.88
CA LYS C 141 16.64 14.18 39.79
C LYS C 141 15.54 13.52 38.95
N SER C 142 14.87 14.29 38.09
CA SER C 142 13.97 13.76 37.03
C SER C 142 14.82 13.06 35.96
N PHE C 143 14.21 12.21 35.13
CA PHE C 143 14.90 11.38 34.11
C PHE C 143 15.73 12.28 33.17
N PHE C 144 15.11 13.33 32.63
CA PHE C 144 15.71 14.21 31.59
C PHE C 144 16.77 15.13 32.21
N GLU C 145 16.58 15.53 33.48
CA GLU C 145 17.60 16.25 34.29
C GLU C 145 18.90 15.43 34.30
N HIS C 146 18.81 14.16 34.69
CA HIS C 146 19.95 13.21 34.82
C HIS C 146 20.64 13.02 33.47
N LEU C 147 19.85 12.94 32.38
CA LEU C 147 20.37 12.80 30.99
C LEU C 147 21.27 14.00 30.65
N ASP C 148 21.00 15.17 31.23
CA ASP C 148 21.78 16.42 31.01
C ASP C 148 23.16 16.28 31.68
N SER C 149 23.27 15.44 32.72
CA SER C 149 24.52 15.17 33.49
C SER C 149 25.31 14.02 32.85
N ASN C 150 24.63 12.94 32.44
CA ASN C 150 25.25 11.75 31.78
C ASN C 150 25.11 11.89 30.27
N LYS C 151 26.22 12.22 29.58
CA LYS C 151 26.25 12.60 28.15
C LYS C 151 26.17 11.33 27.28
N GLY C 152 26.88 10.27 27.69
CA GLY C 152 26.94 8.97 26.98
C GLY C 152 25.58 8.32 26.85
N LEU C 153 24.82 8.26 27.95
CA LEU C 153 23.47 7.63 28.01
C LEU C 153 22.49 8.46 27.18
N LYS C 154 22.61 9.79 27.21
CA LYS C 154 21.73 10.73 26.46
C LYS C 154 21.88 10.50 24.95
N SER C 155 23.10 10.26 24.48
CA SER C 155 23.43 10.02 23.05
C SER C 155 22.87 8.66 22.61
N ASP C 156 22.82 7.67 23.52
CA ASP C 156 22.25 6.32 23.27
C ASP C 156 20.72 6.40 23.19
N PHE C 157 20.10 7.21 24.06
CA PHE C 157 18.64 7.50 24.07
C PHE C 157 18.25 8.16 22.74
N ASP C 158 18.95 9.23 22.36
CA ASP C 158 18.75 9.96 21.08
C ASP C 158 18.82 8.95 19.92
N ALA C 159 19.88 8.13 19.91
CA ALA C 159 20.13 7.08 18.88
C ALA C 159 18.96 6.10 18.81
N LEU C 160 18.48 5.64 19.97
CA LEU C 160 17.37 4.66 20.09
C LEU C 160 16.08 5.28 19.53
N MET C 161 15.80 6.52 19.91
CA MET C 161 14.57 7.27 19.51
C MET C 161 14.59 7.57 18.01
N SER C 162 15.78 7.74 17.43
CA SER C 162 15.98 7.99 15.97
C SER C 162 15.53 6.76 15.16
N LYS C 163 15.82 5.56 15.66
CA LYS C 163 15.41 4.28 15.03
C LYS C 163 13.89 4.23 14.92
N TYR C 164 13.18 4.50 16.02
CA TYR C 164 11.70 4.48 16.11
C TYR C 164 11.13 5.59 15.21
N THR C 165 11.75 6.77 15.20
CA THR C 165 11.38 7.92 14.31
C THR C 165 11.42 7.48 12.84
N ASN C 166 12.50 6.80 12.43
CA ASN C 166 12.77 6.39 11.03
C ASN C 166 11.86 5.23 10.61
N LYS C 167 11.32 4.46 11.58
CA LYS C 167 10.34 3.38 11.32
C LYS C 167 8.99 3.97 10.93
N ILE C 168 8.69 5.18 11.40
CA ILE C 168 7.34 5.83 11.34
C ILE C 168 7.21 6.70 10.07
N ILE C 169 8.27 7.43 9.70
CA ILE C 169 8.25 8.50 8.65
C ILE C 169 7.43 8.07 7.42
N LYS C 170 7.73 6.91 6.84
CA LYS C 170 7.19 6.51 5.51
C LYS C 170 5.66 6.64 5.51
N GLU C 171 4.99 6.02 6.49
CA GLU C 171 3.51 6.00 6.61
C GLU C 171 2.99 7.34 7.16
N LEU C 172 3.80 8.03 7.97
CA LEU C 172 3.46 9.37 8.55
C LEU C 172 3.27 10.39 7.40
N LEU C 173 4.18 10.38 6.42
CA LEU C 173 4.15 11.27 5.24
C LEU C 173 2.97 10.92 4.32
N VAL C 174 2.63 9.62 4.21
CA VAL C 174 1.52 9.10 3.36
C VAL C 174 0.18 9.51 3.99
N ILE C 175 0.00 9.23 5.28
CA ILE C 175 -1.28 9.42 6.02
C ILE C 175 -1.54 10.92 6.21
N TYR C 176 -0.51 11.69 6.59
CA TYR C 176 -0.61 13.14 6.90
C TYR C 176 0.11 13.97 5.83
N ASP C 177 -0.61 14.91 5.22
CA ASP C 177 -0.09 15.90 4.23
C ASP C 177 0.54 17.07 5.01
N PHE C 178 1.88 17.12 5.09
CA PHE C 178 2.65 18.20 5.77
C PHE C 178 2.80 19.40 4.84
N ASP C 179 2.62 19.20 3.53
CA ASP C 179 2.88 20.22 2.48
C ASP C 179 1.82 21.33 2.51
N LYS C 180 0.68 21.10 3.18
CA LYS C 180 -0.41 22.09 3.32
C LYS C 180 -0.08 23.12 4.43
N HIS C 181 0.97 22.86 5.23
CA HIS C 181 1.41 23.73 6.35
C HIS C 181 2.56 24.62 5.89
N ASN C 182 2.76 25.76 6.57
CA ASN C 182 3.82 26.77 6.28
C ASN C 182 4.88 26.75 7.39
N ARG C 183 4.45 26.88 8.65
CA ARG C 183 5.33 26.95 9.85
C ARG C 183 4.99 25.79 10.80
N ILE C 184 5.99 24.97 11.15
CA ILE C 184 5.83 23.74 11.99
C ILE C 184 6.73 23.86 13.22
N LEU C 185 6.18 23.53 14.41
CA LEU C 185 6.90 23.50 15.71
C LEU C 185 6.77 22.10 16.31
N ASP C 186 7.90 21.44 16.59
CA ASP C 186 7.94 20.12 17.26
C ASP C 186 8.28 20.33 18.74
N LEU C 187 7.26 20.31 19.60
CA LEU C 187 7.40 20.51 21.08
C LEU C 187 8.02 19.24 21.69
N GLY C 188 9.21 19.38 22.29
CA GLY C 188 10.01 18.26 22.83
C GLY C 188 10.48 17.34 21.72
N GLY C 189 11.16 17.91 20.71
CA GLY C 189 11.59 17.19 19.49
C GLY C 189 13.03 16.72 19.55
N GLY C 190 13.62 16.62 20.75
CA GLY C 190 15.01 16.15 20.99
C GLY C 190 15.98 16.70 19.96
N ASP C 191 16.82 15.83 19.39
CA ASP C 191 17.53 16.08 18.11
C ASP C 191 16.49 15.93 17.00
N GLY C 192 16.31 16.96 16.17
CA GLY C 192 15.11 17.12 15.31
C GLY C 192 15.02 16.08 14.21
N GLU C 193 15.14 14.78 14.53
CA GLU C 193 15.15 13.67 13.54
C GLU C 193 13.83 13.66 12.76
N LEU C 194 12.71 13.82 13.45
CA LEU C 194 11.34 13.86 12.84
C LEU C 194 11.30 14.97 11.79
N LEU C 195 11.72 16.18 12.15
CA LEU C 195 11.63 17.39 11.30
C LEU C 195 12.75 17.38 10.25
N ILE C 196 13.92 16.80 10.57
CA ILE C 196 15.03 16.57 9.60
C ILE C 196 14.51 15.64 8.49
N ARG C 197 13.90 14.51 8.88
CA ARG C 197 13.43 13.44 7.95
C ARG C 197 12.23 13.95 7.14
N ILE C 198 11.40 14.84 7.71
CA ILE C 198 10.22 15.44 7.02
C ILE C 198 10.70 16.48 6.01
N SER C 199 11.73 17.26 6.35
CA SER C 199 12.30 18.36 5.52
C SER C 199 12.89 17.79 4.22
N GLU C 200 13.41 16.56 4.26
CA GLU C 200 13.97 15.83 3.08
C GLU C 200 12.89 15.70 2.00
N GLN C 201 11.70 15.19 2.37
CA GLN C 201 10.58 14.90 1.44
C GLN C 201 9.76 16.18 1.18
N VAL C 202 9.49 16.98 2.22
CA VAL C 202 8.64 18.20 2.16
C VAL C 202 9.55 19.43 2.36
N LYS C 203 9.94 20.07 1.26
CA LYS C 203 10.93 21.19 1.24
C LYS C 203 10.20 22.54 1.27
N GLY C 204 10.93 23.61 1.58
CA GLY C 204 10.49 25.02 1.46
C GLY C 204 9.50 25.43 2.54
N LYS C 205 9.63 24.86 3.75
CA LYS C 205 8.80 25.19 4.93
C LYS C 205 9.70 25.69 6.07
N ASP C 206 9.08 26.24 7.12
CA ASP C 206 9.77 26.79 8.33
C ASP C 206 9.64 25.77 9.46
N TYR C 207 10.61 24.86 9.56
CA TYR C 207 10.70 23.79 10.60
C TYR C 207 11.43 24.35 11.82
N THR C 208 10.84 24.20 13.02
CA THR C 208 11.42 24.62 14.31
C THR C 208 11.24 23.49 15.34
N VAL C 209 12.23 23.29 16.21
CA VAL C 209 12.21 22.28 17.32
C VAL C 209 12.34 23.01 18.65
N LEU C 210 11.37 22.79 19.55
CA LEU C 210 11.40 23.28 20.96
C LEU C 210 11.72 22.09 21.88
N ASP C 211 12.76 22.21 22.70
CA ASP C 211 13.16 21.18 23.68
C ASP C 211 13.95 21.84 24.82
N ARG C 212 13.75 21.38 26.05
CA ARG C 212 14.35 21.96 27.29
C ARG C 212 15.82 21.55 27.41
N TYR C 213 16.14 20.29 27.09
CA TYR C 213 17.44 19.64 27.40
C TYR C 213 18.24 19.30 26.13
N ASN C 214 17.60 19.26 24.96
CA ASN C 214 18.25 18.88 23.67
C ASN C 214 18.45 20.14 22.81
N GLU C 215 19.26 20.01 21.76
CA GLU C 215 19.52 21.05 20.72
C GLU C 215 19.55 20.38 19.34
N VAL C 216 19.29 21.16 18.28
CA VAL C 216 19.23 20.68 16.86
C VAL C 216 20.33 21.36 16.05
N PRO C 217 21.05 20.63 15.16
CA PRO C 217 22.02 21.25 14.25
C PRO C 217 21.32 22.16 13.23
N ILE C 218 21.82 23.39 13.08
CA ILE C 218 21.28 24.42 12.16
C ILE C 218 21.90 24.21 10.76
N SER C 219 22.79 23.23 10.62
CA SER C 219 23.27 22.69 9.32
C SER C 219 22.07 22.31 8.45
N GLU C 220 21.22 21.42 8.97
CA GLU C 220 19.86 21.12 8.42
C GLU C 220 19.01 22.38 8.60
N GLY C 221 18.14 22.67 7.62
CA GLY C 221 17.28 23.87 7.60
C GLY C 221 16.20 23.81 8.68
N ILE C 222 16.62 23.65 9.95
CA ILE C 222 15.74 23.50 11.14
C ILE C 222 16.14 24.55 12.18
N ASN C 223 15.29 25.54 12.42
CA ASN C 223 15.41 26.48 13.56
C ASN C 223 15.28 25.68 14.86
N PHE C 224 16.04 26.03 15.89
CA PHE C 224 15.92 25.46 17.26
C PHE C 224 15.68 26.60 18.25
N ILE C 225 14.80 26.35 19.22
CA ILE C 225 14.54 27.24 20.39
C ILE C 225 14.54 26.36 21.64
N LYS C 226 15.32 26.73 22.66
CA LYS C 226 15.19 26.17 24.03
C LYS C 226 13.87 26.73 24.60
N GLY C 227 13.18 25.95 25.41
CA GLY C 227 11.86 26.32 25.94
C GLY C 227 11.20 25.17 26.68
N ASP C 228 10.28 25.50 27.59
CA ASP C 228 9.56 24.54 28.46
C ASP C 228 8.07 24.59 28.09
N PHE C 229 7.51 23.47 27.62
CA PHE C 229 6.12 23.39 27.10
C PHE C 229 5.10 23.42 28.25
N PHE C 230 5.56 23.52 29.50
CA PHE C 230 4.71 23.82 30.68
C PHE C 230 4.49 25.34 30.79
N LYS C 231 5.34 26.12 30.13
CA LYS C 231 5.26 27.60 30.06
C LYS C 231 4.63 27.98 28.72
N PRO C 232 4.09 29.21 28.56
CA PRO C 232 3.41 29.61 27.32
C PRO C 232 4.23 29.31 26.05
N ILE C 233 3.58 28.67 25.07
CA ILE C 233 4.22 28.14 23.82
C ILE C 233 4.22 29.25 22.77
N PRO C 234 5.32 29.42 21.99
CA PRO C 234 5.36 30.43 20.93
C PRO C 234 4.24 30.24 19.90
N THR C 235 3.56 31.33 19.54
CA THR C 235 2.44 31.37 18.56
C THR C 235 3.02 31.53 17.15
N GLY C 236 2.14 31.59 16.14
CA GLY C 236 2.50 31.91 14.75
C GLY C 236 2.87 30.67 13.95
N TYR C 237 2.68 29.48 14.51
CA TYR C 237 2.83 28.17 13.83
C TYR C 237 1.44 27.58 13.58
N ASP C 238 1.25 26.94 12.41
CA ASP C 238 -0.04 26.32 12.01
C ASP C 238 0.02 24.80 12.20
N LEU C 239 1.18 24.26 12.60
CA LEU C 239 1.36 22.83 12.99
C LEU C 239 2.25 22.74 14.24
N TYR C 240 1.73 22.11 15.30
CA TYR C 240 2.45 21.76 16.55
C TYR C 240 2.49 20.24 16.68
N ILE C 241 3.65 19.67 17.04
CA ILE C 241 3.84 18.19 17.18
C ILE C 241 4.24 17.86 18.62
N LEU C 242 3.66 16.78 19.16
CA LEU C 242 4.03 16.16 20.45
C LEU C 242 4.26 14.66 20.22
N LYS C 243 5.45 14.29 19.74
CA LYS C 243 5.83 12.88 19.46
C LYS C 243 6.56 12.30 20.68
N ASN C 244 5.97 11.28 21.31
CA ASN C 244 6.56 10.55 22.46
C ASN C 244 6.92 11.54 23.57
N VAL C 245 5.95 12.39 23.95
CA VAL C 245 6.09 13.41 25.03
C VAL C 245 5.06 13.10 26.14
N LEU C 246 3.79 12.94 25.77
CA LEU C 246 2.65 12.90 26.72
C LEU C 246 2.72 11.66 27.61
N ASN C 247 3.28 10.54 27.11
CA ASN C 247 3.41 9.28 27.89
C ASN C 247 4.50 9.43 28.97
N ASN C 248 5.19 10.57 29.00
CA ASN C 248 6.22 10.91 30.02
C ASN C 248 5.62 11.79 31.13
N TRP C 249 4.29 11.99 31.14
CA TRP C 249 3.62 12.95 32.06
C TRP C 249 2.29 12.40 32.55
N PRO C 250 1.99 12.48 33.87
CA PRO C 250 0.67 12.16 34.40
C PRO C 250 -0.42 13.10 33.84
N ASP C 251 -1.69 12.73 34.04
CA ASP C 251 -2.87 13.45 33.51
C ASP C 251 -2.74 14.95 33.80
N ASN C 252 -2.47 15.33 35.06
CA ASN C 252 -2.45 16.74 35.53
C ASN C 252 -1.42 17.55 34.73
N ASP C 253 -0.22 16.99 34.52
CA ASP C 253 0.89 17.63 33.77
C ASP C 253 0.62 17.54 32.26
N ALA C 254 0.03 16.41 31.81
CA ALA C 254 -0.35 16.18 30.39
C ALA C 254 -1.39 17.21 29.95
N ILE C 255 -2.40 17.48 30.80
CA ILE C 255 -3.46 18.50 30.57
C ILE C 255 -2.82 19.89 30.47
N SER C 256 -1.85 20.20 31.35
CA SER C 256 -1.12 21.50 31.39
C SER C 256 -0.46 21.76 30.04
N ILE C 257 0.22 20.74 29.49
CA ILE C 257 0.96 20.81 28.19
C ILE C 257 -0.03 21.13 27.07
N LEU C 258 -1.17 20.43 27.03
CA LEU C 258 -2.21 20.56 25.99
C LEU C 258 -2.89 21.94 26.09
N LYS C 259 -3.06 22.48 27.30
CA LYS C 259 -3.63 23.83 27.54
C LYS C 259 -2.73 24.90 26.91
N ASN C 260 -1.42 24.81 27.15
CA ASN C 260 -0.39 25.70 26.55
C ASN C 260 -0.50 25.63 25.02
N CYS C 261 -0.72 24.43 24.47
CA CYS C 261 -0.87 24.18 23.01
C CYS C 261 -2.11 24.90 22.48
N ARG C 262 -3.28 24.70 23.12
CA ARG C 262 -4.55 25.37 22.73
C ARG C 262 -4.32 26.88 22.69
N GLU C 263 -3.78 27.44 23.77
CA GLU C 263 -3.54 28.89 23.95
C GLU C 263 -2.73 29.43 22.77
N ALA C 264 -1.71 28.69 22.34
CA ALA C 264 -0.77 29.04 21.25
C ALA C 264 -1.47 28.92 19.89
N MET C 265 -2.37 27.95 19.75
CA MET C 265 -3.05 27.59 18.47
C MET C 265 -4.19 28.57 18.18
N ASP C 266 -4.29 29.03 16.92
CA ASP C 266 -5.47 29.76 16.39
C ASP C 266 -6.47 28.73 15.86
N ASN C 267 -7.57 29.17 15.25
CA ASN C 267 -8.69 28.31 14.78
C ASN C 267 -8.27 27.50 13.55
N ASN C 268 -7.18 27.87 12.88
CA ASN C 268 -6.65 27.18 11.67
C ASN C 268 -5.54 26.18 12.05
N ALA C 269 -4.84 26.41 13.16
CA ALA C 269 -3.68 25.61 13.63
C ALA C 269 -4.10 24.16 13.93
N THR C 270 -3.14 23.23 13.81
CA THR C 270 -3.33 21.77 14.02
C THR C 270 -2.28 21.25 15.01
N LEU C 271 -2.68 20.36 15.92
CA LEU C 271 -1.78 19.66 16.88
C LEU C 271 -1.73 18.17 16.55
N LEU C 272 -0.53 17.65 16.23
CA LEU C 272 -0.28 16.21 16.00
C LEU C 272 0.29 15.58 17.28
N ILE C 273 -0.32 14.47 17.73
CA ILE C 273 0.23 13.60 18.80
C ILE C 273 0.61 12.25 18.17
N ILE C 274 1.92 12.01 18.05
CA ILE C 274 2.50 10.68 17.70
C ILE C 274 2.91 9.99 19.01
N THR C 275 2.31 8.84 19.33
CA THR C 275 2.42 8.17 20.65
C THR C 275 2.29 6.66 20.50
N LEU C 276 2.81 5.89 21.47
CA LEU C 276 2.52 4.46 21.65
C LEU C 276 1.10 4.32 22.24
N MET C 277 0.16 3.80 21.45
CA MET C 277 -1.25 3.62 21.86
C MET C 277 -1.36 2.39 22.76
N LYS C 278 -1.97 2.53 23.94
CA LYS C 278 -2.31 1.40 24.85
C LYS C 278 -3.45 0.61 24.22
N LYS C 279 -3.24 -0.70 24.03
CA LYS C 279 -4.20 -1.62 23.36
C LYS C 279 -4.40 -2.83 24.27
N PRO C 280 -5.58 -3.49 24.24
CA PRO C 280 -5.94 -4.50 25.24
C PRO C 280 -5.11 -5.80 25.21
N GLN C 281 -4.43 -6.11 24.10
CA GLN C 281 -3.80 -7.43 23.84
C GLN C 281 -2.27 -7.31 23.73
N SER C 282 -1.73 -6.14 23.38
CA SER C 282 -0.28 -5.93 23.07
C SER C 282 0.55 -5.97 24.36
N LEU C 283 1.56 -6.84 24.41
CA LEU C 283 2.52 -6.95 25.55
C LEU C 283 3.57 -5.84 25.45
N VAL C 284 4.03 -5.53 24.22
CA VAL C 284 5.08 -4.50 23.93
C VAL C 284 4.73 -3.21 24.68
N VAL C 285 3.48 -2.75 24.57
CA VAL C 285 2.99 -1.47 25.17
C VAL C 285 2.73 -1.67 26.67
N LYS C 286 2.32 -2.88 27.08
CA LYS C 286 2.02 -3.23 28.49
C LYS C 286 3.28 -3.11 29.36
N SER C 287 4.42 -3.58 28.85
CA SER C 287 5.75 -3.50 29.54
C SER C 287 6.19 -2.03 29.62
N VAL C 288 6.03 -1.28 28.54
CA VAL C 288 6.44 0.16 28.41
C VAL C 288 5.60 1.00 29.38
N ASP C 289 4.32 0.68 29.56
CA ASP C 289 3.39 1.39 30.47
C ASP C 289 3.95 1.40 31.91
N ILE C 290 4.54 0.29 32.35
CA ILE C 290 5.14 0.13 33.71
C ILE C 290 6.45 0.93 33.76
N LEU C 291 7.25 0.86 32.68
CA LEU C 291 8.52 1.61 32.52
C LEU C 291 8.25 3.11 32.61
N MET C 292 7.10 3.57 32.12
CA MET C 292 6.68 5.00 32.18
C MET C 292 6.32 5.37 33.62
N ASP C 293 5.73 4.43 34.38
CA ASP C 293 5.44 4.59 35.83
C ASP C 293 6.77 4.68 36.59
N MET C 294 7.72 3.80 36.26
CA MET C 294 9.01 3.66 36.97
C MET C 294 9.90 4.88 36.72
N LEU C 295 9.79 5.51 35.55
CA LEU C 295 10.70 6.61 35.09
C LEU C 295 10.06 7.98 35.38
N PHE C 296 8.76 8.15 35.16
CA PHE C 296 8.07 9.47 35.16
C PHE C 296 6.81 9.51 36.03
N SER C 297 6.39 8.38 36.63
CA SER C 297 5.08 8.19 37.30
C SER C 297 3.94 8.48 36.31
N ALA C 298 4.19 8.32 35.00
CA ALA C 298 3.24 8.60 33.90
C ALA C 298 2.61 7.28 33.45
N LYS C 299 2.10 7.21 32.21
CA LYS C 299 1.42 6.01 31.66
C LYS C 299 1.22 6.15 30.15
N GLN C 300 1.01 5.01 29.47
CA GLN C 300 0.42 4.93 28.11
C GLN C 300 -1.09 5.10 28.24
N ARG C 301 -1.76 5.61 27.20
CA ARG C 301 -3.19 6.02 27.26
C ARG C 301 -3.97 5.40 26.09
N TYR C 302 -5.24 5.05 26.33
CA TYR C 302 -6.25 4.69 25.29
C TYR C 302 -6.68 5.96 24.55
N LEU C 303 -7.42 5.80 23.45
CA LEU C 303 -7.93 6.92 22.61
C LEU C 303 -8.90 7.78 23.44
N SER C 304 -9.75 7.15 24.27
CA SER C 304 -10.72 7.84 25.17
C SER C 304 -9.96 8.68 26.21
N GLU C 305 -8.88 8.12 26.78
CA GLU C 305 -8.03 8.79 27.81
C GLU C 305 -7.41 10.06 27.20
N PHE C 306 -6.99 10.00 25.93
CA PHE C 306 -6.41 11.15 25.19
C PHE C 306 -7.48 12.22 24.97
N GLU C 307 -8.71 11.81 24.66
CA GLU C 307 -9.86 12.73 24.44
C GLU C 307 -10.19 13.46 25.75
N ASP C 308 -10.15 12.75 26.88
CA ASP C 308 -10.42 13.30 28.23
C ASP C 308 -9.47 14.48 28.49
N ILE C 309 -8.16 14.25 28.42
CA ILE C 309 -7.10 15.26 28.70
C ILE C 309 -7.14 16.35 27.62
N ALA C 310 -7.53 16.00 26.39
CA ALA C 310 -7.69 16.94 25.25
C ALA C 310 -8.91 17.83 25.48
N ASN C 311 -10.02 17.23 25.95
CA ASN C 311 -11.29 17.94 26.25
C ASN C 311 -11.05 18.96 27.37
N GLN C 312 -10.39 18.54 28.46
CA GLN C 312 -10.07 19.40 29.64
C GLN C 312 -9.15 20.56 29.21
N ALA C 313 -8.30 20.31 28.21
CA ALA C 313 -7.35 21.31 27.64
C ALA C 313 -8.07 22.22 26.63
N GLY C 314 -9.27 21.84 26.18
CA GLY C 314 -10.11 22.63 25.26
C GLY C 314 -9.86 22.28 23.80
N LEU C 315 -9.33 21.08 23.53
CA LEU C 315 -9.02 20.56 22.17
C LEU C 315 -10.02 19.47 21.80
N VAL C 316 -10.26 19.29 20.49
CA VAL C 316 -11.15 18.24 19.92
C VAL C 316 -10.32 17.38 18.96
N ILE C 317 -10.48 16.05 19.01
CA ILE C 317 -9.81 15.08 18.09
C ILE C 317 -10.57 15.09 16.76
N ARG C 318 -9.85 15.33 15.66
CA ARG C 318 -10.41 15.41 14.29
C ARG C 318 -10.08 14.12 13.51
N HIS C 319 -8.92 13.51 13.77
CA HIS C 319 -8.41 12.32 13.04
C HIS C 319 -7.51 11.49 13.97
N TYR C 320 -7.77 10.18 14.05
CA TYR C 320 -6.93 9.17 14.74
C TYR C 320 -6.65 8.02 13.77
N LYS C 321 -5.40 7.52 13.75
CA LYS C 321 -4.93 6.51 12.77
C LYS C 321 -3.68 5.81 13.34
N ASP C 322 -3.64 4.48 13.28
CA ASP C 322 -2.46 3.66 13.64
C ASP C 322 -1.45 3.76 12.48
N LEU C 323 -0.19 4.07 12.79
CA LEU C 323 0.92 4.17 11.80
C LEU C 323 1.48 2.76 11.55
N ASP C 324 1.71 1.99 12.62
CA ASP C 324 2.08 0.56 12.58
C ASP C 324 1.43 -0.14 13.79
N GLU C 325 2.02 -1.24 14.27
CA GLU C 325 1.43 -2.14 15.28
C GLU C 325 1.49 -1.49 16.68
N ILE C 326 2.42 -0.56 16.90
CA ILE C 326 2.71 0.04 18.24
C ILE C 326 2.37 1.54 18.24
N PHE C 327 2.80 2.29 17.22
CA PHE C 327 2.65 3.77 17.12
C PHE C 327 1.31 4.13 16.49
N SER C 328 0.80 5.32 16.82
CA SER C 328 -0.47 5.89 16.29
C SER C 328 -0.34 7.42 16.15
N LEU C 329 -1.28 8.03 15.46
CA LEU C 329 -1.32 9.48 15.12
C LEU C 329 -2.68 10.05 15.54
N ILE C 330 -2.68 11.19 16.23
CA ILE C 330 -3.92 11.92 16.66
C ILE C 330 -3.83 13.38 16.19
N GLU C 331 -4.80 13.81 15.37
CA GLU C 331 -5.01 15.22 14.94
C GLU C 331 -5.99 15.90 15.90
N LEU C 332 -5.55 16.98 16.56
CA LEU C 332 -6.42 17.81 17.43
C LEU C 332 -6.47 19.24 16.87
N LYS C 333 -7.59 19.92 17.10
CA LYS C 333 -7.84 21.32 16.68
C LYS C 333 -8.57 22.03 17.83
N VAL C 334 -8.38 23.35 17.96
CA VAL C 334 -9.05 24.19 18.99
C VAL C 334 -10.49 24.38 18.55
N LYS C 335 -11.44 23.78 19.29
CA LYS C 335 -12.91 23.98 19.11
C LYS C 335 -13.60 23.89 20.48
N SER D 18 31.96 -48.46 -28.30
CA SER D 18 30.58 -48.19 -28.80
C SER D 18 29.87 -47.19 -27.87
N MET D 19 29.25 -46.17 -28.46
CA MET D 19 28.53 -45.07 -27.74
C MET D 19 27.29 -45.62 -27.05
N LEU D 20 26.49 -46.42 -27.77
CA LEU D 20 25.13 -46.86 -27.35
C LEU D 20 25.22 -47.72 -26.09
N ILE D 21 26.05 -48.78 -26.13
CA ILE D 21 26.21 -49.75 -25.01
C ILE D 21 26.69 -49.02 -23.75
N ASP D 22 27.55 -47.99 -23.91
CA ASP D 22 28.07 -47.16 -22.79
C ASP D 22 26.90 -46.48 -22.07
N LEU D 23 25.94 -45.92 -22.84
CA LEU D 23 24.75 -45.21 -22.31
C LEU D 23 23.83 -46.19 -21.57
N ILE D 24 23.64 -47.39 -22.13
CA ILE D 24 22.72 -48.44 -21.58
C ILE D 24 23.29 -48.98 -20.26
N THR D 25 24.62 -49.04 -20.12
CA THR D 25 25.34 -49.59 -18.95
C THR D 25 25.81 -48.46 -18.02
N SER D 26 25.53 -47.20 -18.36
CA SER D 26 25.99 -46.00 -17.60
C SER D 26 25.25 -45.87 -16.27
N TYR D 27 24.06 -46.48 -16.14
CA TYR D 27 23.23 -46.49 -14.91
C TYR D 27 23.97 -47.25 -13.79
N ARG D 28 24.88 -48.14 -14.16
CA ARG D 28 25.73 -48.92 -13.21
C ARG D 28 26.68 -47.96 -12.48
N LYS D 29 27.23 -46.98 -13.20
CA LYS D 29 28.15 -45.94 -12.63
C LYS D 29 27.39 -45.16 -11.55
N THR D 30 26.13 -44.83 -11.82
CA THR D 30 25.19 -44.17 -10.87
C THR D 30 24.97 -45.10 -9.65
N ALA D 31 24.71 -46.38 -9.91
CA ALA D 31 24.37 -47.41 -8.90
C ALA D 31 25.55 -47.58 -7.92
N ALA D 32 26.78 -47.50 -8.44
CA ALA D 32 28.04 -47.61 -7.66
C ALA D 32 28.25 -46.36 -6.82
N ILE D 33 28.07 -45.17 -7.41
CA ILE D 33 28.19 -43.85 -6.72
C ILE D 33 27.12 -43.77 -5.62
N TYR D 34 25.93 -44.33 -5.87
CA TYR D 34 24.82 -44.44 -4.89
C TYR D 34 25.25 -45.33 -3.71
N THR D 35 25.73 -46.53 -4.01
CA THR D 35 26.22 -47.53 -3.02
C THR D 35 27.23 -46.86 -2.07
N PHE D 36 28.24 -46.20 -2.65
CA PHE D 36 29.36 -45.53 -1.94
C PHE D 36 28.81 -44.47 -0.97
N VAL D 37 27.78 -43.74 -1.40
CA VAL D 37 27.13 -42.65 -0.59
C VAL D 37 26.15 -43.28 0.41
N ASP D 38 25.30 -44.21 -0.03
CA ASP D 38 24.18 -44.78 0.77
C ASP D 38 24.71 -45.60 1.95
N ALA D 39 25.87 -46.25 1.79
CA ALA D 39 26.52 -47.09 2.82
C ALA D 39 27.29 -46.23 3.83
N GLY D 40 27.38 -44.92 3.60
CA GLY D 40 27.98 -43.94 4.53
C GLY D 40 29.50 -43.88 4.43
N LEU D 41 30.07 -44.38 3.34
CA LEU D 41 31.54 -44.49 3.14
C LEU D 41 32.11 -43.11 2.76
N SER D 42 31.43 -42.39 1.85
CA SER D 42 31.91 -41.15 1.20
C SER D 42 32.22 -40.05 2.24
N ILE D 43 31.68 -40.17 3.45
CA ILE D 43 31.92 -39.21 4.59
C ILE D 43 33.41 -39.22 4.98
N HIS D 44 34.11 -40.34 4.74
CA HIS D 44 35.50 -40.60 5.24
C HIS D 44 36.57 -40.12 4.24
N PHE D 45 36.20 -39.32 3.25
CA PHE D 45 37.11 -38.89 2.13
C PHE D 45 37.15 -37.36 2.04
N LYS D 46 37.10 -36.67 3.18
CA LYS D 46 37.07 -35.19 3.26
C LYS D 46 38.50 -34.63 3.11
N ASN D 47 38.63 -33.45 2.49
CA ASN D 47 39.87 -32.65 2.38
C ASN D 47 40.90 -33.42 1.54
N GLY D 48 40.43 -34.14 0.51
CA GLY D 48 41.26 -34.90 -0.45
C GLY D 48 42.17 -35.91 0.23
N ASP D 49 41.68 -36.55 1.30
CA ASP D 49 42.47 -37.49 2.15
C ASP D 49 42.42 -38.89 1.53
N TYR D 50 43.49 -39.68 1.73
CA TYR D 50 43.64 -41.08 1.23
C TYR D 50 43.26 -42.05 2.36
N VAL D 51 42.49 -43.10 2.03
CA VAL D 51 41.83 -44.02 2.99
C VAL D 51 42.30 -45.45 2.73
N ASP D 52 42.76 -46.14 3.78
CA ASP D 52 43.10 -47.59 3.75
C ASP D 52 41.79 -48.38 3.72
N ILE D 53 41.65 -49.31 2.75
CA ILE D 53 40.39 -50.07 2.48
C ILE D 53 40.16 -51.09 3.60
N ASN D 54 41.23 -51.69 4.13
CA ASN D 54 41.17 -52.74 5.20
C ASN D 54 40.59 -52.14 6.48
N LYS D 55 41.01 -50.92 6.85
CA LYS D 55 40.57 -50.21 8.08
C LYS D 55 39.12 -49.73 7.92
N LEU D 56 38.75 -49.26 6.73
CA LEU D 56 37.38 -48.79 6.40
C LEU D 56 36.42 -49.98 6.35
N ALA D 57 36.89 -51.13 5.84
CA ALA D 57 36.16 -52.41 5.79
C ALA D 57 35.85 -52.88 7.23
N SER D 58 36.86 -52.84 8.11
CA SER D 58 36.77 -53.27 9.53
C SER D 58 35.82 -52.35 10.31
N GLN D 59 35.95 -51.03 10.16
CA GLN D 59 35.17 -50.00 10.90
C GLN D 59 33.66 -50.25 10.71
N TYR D 60 33.23 -50.48 9.46
CA TYR D 60 31.79 -50.64 9.07
C TYR D 60 31.43 -52.13 8.95
N GLY D 61 32.39 -53.02 9.20
CA GLY D 61 32.20 -54.48 9.19
C GLY D 61 31.85 -55.01 7.81
N ILE D 62 32.31 -54.30 6.76
CA ILE D 62 32.14 -54.70 5.33
C ILE D 62 33.25 -55.68 4.96
N ASP D 63 32.94 -56.68 4.13
CA ASP D 63 33.93 -57.63 3.56
C ASP D 63 34.94 -56.82 2.74
N TYR D 64 36.21 -56.83 3.14
CA TYR D 64 37.33 -56.08 2.47
C TYR D 64 37.31 -56.36 0.97
N SER D 65 37.17 -57.64 0.60
CA SER D 65 37.19 -58.14 -0.80
C SER D 65 36.13 -57.40 -1.64
N ARG D 66 34.90 -57.33 -1.13
CA ARG D 66 33.73 -56.71 -1.81
C ARG D 66 33.95 -55.19 -1.94
N LEU D 67 34.42 -54.53 -0.88
CA LEU D 67 34.66 -53.06 -0.81
C LEU D 67 35.80 -52.67 -1.77
N ASN D 68 36.82 -53.53 -1.87
CA ASN D 68 38.01 -53.31 -2.73
C ASN D 68 37.59 -53.37 -4.21
N ARG D 69 36.75 -54.35 -4.56
CA ARG D 69 36.22 -54.54 -5.94
C ARG D 69 35.31 -53.37 -6.33
N LEU D 70 34.54 -52.83 -5.38
CA LEU D 70 33.68 -51.64 -5.58
C LEU D 70 34.56 -50.41 -5.82
N CYS D 71 35.61 -50.25 -5.01
CA CYS D 71 36.62 -49.15 -5.11
C CYS D 71 37.35 -49.25 -6.46
N ASP D 72 37.68 -50.47 -6.90
CA ASP D 72 38.32 -50.74 -8.22
C ASP D 72 37.47 -50.10 -9.34
N PHE D 73 36.17 -50.37 -9.33
CA PHE D 73 35.20 -49.87 -10.33
C PHE D 73 35.05 -48.33 -10.21
N LEU D 74 35.13 -47.81 -8.99
CA LEU D 74 35.06 -46.34 -8.71
C LEU D 74 36.35 -45.65 -9.18
N ILE D 75 37.47 -46.38 -9.21
CA ILE D 75 38.76 -45.89 -9.78
C ILE D 75 38.64 -45.81 -11.31
N GLU D 76 38.03 -46.82 -11.93
CA GLU D 76 37.89 -46.97 -13.41
C GLU D 76 37.06 -45.82 -13.99
N ILE D 77 35.99 -45.41 -13.29
CA ILE D 77 35.01 -44.37 -13.76
C ILE D 77 35.49 -42.97 -13.34
N GLY D 78 36.52 -42.87 -12.50
CA GLY D 78 37.24 -41.62 -12.19
C GLY D 78 36.75 -40.96 -10.91
N VAL D 79 35.95 -41.65 -10.10
CA VAL D 79 35.40 -41.13 -8.81
C VAL D 79 36.51 -41.19 -7.75
N LEU D 80 37.28 -42.28 -7.71
CA LEU D 80 38.41 -42.49 -6.77
C LEU D 80 39.73 -42.50 -7.55
N VAL D 81 40.85 -42.28 -6.86
CA VAL D 81 42.25 -42.40 -7.39
C VAL D 81 43.05 -43.27 -6.41
N SER D 82 43.83 -44.22 -6.94
CA SER D 82 44.57 -45.26 -6.17
C SER D 82 46.00 -44.76 -5.85
N SER D 83 46.60 -45.35 -4.82
CA SER D 83 47.99 -45.06 -4.35
C SER D 83 48.49 -46.21 -3.45
N ASP D 84 49.74 -46.14 -3.00
CA ASP D 84 50.35 -47.08 -2.02
C ASP D 84 49.79 -46.75 -0.62
N HIS D 85 49.25 -45.55 -0.43
CA HIS D 85 48.58 -45.07 0.81
C HIS D 85 47.24 -45.78 0.97
N GLY D 86 46.42 -45.73 -0.08
CA GLY D 86 45.07 -46.33 -0.13
C GLY D 86 44.31 -45.84 -1.36
N VAL D 87 43.14 -45.22 -1.16
CA VAL D 87 42.35 -44.55 -2.23
C VAL D 87 41.76 -43.25 -1.68
N ALA D 88 41.57 -42.25 -2.55
CA ALA D 88 40.96 -40.93 -2.25
C ALA D 88 40.00 -40.55 -3.37
N LEU D 89 39.04 -39.66 -3.09
CA LEU D 89 38.16 -39.05 -4.11
C LEU D 89 39.01 -38.17 -5.04
N SER D 90 38.72 -38.20 -6.35
CA SER D 90 39.34 -37.32 -7.37
C SER D 90 38.94 -35.86 -7.09
N GLU D 91 39.67 -34.90 -7.66
CA GLU D 91 39.45 -33.45 -7.45
C GLU D 91 38.09 -33.04 -8.03
N GLU D 92 37.62 -33.73 -9.07
CA GLU D 92 36.36 -33.42 -9.79
C GLU D 92 35.17 -34.13 -9.14
N CYS D 93 35.42 -35.09 -8.23
CA CYS D 93 34.38 -35.85 -7.48
C CYS D 93 34.59 -35.64 -5.97
N SER D 94 35.02 -34.45 -5.55
CA SER D 94 35.29 -34.07 -4.14
C SER D 94 33.98 -33.91 -3.37
N ALA D 95 32.90 -33.52 -4.07
CA ALA D 95 31.58 -33.14 -3.50
C ALA D 95 30.97 -34.28 -2.67
N LEU D 96 31.25 -35.54 -3.04
CA LEU D 96 30.74 -36.75 -2.34
C LEU D 96 31.21 -36.76 -0.88
N ALA D 97 32.26 -36.00 -0.55
CA ALA D 97 32.85 -35.86 0.80
C ALA D 97 31.82 -35.29 1.78
N ASP D 98 31.29 -34.10 1.52
CA ASP D 98 30.43 -33.33 2.46
C ASP D 98 28.95 -33.57 2.12
N PRO D 99 28.09 -33.81 3.14
CA PRO D 99 26.65 -34.01 2.91
C PRO D 99 25.91 -32.81 2.28
N ASN D 100 26.40 -31.58 2.51
CA ASN D 100 25.80 -30.33 1.97
C ASN D 100 26.49 -29.96 0.65
N SER D 101 26.25 -30.75 -0.39
CA SER D 101 26.65 -30.49 -1.80
C SER D 101 25.52 -30.91 -2.74
N VAL D 102 25.36 -30.23 -3.87
CA VAL D 102 24.28 -30.51 -4.87
C VAL D 102 24.38 -31.99 -5.29
N GLU D 103 25.59 -32.49 -5.55
CA GLU D 103 25.84 -33.86 -6.08
C GLU D 103 25.38 -34.89 -5.03
N PHE D 104 25.88 -34.77 -3.80
CA PHE D 104 25.56 -35.69 -2.67
C PHE D 104 24.04 -35.73 -2.48
N LEU D 105 23.42 -34.55 -2.40
CA LEU D 105 21.96 -34.37 -2.12
C LEU D 105 21.13 -34.91 -3.29
N THR D 106 21.65 -34.84 -4.52
CA THR D 106 21.00 -35.39 -5.75
C THR D 106 20.94 -36.92 -5.64
N VAL D 107 21.98 -37.56 -5.10
CA VAL D 107 22.07 -39.04 -4.94
C VAL D 107 21.05 -39.47 -3.88
N LYS D 108 21.01 -38.77 -2.74
CA LYS D 108 20.07 -39.03 -1.62
C LYS D 108 18.62 -38.85 -2.09
N TYR D 109 18.36 -37.84 -2.93
CA TYR D 109 16.99 -37.48 -3.41
C TYR D 109 16.53 -38.45 -4.49
N GLU D 110 17.36 -38.67 -5.51
CA GLU D 110 16.93 -39.22 -6.82
C GLU D 110 17.15 -40.74 -6.90
N ILE D 111 18.28 -41.25 -6.37
CA ILE D 111 18.66 -42.69 -6.53
C ILE D 111 17.97 -43.50 -5.43
N ASN D 112 16.77 -44.00 -5.73
CA ASN D 112 15.90 -44.76 -4.80
C ASN D 112 14.71 -45.34 -5.60
N SER D 113 13.85 -46.13 -4.95
CA SER D 113 12.69 -46.81 -5.56
C SER D 113 11.72 -45.77 -6.15
N GLU D 114 11.51 -44.65 -5.45
CA GLU D 114 10.53 -43.60 -5.81
C GLU D 114 10.72 -43.18 -7.28
N HIS D 115 11.97 -43.02 -7.72
CA HIS D 115 12.34 -42.56 -9.09
C HIS D 115 12.54 -43.76 -10.03
N TRP D 116 13.26 -44.79 -9.56
CA TRP D 116 13.74 -45.94 -10.39
C TRP D 116 12.58 -46.89 -10.74
N ASP D 117 11.71 -47.20 -9.78
CA ASP D 117 10.53 -48.08 -10.00
C ASP D 117 9.53 -47.33 -10.90
N SER D 118 9.53 -46.00 -10.84
CA SER D 118 8.64 -45.10 -11.63
C SER D 118 9.15 -45.00 -13.07
N TRP D 119 10.47 -44.82 -13.24
CA TRP D 119 11.15 -44.79 -14.57
C TRP D 119 10.81 -46.06 -15.36
N LEU D 120 10.76 -47.22 -14.70
CA LEU D 120 10.44 -48.53 -15.33
C LEU D 120 8.98 -48.56 -15.81
N MET D 121 8.11 -47.73 -15.22
CA MET D 121 6.66 -47.62 -15.53
C MET D 121 6.41 -46.53 -16.57
N TYR D 122 7.42 -45.71 -16.88
CA TYR D 122 7.33 -44.54 -17.82
C TYR D 122 6.84 -44.99 -19.19
N PRO D 123 7.32 -46.12 -19.78
CA PRO D 123 6.85 -46.56 -21.08
C PRO D 123 5.38 -47.00 -21.06
N LYS D 124 4.90 -47.56 -19.95
CA LYS D 124 3.49 -47.99 -19.75
C LYS D 124 2.60 -46.74 -19.62
N SER D 125 3.11 -45.65 -19.04
CA SER D 125 2.37 -44.38 -18.82
C SER D 125 2.19 -43.64 -20.16
N LEU D 126 3.20 -43.69 -21.04
CA LEU D 126 3.13 -43.15 -22.43
C LEU D 126 2.06 -43.89 -23.22
N LEU D 127 2.11 -45.23 -23.21
CA LEU D 127 1.18 -46.13 -23.95
C LEU D 127 -0.26 -45.94 -23.44
N GLU D 128 -0.42 -45.82 -22.11
CA GLU D 128 -1.72 -45.60 -21.43
C GLU D 128 -1.97 -44.09 -21.31
N ASN D 129 -2.40 -43.46 -22.40
CA ASN D 129 -2.63 -41.99 -22.49
C ASN D 129 -3.79 -41.62 -21.56
N ASN D 130 -3.48 -41.39 -20.27
CA ASN D 130 -4.43 -40.98 -19.22
C ASN D 130 -3.76 -39.94 -18.31
N GLY D 131 -4.49 -39.40 -17.33
CA GLY D 131 -4.02 -38.36 -16.41
C GLY D 131 -2.87 -38.82 -15.53
N LYS D 132 -2.86 -40.11 -15.17
CA LYS D 132 -1.90 -40.69 -14.18
C LYS D 132 -0.48 -40.70 -14.77
N SER D 133 0.48 -40.11 -14.04
CA SER D 133 1.93 -40.12 -14.35
C SER D 133 2.53 -41.46 -13.92
N ALA D 134 3.77 -41.73 -14.36
CA ALA D 134 4.50 -42.99 -14.09
C ALA D 134 4.63 -43.22 -12.58
N PHE D 135 4.89 -42.16 -11.81
CA PHE D 135 5.01 -42.17 -10.34
C PHE D 135 3.68 -42.59 -9.71
N GLU D 136 2.58 -41.94 -10.14
CA GLU D 136 1.20 -42.16 -9.61
C GLU D 136 0.79 -43.62 -9.82
N MET D 137 1.14 -44.20 -10.97
CA MET D 137 0.82 -45.63 -11.34
C MET D 137 1.48 -46.58 -10.32
N VAL D 138 2.70 -46.27 -9.91
CA VAL D 138 3.53 -47.14 -9.01
C VAL D 138 3.06 -46.97 -7.56
N HIS D 139 2.95 -45.72 -7.09
CA HIS D 139 2.77 -45.36 -5.67
C HIS D 139 1.28 -45.15 -5.32
N GLY D 140 0.40 -45.02 -6.32
CA GLY D 140 -1.04 -44.80 -6.14
C GLY D 140 -1.37 -43.32 -6.01
N LYS D 141 -0.64 -42.60 -5.13
CA LYS D 141 -0.81 -41.15 -4.85
C LYS D 141 0.24 -40.36 -5.63
N SER D 142 0.10 -39.03 -5.65
CA SER D 142 1.03 -38.07 -6.33
C SER D 142 2.37 -38.03 -5.58
N PHE D 143 3.37 -37.37 -6.17
CA PHE D 143 4.75 -37.24 -5.64
C PHE D 143 4.72 -36.55 -4.28
N PHE D 144 4.05 -35.40 -4.18
CA PHE D 144 4.00 -34.55 -2.96
C PHE D 144 3.15 -35.22 -1.88
N GLU D 145 2.14 -36.00 -2.28
CA GLU D 145 1.27 -36.80 -1.37
C GLU D 145 2.08 -37.92 -0.72
N HIS D 146 3.08 -38.45 -1.43
CA HIS D 146 4.00 -39.52 -0.96
C HIS D 146 5.07 -38.94 -0.02
N LEU D 147 5.48 -37.68 -0.24
CA LEU D 147 6.49 -36.98 0.59
C LEU D 147 5.92 -36.69 1.99
N ASP D 148 4.62 -36.41 2.08
CA ASP D 148 3.89 -36.19 3.36
C ASP D 148 4.09 -37.41 4.27
N SER D 149 4.11 -38.62 3.70
CA SER D 149 4.27 -39.91 4.43
C SER D 149 5.74 -40.16 4.79
N ASN D 150 6.68 -39.77 3.92
CA ASN D 150 8.13 -40.07 4.04
C ASN D 150 8.90 -38.79 4.36
N LYS D 151 9.22 -38.58 5.63
CA LYS D 151 9.85 -37.34 6.18
C LYS D 151 11.30 -37.24 5.69
N GLY D 152 12.00 -38.38 5.62
CA GLY D 152 13.42 -38.47 5.20
C GLY D 152 13.63 -37.99 3.77
N LEU D 153 12.82 -38.49 2.83
CA LEU D 153 12.88 -38.12 1.39
C LEU D 153 12.50 -36.64 1.23
N LYS D 154 11.57 -36.14 2.05
CA LYS D 154 11.08 -34.74 2.00
C LYS D 154 12.20 -33.80 2.49
N SER D 155 12.84 -34.14 3.62
CA SER D 155 13.97 -33.37 4.21
C SER D 155 15.13 -33.32 3.23
N ASP D 156 15.37 -34.43 2.51
CA ASP D 156 16.39 -34.55 1.44
C ASP D 156 16.01 -33.65 0.26
N PHE D 157 14.73 -33.65 -0.13
CA PHE D 157 14.18 -32.85 -1.26
C PHE D 157 14.30 -31.36 -0.93
N ASP D 158 13.92 -30.95 0.28
CA ASP D 158 14.00 -29.55 0.79
C ASP D 158 15.47 -29.09 0.76
N ALA D 159 16.40 -29.98 1.12
CA ALA D 159 17.86 -29.72 1.21
C ALA D 159 18.42 -29.48 -0.20
N LEU D 160 18.09 -30.35 -1.16
CA LEU D 160 18.53 -30.27 -2.58
C LEU D 160 18.04 -28.95 -3.19
N MET D 161 16.77 -28.61 -2.98
CA MET D 161 16.11 -27.40 -3.53
C MET D 161 16.76 -26.14 -2.93
N SER D 162 17.22 -26.21 -1.67
CA SER D 162 17.94 -25.11 -0.96
C SER D 162 19.23 -24.77 -1.71
N LYS D 163 19.94 -25.79 -2.23
CA LYS D 163 21.20 -25.63 -2.99
C LYS D 163 20.93 -24.87 -4.30
N TYR D 164 19.79 -25.16 -4.96
CA TYR D 164 19.36 -24.52 -6.23
C TYR D 164 18.88 -23.10 -5.95
N THR D 165 18.46 -22.80 -4.71
CA THR D 165 18.06 -21.44 -4.24
C THR D 165 19.33 -20.59 -4.03
N ASN D 166 20.36 -21.15 -3.41
CA ASN D 166 21.62 -20.44 -3.03
C ASN D 166 22.50 -20.19 -4.27
N LYS D 167 22.30 -20.97 -5.34
CA LYS D 167 23.00 -20.78 -6.64
C LYS D 167 22.41 -19.57 -7.39
N ILE D 168 21.25 -19.08 -6.95
CA ILE D 168 20.45 -18.02 -7.63
C ILE D 168 20.48 -16.71 -6.81
N ILE D 169 20.54 -16.81 -5.48
CA ILE D 169 20.19 -15.72 -4.53
C ILE D 169 20.95 -14.43 -4.88
N LYS D 170 22.27 -14.49 -5.07
CA LYS D 170 23.13 -13.27 -5.15
C LYS D 170 22.74 -12.45 -6.39
N GLU D 171 22.63 -13.11 -7.56
CA GLU D 171 22.25 -12.46 -8.85
C GLU D 171 20.79 -11.97 -8.78
N LEU D 172 19.90 -12.76 -8.17
CA LEU D 172 18.45 -12.46 -8.04
C LEU D 172 18.24 -11.10 -7.37
N LEU D 173 19.08 -10.77 -6.37
CA LEU D 173 19.02 -9.51 -5.58
C LEU D 173 19.54 -8.34 -6.42
N VAL D 174 20.56 -8.57 -7.26
CA VAL D 174 21.19 -7.55 -8.14
C VAL D 174 20.22 -7.20 -9.28
N ILE D 175 19.52 -8.20 -9.82
CA ILE D 175 18.63 -8.06 -11.01
C ILE D 175 17.29 -7.44 -10.57
N TYR D 176 16.64 -8.01 -9.54
CA TYR D 176 15.30 -7.57 -9.05
C TYR D 176 15.44 -6.83 -7.72
N ASP D 177 14.91 -5.60 -7.67
CA ASP D 177 14.89 -4.72 -6.47
C ASP D 177 13.66 -5.07 -5.61
N PHE D 178 13.86 -5.83 -4.54
CA PHE D 178 12.79 -6.32 -3.62
C PHE D 178 12.39 -5.23 -2.63
N ASP D 179 13.22 -4.18 -2.48
CA ASP D 179 13.03 -3.09 -1.48
C ASP D 179 11.81 -2.24 -1.85
N LYS D 180 11.43 -2.20 -3.14
CA LYS D 180 10.29 -1.39 -3.65
C LYS D 180 8.96 -1.94 -3.12
N HIS D 181 8.89 -3.24 -2.83
CA HIS D 181 7.66 -3.95 -2.36
C HIS D 181 7.49 -3.78 -0.85
N ASN D 182 6.35 -4.25 -0.31
CA ASN D 182 5.99 -4.15 1.13
C ASN D 182 5.64 -5.54 1.67
N ARG D 183 4.67 -6.22 1.05
CA ARG D 183 4.20 -7.59 1.41
C ARG D 183 4.62 -8.56 0.30
N ILE D 184 5.28 -9.67 0.66
CA ILE D 184 5.77 -10.72 -0.27
C ILE D 184 5.17 -12.07 0.13
N LEU D 185 4.63 -12.81 -0.85
CA LEU D 185 4.07 -14.18 -0.67
C LEU D 185 4.78 -15.15 -1.64
N ASP D 186 5.48 -16.15 -1.10
CA ASP D 186 6.16 -17.22 -1.87
C ASP D 186 5.21 -18.43 -1.96
N LEU D 187 4.46 -18.54 -3.06
CA LEU D 187 3.54 -19.67 -3.33
C LEU D 187 4.37 -20.94 -3.59
N GLY D 188 4.20 -21.96 -2.75
CA GLY D 188 4.97 -23.23 -2.80
C GLY D 188 6.45 -23.01 -2.54
N GLY D 189 6.78 -22.35 -1.42
CA GLY D 189 8.16 -21.99 -1.04
C GLY D 189 8.78 -22.96 -0.05
N GLY D 190 8.18 -24.14 0.16
CA GLY D 190 8.65 -25.20 1.07
C GLY D 190 9.21 -24.63 2.36
N ASP D 191 10.40 -25.07 2.78
CA ASP D 191 11.25 -24.36 3.77
C ASP D 191 11.69 -23.04 3.12
N GLY D 192 11.27 -21.90 3.67
CA GLY D 192 11.30 -20.59 2.99
C GLY D 192 12.71 -20.05 2.81
N GLU D 193 13.62 -20.85 2.24
CA GLU D 193 15.06 -20.49 2.02
C GLU D 193 15.13 -19.20 1.20
N LEU D 194 14.34 -19.12 0.12
CA LEU D 194 14.27 -17.95 -0.79
C LEU D 194 14.00 -16.69 0.04
N LEU D 195 12.94 -16.70 0.86
CA LEU D 195 12.50 -15.54 1.67
C LEU D 195 13.44 -15.33 2.87
N ILE D 196 13.97 -16.43 3.43
CA ILE D 196 14.99 -16.41 4.52
C ILE D 196 16.23 -15.67 4.01
N ARG D 197 16.67 -15.96 2.79
CA ARG D 197 17.92 -15.41 2.19
C ARG D 197 17.68 -14.00 1.65
N ILE D 198 16.46 -13.70 1.18
CA ILE D 198 16.05 -12.33 0.74
C ILE D 198 15.93 -11.43 1.98
N SER D 199 15.39 -11.97 3.08
CA SER D 199 15.14 -11.23 4.35
C SER D 199 16.46 -10.80 5.00
N GLU D 200 17.56 -11.51 4.75
CA GLU D 200 18.92 -11.20 5.26
C GLU D 200 19.36 -9.82 4.73
N GLN D 201 19.37 -9.65 3.40
CA GLN D 201 19.85 -8.42 2.71
C GLN D 201 18.78 -7.33 2.78
N VAL D 202 17.52 -7.68 2.44
CA VAL D 202 16.36 -6.74 2.40
C VAL D 202 15.53 -6.96 3.67
N LYS D 203 15.69 -6.07 4.67
CA LYS D 203 15.04 -6.16 6.00
C LYS D 203 13.81 -5.22 6.04
N GLY D 204 12.95 -5.39 7.05
CA GLY D 204 11.81 -4.51 7.33
C GLY D 204 10.68 -4.65 6.32
N LYS D 205 10.39 -5.90 5.91
CA LYS D 205 9.28 -6.23 4.98
C LYS D 205 8.49 -7.42 5.53
N ASP D 206 7.26 -7.60 5.06
CA ASP D 206 6.30 -8.66 5.50
C ASP D 206 6.44 -9.86 4.56
N TYR D 207 7.25 -10.85 4.95
CA TYR D 207 7.56 -12.08 4.16
C TYR D 207 6.64 -13.22 4.62
N THR D 208 5.96 -13.87 3.67
CA THR D 208 5.00 -14.98 3.93
C THR D 208 5.26 -16.14 2.96
N VAL D 209 5.30 -17.37 3.47
CA VAL D 209 5.52 -18.62 2.67
C VAL D 209 4.25 -19.47 2.75
N LEU D 210 3.54 -19.62 1.62
CA LEU D 210 2.37 -20.53 1.48
C LEU D 210 2.85 -21.85 0.88
N ASP D 211 2.49 -22.98 1.51
CA ASP D 211 2.86 -24.35 1.07
C ASP D 211 2.10 -25.37 1.91
N ARG D 212 1.93 -26.59 1.39
CA ARG D 212 1.40 -27.76 2.13
C ARG D 212 2.44 -28.19 3.18
N TYR D 213 2.11 -28.03 4.46
CA TYR D 213 2.93 -28.48 5.62
C TYR D 213 2.08 -29.42 6.48
N ASN D 214 2.70 -30.48 6.99
CA ASN D 214 2.14 -31.31 8.10
C ASN D 214 2.37 -30.54 9.41
N GLU D 215 3.61 -30.05 9.61
CA GLU D 215 4.03 -29.17 10.72
C GLU D 215 4.64 -27.90 10.13
N VAL D 216 4.14 -26.72 10.52
CA VAL D 216 4.59 -25.38 10.05
C VAL D 216 6.04 -25.16 10.50
N PRO D 217 6.97 -24.77 9.59
CA PRO D 217 8.32 -24.37 9.97
C PRO D 217 8.34 -23.02 10.71
N ILE D 218 9.42 -22.73 11.44
CA ILE D 218 9.63 -21.47 12.19
C ILE D 218 10.97 -20.84 11.75
N SER D 219 10.96 -19.51 11.55
CA SER D 219 12.14 -18.67 11.24
C SER D 219 11.76 -17.20 11.49
N GLU D 220 12.52 -16.48 12.33
CA GLU D 220 12.22 -15.10 12.79
C GLU D 220 12.04 -14.18 11.57
N GLY D 221 10.96 -13.38 11.58
CA GLY D 221 10.60 -12.45 10.49
C GLY D 221 9.69 -13.09 9.46
N ILE D 222 9.87 -14.40 9.21
CA ILE D 222 9.17 -15.17 8.14
C ILE D 222 7.89 -15.79 8.72
N ASN D 223 6.73 -15.43 8.17
CA ASN D 223 5.43 -16.09 8.44
C ASN D 223 5.30 -17.29 7.50
N PHE D 224 4.68 -18.38 7.99
CA PHE D 224 4.50 -19.65 7.26
C PHE D 224 3.01 -20.03 7.26
N ILE D 225 2.34 -19.78 6.12
CA ILE D 225 0.91 -20.14 5.89
C ILE D 225 0.84 -21.60 5.45
N LYS D 226 -0.21 -22.31 5.89
CA LYS D 226 -0.50 -23.72 5.56
C LYS D 226 -1.71 -23.76 4.62
N GLY D 227 -1.49 -23.56 3.32
CA GLY D 227 -2.55 -23.39 2.31
C GLY D 227 -2.30 -24.21 1.05
N ASP D 228 -3.10 -23.96 0.01
CA ASP D 228 -3.07 -24.64 -1.31
C ASP D 228 -3.27 -23.57 -2.40
N PHE D 229 -2.36 -23.48 -3.38
CA PHE D 229 -2.37 -22.43 -4.42
C PHE D 229 -3.38 -22.78 -5.53
N PHE D 230 -4.02 -23.95 -5.45
CA PHE D 230 -5.22 -24.31 -6.26
C PHE D 230 -6.46 -23.62 -5.67
N LYS D 231 -6.50 -23.48 -4.33
CA LYS D 231 -7.56 -22.76 -3.59
C LYS D 231 -7.35 -21.25 -3.76
N PRO D 232 -8.37 -20.40 -3.47
CA PRO D 232 -8.21 -18.94 -3.55
C PRO D 232 -6.97 -18.45 -2.78
N ILE D 233 -6.10 -17.71 -3.46
CA ILE D 233 -4.81 -17.17 -2.93
C ILE D 233 -5.12 -15.90 -2.12
N PRO D 234 -4.48 -15.71 -0.94
CA PRO D 234 -4.71 -14.51 -0.13
C PRO D 234 -4.35 -13.21 -0.88
N THR D 235 -5.23 -12.21 -0.80
CA THR D 235 -5.09 -10.87 -1.44
C THR D 235 -4.27 -9.95 -0.52
N GLY D 236 -3.93 -8.75 -1.01
CA GLY D 236 -3.24 -7.70 -0.24
C GLY D 236 -1.73 -7.73 -0.42
N TYR D 237 -1.20 -8.77 -1.07
CA TYR D 237 0.24 -8.93 -1.38
C TYR D 237 0.55 -8.28 -2.73
N ASP D 238 1.66 -7.53 -2.80
CA ASP D 238 2.10 -6.77 -4.00
C ASP D 238 3.16 -7.57 -4.77
N LEU D 239 3.73 -8.61 -4.16
CA LEU D 239 4.69 -9.55 -4.82
C LEU D 239 4.28 -10.99 -4.53
N TYR D 240 3.93 -11.75 -5.58
CA TYR D 240 3.73 -13.22 -5.54
C TYR D 240 4.91 -13.87 -6.27
N ILE D 241 5.42 -14.99 -5.75
CA ILE D 241 6.58 -15.74 -6.31
C ILE D 241 6.17 -17.20 -6.55
N LEU D 242 6.54 -17.76 -7.69
CA LEU D 242 6.35 -19.19 -8.06
C LEU D 242 7.70 -19.76 -8.53
N LYS D 243 8.58 -20.08 -7.58
CA LYS D 243 9.96 -20.58 -7.86
C LYS D 243 9.93 -22.12 -7.95
N ASN D 244 10.16 -22.65 -9.15
CA ASN D 244 10.22 -24.11 -9.44
C ASN D 244 8.91 -24.77 -8.99
N VAL D 245 7.77 -24.17 -9.32
CA VAL D 245 6.41 -24.68 -9.00
C VAL D 245 5.76 -25.19 -10.29
N LEU D 246 5.63 -24.33 -11.30
CA LEU D 246 4.81 -24.56 -12.52
C LEU D 246 5.35 -25.75 -13.33
N ASN D 247 6.64 -26.08 -13.19
CA ASN D 247 7.27 -27.23 -13.89
C ASN D 247 6.79 -28.56 -13.28
N ASN D 248 6.03 -28.52 -12.17
CA ASN D 248 5.43 -29.71 -11.51
C ASN D 248 3.98 -29.91 -11.99
N TRP D 249 3.49 -29.09 -12.92
CA TRP D 249 2.05 -29.02 -13.30
C TRP D 249 1.88 -28.95 -14.82
N PRO D 250 1.01 -29.81 -15.40
CA PRO D 250 0.61 -29.68 -16.80
C PRO D 250 -0.16 -28.38 -17.07
N ASP D 251 -0.28 -28.01 -18.35
CA ASP D 251 -0.81 -26.70 -18.83
C ASP D 251 -2.08 -26.32 -18.06
N ASN D 252 -3.14 -27.14 -18.13
CA ASN D 252 -4.47 -26.84 -17.54
C ASN D 252 -4.29 -26.52 -16.04
N ASP D 253 -3.48 -27.29 -15.32
CA ASP D 253 -3.18 -27.10 -13.88
C ASP D 253 -2.31 -25.86 -13.67
N ALA D 254 -1.26 -25.69 -14.50
CA ALA D 254 -0.34 -24.53 -14.47
C ALA D 254 -1.13 -23.23 -14.69
N ILE D 255 -2.03 -23.23 -15.68
CA ILE D 255 -2.94 -22.10 -16.01
C ILE D 255 -3.82 -21.80 -14.78
N SER D 256 -4.41 -22.85 -14.18
CA SER D 256 -5.30 -22.78 -13.00
C SER D 256 -4.60 -22.01 -11.86
N ILE D 257 -3.31 -22.28 -11.63
CA ILE D 257 -2.47 -21.63 -10.57
C ILE D 257 -2.32 -20.14 -10.89
N LEU D 258 -2.09 -19.80 -12.16
CA LEU D 258 -1.91 -18.40 -12.63
C LEU D 258 -3.24 -17.65 -12.60
N LYS D 259 -4.36 -18.37 -12.80
CA LYS D 259 -5.74 -17.79 -12.76
C LYS D 259 -6.08 -17.37 -11.33
N ASN D 260 -5.63 -18.14 -10.34
CA ASN D 260 -5.76 -17.82 -8.89
C ASN D 260 -4.83 -16.65 -8.53
N CYS D 261 -3.65 -16.59 -9.15
CA CYS D 261 -2.65 -15.49 -8.97
C CYS D 261 -3.25 -14.17 -9.48
N ARG D 262 -3.81 -14.17 -10.70
CA ARG D 262 -4.48 -12.99 -11.32
C ARG D 262 -5.56 -12.45 -10.36
N GLU D 263 -6.50 -13.31 -9.98
CA GLU D 263 -7.69 -12.98 -9.16
C GLU D 263 -7.25 -12.35 -7.82
N ALA D 264 -6.14 -12.83 -7.25
CA ALA D 264 -5.56 -12.35 -5.97
C ALA D 264 -4.84 -11.01 -6.19
N MET D 265 -4.19 -10.86 -7.34
CA MET D 265 -3.35 -9.66 -7.69
C MET D 265 -4.26 -8.49 -8.07
N ASP D 266 -3.87 -7.28 -7.64
CA ASP D 266 -4.42 -5.99 -8.16
C ASP D 266 -3.51 -5.52 -9.30
N ASN D 267 -3.76 -4.33 -9.87
CA ASN D 267 -3.03 -3.79 -11.05
C ASN D 267 -1.58 -3.46 -10.68
N ASN D 268 -1.31 -3.16 -9.40
CA ASN D 268 0.03 -2.74 -8.89
C ASN D 268 0.85 -3.97 -8.48
N ALA D 269 0.20 -5.13 -8.30
CA ALA D 269 0.84 -6.38 -7.83
C ALA D 269 1.70 -6.99 -8.94
N THR D 270 2.84 -7.58 -8.57
CA THR D 270 3.82 -8.26 -9.48
C THR D 270 3.82 -9.76 -9.19
N LEU D 271 4.02 -10.58 -10.23
CA LEU D 271 4.22 -12.05 -10.13
C LEU D 271 5.60 -12.39 -10.70
N LEU D 272 6.50 -12.91 -9.87
CA LEU D 272 7.83 -13.44 -10.29
C LEU D 272 7.72 -14.94 -10.53
N ILE D 273 8.13 -15.41 -11.70
CA ILE D 273 8.30 -16.86 -12.04
C ILE D 273 9.80 -17.12 -12.18
N ILE D 274 10.39 -17.81 -11.20
CA ILE D 274 11.80 -18.29 -11.23
C ILE D 274 11.76 -19.78 -11.59
N THR D 275 12.26 -20.14 -12.78
CA THR D 275 12.07 -21.47 -13.41
C THR D 275 13.33 -21.88 -14.19
N LEU D 276 13.51 -23.19 -14.38
CA LEU D 276 14.47 -23.77 -15.36
C LEU D 276 13.88 -23.58 -16.76
N MET D 277 14.47 -22.67 -17.55
CA MET D 277 14.00 -22.32 -18.91
C MET D 277 14.54 -23.34 -19.91
N LYS D 278 13.65 -24.05 -20.61
CA LYS D 278 14.01 -25.01 -21.70
C LYS D 278 14.56 -24.23 -22.89
N LYS D 279 15.77 -24.57 -23.34
CA LYS D 279 16.45 -23.99 -24.53
C LYS D 279 16.56 -25.07 -25.61
N PRO D 280 16.66 -24.69 -26.90
CA PRO D 280 16.67 -25.68 -27.99
C PRO D 280 17.88 -26.63 -27.99
N GLN D 281 19.01 -26.21 -27.42
CA GLN D 281 20.29 -26.98 -27.41
C GLN D 281 20.75 -27.25 -25.97
N SER D 282 19.88 -27.08 -24.98
CA SER D 282 20.15 -27.35 -23.55
C SER D 282 19.93 -28.84 -23.26
N LEU D 283 20.88 -29.49 -22.59
CA LEU D 283 20.86 -30.93 -22.22
C LEU D 283 20.39 -31.08 -20.76
N VAL D 284 20.86 -30.19 -19.88
CA VAL D 284 20.55 -30.21 -18.42
C VAL D 284 19.03 -30.09 -18.21
N VAL D 285 18.38 -29.18 -18.94
CA VAL D 285 16.93 -28.85 -18.79
C VAL D 285 16.09 -29.90 -19.52
N LYS D 286 16.65 -30.58 -20.52
CA LYS D 286 15.92 -31.59 -21.36
C LYS D 286 15.79 -32.89 -20.56
N SER D 287 16.82 -33.27 -19.79
CA SER D 287 16.81 -34.48 -18.91
C SER D 287 15.79 -34.27 -17.77
N VAL D 288 15.72 -33.05 -17.23
CA VAL D 288 14.75 -32.65 -16.16
C VAL D 288 13.34 -32.68 -16.75
N ASP D 289 13.17 -32.28 -18.01
CA ASP D 289 11.85 -32.21 -18.71
C ASP D 289 11.18 -33.58 -18.66
N ILE D 290 11.93 -34.66 -18.93
CA ILE D 290 11.41 -36.07 -18.96
C ILE D 290 11.17 -36.54 -17.52
N LEU D 291 11.96 -36.04 -16.56
CA LEU D 291 11.79 -36.32 -15.10
C LEU D 291 10.48 -35.69 -14.62
N MET D 292 10.13 -34.50 -15.13
CA MET D 292 8.88 -33.77 -14.77
C MET D 292 7.67 -34.47 -15.38
N ASP D 293 7.85 -35.16 -16.52
CA ASP D 293 6.78 -35.98 -17.16
C ASP D 293 6.59 -37.28 -16.37
N MET D 294 7.69 -37.94 -16.02
CA MET D 294 7.71 -39.20 -15.23
C MET D 294 7.00 -38.97 -13.88
N LEU D 295 7.32 -37.88 -13.20
CA LEU D 295 6.85 -37.58 -11.82
C LEU D 295 5.43 -37.02 -11.85
N PHE D 296 5.19 -35.96 -12.62
CA PHE D 296 3.99 -35.07 -12.50
C PHE D 296 3.15 -35.04 -13.77
N SER D 297 3.59 -35.67 -14.86
CA SER D 297 3.05 -35.50 -16.25
C SER D 297 3.15 -34.02 -16.65
N ALA D 298 4.09 -33.28 -16.06
CA ALA D 298 4.35 -31.84 -16.31
C ALA D 298 5.56 -31.72 -17.25
N LYS D 299 6.17 -30.53 -17.33
CA LYS D 299 7.29 -30.24 -18.27
C LYS D 299 8.02 -28.96 -17.86
N GLN D 300 9.26 -28.79 -18.35
CA GLN D 300 9.95 -27.48 -18.45
C GLN D 300 9.44 -26.78 -19.72
N ARG D 301 9.32 -25.46 -19.70
CA ARG D 301 8.65 -24.67 -20.77
C ARG D 301 9.65 -23.71 -21.43
N TYR D 302 9.48 -23.45 -22.73
CA TYR D 302 10.10 -22.33 -23.48
C TYR D 302 9.45 -21.02 -23.01
N LEU D 303 10.01 -19.88 -23.44
CA LEU D 303 9.47 -18.53 -23.14
C LEU D 303 8.13 -18.36 -23.88
N SER D 304 8.01 -18.97 -25.06
CA SER D 304 6.77 -19.02 -25.89
C SER D 304 5.67 -19.79 -25.14
N GLU D 305 6.04 -20.87 -24.44
CA GLU D 305 5.10 -21.74 -23.69
C GLU D 305 4.62 -21.02 -22.42
N PHE D 306 5.48 -20.20 -21.79
CA PHE D 306 5.17 -19.41 -20.57
C PHE D 306 4.19 -18.28 -20.93
N GLU D 307 4.40 -17.61 -22.06
CA GLU D 307 3.53 -16.52 -22.58
C GLU D 307 2.13 -17.09 -22.86
N ASP D 308 2.06 -18.28 -23.45
CA ASP D 308 0.80 -18.96 -23.85
C ASP D 308 -0.10 -19.13 -22.62
N ILE D 309 0.43 -19.76 -21.56
CA ILE D 309 -0.33 -20.10 -20.32
C ILE D 309 -0.64 -18.82 -19.54
N ALA D 310 0.28 -17.85 -19.53
CA ALA D 310 0.13 -16.53 -18.88
C ALA D 310 -1.08 -15.79 -19.48
N ASN D 311 -1.17 -15.80 -20.81
CA ASN D 311 -2.23 -15.11 -21.60
C ASN D 311 -3.60 -15.74 -21.29
N GLN D 312 -3.66 -17.08 -21.22
CA GLN D 312 -4.90 -17.86 -20.92
C GLN D 312 -5.40 -17.55 -19.51
N ALA D 313 -4.50 -17.13 -18.61
CA ALA D 313 -4.80 -16.75 -17.21
C ALA D 313 -5.22 -15.28 -17.14
N GLY D 314 -4.84 -14.49 -18.14
CA GLY D 314 -5.07 -13.03 -18.20
C GLY D 314 -3.89 -12.24 -17.66
N LEU D 315 -2.68 -12.82 -17.76
CA LEU D 315 -1.41 -12.19 -17.31
C LEU D 315 -0.57 -11.82 -18.55
N VAL D 316 0.34 -10.86 -18.40
CA VAL D 316 1.25 -10.34 -19.47
C VAL D 316 2.68 -10.37 -18.94
N ILE D 317 3.63 -10.84 -19.75
CA ILE D 317 5.09 -10.86 -19.41
C ILE D 317 5.64 -9.44 -19.63
N ARG D 318 6.22 -8.86 -18.58
CA ARG D 318 6.69 -7.44 -18.53
C ARG D 318 8.22 -7.38 -18.58
N HIS D 319 8.90 -8.37 -17.99
CA HIS D 319 10.38 -8.44 -17.87
C HIS D 319 10.81 -9.91 -17.81
N TYR D 320 11.79 -10.31 -18.63
CA TYR D 320 12.45 -11.63 -18.63
C TYR D 320 13.97 -11.42 -18.61
N LYS D 321 14.70 -12.27 -17.88
CA LYS D 321 16.16 -12.15 -17.67
C LYS D 321 16.71 -13.49 -17.18
N ASP D 322 17.81 -13.97 -17.79
CA ASP D 322 18.55 -15.17 -17.33
C ASP D 322 19.31 -14.80 -16.05
N LEU D 323 19.08 -15.55 -14.96
CA LEU D 323 19.83 -15.44 -13.69
C LEU D 323 21.21 -16.06 -13.89
N ASP D 324 21.25 -17.24 -14.53
CA ASP D 324 22.49 -17.97 -14.92
C ASP D 324 22.17 -18.77 -16.20
N GLU D 325 23.06 -19.71 -16.56
CA GLU D 325 23.01 -20.51 -17.81
C GLU D 325 21.74 -21.37 -17.89
N ILE D 326 21.19 -21.83 -16.75
CA ILE D 326 20.07 -22.82 -16.71
C ILE D 326 18.79 -22.18 -16.13
N PHE D 327 18.92 -21.26 -15.16
CA PHE D 327 17.77 -20.64 -14.44
C PHE D 327 17.46 -19.26 -15.03
N SER D 328 16.19 -18.85 -14.98
CA SER D 328 15.67 -17.57 -15.52
C SER D 328 14.60 -16.97 -14.60
N LEU D 329 14.26 -15.69 -14.83
CA LEU D 329 13.33 -14.87 -14.03
C LEU D 329 12.32 -14.22 -14.98
N ILE D 330 11.01 -14.31 -14.67
CA ILE D 330 9.90 -13.75 -15.50
C ILE D 330 9.00 -12.88 -14.60
N GLU D 331 8.85 -11.60 -14.93
CA GLU D 331 7.89 -10.66 -14.30
C GLU D 331 6.57 -10.71 -15.07
N LEU D 332 5.46 -10.97 -14.36
CA LEU D 332 4.08 -10.91 -14.92
C LEU D 332 3.26 -9.91 -14.11
N LYS D 333 2.24 -9.32 -14.74
CA LYS D 333 1.39 -8.25 -14.13
C LYS D 333 -0.02 -8.33 -14.71
N VAL D 334 -1.02 -7.90 -13.94
CA VAL D 334 -2.46 -7.92 -14.33
C VAL D 334 -2.71 -6.76 -15.31
N LYS D 335 -2.93 -7.10 -16.59
CA LYS D 335 -3.25 -6.13 -17.68
C LYS D 335 -4.06 -6.85 -18.77
N SER E 18 -5.99 11.37 -25.01
CA SER E 18 -5.58 10.91 -26.38
C SER E 18 -6.82 10.78 -27.27
N MET E 19 -7.66 11.81 -27.33
CA MET E 19 -8.89 11.86 -28.17
C MET E 19 -8.51 12.11 -29.63
N LEU E 20 -7.52 12.98 -29.86
CA LEU E 20 -7.12 13.46 -31.22
C LEU E 20 -6.51 12.32 -32.03
N ILE E 21 -5.47 11.66 -31.50
CA ILE E 21 -4.73 10.55 -32.18
C ILE E 21 -5.73 9.47 -32.62
N ASP E 22 -6.72 9.16 -31.78
CA ASP E 22 -7.78 8.14 -32.06
C ASP E 22 -8.54 8.55 -33.33
N LEU E 23 -8.98 9.81 -33.42
CA LEU E 23 -9.73 10.37 -34.57
C LEU E 23 -8.88 10.24 -35.85
N ILE E 24 -7.57 10.52 -35.75
CA ILE E 24 -6.62 10.53 -36.90
C ILE E 24 -6.48 9.11 -37.48
N THR E 25 -6.38 8.10 -36.61
CA THR E 25 -6.14 6.68 -37.00
C THR E 25 -7.46 5.90 -37.08
N SER E 26 -8.60 6.55 -36.80
CA SER E 26 -9.95 5.92 -36.82
C SER E 26 -10.31 5.47 -38.25
N TYR E 27 -9.69 6.07 -39.27
CA TYR E 27 -9.91 5.76 -40.70
C TYR E 27 -9.46 4.31 -40.99
N ARG E 28 -8.48 3.81 -40.23
CA ARG E 28 -7.97 2.42 -40.34
C ARG E 28 -9.13 1.44 -40.11
N LYS E 29 -9.93 1.70 -39.08
CA LYS E 29 -11.12 0.88 -38.71
C LYS E 29 -12.04 0.79 -39.93
N THR E 30 -12.39 1.94 -40.51
CA THR E 30 -13.22 2.07 -41.75
C THR E 30 -12.63 1.17 -42.84
N ALA E 31 -11.33 1.30 -43.13
CA ALA E 31 -10.60 0.54 -44.17
C ALA E 31 -10.70 -0.96 -43.89
N ALA E 32 -10.57 -1.36 -42.62
CA ALA E 32 -10.63 -2.77 -42.15
C ALA E 32 -12.05 -3.32 -42.36
N ILE E 33 -13.07 -2.55 -41.99
CA ILE E 33 -14.52 -2.88 -42.23
C ILE E 33 -14.73 -3.05 -43.73
N TYR E 34 -14.31 -2.06 -44.52
CA TYR E 34 -14.39 -2.04 -46.00
C TYR E 34 -13.76 -3.32 -46.59
N THR E 35 -12.57 -3.67 -46.11
CA THR E 35 -11.80 -4.88 -46.54
C THR E 35 -12.63 -6.13 -46.26
N PHE E 36 -13.25 -6.20 -45.07
CA PHE E 36 -14.07 -7.33 -44.58
C PHE E 36 -15.32 -7.49 -45.46
N VAL E 37 -15.86 -6.40 -45.98
CA VAL E 37 -17.09 -6.37 -46.83
C VAL E 37 -16.71 -6.62 -48.30
N ASP E 38 -15.77 -5.83 -48.83
CA ASP E 38 -15.40 -5.79 -50.27
C ASP E 38 -14.85 -7.16 -50.70
N ALA E 39 -14.11 -7.84 -49.83
CA ALA E 39 -13.51 -9.18 -50.06
C ALA E 39 -14.62 -10.23 -50.21
N GLY E 40 -15.80 -9.98 -49.63
CA GLY E 40 -17.00 -10.83 -49.76
C GLY E 40 -17.14 -11.80 -48.60
N LEU E 41 -16.58 -11.45 -47.43
CA LEU E 41 -16.55 -12.30 -46.21
C LEU E 41 -17.80 -12.02 -45.36
N SER E 42 -18.17 -10.75 -45.21
CA SER E 42 -19.28 -10.24 -44.37
C SER E 42 -20.57 -11.07 -44.55
N ILE E 43 -20.79 -11.62 -45.76
CA ILE E 43 -22.01 -12.41 -46.14
C ILE E 43 -22.18 -13.61 -45.20
N HIS E 44 -21.07 -14.24 -44.77
CA HIS E 44 -21.05 -15.54 -44.03
C HIS E 44 -21.19 -15.33 -42.52
N PHE E 45 -21.83 -14.23 -42.08
CA PHE E 45 -22.01 -13.88 -40.64
C PHE E 45 -23.47 -13.51 -40.38
N LYS E 46 -24.40 -14.14 -41.09
CA LYS E 46 -25.87 -13.86 -41.01
C LYS E 46 -26.44 -14.56 -39.77
N ASN E 47 -27.43 -13.93 -39.12
CA ASN E 47 -28.19 -14.45 -37.96
C ASN E 47 -27.27 -14.60 -36.74
N GLY E 48 -26.20 -13.79 -36.66
CA GLY E 48 -25.20 -13.83 -35.58
C GLY E 48 -24.54 -15.19 -35.45
N ASP E 49 -24.36 -15.90 -36.57
CA ASP E 49 -23.75 -17.25 -36.63
C ASP E 49 -22.23 -17.13 -36.52
N TYR E 50 -21.59 -18.04 -35.78
CA TYR E 50 -20.12 -18.16 -35.63
C TYR E 50 -19.55 -18.94 -36.81
N VAL E 51 -18.44 -18.47 -37.39
CA VAL E 51 -17.83 -19.02 -38.63
C VAL E 51 -16.37 -19.39 -38.35
N ASP E 52 -15.86 -20.40 -39.07
CA ASP E 52 -14.46 -20.90 -38.97
C ASP E 52 -13.56 -20.01 -39.82
N ILE E 53 -12.46 -19.52 -39.23
CA ILE E 53 -11.45 -18.63 -39.90
C ILE E 53 -10.71 -19.46 -40.96
N ASN E 54 -10.33 -20.70 -40.62
CA ASN E 54 -9.60 -21.64 -41.50
C ASN E 54 -10.43 -21.95 -42.75
N LYS E 55 -11.75 -22.13 -42.60
CA LYS E 55 -12.66 -22.50 -43.71
C LYS E 55 -12.83 -21.31 -44.65
N LEU E 56 -13.14 -20.11 -44.11
CA LEU E 56 -13.24 -18.85 -44.88
C LEU E 56 -11.92 -18.61 -45.64
N ALA E 57 -10.80 -18.69 -44.92
CA ALA E 57 -9.42 -18.58 -45.47
C ALA E 57 -9.24 -19.59 -46.60
N SER E 58 -9.71 -20.82 -46.40
CA SER E 58 -9.63 -21.94 -47.38
C SER E 58 -10.58 -21.70 -48.56
N GLN E 59 -11.81 -21.24 -48.27
CA GLN E 59 -12.87 -20.97 -49.29
C GLN E 59 -12.36 -19.95 -50.32
N TYR E 60 -11.81 -18.83 -49.85
CA TYR E 60 -11.45 -17.64 -50.67
C TYR E 60 -9.95 -17.61 -50.96
N GLY E 61 -9.18 -18.56 -50.42
CA GLY E 61 -7.74 -18.74 -50.71
C GLY E 61 -6.89 -17.62 -50.13
N ILE E 62 -7.11 -17.28 -48.85
CA ILE E 62 -6.32 -16.28 -48.08
C ILE E 62 -5.50 -17.03 -47.01
N ASP E 63 -4.38 -16.46 -46.58
CA ASP E 63 -3.54 -16.99 -45.48
C ASP E 63 -4.32 -16.84 -44.16
N TYR E 64 -4.38 -17.90 -43.36
CA TYR E 64 -5.11 -17.95 -42.06
C TYR E 64 -4.64 -16.79 -41.18
N SER E 65 -3.32 -16.67 -40.98
CA SER E 65 -2.66 -15.63 -40.12
C SER E 65 -3.11 -14.23 -40.57
N ARG E 66 -2.99 -13.94 -41.87
CA ARG E 66 -3.38 -12.64 -42.49
C ARG E 66 -4.85 -12.32 -42.15
N LEU E 67 -5.74 -13.30 -42.33
CA LEU E 67 -7.21 -13.16 -42.13
C LEU E 67 -7.54 -13.15 -40.63
N ASN E 68 -6.79 -13.90 -39.82
CA ASN E 68 -6.98 -14.00 -38.35
C ASN E 68 -6.57 -12.67 -37.69
N ARG E 69 -5.49 -12.04 -38.20
CA ARG E 69 -5.00 -10.71 -37.73
C ARG E 69 -6.05 -9.64 -38.06
N LEU E 70 -6.64 -9.70 -39.25
CA LEU E 70 -7.73 -8.78 -39.69
C LEU E 70 -8.91 -8.95 -38.72
N CYS E 71 -9.31 -10.19 -38.45
CA CYS E 71 -10.38 -10.56 -37.49
C CYS E 71 -10.01 -10.08 -36.07
N ASP E 72 -8.75 -10.28 -35.67
CA ASP E 72 -8.22 -9.83 -34.35
C ASP E 72 -8.43 -8.32 -34.21
N PHE E 73 -8.06 -7.54 -35.24
CA PHE E 73 -8.24 -6.07 -35.28
C PHE E 73 -9.74 -5.73 -35.29
N LEU E 74 -10.54 -6.46 -36.08
CA LEU E 74 -12.01 -6.29 -36.18
C LEU E 74 -12.67 -6.56 -34.82
N ILE E 75 -12.11 -7.49 -34.03
CA ILE E 75 -12.62 -7.85 -32.67
C ILE E 75 -12.33 -6.69 -31.71
N GLU E 76 -11.14 -6.07 -31.82
CA GLU E 76 -10.67 -4.99 -30.92
C GLU E 76 -11.58 -3.76 -31.02
N ILE E 77 -12.06 -3.43 -32.23
CA ILE E 77 -12.90 -2.22 -32.49
C ILE E 77 -14.36 -2.53 -32.16
N GLY E 78 -14.71 -3.81 -32.03
CA GLY E 78 -16.03 -4.29 -31.57
C GLY E 78 -16.95 -4.69 -32.70
N VAL E 79 -16.41 -4.96 -33.89
CA VAL E 79 -17.17 -5.45 -35.08
C VAL E 79 -17.41 -6.96 -34.91
N LEU E 80 -16.39 -7.70 -34.45
CA LEU E 80 -16.45 -9.17 -34.27
C LEU E 80 -16.31 -9.54 -32.79
N VAL E 81 -16.74 -10.76 -32.44
CA VAL E 81 -16.60 -11.39 -31.09
C VAL E 81 -16.06 -12.81 -31.29
N SER E 82 -15.14 -13.25 -30.44
CA SER E 82 -14.43 -14.56 -30.55
C SER E 82 -15.03 -15.57 -29.58
N SER E 83 -15.12 -16.84 -29.99
CA SER E 83 -15.72 -17.97 -29.23
C SER E 83 -15.07 -19.30 -29.64
N ASP E 84 -15.56 -20.42 -29.09
CA ASP E 84 -15.09 -21.80 -29.41
C ASP E 84 -15.46 -22.15 -30.86
N HIS E 85 -16.66 -21.75 -31.30
CA HIS E 85 -17.21 -21.99 -32.66
C HIS E 85 -16.39 -21.20 -33.69
N GLY E 86 -15.90 -20.01 -33.31
CA GLY E 86 -15.10 -19.12 -34.17
C GLY E 86 -15.34 -17.66 -33.85
N VAL E 87 -15.67 -16.85 -34.87
CA VAL E 87 -15.99 -15.40 -34.71
C VAL E 87 -17.33 -15.13 -35.40
N ALA E 88 -18.13 -14.21 -34.83
CA ALA E 88 -19.44 -13.75 -35.35
C ALA E 88 -19.51 -12.23 -35.28
N LEU E 89 -20.38 -11.62 -36.08
CA LEU E 89 -20.69 -10.16 -36.02
C LEU E 89 -21.43 -9.90 -34.69
N SER E 90 -20.99 -8.88 -33.95
CA SER E 90 -21.62 -8.42 -32.68
C SER E 90 -23.02 -7.89 -32.97
N GLU E 91 -23.84 -7.73 -31.93
CA GLU E 91 -25.26 -7.31 -32.04
C GLU E 91 -25.34 -5.86 -32.55
N GLU E 92 -24.28 -5.07 -32.34
CA GLU E 92 -24.20 -3.64 -32.74
C GLU E 92 -23.74 -3.50 -34.19
N CYS E 93 -23.10 -4.54 -34.76
CA CYS E 93 -22.53 -4.56 -36.13
C CYS E 93 -23.11 -5.72 -36.96
N SER E 94 -24.38 -6.05 -36.74
CA SER E 94 -25.09 -7.19 -37.38
C SER E 94 -25.39 -6.89 -38.85
N ALA E 95 -25.57 -5.60 -39.19
CA ALA E 95 -26.11 -5.12 -40.49
C ALA E 95 -25.14 -5.43 -41.65
N LEU E 96 -23.85 -5.62 -41.35
CA LEU E 96 -22.81 -6.01 -42.35
C LEU E 96 -23.18 -7.35 -43.01
N ALA E 97 -24.05 -8.13 -42.38
CA ALA E 97 -24.57 -9.44 -42.87
C ALA E 97 -25.21 -9.28 -44.25
N ASP E 98 -26.35 -8.57 -44.33
CA ASP E 98 -27.21 -8.51 -45.55
C ASP E 98 -26.69 -7.42 -46.49
N PRO E 99 -26.66 -7.67 -47.82
CA PRO E 99 -26.20 -6.67 -48.79
C PRO E 99 -27.11 -5.45 -48.91
N ASN E 100 -28.42 -5.62 -48.71
CA ASN E 100 -29.44 -4.53 -48.81
C ASN E 100 -29.66 -3.92 -47.41
N SER E 101 -28.60 -3.35 -46.84
CA SER E 101 -28.63 -2.57 -45.57
C SER E 101 -27.91 -1.23 -45.77
N VAL E 102 -28.37 -0.18 -45.11
CA VAL E 102 -27.76 1.18 -45.15
C VAL E 102 -26.25 1.05 -44.87
N GLU E 103 -25.86 0.35 -43.80
CA GLU E 103 -24.46 0.26 -43.33
C GLU E 103 -23.58 -0.43 -44.38
N PHE E 104 -24.10 -1.48 -45.03
CA PHE E 104 -23.40 -2.27 -46.07
C PHE E 104 -23.21 -1.41 -47.34
N LEU E 105 -24.29 -0.79 -47.82
CA LEU E 105 -24.33 -0.02 -49.08
C LEU E 105 -23.52 1.28 -48.96
N THR E 106 -23.44 1.85 -47.76
CA THR E 106 -22.59 3.04 -47.45
C THR E 106 -21.12 2.70 -47.71
N VAL E 107 -20.69 1.49 -47.31
CA VAL E 107 -19.32 0.96 -47.52
C VAL E 107 -19.09 0.77 -49.03
N LYS E 108 -20.08 0.23 -49.74
CA LYS E 108 -19.98 -0.11 -51.17
C LYS E 108 -19.94 1.16 -52.01
N TYR E 109 -20.76 2.17 -51.68
CA TYR E 109 -20.85 3.45 -52.42
C TYR E 109 -19.65 4.35 -52.09
N GLU E 110 -19.44 4.62 -50.80
CA GLU E 110 -18.55 5.72 -50.32
C GLU E 110 -17.08 5.29 -50.30
N ILE E 111 -16.77 4.14 -49.70
CA ILE E 111 -15.36 3.72 -49.42
C ILE E 111 -14.72 3.22 -50.72
N ASN E 112 -14.16 4.15 -51.52
CA ASN E 112 -13.53 3.88 -52.83
C ASN E 112 -12.67 5.08 -53.23
N SER E 113 -11.92 4.97 -54.33
CA SER E 113 -11.00 6.01 -54.85
C SER E 113 -11.78 7.31 -55.14
N GLU E 114 -12.99 7.19 -55.67
CA GLU E 114 -13.85 8.34 -56.11
C GLU E 114 -13.97 9.36 -54.97
N HIS E 115 -14.23 8.91 -53.74
CA HIS E 115 -14.44 9.76 -52.54
C HIS E 115 -13.10 10.07 -51.86
N TRP E 116 -12.24 9.05 -51.72
CA TRP E 116 -11.02 9.11 -50.87
C TRP E 116 -9.94 9.99 -51.53
N ASP E 117 -9.77 9.91 -52.85
CA ASP E 117 -8.85 10.79 -53.62
C ASP E 117 -9.37 12.23 -53.54
N SER E 118 -10.68 12.42 -53.71
CA SER E 118 -11.37 13.73 -53.64
C SER E 118 -11.17 14.35 -52.26
N TRP E 119 -11.35 13.57 -51.19
CA TRP E 119 -11.11 13.97 -49.78
C TRP E 119 -9.66 14.47 -49.63
N LEU E 120 -8.70 13.78 -50.24
CA LEU E 120 -7.25 14.12 -50.18
C LEU E 120 -6.97 15.41 -50.98
N MET E 121 -7.78 15.71 -51.99
CA MET E 121 -7.64 16.89 -52.89
C MET E 121 -8.43 18.08 -52.32
N TYR E 122 -9.33 17.84 -51.35
CA TYR E 122 -10.28 18.84 -50.81
C TYR E 122 -9.53 20.12 -50.39
N PRO E 123 -8.46 20.04 -49.56
CA PRO E 123 -7.78 21.25 -49.11
C PRO E 123 -7.23 22.12 -50.25
N LYS E 124 -6.81 21.52 -51.36
CA LYS E 124 -6.36 22.23 -52.58
C LYS E 124 -7.54 22.98 -53.21
N SER E 125 -8.73 22.35 -53.23
CA SER E 125 -9.98 22.93 -53.82
C SER E 125 -10.49 24.08 -52.93
N LEU E 126 -10.10 24.11 -51.65
CA LEU E 126 -10.37 25.24 -50.72
C LEU E 126 -9.46 26.41 -51.08
N LEU E 127 -8.15 26.17 -51.14
CA LEU E 127 -7.10 27.19 -51.44
C LEU E 127 -7.28 27.71 -52.87
N GLU E 128 -7.49 26.82 -53.83
CA GLU E 128 -7.84 27.16 -55.24
C GLU E 128 -9.32 27.59 -55.25
N ASN E 129 -9.59 28.85 -54.89
CA ASN E 129 -10.96 29.40 -54.75
C ASN E 129 -11.54 29.63 -56.15
N ASN E 130 -11.83 28.53 -56.87
CA ASN E 130 -12.36 28.53 -58.26
C ASN E 130 -13.72 27.81 -58.25
N GLY E 131 -14.36 27.71 -59.42
CA GLY E 131 -15.62 26.96 -59.61
C GLY E 131 -15.45 25.47 -59.33
N LYS E 132 -14.30 24.91 -59.75
CA LYS E 132 -14.06 23.44 -59.83
C LYS E 132 -14.08 22.84 -58.42
N SER E 133 -14.83 21.75 -58.25
CA SER E 133 -14.94 20.95 -57.00
C SER E 133 -13.73 20.03 -56.85
N ALA E 134 -13.50 19.50 -55.64
CA ALA E 134 -12.39 18.58 -55.31
C ALA E 134 -12.46 17.34 -56.23
N PHE E 135 -13.67 16.85 -56.51
CA PHE E 135 -13.91 15.68 -57.40
C PHE E 135 -13.44 16.00 -58.83
N GLU E 136 -13.81 17.17 -59.36
CA GLU E 136 -13.50 17.60 -60.75
C GLU E 136 -11.98 17.73 -60.94
N MET E 137 -11.25 18.13 -59.90
CA MET E 137 -9.77 18.30 -59.93
C MET E 137 -9.10 16.93 -60.10
N VAL E 138 -9.64 15.90 -59.45
CA VAL E 138 -9.09 14.50 -59.45
C VAL E 138 -9.52 13.78 -60.74
N HIS E 139 -10.82 13.84 -61.06
CA HIS E 139 -11.48 12.98 -62.08
C HIS E 139 -11.52 13.67 -63.45
N GLY E 140 -11.47 15.00 -63.48
CA GLY E 140 -11.53 15.81 -64.73
C GLY E 140 -12.96 16.04 -65.19
N LYS E 141 -13.85 15.07 -64.96
CA LYS E 141 -15.29 15.13 -65.28
C LYS E 141 -16.06 15.57 -64.03
N SER E 142 -17.36 15.84 -64.16
CA SER E 142 -18.30 16.05 -63.03
C SER E 142 -18.69 14.67 -62.46
N PHE E 143 -19.34 14.65 -61.29
CA PHE E 143 -19.66 13.43 -60.51
C PHE E 143 -20.53 12.47 -61.35
N PHE E 144 -21.61 12.98 -61.94
CA PHE E 144 -22.63 12.17 -62.67
C PHE E 144 -22.10 11.80 -64.07
N GLU E 145 -21.17 12.59 -64.62
CA GLU E 145 -20.48 12.29 -65.90
C GLU E 145 -19.50 11.11 -65.69
N HIS E 146 -18.98 10.95 -64.47
CA HIS E 146 -18.08 9.84 -64.08
C HIS E 146 -18.88 8.56 -63.80
N LEU E 147 -20.10 8.71 -63.25
CA LEU E 147 -21.03 7.58 -62.96
C LEU E 147 -21.57 6.99 -64.27
N ASP E 148 -21.56 7.75 -65.36
CA ASP E 148 -21.94 7.28 -66.72
C ASP E 148 -20.94 6.21 -67.18
N SER E 149 -19.65 6.41 -66.90
CA SER E 149 -18.52 5.57 -67.37
C SER E 149 -18.30 4.39 -66.40
N ASN E 150 -18.67 4.54 -65.13
CA ASN E 150 -18.53 3.52 -64.06
C ASN E 150 -19.93 3.08 -63.61
N LYS E 151 -20.44 1.98 -64.17
CA LYS E 151 -21.81 1.45 -63.90
C LYS E 151 -21.89 0.89 -62.49
N GLY E 152 -20.87 0.14 -62.06
CA GLY E 152 -20.80 -0.53 -60.74
C GLY E 152 -21.14 0.43 -59.60
N LEU E 153 -20.55 1.63 -59.61
CA LEU E 153 -20.74 2.67 -58.58
C LEU E 153 -22.14 3.30 -58.72
N LYS E 154 -22.65 3.43 -59.95
CA LYS E 154 -23.98 4.02 -60.24
C LYS E 154 -25.07 3.12 -59.63
N SER E 155 -24.96 1.81 -59.84
CA SER E 155 -25.88 0.77 -59.28
C SER E 155 -25.80 0.80 -57.74
N ASP E 156 -24.61 1.05 -57.19
CA ASP E 156 -24.37 1.16 -55.72
C ASP E 156 -24.95 2.47 -55.20
N PHE E 157 -24.76 3.57 -55.94
CA PHE E 157 -25.28 4.92 -55.61
C PHE E 157 -26.81 4.88 -55.52
N ASP E 158 -27.45 4.40 -56.59
CA ASP E 158 -28.93 4.32 -56.73
C ASP E 158 -29.49 3.39 -55.64
N ALA E 159 -28.76 2.32 -55.29
CA ALA E 159 -29.14 1.32 -54.26
C ALA E 159 -29.16 1.99 -52.88
N LEU E 160 -28.14 2.78 -52.56
CA LEU E 160 -28.01 3.52 -51.27
C LEU E 160 -29.13 4.58 -51.15
N MET E 161 -29.39 5.30 -52.24
CA MET E 161 -30.44 6.37 -52.31
C MET E 161 -31.82 5.75 -52.06
N SER E 162 -32.06 4.56 -52.63
CA SER E 162 -33.33 3.77 -52.51
C SER E 162 -33.64 3.47 -51.04
N LYS E 163 -32.59 3.26 -50.22
CA LYS E 163 -32.72 3.01 -48.76
C LYS E 163 -33.23 4.27 -48.06
N TYR E 164 -32.71 5.44 -48.45
CA TYR E 164 -33.09 6.77 -47.89
C TYR E 164 -34.50 7.14 -48.37
N THR E 165 -34.87 6.75 -49.59
CA THR E 165 -36.23 6.93 -50.18
C THR E 165 -37.25 6.17 -49.33
N ASN E 166 -36.97 4.90 -49.01
CA ASN E 166 -37.90 3.97 -48.33
C ASN E 166 -38.05 4.34 -46.85
N LYS E 167 -37.17 5.19 -46.31
CA LYS E 167 -37.20 5.63 -44.88
C LYS E 167 -38.24 6.75 -44.69
N ILE E 168 -38.70 7.40 -45.76
CA ILE E 168 -39.61 8.59 -45.70
C ILE E 168 -40.97 8.29 -46.34
N ILE E 169 -41.08 7.30 -47.23
CA ILE E 169 -42.30 7.03 -48.04
C ILE E 169 -43.55 7.02 -47.15
N LYS E 170 -43.47 6.44 -45.95
CA LYS E 170 -44.63 6.29 -45.03
C LYS E 170 -45.16 7.68 -44.66
N GLU E 171 -44.29 8.57 -44.18
CA GLU E 171 -44.64 9.93 -43.70
C GLU E 171 -45.01 10.84 -44.88
N LEU E 172 -44.32 10.69 -46.02
CA LEU E 172 -44.54 11.52 -47.24
C LEU E 172 -45.97 11.32 -47.75
N LEU E 173 -46.45 10.07 -47.80
CA LEU E 173 -47.80 9.69 -48.29
C LEU E 173 -48.88 10.23 -47.33
N VAL E 174 -48.57 10.31 -46.03
CA VAL E 174 -49.49 10.82 -44.97
C VAL E 174 -49.54 12.35 -45.07
N ILE E 175 -48.37 13.01 -45.14
CA ILE E 175 -48.23 14.49 -45.09
C ILE E 175 -48.76 15.12 -46.39
N TYR E 176 -48.53 14.49 -47.54
CA TYR E 176 -48.95 15.00 -48.87
C TYR E 176 -49.91 14.02 -49.55
N ASP E 177 -51.00 14.54 -50.12
CA ASP E 177 -52.05 13.77 -50.83
C ASP E 177 -51.73 13.74 -52.33
N PHE E 178 -51.22 12.61 -52.82
CA PHE E 178 -50.85 12.37 -54.24
C PHE E 178 -52.08 11.93 -55.04
N ASP E 179 -53.17 11.57 -54.36
CA ASP E 179 -54.43 11.07 -54.99
C ASP E 179 -55.16 12.24 -55.68
N LYS E 180 -54.88 13.48 -55.26
CA LYS E 180 -55.45 14.72 -55.86
C LYS E 180 -54.84 14.98 -57.25
N HIS E 181 -53.66 14.41 -57.53
CA HIS E 181 -52.88 14.64 -58.77
C HIS E 181 -53.25 13.60 -59.83
N ASN E 182 -52.91 13.89 -61.10
CA ASN E 182 -53.17 13.02 -62.28
C ASN E 182 -51.83 12.62 -62.91
N ARG E 183 -51.05 13.60 -63.38
CA ARG E 183 -49.75 13.42 -64.07
C ARG E 183 -48.62 13.88 -63.14
N ILE E 184 -47.76 12.96 -62.71
CA ILE E 184 -46.64 13.20 -61.75
C ILE E 184 -45.30 12.94 -62.46
N LEU E 185 -44.41 13.94 -62.45
CA LEU E 185 -43.04 13.87 -63.05
C LEU E 185 -42.00 14.00 -61.93
N ASP E 186 -41.08 13.04 -61.85
CA ASP E 186 -39.94 13.06 -60.89
C ASP E 186 -38.66 13.47 -61.64
N LEU E 187 -38.27 14.73 -61.51
CA LEU E 187 -37.03 15.29 -62.11
C LEU E 187 -35.82 14.78 -61.32
N GLY E 188 -34.90 14.08 -61.99
CA GLY E 188 -33.72 13.45 -61.37
C GLY E 188 -34.14 12.42 -60.32
N GLY E 189 -34.93 11.43 -60.73
CA GLY E 189 -35.50 10.39 -59.85
C GLY E 189 -34.67 9.11 -59.85
N GLY E 190 -33.68 9.00 -60.73
CA GLY E 190 -32.82 7.81 -60.90
C GLY E 190 -33.65 6.59 -61.25
N ASP E 191 -33.39 5.46 -60.59
CA ASP E 191 -34.34 4.31 -60.54
C ASP E 191 -35.57 4.77 -59.76
N GLY E 192 -36.74 4.82 -60.41
CA GLY E 192 -37.93 5.53 -59.91
C GLY E 192 -38.48 4.95 -58.62
N GLU E 193 -37.62 4.73 -57.61
CA GLU E 193 -37.99 4.10 -56.31
C GLU E 193 -39.03 4.96 -55.60
N LEU E 194 -38.94 6.28 -55.73
CA LEU E 194 -39.93 7.24 -55.18
C LEU E 194 -41.29 6.95 -55.79
N LEU E 195 -41.38 6.95 -57.12
CA LEU E 195 -42.64 6.78 -57.89
C LEU E 195 -43.12 5.33 -57.80
N ILE E 196 -42.19 4.36 -57.91
CA ILE E 196 -42.48 2.89 -57.79
C ILE E 196 -43.20 2.64 -56.46
N ARG E 197 -42.75 3.26 -55.37
CA ARG E 197 -43.28 3.04 -54.00
C ARG E 197 -44.60 3.79 -53.81
N ILE E 198 -44.76 4.95 -54.44
CA ILE E 198 -46.01 5.78 -54.37
C ILE E 198 -47.08 5.13 -55.23
N SER E 199 -46.72 4.59 -56.41
CA SER E 199 -47.64 3.93 -57.37
C SER E 199 -48.34 2.73 -56.72
N GLU E 200 -47.72 2.12 -55.72
CA GLU E 200 -48.30 0.99 -54.93
C GLU E 200 -49.50 1.49 -54.12
N GLN E 201 -49.33 2.56 -53.34
CA GLN E 201 -50.35 3.11 -52.41
C GLN E 201 -51.34 3.99 -53.17
N VAL E 202 -50.96 4.53 -54.33
CA VAL E 202 -51.78 5.47 -55.14
C VAL E 202 -51.82 4.98 -56.59
N LYS E 203 -52.95 4.38 -57.01
CA LYS E 203 -53.13 3.71 -58.34
C LYS E 203 -53.93 4.61 -59.28
N GLY E 204 -53.79 4.40 -60.59
CA GLY E 204 -54.56 5.06 -61.65
C GLY E 204 -54.08 6.48 -61.92
N LYS E 205 -52.76 6.65 -62.02
CA LYS E 205 -52.11 7.96 -62.32
C LYS E 205 -50.95 7.74 -63.31
N ASP E 206 -50.48 8.82 -63.94
CA ASP E 206 -49.32 8.82 -64.87
C ASP E 206 -48.05 9.17 -64.08
N TYR E 207 -47.20 8.17 -63.85
CA TYR E 207 -45.88 8.29 -63.18
C TYR E 207 -44.78 8.28 -64.25
N THR E 208 -44.02 9.37 -64.37
CA THR E 208 -42.90 9.54 -65.32
C THR E 208 -41.64 9.93 -64.53
N VAL E 209 -40.50 9.32 -64.86
CA VAL E 209 -39.18 9.59 -64.21
C VAL E 209 -38.22 10.15 -65.26
N LEU E 210 -37.92 11.46 -65.19
CA LEU E 210 -36.92 12.14 -66.04
C LEU E 210 -35.55 12.10 -65.33
N ASP E 211 -34.50 11.72 -66.06
CA ASP E 211 -33.11 11.64 -65.54
C ASP E 211 -32.14 11.49 -66.72
N ARG E 212 -30.84 11.62 -66.45
CA ARG E 212 -29.71 11.31 -67.38
C ARG E 212 -29.36 9.82 -67.26
N TYR E 213 -29.97 8.99 -68.11
CA TYR E 213 -29.81 7.50 -68.10
C TYR E 213 -28.79 7.08 -69.15
N ASN E 214 -27.94 6.11 -68.80
CA ASN E 214 -27.23 5.22 -69.75
C ASN E 214 -28.25 4.22 -70.30
N GLU E 215 -28.86 3.47 -69.38
CA GLU E 215 -29.94 2.47 -69.64
C GLU E 215 -31.22 2.94 -68.93
N VAL E 216 -32.35 2.96 -69.66
CA VAL E 216 -33.70 3.26 -69.10
C VAL E 216 -34.16 2.06 -68.29
N PRO E 217 -34.36 2.19 -66.95
CA PRO E 217 -34.97 1.13 -66.15
C PRO E 217 -36.42 0.83 -66.58
N ILE E 218 -36.86 -0.42 -66.39
CA ILE E 218 -38.25 -0.88 -66.71
C ILE E 218 -39.00 -1.11 -65.39
N SER E 219 -40.29 -0.73 -65.36
CA SER E 219 -41.24 -0.97 -64.24
C SER E 219 -42.67 -0.67 -64.72
N GLU E 220 -43.62 -1.57 -64.39
CA GLU E 220 -45.05 -1.48 -64.82
C GLU E 220 -45.69 -0.24 -64.18
N GLY E 221 -46.46 0.51 -64.96
CA GLY E 221 -47.18 1.72 -64.53
C GLY E 221 -46.32 2.96 -64.53
N ILE E 222 -44.99 2.80 -64.69
CA ILE E 222 -43.97 3.90 -64.61
C ILE E 222 -43.35 4.09 -65.99
N ASN E 223 -43.33 5.32 -66.50
CA ASN E 223 -42.61 5.74 -67.73
C ASN E 223 -41.23 6.27 -67.33
N PHE E 224 -40.32 6.42 -68.30
CA PHE E 224 -38.91 6.84 -68.08
C PHE E 224 -38.42 7.67 -69.26
N ILE E 225 -38.42 9.00 -69.12
CA ILE E 225 -37.87 9.97 -70.12
C ILE E 225 -36.35 10.05 -69.93
N LYS E 226 -35.62 10.14 -71.05
CA LYS E 226 -34.15 10.39 -71.09
C LYS E 226 -33.95 11.86 -71.46
N GLY E 227 -33.96 12.75 -70.46
CA GLY E 227 -33.94 14.22 -70.64
C GLY E 227 -32.97 14.90 -69.70
N ASP E 228 -32.87 16.24 -69.82
CA ASP E 228 -31.93 17.11 -69.06
C ASP E 228 -32.72 18.32 -68.55
N PHE E 229 -32.80 18.51 -67.23
CA PHE E 229 -33.66 19.55 -66.59
C PHE E 229 -33.01 20.94 -66.69
N PHE E 230 -31.82 21.04 -67.29
CA PHE E 230 -31.18 22.34 -67.67
C PHE E 230 -31.76 22.82 -69.00
N LYS E 231 -32.38 21.91 -69.77
CA LYS E 231 -33.15 22.21 -71.01
C LYS E 231 -34.62 22.42 -70.66
N PRO E 232 -35.45 22.96 -71.58
CA PRO E 232 -36.89 23.10 -71.32
C PRO E 232 -37.53 21.80 -70.82
N ILE E 233 -38.17 21.87 -69.65
CA ILE E 233 -38.83 20.72 -68.96
C ILE E 233 -40.20 20.48 -69.59
N PRO E 234 -40.65 19.22 -69.73
CA PRO E 234 -41.97 18.92 -70.31
C PRO E 234 -43.16 19.46 -69.48
N THR E 235 -44.09 20.15 -70.14
CA THR E 235 -45.39 20.62 -69.59
C THR E 235 -46.36 19.44 -69.49
N GLY E 236 -47.60 19.69 -69.06
CA GLY E 236 -48.70 18.71 -69.06
C GLY E 236 -48.87 18.05 -67.70
N TYR E 237 -47.82 18.03 -66.88
CA TYR E 237 -47.80 17.41 -65.53
C TYR E 237 -48.27 18.44 -64.49
N ASP E 238 -49.12 18.01 -63.56
CA ASP E 238 -49.72 18.85 -62.48
C ASP E 238 -48.88 18.72 -61.21
N LEU E 239 -47.97 17.74 -61.14
CA LEU E 239 -46.98 17.57 -60.04
C LEU E 239 -45.59 17.35 -60.63
N TYR E 240 -44.62 18.15 -60.19
CA TYR E 240 -43.16 17.99 -60.45
C TYR E 240 -42.47 17.71 -59.11
N ILE E 241 -41.47 16.82 -59.10
CA ILE E 241 -40.71 16.45 -57.87
C ILE E 241 -39.21 16.63 -58.14
N LEU E 242 -38.53 17.36 -57.24
CA LEU E 242 -37.05 17.50 -57.19
C LEU E 242 -36.55 16.97 -55.83
N LYS E 243 -36.45 15.64 -55.71
CA LYS E 243 -35.96 14.96 -54.49
C LYS E 243 -34.43 14.83 -54.58
N ASN E 244 -33.71 15.41 -53.62
CA ASN E 244 -32.22 15.30 -53.47
C ASN E 244 -31.53 15.68 -54.78
N VAL E 245 -31.98 16.77 -55.42
CA VAL E 245 -31.44 17.26 -56.72
C VAL E 245 -30.72 18.58 -56.51
N LEU E 246 -31.38 19.56 -55.86
CA LEU E 246 -30.94 20.98 -55.79
C LEU E 246 -29.68 21.12 -54.94
N ASN E 247 -29.43 20.20 -54.00
CA ASN E 247 -28.22 20.19 -53.13
C ASN E 247 -26.98 19.79 -53.93
N ASN E 248 -27.16 19.25 -55.14
CA ASN E 248 -26.07 18.83 -56.07
C ASN E 248 -25.62 20.01 -56.93
N TRP E 249 -26.20 21.20 -56.76
CA TRP E 249 -26.02 22.35 -57.69
C TRP E 249 -25.78 23.64 -56.92
N PRO E 250 -24.84 24.51 -57.38
CA PRO E 250 -24.72 25.86 -56.86
C PRO E 250 -26.00 26.68 -57.12
N ASP E 251 -26.06 27.91 -56.59
CA ASP E 251 -27.25 28.80 -56.64
C ASP E 251 -27.60 29.11 -58.11
N ASN E 252 -26.62 29.46 -58.94
CA ASN E 252 -26.84 29.88 -60.35
C ASN E 252 -27.45 28.72 -61.16
N ASP E 253 -27.02 27.49 -60.89
CA ASP E 253 -27.54 26.26 -61.57
C ASP E 253 -28.89 25.86 -60.97
N ALA E 254 -29.01 25.90 -59.64
CA ALA E 254 -30.26 25.64 -58.89
C ALA E 254 -31.37 26.55 -59.43
N ILE E 255 -31.07 27.84 -59.62
CA ILE E 255 -32.00 28.87 -60.17
C ILE E 255 -32.40 28.46 -61.59
N SER E 256 -31.44 28.01 -62.40
CA SER E 256 -31.63 27.59 -63.82
C SER E 256 -32.63 26.43 -63.89
N ILE E 257 -32.55 25.48 -62.96
CA ILE E 257 -33.44 24.29 -62.87
C ILE E 257 -34.85 24.76 -62.50
N LEU E 258 -34.97 25.62 -61.47
CA LEU E 258 -36.26 26.13 -60.95
C LEU E 258 -36.94 27.03 -61.98
N LYS E 259 -36.17 27.69 -62.84
CA LYS E 259 -36.70 28.57 -63.93
C LYS E 259 -37.36 27.70 -65.02
N ASN E 260 -36.77 26.54 -65.33
CA ASN E 260 -37.31 25.56 -66.31
C ASN E 260 -38.58 24.92 -65.73
N CYS E 261 -38.56 24.56 -64.44
CA CYS E 261 -39.73 24.06 -63.66
C CYS E 261 -40.89 25.06 -63.78
N ARG E 262 -40.64 26.32 -63.39
CA ARG E 262 -41.62 27.44 -63.40
C ARG E 262 -42.27 27.54 -64.78
N GLU E 263 -41.46 27.58 -65.83
CA GLU E 263 -41.89 27.74 -67.25
C GLU E 263 -42.80 26.58 -67.66
N ALA E 264 -42.45 25.36 -67.26
CA ALA E 264 -43.17 24.11 -67.58
C ALA E 264 -44.51 24.05 -66.82
N MET E 265 -44.52 24.54 -65.58
CA MET E 265 -45.72 24.54 -64.69
C MET E 265 -46.73 25.57 -65.19
N ASP E 266 -48.02 25.26 -65.05
CA ASP E 266 -49.15 26.22 -65.19
C ASP E 266 -49.53 26.70 -63.78
N ASN E 267 -50.59 27.51 -63.67
CA ASN E 267 -50.99 28.19 -62.41
C ASN E 267 -51.53 27.16 -61.40
N ASN E 268 -51.92 25.95 -61.87
CA ASN E 268 -52.50 24.87 -61.03
C ASN E 268 -51.40 23.90 -60.57
N ALA E 269 -50.37 23.68 -61.38
CA ALA E 269 -49.29 22.70 -61.16
C ALA E 269 -48.55 22.99 -59.85
N THR E 270 -48.08 21.94 -59.18
CA THR E 270 -47.31 21.99 -57.90
C THR E 270 -45.90 21.41 -58.11
N LEU E 271 -44.91 22.01 -57.46
CA LEU E 271 -43.50 21.50 -57.40
C LEU E 271 -43.19 21.09 -55.95
N LEU E 272 -42.78 19.84 -55.75
CA LEU E 272 -42.30 19.31 -54.44
C LEU E 272 -40.77 19.28 -54.46
N ILE E 273 -40.14 19.79 -53.40
CA ILE E 273 -38.68 19.67 -53.13
C ILE E 273 -38.52 18.87 -51.83
N ILE E 274 -38.10 17.61 -51.94
CA ILE E 274 -37.68 16.73 -50.81
C ILE E 274 -36.15 16.84 -50.70
N THR E 275 -35.64 17.28 -49.55
CA THR E 275 -34.23 17.73 -49.37
C THR E 275 -33.77 17.52 -47.93
N LEU E 276 -32.47 17.25 -47.74
CA LEU E 276 -31.77 17.37 -46.44
C LEU E 276 -31.67 18.87 -46.10
N MET E 277 -32.40 19.32 -45.08
CA MET E 277 -32.38 20.73 -44.62
C MET E 277 -31.19 20.93 -43.68
N LYS E 278 -30.47 22.05 -43.85
CA LYS E 278 -29.33 22.46 -43.00
C LYS E 278 -29.87 22.84 -41.61
N LYS E 279 -29.69 21.94 -40.63
CA LYS E 279 -30.06 22.17 -39.20
C LYS E 279 -28.83 22.65 -38.44
N PRO E 280 -28.98 23.52 -37.41
CA PRO E 280 -27.83 24.15 -36.76
C PRO E 280 -27.00 23.23 -35.84
N GLN E 281 -27.62 22.18 -35.27
CA GLN E 281 -27.01 21.31 -34.22
C GLN E 281 -26.70 19.91 -34.76
N SER E 282 -27.28 19.52 -35.91
CA SER E 282 -27.18 18.15 -36.49
C SER E 282 -25.77 17.91 -37.05
N LEU E 283 -25.15 16.77 -36.71
CA LEU E 283 -23.79 16.36 -37.16
C LEU E 283 -23.89 15.63 -38.50
N VAL E 284 -24.89 14.76 -38.65
CA VAL E 284 -25.13 13.92 -39.87
C VAL E 284 -25.24 14.85 -41.09
N VAL E 285 -25.91 16.00 -40.92
CA VAL E 285 -26.10 17.02 -42.00
C VAL E 285 -24.77 17.71 -42.28
N LYS E 286 -24.06 18.13 -41.22
CA LYS E 286 -22.71 18.78 -41.29
C LYS E 286 -21.78 17.95 -42.17
N SER E 287 -21.71 16.64 -41.94
CA SER E 287 -20.89 15.67 -42.72
C SER E 287 -21.22 15.77 -44.21
N VAL E 288 -22.49 15.59 -44.57
CA VAL E 288 -22.98 15.52 -45.98
C VAL E 288 -22.77 16.87 -46.65
N ASP E 289 -22.94 17.97 -45.91
CA ASP E 289 -22.71 19.36 -46.40
C ASP E 289 -21.31 19.45 -47.02
N ILE E 290 -20.28 19.01 -46.28
CA ILE E 290 -18.85 19.01 -46.71
C ILE E 290 -18.70 18.10 -47.93
N LEU E 291 -19.46 17.00 -47.97
CA LEU E 291 -19.46 16.03 -49.10
C LEU E 291 -20.04 16.70 -50.35
N MET E 292 -21.10 17.51 -50.20
CA MET E 292 -21.77 18.25 -51.31
C MET E 292 -20.79 19.27 -51.91
N ASP E 293 -19.96 19.90 -51.08
CA ASP E 293 -18.87 20.83 -51.50
C ASP E 293 -17.77 20.06 -52.22
N MET E 294 -17.43 18.87 -51.71
CA MET E 294 -16.30 18.04 -52.21
C MET E 294 -16.68 17.41 -53.56
N LEU E 295 -17.95 17.04 -53.75
CA LEU E 295 -18.44 16.26 -54.93
C LEU E 295 -19.00 17.20 -56.01
N PHE E 296 -19.82 18.18 -55.64
CA PHE E 296 -20.56 19.07 -56.57
C PHE E 296 -20.19 20.55 -56.39
N SER E 297 -19.36 20.88 -55.39
CA SER E 297 -19.11 22.27 -54.92
C SER E 297 -20.44 23.02 -54.79
N ALA E 298 -21.40 22.38 -54.10
CA ALA E 298 -22.73 22.94 -53.75
C ALA E 298 -22.84 22.95 -52.21
N LYS E 299 -24.05 22.79 -51.65
CA LYS E 299 -24.29 22.99 -50.20
C LYS E 299 -25.71 22.54 -49.80
N GLN E 300 -25.93 22.35 -48.50
CA GLN E 300 -27.28 22.25 -47.87
C GLN E 300 -27.79 23.69 -47.71
N ARG E 301 -29.10 23.90 -47.89
CA ARG E 301 -29.74 25.25 -47.86
C ARG E 301 -30.73 25.34 -46.69
N TYR E 302 -30.74 26.49 -46.01
CA TYR E 302 -31.81 26.90 -45.05
C TYR E 302 -33.10 27.13 -45.83
N LEU E 303 -34.20 27.36 -45.12
CA LEU E 303 -35.53 27.67 -45.72
C LEU E 303 -35.45 29.04 -46.42
N SER E 304 -34.75 30.00 -45.84
CA SER E 304 -34.57 31.39 -46.37
C SER E 304 -33.81 31.34 -47.70
N GLU E 305 -32.80 30.48 -47.81
CA GLU E 305 -31.97 30.30 -49.04
C GLU E 305 -32.84 29.69 -50.15
N PHE E 306 -33.72 28.75 -49.81
CA PHE E 306 -34.65 28.06 -50.75
C PHE E 306 -35.67 29.06 -51.32
N GLU E 307 -36.17 29.97 -50.47
CA GLU E 307 -37.18 30.99 -50.85
C GLU E 307 -36.55 32.01 -51.81
N ASP E 308 -35.27 32.34 -51.61
CA ASP E 308 -34.52 33.33 -52.42
C ASP E 308 -34.41 32.81 -53.87
N ILE E 309 -33.92 31.58 -54.05
CA ILE E 309 -33.71 30.94 -55.39
C ILE E 309 -35.06 30.67 -56.05
N ALA E 310 -36.11 30.43 -55.25
CA ALA E 310 -37.50 30.22 -55.71
C ALA E 310 -38.07 31.54 -56.27
N ASN E 311 -37.82 32.65 -55.57
CA ASN E 311 -38.27 34.02 -55.97
C ASN E 311 -37.61 34.39 -57.31
N GLN E 312 -36.29 34.19 -57.42
CA GLN E 312 -35.49 34.49 -58.64
C GLN E 312 -36.07 33.74 -59.84
N ALA E 313 -36.60 32.53 -59.62
CA ALA E 313 -37.17 31.64 -60.66
C ALA E 313 -38.64 31.99 -60.93
N GLY E 314 -39.28 32.71 -60.00
CA GLY E 314 -40.70 33.13 -60.08
C GLY E 314 -41.63 32.13 -59.44
N LEU E 315 -41.15 31.40 -58.43
CA LEU E 315 -41.91 30.39 -57.64
C LEU E 315 -42.12 30.91 -56.21
N VAL E 316 -43.17 30.42 -55.53
CA VAL E 316 -43.54 30.83 -54.15
C VAL E 316 -43.73 29.57 -53.29
N ILE E 317 -43.12 29.55 -52.10
CA ILE E 317 -43.27 28.45 -51.10
C ILE E 317 -44.66 28.61 -50.44
N ARG E 318 -45.46 27.53 -50.48
CA ARG E 318 -46.86 27.50 -49.96
C ARG E 318 -47.00 26.53 -48.79
N HIS E 319 -46.04 25.62 -48.60
CA HIS E 319 -46.05 24.59 -47.53
C HIS E 319 -44.63 24.05 -47.31
N TYR E 320 -44.15 24.13 -46.06
CA TYR E 320 -42.91 23.49 -45.56
C TYR E 320 -43.27 22.56 -44.39
N LYS E 321 -42.68 21.36 -44.35
CA LYS E 321 -42.98 20.31 -43.33
C LYS E 321 -41.76 19.39 -43.20
N ASP E 322 -41.37 19.07 -41.96
CA ASP E 322 -40.29 18.09 -41.64
C ASP E 322 -40.88 16.68 -41.73
N LEU E 323 -40.36 15.85 -42.64
CA LEU E 323 -40.77 14.43 -42.82
C LEU E 323 -40.21 13.60 -41.65
N ASP E 324 -39.01 13.96 -41.18
CA ASP E 324 -38.34 13.33 -40.02
C ASP E 324 -37.33 14.34 -39.44
N GLU E 325 -36.17 13.89 -38.95
CA GLU E 325 -35.15 14.73 -38.29
C GLU E 325 -34.21 15.36 -39.33
N ILE E 326 -34.06 14.73 -40.50
CA ILE E 326 -33.04 15.10 -41.53
C ILE E 326 -33.74 15.54 -42.83
N PHE E 327 -34.73 14.80 -43.31
CA PHE E 327 -35.49 15.07 -44.56
C PHE E 327 -36.66 16.02 -44.26
N SER E 328 -36.98 16.90 -45.21
CA SER E 328 -38.06 17.92 -45.12
C SER E 328 -38.70 18.13 -46.50
N LEU E 329 -39.96 18.57 -46.51
CA LEU E 329 -40.81 18.75 -47.73
C LEU E 329 -41.06 20.24 -47.96
N ILE E 330 -40.87 20.70 -49.20
CA ILE E 330 -41.15 22.11 -49.63
C ILE E 330 -42.08 22.07 -50.84
N GLU E 331 -43.27 22.67 -50.72
CA GLU E 331 -44.31 22.74 -51.78
C GLU E 331 -44.30 24.14 -52.39
N LEU E 332 -43.87 24.26 -53.65
CA LEU E 332 -43.82 25.54 -54.42
C LEU E 332 -44.93 25.54 -55.46
N LYS E 333 -45.32 26.74 -55.92
CA LYS E 333 -46.38 26.94 -56.93
C LYS E 333 -46.06 28.21 -57.74
N VAL E 334 -46.48 28.25 -59.01
CA VAL E 334 -46.26 29.40 -59.93
C VAL E 334 -47.15 30.55 -59.49
N LYS E 335 -46.55 31.68 -59.08
CA LYS E 335 -47.26 32.96 -58.78
C LYS E 335 -46.35 34.13 -59.18
N SER F 18 -26.23 3.59 -35.10
CA SER F 18 -25.64 3.40 -33.74
C SER F 18 -24.11 3.38 -33.83
N MET F 19 -23.46 2.23 -33.59
CA MET F 19 -21.98 2.08 -33.55
C MET F 19 -21.43 1.85 -34.97
N LEU F 20 -22.02 0.91 -35.71
CA LEU F 20 -21.51 0.42 -37.03
C LEU F 20 -21.34 1.60 -37.99
N ILE F 21 -22.41 2.37 -38.22
CA ILE F 21 -22.43 3.51 -39.17
C ILE F 21 -21.39 4.56 -38.73
N ASP F 22 -21.24 4.77 -37.42
CA ASP F 22 -20.25 5.73 -36.83
C ASP F 22 -18.83 5.30 -37.18
N LEU F 23 -18.55 3.98 -37.17
CA LEU F 23 -17.22 3.41 -37.54
C LEU F 23 -16.96 3.63 -39.03
N ILE F 24 -17.96 3.33 -39.88
CA ILE F 24 -17.85 3.38 -41.37
C ILE F 24 -17.61 4.83 -41.81
N THR F 25 -18.29 5.80 -41.19
CA THR F 25 -18.23 7.23 -41.56
C THR F 25 -17.21 7.99 -40.69
N SER F 26 -16.40 7.28 -39.89
CA SER F 26 -15.37 7.88 -39.00
C SER F 26 -14.20 8.42 -39.83
N TYR F 27 -13.97 7.87 -41.02
CA TYR F 27 -12.85 8.25 -41.93
C TYR F 27 -13.01 9.72 -42.36
N ARG F 28 -14.27 10.17 -42.50
CA ARG F 28 -14.62 11.58 -42.85
C ARG F 28 -14.01 12.52 -41.80
N LYS F 29 -13.98 12.10 -40.53
CA LYS F 29 -13.44 12.87 -39.39
C LYS F 29 -11.92 13.01 -39.57
N THR F 30 -11.24 11.91 -39.91
CA THR F 30 -9.80 11.87 -40.27
C THR F 30 -9.52 12.86 -41.39
N ALA F 31 -10.33 12.80 -42.46
CA ALA F 31 -10.15 13.59 -43.71
C ALA F 31 -10.34 15.08 -43.44
N ALA F 32 -11.22 15.44 -42.50
CA ALA F 32 -11.54 16.84 -42.12
C ALA F 32 -10.35 17.44 -41.34
N ILE F 33 -9.80 16.67 -40.38
CA ILE F 33 -8.59 17.03 -39.58
C ILE F 33 -7.42 17.20 -40.55
N TYR F 34 -7.26 16.29 -41.52
CA TYR F 34 -6.24 16.34 -42.60
C TYR F 34 -6.36 17.67 -43.36
N THR F 35 -7.56 17.99 -43.87
CA THR F 35 -7.86 19.22 -44.65
C THR F 35 -7.44 20.46 -43.85
N PHE F 36 -7.84 20.50 -42.57
CA PHE F 36 -7.53 21.60 -41.61
C PHE F 36 -6.01 21.74 -41.45
N VAL F 37 -5.28 20.62 -41.46
CA VAL F 37 -3.80 20.57 -41.28
C VAL F 37 -3.11 20.85 -42.62
N ASP F 38 -3.50 20.13 -43.68
CA ASP F 38 -2.87 20.21 -45.03
C ASP F 38 -2.91 21.66 -45.53
N ALA F 39 -4.05 22.33 -45.39
CA ALA F 39 -4.32 23.70 -45.88
C ALA F 39 -3.44 24.73 -45.15
N GLY F 40 -2.86 24.35 -44.00
CA GLY F 40 -1.90 25.17 -43.23
C GLY F 40 -2.59 26.06 -42.22
N LEU F 41 -3.83 25.73 -41.84
CA LEU F 41 -4.69 26.55 -40.95
C LEU F 41 -4.34 26.27 -39.48
N SER F 42 -4.07 24.99 -39.14
CA SER F 42 -3.85 24.50 -37.75
C SER F 42 -2.75 25.29 -37.04
N ILE F 43 -1.76 25.79 -37.80
CA ILE F 43 -0.59 26.59 -37.28
C ILE F 43 -1.09 27.78 -36.45
N HIS F 44 -2.24 28.38 -36.80
CA HIS F 44 -2.73 29.67 -36.24
C HIS F 44 -3.58 29.45 -34.97
N PHE F 45 -3.53 28.26 -34.36
CA PHE F 45 -4.38 27.89 -33.19
C PHE F 45 -3.49 27.46 -32.01
N LYS F 46 -2.30 28.07 -31.87
CA LYS F 46 -1.33 27.76 -30.80
C LYS F 46 -1.79 28.40 -29.49
N ASN F 47 -1.49 27.77 -28.35
CA ASN F 47 -1.80 28.27 -26.97
C ASN F 47 -3.32 28.35 -26.77
N GLY F 48 -4.09 27.54 -27.50
CA GLY F 48 -5.57 27.53 -27.48
C GLY F 48 -6.14 28.91 -27.81
N ASP F 49 -5.63 29.55 -28.87
CA ASP F 49 -6.05 30.91 -29.30
C ASP F 49 -7.36 30.81 -30.10
N TYR F 50 -8.22 31.83 -29.95
CA TYR F 50 -9.50 31.98 -30.69
C TYR F 50 -9.25 32.78 -31.97
N VAL F 51 -9.62 32.23 -33.13
CA VAL F 51 -9.31 32.78 -34.48
C VAL F 51 -10.62 33.15 -35.18
N ASP F 52 -10.66 34.32 -35.83
CA ASP F 52 -11.80 34.76 -36.69
C ASP F 52 -11.74 33.98 -38.00
N ILE F 53 -12.83 33.29 -38.35
CA ILE F 53 -12.92 32.42 -39.56
C ILE F 53 -12.81 33.30 -40.81
N ASN F 54 -13.36 34.52 -40.76
CA ASN F 54 -13.40 35.48 -41.89
C ASN F 54 -11.96 35.95 -42.20
N LYS F 55 -11.15 36.16 -41.17
CA LYS F 55 -9.74 36.65 -41.30
C LYS F 55 -8.86 35.53 -41.87
N LEU F 56 -9.04 34.29 -41.37
CA LEU F 56 -8.35 33.07 -41.89
C LEU F 56 -8.67 32.91 -43.38
N ALA F 57 -9.96 32.93 -43.74
CA ALA F 57 -10.48 32.78 -45.11
C ALA F 57 -9.78 33.78 -46.05
N SER F 58 -9.74 35.06 -45.65
CA SER F 58 -9.16 36.18 -46.44
C SER F 58 -7.63 36.03 -46.53
N GLN F 59 -6.97 35.65 -45.42
CA GLN F 59 -5.51 35.41 -45.35
C GLN F 59 -5.07 34.42 -46.43
N TYR F 60 -5.72 33.25 -46.47
CA TYR F 60 -5.34 32.07 -47.31
C TYR F 60 -6.12 32.07 -48.64
N GLY F 61 -6.97 33.07 -48.85
CA GLY F 61 -7.78 33.23 -50.08
C GLY F 61 -8.77 32.08 -50.24
N ILE F 62 -9.31 31.57 -49.13
CA ILE F 62 -10.38 30.54 -49.08
C ILE F 62 -11.72 31.25 -48.95
N ASP F 63 -12.78 30.72 -49.56
CA ASP F 63 -14.17 31.23 -49.41
C ASP F 63 -14.58 31.05 -47.95
N TYR F 64 -15.09 32.11 -47.32
CA TYR F 64 -15.52 32.12 -45.88
C TYR F 64 -16.57 31.02 -45.65
N SER F 65 -17.55 30.93 -46.56
CA SER F 65 -18.69 29.98 -46.49
C SER F 65 -18.18 28.54 -46.37
N ARG F 66 -17.29 28.14 -47.28
CA ARG F 66 -16.70 26.77 -47.37
C ARG F 66 -15.89 26.47 -46.11
N LEU F 67 -15.08 27.43 -45.63
CA LEU F 67 -14.20 27.27 -44.44
C LEU F 67 -15.05 27.20 -43.17
N ASN F 68 -16.14 27.97 -43.12
CA ASN F 68 -17.06 28.04 -41.95
C ASN F 68 -17.78 26.70 -41.79
N ARG F 69 -18.21 26.09 -42.90
CA ARG F 69 -18.90 24.77 -42.94
C ARG F 69 -17.96 23.66 -42.45
N LEU F 70 -16.68 23.71 -42.84
CA LEU F 70 -15.62 22.77 -42.38
C LEU F 70 -15.46 22.92 -40.86
N CYS F 71 -15.25 24.15 -40.39
CA CYS F 71 -15.10 24.49 -38.94
C CYS F 71 -16.33 24.02 -38.15
N ASP F 72 -17.51 24.07 -38.77
CA ASP F 72 -18.79 23.61 -38.15
C ASP F 72 -18.77 22.09 -37.98
N PHE F 73 -18.19 21.35 -38.93
CA PHE F 73 -18.03 19.87 -38.85
C PHE F 73 -16.97 19.53 -37.78
N LEU F 74 -15.89 20.30 -37.73
CA LEU F 74 -14.78 20.14 -36.75
C LEU F 74 -15.31 20.39 -35.33
N ILE F 75 -16.20 21.37 -35.16
CA ILE F 75 -16.87 21.71 -33.86
C ILE F 75 -17.64 20.48 -33.37
N GLU F 76 -18.40 19.83 -34.25
CA GLU F 76 -19.31 18.69 -33.93
C GLU F 76 -18.49 17.47 -33.48
N ILE F 77 -17.37 17.18 -34.16
CA ILE F 77 -16.49 16.01 -33.85
C ILE F 77 -15.58 16.37 -32.66
N GLY F 78 -15.56 17.64 -32.26
CA GLY F 78 -14.95 18.12 -30.99
C GLY F 78 -13.50 18.56 -31.14
N VAL F 79 -13.06 18.85 -32.37
CA VAL F 79 -11.68 19.33 -32.66
C VAL F 79 -11.61 20.84 -32.35
N LEU F 80 -12.63 21.60 -32.75
CA LEU F 80 -12.72 23.06 -32.50
C LEU F 80 -13.85 23.35 -31.49
N VAL F 81 -13.78 24.49 -30.79
CA VAL F 81 -14.85 25.01 -29.89
C VAL F 81 -15.20 26.43 -30.35
N SER F 82 -16.50 26.73 -30.48
CA SER F 82 -17.04 28.00 -31.04
C SER F 82 -17.22 29.01 -29.90
N SER F 83 -16.93 30.29 -30.17
CA SER F 83 -17.01 31.42 -29.21
C SER F 83 -17.45 32.70 -29.93
N ASP F 84 -17.70 33.78 -29.18
CA ASP F 84 -18.01 35.12 -29.72
C ASP F 84 -16.74 35.72 -30.35
N HIS F 85 -15.57 35.46 -29.76
CA HIS F 85 -14.24 35.84 -30.28
C HIS F 85 -14.01 35.19 -31.65
N GLY F 86 -14.20 33.87 -31.73
CA GLY F 86 -14.05 33.06 -32.95
C GLY F 86 -14.16 31.58 -32.65
N VAL F 87 -13.22 30.77 -33.12
CA VAL F 87 -13.09 29.32 -32.79
C VAL F 87 -11.64 29.04 -32.38
N ALA F 88 -11.46 28.10 -31.45
CA ALA F 88 -10.14 27.63 -30.95
C ALA F 88 -10.15 26.10 -30.93
N LEU F 89 -8.95 25.49 -30.95
CA LEU F 89 -8.78 24.02 -30.76
C LEU F 89 -9.21 23.66 -29.33
N SER F 90 -9.93 22.54 -29.18
CA SER F 90 -10.23 21.91 -27.88
C SER F 90 -8.91 21.50 -27.21
N GLU F 91 -8.88 21.48 -25.87
CA GLU F 91 -7.65 21.18 -25.07
C GLU F 91 -7.14 19.78 -25.39
N GLU F 92 -8.03 18.86 -25.78
CA GLU F 92 -7.69 17.46 -26.16
C GLU F 92 -7.02 17.45 -27.54
N CYS F 93 -7.37 18.39 -28.42
CA CYS F 93 -6.86 18.50 -29.82
C CYS F 93 -5.93 19.72 -29.96
N SER F 94 -5.12 20.01 -28.93
CA SER F 94 -4.13 21.12 -28.90
C SER F 94 -2.97 20.81 -29.85
N ALA F 95 -2.66 19.52 -30.04
CA ALA F 95 -1.43 19.01 -30.70
C ALA F 95 -1.40 19.41 -32.20
N LEU F 96 -2.57 19.69 -32.80
CA LEU F 96 -2.67 20.11 -34.23
C LEU F 96 -1.95 21.44 -34.44
N ALA F 97 -1.74 22.23 -33.38
CA ALA F 97 -1.08 23.56 -33.40
C ALA F 97 0.37 23.44 -33.88
N ASP F 98 1.23 22.76 -33.09
CA ASP F 98 2.70 22.69 -33.34
C ASP F 98 2.99 21.62 -34.39
N PRO F 99 3.84 21.92 -35.40
CA PRO F 99 4.24 20.93 -36.40
C PRO F 99 4.94 19.68 -35.83
N ASN F 100 5.68 19.84 -34.72
CA ASN F 100 6.49 18.77 -34.09
C ASN F 100 5.68 18.12 -32.97
N SER F 101 4.53 17.54 -33.31
CA SER F 101 3.70 16.68 -32.43
C SER F 101 3.42 15.36 -33.13
N VAL F 102 3.29 14.27 -32.37
CA VAL F 102 3.03 12.89 -32.90
C VAL F 102 1.74 12.92 -33.73
N GLU F 103 0.72 13.66 -33.29
CA GLU F 103 -0.61 13.77 -33.97
C GLU F 103 -0.43 14.45 -35.33
N PHE F 104 0.25 15.61 -35.35
CA PHE F 104 0.50 16.43 -36.57
C PHE F 104 1.33 15.61 -37.57
N LEU F 105 2.38 14.93 -37.11
CA LEU F 105 3.35 14.20 -37.97
C LEU F 105 2.73 12.89 -38.47
N THR F 106 1.75 12.33 -37.76
CA THR F 106 0.94 11.15 -38.20
C THR F 106 0.08 11.55 -39.41
N VAL F 107 -0.55 12.73 -39.35
CA VAL F 107 -1.42 13.29 -40.41
C VAL F 107 -0.59 13.52 -41.68
N LYS F 108 0.57 14.15 -41.54
CA LYS F 108 1.48 14.52 -42.67
C LYS F 108 2.07 13.26 -43.31
N TYR F 109 2.35 12.22 -42.52
CA TYR F 109 2.98 10.95 -42.99
C TYR F 109 1.92 10.04 -43.62
N GLU F 110 0.83 9.76 -42.90
CA GLU F 110 -0.10 8.65 -43.20
C GLU F 110 -1.21 9.10 -44.16
N ILE F 111 -1.86 10.22 -43.89
CA ILE F 111 -3.06 10.68 -44.66
C ILE F 111 -2.58 11.24 -46.01
N ASN F 112 -2.52 10.38 -47.03
CA ASN F 112 -2.10 10.70 -48.42
C ASN F 112 -2.43 9.52 -49.32
N SER F 113 -2.22 9.65 -50.63
CA SER F 113 -2.50 8.62 -51.66
C SER F 113 -1.75 7.31 -51.33
N GLU F 114 -0.50 7.41 -50.86
CA GLU F 114 0.43 6.27 -50.64
C GLU F 114 -0.23 5.20 -49.76
N HIS F 115 -0.92 5.62 -48.69
CA HIS F 115 -1.58 4.73 -47.70
C HIS F 115 -3.02 4.42 -48.15
N TRP F 116 -3.74 5.44 -48.61
CA TRP F 116 -5.20 5.37 -48.89
C TRP F 116 -5.48 4.55 -50.16
N ASP F 117 -4.67 4.71 -51.21
CA ASP F 117 -4.75 3.87 -52.44
C ASP F 117 -4.49 2.41 -52.07
N SER F 118 -3.46 2.19 -51.24
CA SER F 118 -3.00 0.85 -50.79
C SER F 118 -4.09 0.17 -49.94
N TRP F 119 -4.72 0.93 -49.04
CA TRP F 119 -5.84 0.45 -48.17
C TRP F 119 -6.98 -0.07 -49.04
N LEU F 120 -7.32 0.64 -50.12
CA LEU F 120 -8.41 0.27 -51.07
C LEU F 120 -8.02 -0.99 -51.85
N MET F 121 -6.73 -1.23 -52.03
CA MET F 121 -6.17 -2.42 -52.74
C MET F 121 -6.01 -3.59 -51.77
N TYR F 122 -6.04 -3.34 -50.45
CA TYR F 122 -5.78 -4.34 -49.38
C TYR F 122 -6.68 -5.58 -49.57
N PRO F 123 -8.02 -5.43 -49.78
CA PRO F 123 -8.87 -6.60 -50.01
C PRO F 123 -8.47 -7.44 -51.23
N LYS F 124 -7.89 -6.82 -52.26
CA LYS F 124 -7.38 -7.52 -53.48
C LYS F 124 -6.14 -8.34 -53.12
N SER F 125 -5.29 -7.83 -52.21
CA SER F 125 -4.02 -8.48 -51.77
C SER F 125 -4.31 -9.78 -51.00
N LEU F 126 -5.50 -9.86 -50.36
CA LEU F 126 -5.98 -11.08 -49.66
C LEU F 126 -6.42 -12.12 -50.72
N LEU F 127 -7.29 -11.72 -51.64
CA LEU F 127 -7.87 -12.59 -52.71
C LEU F 127 -6.77 -13.05 -53.66
N GLU F 128 -5.86 -12.15 -54.04
CA GLU F 128 -4.72 -12.42 -54.96
C GLU F 128 -3.49 -12.80 -54.12
N ASN F 129 -3.38 -14.08 -53.75
CA ASN F 129 -2.26 -14.62 -52.93
C ASN F 129 -0.97 -14.49 -53.74
N ASN F 130 -0.04 -13.64 -53.28
CA ASN F 130 1.20 -13.25 -54.01
C ASN F 130 2.20 -12.63 -53.03
N GLY F 131 3.48 -12.59 -53.41
CA GLY F 131 4.54 -11.86 -52.68
C GLY F 131 4.26 -10.37 -52.63
N LYS F 132 3.58 -9.84 -53.65
CA LYS F 132 3.18 -8.41 -53.76
C LYS F 132 2.27 -8.02 -52.59
N SER F 133 2.70 -7.06 -51.77
CA SER F 133 1.89 -6.38 -50.73
C SER F 133 0.91 -5.41 -51.42
N ALA F 134 -0.13 -4.98 -50.71
CA ALA F 134 -1.17 -4.04 -51.20
C ALA F 134 -0.50 -2.79 -51.80
N PHE F 135 0.56 -2.29 -51.15
CA PHE F 135 1.34 -1.09 -51.58
C PHE F 135 2.05 -1.39 -52.91
N GLU F 136 2.71 -2.55 -53.01
CA GLU F 136 3.46 -2.99 -54.23
C GLU F 136 2.49 -3.07 -55.42
N MET F 137 1.28 -3.57 -55.20
CA MET F 137 0.22 -3.75 -56.23
C MET F 137 -0.18 -2.38 -56.81
N VAL F 138 -0.17 -1.33 -55.99
CA VAL F 138 -0.58 0.04 -56.38
C VAL F 138 0.60 0.74 -57.07
N HIS F 139 1.73 0.90 -56.35
CA HIS F 139 2.87 1.76 -56.73
C HIS F 139 3.78 1.05 -57.75
N GLY F 140 3.95 -0.27 -57.61
CA GLY F 140 4.81 -1.09 -58.50
C GLY F 140 6.16 -1.37 -57.87
N LYS F 141 6.57 -0.57 -56.87
CA LYS F 141 7.83 -0.70 -56.11
C LYS F 141 7.53 -1.09 -54.66
N SER F 142 8.56 -1.38 -53.86
CA SER F 142 8.47 -1.56 -52.40
C SER F 142 8.39 -0.17 -51.74
N PHE F 143 8.05 -0.14 -50.44
CA PHE F 143 7.79 1.10 -49.66
C PHE F 143 9.02 2.03 -49.74
N PHE F 144 10.20 1.51 -49.36
CA PHE F 144 11.46 2.30 -49.23
C PHE F 144 12.02 2.66 -50.61
N GLU F 145 11.75 1.83 -51.62
CA GLU F 145 12.10 2.10 -53.04
C GLU F 145 11.29 3.31 -53.53
N HIS F 146 10.04 3.46 -53.08
CA HIS F 146 9.17 4.63 -53.38
C HIS F 146 9.69 5.87 -52.65
N LEU F 147 10.13 5.72 -51.39
CA LEU F 147 10.59 6.84 -50.52
C LEU F 147 11.91 7.43 -51.03
N ASP F 148 12.65 6.69 -51.87
CA ASP F 148 13.85 7.19 -52.59
C ASP F 148 13.41 8.24 -53.63
N SER F 149 12.28 7.98 -54.29
CA SER F 149 11.66 8.85 -55.34
C SER F 149 10.86 9.98 -54.67
N ASN F 150 10.14 9.66 -53.60
CA ASN F 150 9.22 10.59 -52.87
C ASN F 150 9.96 11.20 -51.67
N LYS F 151 10.74 12.26 -51.92
CA LYS F 151 11.64 12.91 -50.92
C LYS F 151 10.79 13.57 -49.82
N GLY F 152 9.62 14.10 -50.16
CA GLY F 152 8.72 14.81 -49.23
C GLY F 152 8.13 13.88 -48.18
N LEU F 153 7.74 12.66 -48.57
CA LEU F 153 7.16 11.63 -47.67
C LEU F 153 8.24 11.03 -46.78
N LYS F 154 9.47 10.91 -47.28
CA LYS F 154 10.62 10.34 -46.52
C LYS F 154 10.98 11.28 -45.36
N SER F 155 10.95 12.59 -45.58
CA SER F 155 11.20 13.63 -44.55
C SER F 155 10.06 13.61 -43.52
N ASP F 156 8.81 13.41 -43.98
CA ASP F 156 7.61 13.23 -43.12
C ASP F 156 7.75 11.94 -42.31
N PHE F 157 8.30 10.88 -42.92
CA PHE F 157 8.55 9.56 -42.29
C PHE F 157 9.61 9.71 -41.20
N ASP F 158 10.80 10.21 -41.57
CA ASP F 158 11.97 10.42 -40.68
C ASP F 158 11.56 11.24 -39.45
N ALA F 159 10.72 12.26 -39.66
CA ALA F 159 10.24 13.20 -38.61
C ALA F 159 9.37 12.47 -37.59
N LEU F 160 8.41 11.66 -38.07
CA LEU F 160 7.48 10.87 -37.22
C LEU F 160 8.27 9.84 -36.41
N MET F 161 9.28 9.22 -37.04
CA MET F 161 10.13 8.16 -36.43
C MET F 161 11.03 8.77 -35.35
N SER F 162 11.41 10.05 -35.50
CA SER F 162 12.23 10.82 -34.52
C SER F 162 11.45 11.01 -33.21
N LYS F 163 10.15 11.27 -33.31
CA LYS F 163 9.24 11.47 -32.14
C LYS F 163 9.15 10.16 -31.34
N TYR F 164 8.89 9.04 -32.03
CA TYR F 164 8.79 7.68 -31.42
C TYR F 164 10.13 7.32 -30.75
N THR F 165 11.24 7.77 -31.31
CA THR F 165 12.61 7.60 -30.73
C THR F 165 12.72 8.41 -29.44
N ASN F 166 12.26 9.67 -29.46
CA ASN F 166 12.41 10.66 -28.35
C ASN F 166 11.48 10.31 -27.18
N LYS F 167 10.47 9.46 -27.39
CA LYS F 167 9.59 8.94 -26.31
C LYS F 167 10.35 7.87 -25.50
N ILE F 168 11.33 7.21 -26.12
CA ILE F 168 11.98 5.96 -25.60
C ILE F 168 13.33 6.28 -24.97
N ILE F 169 14.07 7.26 -25.50
CA ILE F 169 15.49 7.58 -25.11
C ILE F 169 15.66 7.49 -23.59
N LYS F 170 14.76 8.08 -22.79
CA LYS F 170 14.93 8.27 -21.33
C LYS F 170 14.97 6.91 -20.62
N GLU F 171 13.93 6.10 -20.80
CA GLU F 171 13.79 4.76 -20.15
C GLU F 171 14.80 3.79 -20.74
N LEU F 172 15.12 3.92 -22.04
CA LEU F 172 16.10 3.08 -22.76
C LEU F 172 17.48 3.21 -22.08
N LEU F 173 17.88 4.45 -21.76
CA LEU F 173 19.16 4.78 -21.08
C LEU F 173 19.14 4.25 -19.64
N VAL F 174 17.99 4.30 -18.97
CA VAL F 174 17.80 3.83 -17.57
C VAL F 174 17.88 2.31 -17.53
N ILE F 175 17.15 1.63 -18.44
CA ILE F 175 17.01 0.14 -18.46
C ILE F 175 18.32 -0.48 -18.95
N TYR F 176 18.78 -0.12 -20.16
CA TYR F 176 20.00 -0.67 -20.80
C TYR F 176 21.19 0.27 -20.58
N ASP F 177 22.35 -0.31 -20.25
CA ASP F 177 23.65 0.41 -20.08
C ASP F 177 24.42 0.33 -21.40
N PHE F 178 24.61 1.48 -22.05
CA PHE F 178 25.34 1.62 -23.35
C PHE F 178 26.81 1.95 -23.08
N ASP F 179 27.16 2.31 -21.83
CA ASP F 179 28.51 2.79 -21.44
C ASP F 179 29.48 1.61 -21.29
N LYS F 180 28.95 0.38 -21.22
CA LYS F 180 29.76 -0.88 -21.17
C LYS F 180 30.30 -1.22 -22.56
N HIS F 181 29.67 -0.67 -23.62
CA HIS F 181 30.02 -0.93 -25.05
C HIS F 181 31.05 0.09 -25.55
N ASN F 182 31.82 -0.28 -26.57
CA ASN F 182 32.87 0.56 -27.21
C ASN F 182 32.40 0.96 -28.62
N ARG F 183 32.09 -0.02 -29.46
CA ARG F 183 31.66 0.17 -30.88
C ARG F 183 30.20 -0.28 -31.02
N ILE F 184 29.32 0.64 -31.46
CA ILE F 184 27.85 0.42 -31.60
C ILE F 184 27.46 0.64 -33.07
N LEU F 185 26.52 -0.17 -33.59
CA LEU F 185 26.02 -0.09 -34.99
C LEU F 185 24.50 -0.20 -35.02
N ASP F 186 23.81 0.89 -35.41
CA ASP F 186 22.34 0.93 -35.61
C ASP F 186 22.03 0.52 -37.06
N LEU F 187 21.58 -0.72 -37.25
CA LEU F 187 21.16 -1.27 -38.58
C LEU F 187 19.76 -0.74 -38.91
N GLY F 188 19.61 -0.02 -40.02
CA GLY F 188 18.37 0.65 -40.43
C GLY F 188 18.02 1.79 -39.49
N GLY F 189 18.99 2.67 -39.22
CA GLY F 189 18.87 3.78 -38.26
C GLY F 189 18.47 5.10 -38.89
N GLY F 190 18.17 5.11 -40.20
CA GLY F 190 17.75 6.29 -40.97
C GLY F 190 18.54 7.54 -40.58
N ASP F 191 17.86 8.66 -40.35
CA ASP F 191 18.45 9.83 -39.64
C ASP F 191 18.74 9.38 -38.21
N GLY F 192 20.02 9.25 -37.84
CA GLY F 192 20.50 8.48 -36.68
C GLY F 192 20.09 9.11 -35.35
N GLU F 193 18.82 9.47 -35.19
CA GLU F 193 18.28 10.18 -34.00
C GLU F 193 18.57 9.33 -32.75
N LEU F 194 18.32 8.02 -32.82
CA LEU F 194 18.61 7.06 -31.72
C LEU F 194 20.04 7.28 -31.23
N LEU F 195 21.02 7.13 -32.13
CA LEU F 195 22.47 7.22 -31.80
C LEU F 195 22.87 8.69 -31.58
N ILE F 196 22.20 9.64 -32.24
CA ILE F 196 22.42 11.11 -32.03
C ILE F 196 22.02 11.47 -30.60
N ARG F 197 20.92 10.90 -30.10
CA ARG F 197 20.36 11.18 -28.75
C ARG F 197 21.17 10.44 -27.69
N ILE F 198 21.59 9.19 -27.96
CA ILE F 198 22.40 8.35 -27.03
C ILE F 198 23.78 9.01 -26.82
N SER F 199 24.34 9.61 -27.86
CA SER F 199 25.71 10.23 -27.86
C SER F 199 25.76 11.45 -26.92
N GLU F 200 24.62 12.11 -26.71
CA GLU F 200 24.50 13.32 -25.84
C GLU F 200 24.77 12.93 -24.37
N GLN F 201 24.17 11.83 -23.90
CA GLN F 201 24.36 11.30 -22.52
C GLN F 201 25.64 10.46 -22.47
N VAL F 202 25.68 9.37 -23.24
CA VAL F 202 26.82 8.39 -23.27
C VAL F 202 27.88 8.90 -24.25
N LYS F 203 28.93 9.55 -23.72
CA LYS F 203 29.98 10.24 -24.52
C LYS F 203 31.18 9.29 -24.71
N GLY F 204 32.01 9.57 -25.73
CA GLY F 204 33.31 8.92 -25.97
C GLY F 204 33.17 7.48 -26.43
N LYS F 205 32.28 7.22 -27.40
CA LYS F 205 32.05 5.88 -28.00
C LYS F 205 32.01 6.01 -29.53
N ASP F 206 32.21 4.89 -30.23
CA ASP F 206 32.13 4.78 -31.72
C ASP F 206 30.69 4.46 -32.12
N TYR F 207 29.90 5.49 -32.46
CA TYR F 207 28.50 5.38 -32.94
C TYR F 207 28.49 5.36 -34.46
N THR F 208 27.96 4.29 -35.06
CA THR F 208 27.85 4.09 -36.54
C THR F 208 26.40 3.75 -36.89
N VAL F 209 25.87 4.37 -37.96
CA VAL F 209 24.48 4.15 -38.46
C VAL F 209 24.57 3.58 -39.89
N LEU F 210 24.02 2.38 -40.10
CA LEU F 210 23.94 1.71 -41.42
C LEU F 210 22.51 1.83 -41.96
N ASP F 211 22.36 2.26 -43.21
CA ASP F 211 21.05 2.38 -43.91
C ASP F 211 21.31 2.59 -45.40
N ARG F 212 20.26 2.87 -46.18
CA ARG F 212 20.33 3.19 -47.63
C ARG F 212 20.20 4.71 -47.78
N TYR F 213 21.30 5.40 -48.06
CA TYR F 213 21.37 6.88 -48.16
C TYR F 213 21.76 7.29 -49.60
N ASN F 214 20.91 8.09 -50.24
CA ASN F 214 21.25 8.84 -51.48
C ASN F 214 22.19 9.98 -51.09
N GLU F 215 21.95 10.58 -49.92
CA GLU F 215 22.77 11.65 -49.31
C GLU F 215 23.10 11.26 -47.86
N VAL F 216 24.32 10.77 -47.62
CA VAL F 216 24.80 10.26 -46.30
C VAL F 216 24.70 11.40 -45.29
N PRO F 217 23.95 11.25 -44.17
CA PRO F 217 23.79 12.32 -43.18
C PRO F 217 25.11 12.76 -42.54
N ILE F 218 25.13 13.99 -42.00
CA ILE F 218 26.26 14.59 -41.22
C ILE F 218 25.73 14.92 -39.82
N SER F 219 26.45 14.50 -38.77
CA SER F 219 26.17 14.80 -37.34
C SER F 219 27.45 14.62 -36.52
N GLU F 220 27.63 15.44 -35.48
CA GLU F 220 28.85 15.47 -34.62
C GLU F 220 28.99 14.14 -33.88
N GLY F 221 30.08 13.40 -34.13
CA GLY F 221 30.46 12.16 -33.42
C GLY F 221 29.73 10.94 -33.93
N ILE F 222 29.01 11.05 -35.06
CA ILE F 222 28.21 9.96 -35.68
C ILE F 222 28.78 9.68 -37.07
N ASN F 223 29.01 8.39 -37.40
CA ASN F 223 29.53 7.92 -38.71
C ASN F 223 28.43 7.15 -39.43
N PHE F 224 27.97 7.66 -40.58
CA PHE F 224 26.84 7.12 -41.37
C PHE F 224 27.39 6.30 -42.55
N ILE F 225 27.17 4.97 -42.51
CA ILE F 225 27.61 4.00 -43.55
C ILE F 225 26.48 3.80 -44.56
N LYS F 226 26.84 3.67 -45.83
CA LYS F 226 25.93 3.29 -46.95
C LYS F 226 26.04 1.77 -47.14
N GLY F 227 25.02 1.02 -46.72
CA GLY F 227 25.03 -0.46 -46.72
C GLY F 227 23.64 -1.06 -46.85
N ASP F 228 23.58 -2.40 -46.96
CA ASP F 228 22.36 -3.22 -47.08
C ASP F 228 22.48 -4.41 -46.11
N PHE F 229 21.56 -4.54 -45.15
CA PHE F 229 21.63 -5.55 -44.05
C PHE F 229 21.16 -6.92 -44.56
N PHE F 230 20.81 -7.05 -45.84
CA PHE F 230 20.60 -8.36 -46.53
C PHE F 230 21.95 -8.91 -47.01
N LYS F 231 22.95 -8.03 -47.17
CA LYS F 231 24.37 -8.41 -47.44
C LYS F 231 25.07 -8.69 -46.12
N PRO F 232 26.17 -9.46 -46.10
CA PRO F 232 26.92 -9.72 -44.86
C PRO F 232 27.22 -8.42 -44.10
N ILE F 233 26.87 -8.38 -42.82
CA ILE F 233 26.91 -7.15 -41.96
C ILE F 233 28.34 -6.95 -41.46
N PRO F 234 28.83 -5.68 -41.40
CA PRO F 234 30.18 -5.40 -40.89
C PRO F 234 30.44 -5.97 -39.48
N THR F 235 31.63 -6.59 -39.30
CA THR F 235 32.09 -7.19 -38.02
C THR F 235 32.88 -6.15 -37.23
N GLY F 236 33.20 -6.47 -35.96
CA GLY F 236 34.03 -5.63 -35.07
C GLY F 236 33.21 -4.90 -34.03
N TYR F 237 31.90 -4.77 -34.24
CA TYR F 237 30.95 -4.07 -33.32
C TYR F 237 30.48 -5.03 -32.23
N ASP F 238 30.41 -4.53 -30.99
CA ASP F 238 30.03 -5.31 -29.77
C ASP F 238 28.58 -4.99 -29.39
N LEU F 239 27.90 -4.12 -30.16
CA LEU F 239 26.45 -3.83 -30.03
C LEU F 239 25.84 -3.57 -31.41
N TYR F 240 24.85 -4.38 -31.79
CA TYR F 240 24.03 -4.23 -33.02
C TYR F 240 22.58 -3.89 -32.60
N ILE F 241 21.95 -2.92 -33.27
CA ILE F 241 20.56 -2.45 -32.96
C ILE F 241 19.69 -2.58 -34.21
N LEU F 242 18.49 -3.13 -34.06
CA LEU F 242 17.43 -3.21 -35.10
C LEU F 242 16.14 -2.60 -34.53
N LYS F 243 16.10 -1.27 -34.44
CA LYS F 243 14.96 -0.50 -33.87
C LYS F 243 13.90 -0.31 -34.95
N ASN F 244 12.74 -0.98 -34.80
CA ASN F 244 11.57 -0.87 -35.71
C ASN F 244 12.02 -1.16 -37.15
N VAL F 245 12.67 -2.32 -37.36
CA VAL F 245 13.16 -2.79 -38.68
C VAL F 245 12.48 -4.13 -39.01
N LEU F 246 12.52 -5.09 -38.09
CA LEU F 246 12.07 -6.49 -38.31
C LEU F 246 10.57 -6.53 -38.64
N ASN F 247 9.78 -5.60 -38.09
CA ASN F 247 8.32 -5.48 -38.32
C ASN F 247 8.02 -5.08 -39.76
N ASN F 248 9.04 -4.72 -40.55
CA ASN F 248 8.93 -4.32 -41.98
C ASN F 248 9.25 -5.52 -42.90
N TRP F 249 9.41 -6.73 -42.34
CA TRP F 249 9.87 -7.93 -43.11
C TRP F 249 9.10 -9.17 -42.67
N PRO F 250 8.64 -10.02 -43.62
CA PRO F 250 8.09 -11.33 -43.29
C PRO F 250 9.15 -12.24 -42.65
N ASP F 251 8.74 -13.44 -42.21
CA ASP F 251 9.57 -14.37 -41.39
C ASP F 251 10.88 -14.68 -42.14
N ASN F 252 10.79 -15.14 -43.39
CA ASN F 252 11.95 -15.56 -44.22
C ASN F 252 12.96 -14.40 -44.32
N ASP F 253 12.49 -13.19 -44.62
CA ASP F 253 13.32 -11.97 -44.76
C ASP F 253 13.89 -11.57 -43.38
N ALA F 254 13.06 -11.59 -42.34
CA ALA F 254 13.41 -11.24 -40.95
C ALA F 254 14.53 -12.17 -40.44
N ILE F 255 14.38 -13.48 -40.65
CA ILE F 255 15.37 -14.53 -40.26
C ILE F 255 16.70 -14.23 -40.98
N SER F 256 16.65 -13.96 -42.28
CA SER F 256 17.82 -13.67 -43.15
C SER F 256 18.64 -12.51 -42.59
N ILE F 257 17.97 -11.45 -42.11
CA ILE F 257 18.59 -10.24 -41.50
C ILE F 257 19.35 -10.65 -40.23
N LEU F 258 18.72 -11.48 -39.38
CA LEU F 258 19.28 -11.91 -38.08
C LEU F 258 20.47 -12.86 -38.29
N LYS F 259 20.41 -13.72 -39.31
CA LYS F 259 21.50 -14.67 -39.68
C LYS F 259 22.77 -13.87 -40.00
N ASN F 260 22.63 -12.76 -40.72
CA ASN F 260 23.73 -11.84 -41.08
C ASN F 260 24.25 -11.14 -39.81
N CYS F 261 23.33 -10.79 -38.89
CA CYS F 261 23.66 -10.20 -37.56
C CYS F 261 24.45 -11.21 -36.73
N ARG F 262 23.95 -12.44 -36.63
CA ARG F 262 24.57 -13.55 -35.87
C ARG F 262 25.97 -13.84 -36.42
N GLU F 263 26.10 -13.95 -37.74
CA GLU F 263 27.37 -14.26 -38.46
C GLU F 263 28.40 -13.15 -38.22
N ALA F 264 27.95 -11.89 -38.24
CA ALA F 264 28.80 -10.68 -38.05
C ALA F 264 29.26 -10.59 -36.58
N MET F 265 28.39 -10.98 -35.64
CA MET F 265 28.66 -10.94 -34.18
C MET F 265 29.72 -11.98 -33.80
N ASP F 266 30.36 -11.79 -32.64
CA ASP F 266 31.16 -12.82 -31.92
C ASP F 266 30.36 -13.25 -30.68
N ASN F 267 30.98 -13.99 -29.74
CA ASN F 267 30.30 -14.52 -28.54
C ASN F 267 30.07 -13.40 -27.50
N ASN F 268 30.85 -12.31 -27.58
CA ASN F 268 30.81 -11.17 -26.65
C ASN F 268 29.74 -10.15 -27.08
N ALA F 269 29.49 -10.03 -28.40
CA ALA F 269 28.60 -9.02 -29.02
C ALA F 269 27.15 -9.22 -28.56
N THR F 270 26.37 -8.14 -28.56
CA THR F 270 24.94 -8.09 -28.16
C THR F 270 24.11 -7.54 -29.34
N LEU F 271 22.91 -8.09 -29.54
CA LEU F 271 21.92 -7.61 -30.54
C LEU F 271 20.68 -7.09 -29.80
N LEU F 272 20.41 -5.79 -29.90
CA LEU F 272 19.17 -5.15 -29.37
C LEU F 272 18.09 -5.14 -30.46
N ILE F 273 16.87 -5.51 -30.09
CA ILE F 273 15.64 -5.38 -30.95
C ILE F 273 14.65 -4.49 -30.20
N ILE F 274 14.53 -3.22 -30.60
CA ILE F 274 13.53 -2.24 -30.08
C ILE F 274 12.35 -2.24 -31.06
N THR F 275 11.17 -2.70 -30.62
CA THR F 275 10.01 -3.01 -31.49
C THR F 275 8.69 -2.70 -30.76
N LEU F 276 7.63 -2.47 -31.54
CA LEU F 276 6.22 -2.51 -31.07
C LEU F 276 5.83 -3.97 -30.87
N MET F 277 5.63 -4.39 -29.62
CA MET F 277 5.24 -5.78 -29.26
C MET F 277 3.73 -5.94 -29.40
N LYS F 278 3.29 -6.99 -30.11
CA LYS F 278 1.86 -7.37 -30.26
C LYS F 278 1.39 -7.96 -28.92
N LYS F 279 0.45 -7.28 -28.26
CA LYS F 279 -0.17 -7.73 -26.98
C LYS F 279 -1.57 -8.27 -27.30
N PRO F 280 -2.13 -9.16 -26.45
CA PRO F 280 -3.42 -9.80 -26.74
C PRO F 280 -4.66 -8.89 -26.61
N GLN F 281 -4.52 -7.76 -25.90
CA GLN F 281 -5.66 -6.85 -25.58
C GLN F 281 -5.42 -5.43 -26.14
N SER F 282 -4.31 -5.20 -26.84
CA SER F 282 -3.90 -3.87 -27.37
C SER F 282 -4.56 -3.63 -28.74
N LEU F 283 -5.20 -2.46 -28.90
CA LEU F 283 -5.84 -2.01 -30.17
C LEU F 283 -4.82 -1.26 -31.02
N VAL F 284 -4.01 -0.41 -30.39
CA VAL F 284 -3.02 0.51 -31.04
C VAL F 284 -2.07 -0.32 -31.91
N VAL F 285 -1.63 -1.49 -31.43
CA VAL F 285 -0.64 -2.37 -32.12
C VAL F 285 -1.37 -3.24 -33.16
N LYS F 286 -2.59 -3.68 -32.85
CA LYS F 286 -3.43 -4.52 -33.74
C LYS F 286 -3.68 -3.80 -35.07
N SER F 287 -3.92 -2.48 -35.03
CA SER F 287 -4.14 -1.62 -36.23
C SER F 287 -2.85 -1.53 -37.04
N VAL F 288 -1.71 -1.31 -36.37
CA VAL F 288 -0.36 -1.17 -36.99
C VAL F 288 0.05 -2.52 -37.60
N ASP F 289 -0.38 -3.64 -37.00
CA ASP F 289 -0.10 -5.02 -37.48
C ASP F 289 -0.66 -5.20 -38.90
N ILE F 290 -1.85 -4.66 -39.17
CA ILE F 290 -2.51 -4.70 -40.51
C ILE F 290 -1.76 -3.75 -41.45
N LEU F 291 -1.34 -2.59 -40.94
CA LEU F 291 -0.60 -1.54 -41.69
C LEU F 291 0.72 -2.12 -42.22
N MET F 292 1.39 -2.97 -41.42
CA MET F 292 2.67 -3.63 -41.79
C MET F 292 2.41 -4.67 -42.89
N ASP F 293 1.29 -5.39 -42.82
CA ASP F 293 0.86 -6.38 -43.84
C ASP F 293 0.57 -5.66 -45.16
N MET F 294 -0.16 -4.54 -45.09
CA MET F 294 -0.60 -3.72 -46.25
C MET F 294 0.62 -3.15 -46.98
N LEU F 295 1.62 -2.66 -46.23
CA LEU F 295 2.81 -1.94 -46.77
C LEU F 295 3.89 -2.95 -47.18
N PHE F 296 4.26 -3.89 -46.30
CA PHE F 296 5.47 -4.74 -46.41
C PHE F 296 5.16 -6.24 -46.53
N SER F 297 3.89 -6.65 -46.33
CA SER F 297 3.47 -8.07 -46.15
C SER F 297 4.18 -8.68 -44.94
N ALA F 298 4.46 -7.86 -43.92
CA ALA F 298 5.12 -8.24 -42.65
C ALA F 298 4.08 -8.25 -41.52
N LYS F 299 4.51 -8.13 -40.26
CA LYS F 299 3.62 -8.21 -39.08
C LYS F 299 4.34 -7.71 -37.82
N GLN F 300 3.58 -7.27 -36.82
CA GLN F 300 4.01 -7.17 -35.40
C GLN F 300 3.97 -8.60 -34.83
N ARG F 301 4.95 -8.96 -33.99
CA ARG F 301 5.18 -10.34 -33.52
C ARG F 301 5.05 -10.42 -32.00
N TYR F 302 4.57 -11.56 -31.49
CA TYR F 302 4.61 -11.94 -30.05
C TYR F 302 6.07 -12.26 -29.67
N LEU F 303 6.36 -12.37 -28.38
CA LEU F 303 7.71 -12.74 -27.87
C LEU F 303 8.06 -14.15 -28.36
N SER F 304 7.05 -15.02 -28.49
CA SER F 304 7.15 -16.40 -29.03
C SER F 304 7.67 -16.38 -30.47
N GLU F 305 7.13 -15.46 -31.29
CA GLU F 305 7.44 -15.33 -32.74
C GLU F 305 8.87 -14.78 -32.93
N PHE F 306 9.32 -13.90 -32.03
CA PHE F 306 10.69 -13.35 -32.01
C PHE F 306 11.69 -14.44 -31.60
N GLU F 307 11.31 -15.29 -30.63
CA GLU F 307 12.09 -16.48 -30.20
C GLU F 307 12.21 -17.46 -31.36
N ASP F 308 11.10 -17.69 -32.09
CA ASP F 308 11.00 -18.64 -33.22
C ASP F 308 12.00 -18.27 -34.31
N ILE F 309 11.98 -17.03 -34.79
CA ILE F 309 12.85 -16.53 -35.91
C ILE F 309 14.31 -16.49 -35.46
N ALA F 310 14.55 -16.17 -34.18
CA ALA F 310 15.91 -16.08 -33.57
C ALA F 310 16.51 -17.49 -33.44
N ASN F 311 15.69 -18.47 -33.10
CA ASN F 311 16.09 -19.91 -32.98
C ASN F 311 16.55 -20.41 -34.35
N GLN F 312 15.82 -20.09 -35.42
CA GLN F 312 16.14 -20.46 -36.82
C GLN F 312 17.38 -19.69 -37.29
N ALA F 313 17.54 -18.43 -36.83
CA ALA F 313 18.69 -17.55 -37.15
C ALA F 313 19.97 -18.09 -36.50
N GLY F 314 19.85 -18.63 -35.28
CA GLY F 314 20.97 -19.12 -34.46
C GLY F 314 21.33 -18.14 -33.34
N LEU F 315 20.32 -17.45 -32.81
CA LEU F 315 20.44 -16.48 -31.69
C LEU F 315 19.53 -16.93 -30.53
N VAL F 316 19.80 -16.47 -29.32
CA VAL F 316 19.04 -16.80 -28.09
C VAL F 316 18.66 -15.51 -27.36
N ILE F 317 17.41 -15.41 -26.88
CA ILE F 317 16.90 -14.25 -26.08
C ILE F 317 17.46 -14.36 -24.65
N ARG F 318 18.20 -13.34 -24.21
CA ARG F 318 18.86 -13.29 -22.87
C ARG F 318 18.07 -12.40 -21.90
N HIS F 319 17.47 -11.32 -22.41
CA HIS F 319 16.75 -10.29 -21.61
C HIS F 319 15.64 -9.65 -22.45
N TYR F 320 14.43 -9.56 -21.90
CA TYR F 320 13.27 -8.79 -22.45
C TYR F 320 12.74 -7.84 -21.38
N LYS F 321 12.27 -6.66 -21.78
CA LYS F 321 11.78 -5.58 -20.88
C LYS F 321 11.07 -4.53 -21.73
N ASP F 322 9.76 -4.32 -21.51
CA ASP F 322 8.98 -3.30 -22.26
C ASP F 322 9.32 -1.92 -21.68
N LEU F 323 9.62 -0.95 -22.56
CA LEU F 323 10.14 0.39 -22.23
C LEU F 323 8.98 1.32 -21.86
N ASP F 324 7.80 1.06 -22.41
CA ASP F 324 6.52 1.73 -22.04
C ASP F 324 5.35 0.77 -22.37
N GLU F 325 4.20 1.32 -22.77
CA GLU F 325 2.92 0.56 -22.95
C GLU F 325 2.85 -0.04 -24.36
N ILE F 326 3.65 0.49 -25.30
CA ILE F 326 3.57 0.18 -26.75
C ILE F 326 4.89 -0.44 -27.23
N PHE F 327 6.04 0.12 -26.82
CA PHE F 327 7.40 -0.32 -27.23
C PHE F 327 7.97 -1.33 -26.23
N SER F 328 8.99 -2.08 -26.65
CA SER F 328 9.73 -3.08 -25.82
C SER F 328 11.17 -3.26 -26.32
N LEU F 329 12.00 -3.91 -25.50
CA LEU F 329 13.45 -4.15 -25.73
C LEU F 329 13.73 -5.66 -25.61
N ILE F 330 14.50 -6.22 -26.55
CA ILE F 330 14.94 -7.65 -26.56
C ILE F 330 16.45 -7.70 -26.77
N GLU F 331 17.18 -8.33 -25.83
CA GLU F 331 18.64 -8.62 -25.95
C GLU F 331 18.83 -10.07 -26.46
N LEU F 332 19.49 -10.23 -27.60
CA LEU F 332 19.86 -11.55 -28.18
C LEU F 332 21.38 -11.73 -28.11
N LYS F 333 21.85 -12.97 -28.25
CA LYS F 333 23.30 -13.31 -28.19
C LYS F 333 23.54 -14.59 -29.01
N VAL F 334 24.75 -14.74 -29.57
CA VAL F 334 25.14 -15.86 -30.47
C VAL F 334 25.28 -17.14 -29.63
N LYS F 335 24.18 -17.89 -29.51
CA LYS F 335 24.15 -19.23 -28.85
C LYS F 335 23.11 -20.10 -29.58
N SER G 18 61.98 13.81 6.71
CA SER G 18 63.29 13.19 7.04
C SER G 18 63.19 11.67 6.92
N MET G 19 64.27 10.94 7.27
CA MET G 19 64.40 9.48 7.05
C MET G 19 63.46 8.69 7.98
N LEU G 20 63.54 8.95 9.29
CA LEU G 20 62.88 8.12 10.34
C LEU G 20 61.37 8.11 10.14
N ILE G 21 60.75 9.30 10.03
CA ILE G 21 59.28 9.47 9.86
C ILE G 21 58.82 8.71 8.61
N ASP G 22 59.63 8.71 7.54
CA ASP G 22 59.33 8.01 6.26
C ASP G 22 59.31 6.50 6.48
N LEU G 23 60.27 5.98 7.25
CA LEU G 23 60.36 4.52 7.60
C LEU G 23 59.14 4.10 8.41
N ILE G 24 58.68 4.97 9.32
CA ILE G 24 57.52 4.71 10.22
C ILE G 24 56.23 4.70 9.37
N THR G 25 56.05 5.69 8.50
CA THR G 25 54.80 5.91 7.72
C THR G 25 54.83 5.13 6.40
N SER G 26 55.96 4.48 6.06
CA SER G 26 56.14 3.72 4.79
C SER G 26 55.19 2.51 4.73
N TYR G 27 54.71 2.02 5.89
CA TYR G 27 53.76 0.89 6.00
C TYR G 27 52.46 1.25 5.24
N ARG G 28 52.09 2.54 5.21
CA ARG G 28 50.87 3.05 4.53
C ARG G 28 50.97 2.80 3.02
N LYS G 29 52.20 2.75 2.48
CA LYS G 29 52.46 2.47 1.04
C LYS G 29 52.18 0.99 0.76
N THR G 30 52.57 0.11 1.69
CA THR G 30 52.26 -1.35 1.67
C THR G 30 50.73 -1.54 1.67
N ALA G 31 50.04 -0.82 2.55
CA ALA G 31 48.57 -0.87 2.69
C ALA G 31 47.91 -0.45 1.37
N ALA G 32 48.29 0.72 0.84
CA ALA G 32 47.73 1.31 -0.40
C ALA G 32 47.87 0.32 -1.56
N ILE G 33 49.02 -0.36 -1.66
CA ILE G 33 49.31 -1.39 -2.71
C ILE G 33 48.40 -2.60 -2.46
N TYR G 34 48.30 -3.05 -1.20
CA TYR G 34 47.49 -4.22 -0.77
C TYR G 34 46.03 -4.04 -1.18
N THR G 35 45.47 -2.84 -0.97
CA THR G 35 44.02 -2.54 -1.20
C THR G 35 43.74 -2.49 -2.70
N PHE G 36 44.73 -2.04 -3.49
CA PHE G 36 44.68 -2.00 -4.97
C PHE G 36 44.61 -3.43 -5.53
N VAL G 37 45.32 -4.37 -4.89
CA VAL G 37 45.39 -5.80 -5.31
C VAL G 37 44.17 -6.55 -4.76
N ASP G 38 43.86 -6.36 -3.47
CA ASP G 38 42.83 -7.14 -2.71
C ASP G 38 41.43 -6.86 -3.31
N ALA G 39 41.16 -5.61 -3.68
CA ALA G 39 39.86 -5.17 -4.26
C ALA G 39 39.68 -5.75 -5.66
N GLY G 40 40.77 -6.20 -6.31
CA GLY G 40 40.76 -6.90 -7.60
C GLY G 40 40.82 -5.93 -8.78
N LEU G 41 41.45 -4.77 -8.58
CA LEU G 41 41.57 -3.68 -9.59
C LEU G 41 42.84 -3.88 -10.42
N SER G 42 43.89 -4.44 -9.82
CA SER G 42 45.26 -4.57 -10.39
C SER G 42 45.23 -5.37 -11.70
N ILE G 43 44.27 -6.29 -11.86
CA ILE G 43 44.15 -7.21 -13.04
C ILE G 43 43.76 -6.42 -14.31
N HIS G 44 43.30 -5.17 -14.17
CA HIS G 44 42.84 -4.30 -15.29
C HIS G 44 43.94 -3.33 -15.73
N PHE G 45 45.22 -3.65 -15.46
CA PHE G 45 46.39 -2.79 -15.76
C PHE G 45 47.48 -3.60 -16.48
N LYS G 46 47.07 -4.62 -17.24
CA LYS G 46 47.98 -5.52 -18.00
C LYS G 46 48.49 -4.78 -19.25
N ASN G 47 49.74 -5.03 -19.64
CA ASN G 47 50.38 -4.52 -20.88
C ASN G 47 50.49 -2.99 -20.83
N GLY G 48 50.67 -2.42 -19.63
CA GLY G 48 50.79 -0.97 -19.39
C GLY G 48 49.60 -0.19 -19.92
N ASP G 49 48.40 -0.77 -19.84
CA ASP G 49 47.12 -0.15 -20.32
C ASP G 49 46.74 1.01 -19.40
N TYR G 50 46.28 2.12 -19.99
CA TYR G 50 45.61 3.25 -19.29
C TYR G 50 44.12 2.95 -19.22
N VAL G 51 43.52 3.05 -18.02
CA VAL G 51 42.08 2.73 -17.77
C VAL G 51 41.39 3.96 -17.18
N ASP G 52 40.11 4.15 -17.52
CA ASP G 52 39.23 5.20 -16.93
C ASP G 52 38.92 4.82 -15.48
N ILE G 53 39.19 5.73 -14.54
CA ILE G 53 38.98 5.51 -13.08
C ILE G 53 37.46 5.45 -12.81
N ASN G 54 36.65 6.18 -13.60
CA ASN G 54 35.18 6.23 -13.46
C ASN G 54 34.58 4.91 -13.97
N LYS G 55 35.08 4.40 -15.10
CA LYS G 55 34.71 3.08 -15.68
C LYS G 55 35.06 1.97 -14.65
N LEU G 56 36.25 2.05 -14.06
CA LEU G 56 36.75 1.09 -13.03
C LEU G 56 35.88 1.18 -11.77
N ALA G 57 35.61 2.41 -11.32
CA ALA G 57 34.78 2.73 -10.12
C ALA G 57 33.37 2.15 -10.30
N SER G 58 32.75 2.40 -11.46
CA SER G 58 31.35 2.01 -11.79
C SER G 58 31.22 0.48 -11.88
N GLN G 59 32.25 -0.21 -12.38
CA GLN G 59 32.26 -1.67 -12.65
C GLN G 59 32.17 -2.45 -11.33
N TYR G 60 32.97 -2.05 -10.33
CA TYR G 60 33.09 -2.72 -9.02
C TYR G 60 32.18 -2.05 -7.98
N GLY G 61 31.44 -1.01 -8.39
CA GLY G 61 30.52 -0.25 -7.51
C GLY G 61 31.26 0.54 -6.45
N ILE G 62 32.50 0.94 -6.75
CA ILE G 62 33.37 1.75 -5.85
C ILE G 62 33.06 3.24 -6.09
N ASP G 63 33.16 4.06 -5.05
CA ASP G 63 33.00 5.54 -5.13
C ASP G 63 34.17 6.10 -5.95
N TYR G 64 33.87 6.79 -7.05
CA TYR G 64 34.87 7.39 -7.97
C TYR G 64 35.79 8.34 -7.19
N SER G 65 35.22 9.15 -6.31
CA SER G 65 35.93 10.13 -5.44
C SER G 65 37.00 9.41 -4.60
N ARG G 66 36.62 8.29 -3.96
CA ARG G 66 37.52 7.46 -3.10
C ARG G 66 38.62 6.85 -3.97
N LEU G 67 38.25 6.14 -5.04
CA LEU G 67 39.18 5.37 -5.91
C LEU G 67 40.20 6.29 -6.57
N ASN G 68 39.80 7.52 -6.91
CA ASN G 68 40.68 8.54 -7.56
C ASN G 68 41.76 8.98 -6.58
N ARG G 69 41.38 9.29 -5.34
CA ARG G 69 42.28 9.78 -4.26
C ARG G 69 43.36 8.73 -3.98
N LEU G 70 43.02 7.44 -4.05
CA LEU G 70 43.97 6.30 -3.88
C LEU G 70 44.98 6.33 -5.04
N CYS G 71 44.49 6.41 -6.28
CA CYS G 71 45.31 6.46 -7.52
C CYS G 71 46.28 7.65 -7.44
N ASP G 72 45.86 8.76 -6.83
CA ASP G 72 46.70 9.98 -6.62
C ASP G 72 47.90 9.64 -5.71
N PHE G 73 47.69 8.83 -4.66
CA PHE G 73 48.73 8.41 -3.69
C PHE G 73 49.69 7.40 -4.35
N LEU G 74 49.15 6.47 -5.14
CA LEU G 74 49.93 5.44 -5.87
C LEU G 74 50.87 6.12 -6.89
N ILE G 75 50.41 7.19 -7.53
CA ILE G 75 51.20 8.01 -8.51
C ILE G 75 52.40 8.63 -7.77
N GLU G 76 52.17 9.19 -6.58
CA GLU G 76 53.19 9.96 -5.80
C GLU G 76 54.30 9.02 -5.33
N ILE G 77 53.95 7.80 -4.89
CA ILE G 77 54.92 6.76 -4.42
C ILE G 77 55.56 6.07 -5.63
N GLY G 78 54.91 6.14 -6.80
CA GLY G 78 55.48 5.72 -8.10
C GLY G 78 55.02 4.34 -8.53
N VAL G 79 53.77 3.99 -8.24
CA VAL G 79 53.13 2.68 -8.60
C VAL G 79 52.35 2.85 -9.91
N LEU G 80 51.58 3.94 -10.02
CA LEU G 80 50.80 4.32 -11.23
C LEU G 80 51.46 5.53 -11.90
N VAL G 81 50.95 5.91 -13.08
CA VAL G 81 51.34 7.15 -13.83
C VAL G 81 50.08 7.70 -14.53
N SER G 82 49.92 9.03 -14.51
CA SER G 82 48.70 9.75 -14.98
C SER G 82 48.91 10.30 -16.39
N SER G 83 47.82 10.44 -17.15
CA SER G 83 47.80 10.96 -18.55
C SER G 83 46.37 11.33 -18.94
N ASP G 84 46.18 11.85 -20.16
CA ASP G 84 44.85 12.22 -20.73
C ASP G 84 44.02 10.95 -20.98
N HIS G 85 44.69 9.84 -21.35
CA HIS G 85 44.07 8.52 -21.61
C HIS G 85 43.41 7.99 -20.33
N GLY G 86 44.09 8.13 -19.18
CA GLY G 86 43.60 7.68 -17.86
C GLY G 86 44.73 7.50 -16.88
N VAL G 87 44.86 6.31 -16.29
CA VAL G 87 45.94 5.95 -15.32
C VAL G 87 46.44 4.52 -15.63
N ALA G 88 47.75 4.31 -15.61
CA ALA G 88 48.43 3.04 -15.92
C ALA G 88 49.55 2.77 -14.90
N LEU G 89 49.91 1.49 -14.72
CA LEU G 89 51.04 1.05 -13.86
C LEU G 89 52.36 1.58 -14.45
N SER G 90 53.32 1.92 -13.59
CA SER G 90 54.72 2.23 -13.96
C SER G 90 55.42 0.94 -14.39
N GLU G 91 56.56 1.06 -15.09
CA GLU G 91 57.32 -0.09 -15.65
C GLU G 91 57.93 -0.91 -14.52
N GLU G 92 58.18 -0.30 -13.36
CA GLU G 92 58.83 -0.93 -12.17
C GLU G 92 57.81 -1.73 -11.37
N CYS G 93 56.51 -1.42 -11.49
CA CYS G 93 55.41 -2.02 -10.67
C CYS G 93 54.40 -2.74 -11.58
N SER G 94 54.86 -3.25 -12.73
CA SER G 94 54.03 -3.95 -13.74
C SER G 94 53.51 -5.28 -13.18
N ALA G 95 54.29 -5.90 -12.28
CA ALA G 95 54.05 -7.25 -11.72
C ALA G 95 52.70 -7.36 -11.03
N LEU G 96 52.14 -6.24 -10.54
CA LEU G 96 50.82 -6.19 -9.86
C LEU G 96 49.70 -6.67 -10.81
N ALA G 97 49.94 -6.58 -12.12
CA ALA G 97 48.97 -6.90 -13.20
C ALA G 97 48.65 -8.40 -13.22
N ASP G 98 49.67 -9.26 -13.21
CA ASP G 98 49.51 -10.74 -13.37
C ASP G 98 49.42 -11.37 -11.98
N PRO G 99 48.45 -12.29 -11.74
CA PRO G 99 48.29 -12.94 -10.44
C PRO G 99 49.46 -13.84 -10.01
N ASN G 100 50.25 -14.33 -10.96
CA ASN G 100 51.34 -15.33 -10.73
C ASN G 100 52.70 -14.64 -10.81
N SER G 101 52.87 -13.51 -10.11
CA SER G 101 54.17 -12.81 -9.93
C SER G 101 54.56 -12.89 -8.44
N VAL G 102 55.87 -12.86 -8.16
CA VAL G 102 56.42 -12.94 -6.77
C VAL G 102 55.82 -11.81 -5.93
N GLU G 103 55.64 -10.61 -6.52
CA GLU G 103 55.14 -9.40 -5.82
C GLU G 103 53.65 -9.57 -5.47
N PHE G 104 52.81 -9.88 -6.46
CA PHE G 104 51.35 -10.11 -6.29
C PHE G 104 51.12 -11.19 -5.24
N LEU G 105 51.86 -12.31 -5.36
CA LEU G 105 51.71 -13.50 -4.49
C LEU G 105 52.22 -13.19 -3.07
N THR G 106 53.17 -12.25 -2.93
CA THR G 106 53.69 -11.76 -1.63
C THR G 106 52.60 -10.92 -0.93
N VAL G 107 51.95 -10.01 -1.67
CA VAL G 107 50.84 -9.15 -1.19
C VAL G 107 49.70 -10.05 -0.68
N LYS G 108 49.34 -11.08 -1.46
CA LYS G 108 48.25 -12.04 -1.14
C LYS G 108 48.57 -12.79 0.16
N TYR G 109 49.78 -13.36 0.26
CA TYR G 109 50.21 -14.24 1.37
C TYR G 109 50.44 -13.45 2.66
N GLU G 110 51.19 -12.34 2.58
CA GLU G 110 51.82 -11.68 3.75
C GLU G 110 50.93 -10.57 4.33
N ILE G 111 50.24 -9.78 3.50
CA ILE G 111 49.44 -8.61 3.96
C ILE G 111 48.05 -9.10 4.38
N ASN G 112 47.94 -9.63 5.60
CA ASN G 112 46.69 -10.15 6.22
C ASN G 112 46.82 -10.06 7.74
N SER G 113 45.75 -10.42 8.47
CA SER G 113 45.69 -10.41 9.96
C SER G 113 46.73 -11.38 10.54
N GLU G 114 46.94 -12.52 9.87
CA GLU G 114 47.82 -13.63 10.34
C GLU G 114 49.23 -13.09 10.65
N HIS G 115 49.76 -12.21 9.79
CA HIS G 115 51.12 -11.62 9.90
C HIS G 115 51.08 -10.34 10.75
N TRP G 116 50.17 -9.42 10.41
CA TRP G 116 50.12 -8.04 10.98
C TRP G 116 49.79 -8.08 12.47
N ASP G 117 48.85 -8.92 12.90
CA ASP G 117 48.50 -9.12 14.33
C ASP G 117 49.73 -9.66 15.06
N SER G 118 50.39 -10.65 14.47
CA SER G 118 51.62 -11.31 15.01
C SER G 118 52.76 -10.30 15.13
N TRP G 119 52.86 -9.36 14.18
CA TRP G 119 53.87 -8.26 14.18
C TRP G 119 53.59 -7.31 15.35
N LEU G 120 52.31 -7.05 15.66
CA LEU G 120 51.89 -6.20 16.80
C LEU G 120 52.18 -6.93 18.13
N MET G 121 52.14 -8.26 18.11
CA MET G 121 52.40 -9.13 19.31
C MET G 121 53.90 -9.28 19.54
N TYR G 122 54.74 -9.05 18.52
CA TYR G 122 56.19 -9.38 18.53
C TYR G 122 56.90 -8.75 19.74
N PRO G 123 56.78 -7.43 20.00
CA PRO G 123 57.47 -6.82 21.15
C PRO G 123 57.05 -7.47 22.49
N LYS G 124 55.76 -7.75 22.65
CA LYS G 124 55.18 -8.48 23.84
C LYS G 124 55.87 -9.84 23.97
N SER G 125 56.03 -10.57 22.86
CA SER G 125 56.62 -11.94 22.79
C SER G 125 58.11 -11.91 23.13
N LEU G 126 58.74 -10.74 23.07
CA LEU G 126 60.20 -10.53 23.30
C LEU G 126 60.45 -10.44 24.82
N LEU G 127 59.57 -9.75 25.55
CA LEU G 127 59.64 -9.57 27.03
C LEU G 127 59.33 -10.90 27.72
N GLU G 128 58.26 -11.59 27.25
CA GLU G 128 57.98 -13.02 27.54
C GLU G 128 59.09 -13.86 26.90
N ASN G 129 59.52 -14.95 27.54
CA ASN G 129 60.60 -15.85 27.05
C ASN G 129 60.12 -17.31 27.06
N ASN G 130 58.80 -17.51 27.07
CA ASN G 130 58.12 -18.85 27.03
C ASN G 130 58.09 -19.34 25.58
N GLY G 131 58.07 -20.66 25.39
CA GLY G 131 58.26 -21.37 24.11
C GLY G 131 57.42 -20.82 22.97
N LYS G 132 56.22 -20.31 23.27
CA LYS G 132 55.23 -19.83 22.26
C LYS G 132 55.83 -18.66 21.47
N SER G 133 55.63 -18.65 20.14
CA SER G 133 56.04 -17.59 19.20
C SER G 133 54.93 -16.54 19.09
N ALA G 134 55.25 -15.36 18.54
CA ALA G 134 54.34 -14.21 18.40
C ALA G 134 53.03 -14.64 17.70
N PHE G 135 53.13 -15.51 16.69
CA PHE G 135 51.98 -16.07 15.93
C PHE G 135 51.13 -16.94 16.85
N GLU G 136 51.77 -17.89 17.55
CA GLU G 136 51.12 -18.89 18.44
C GLU G 136 50.33 -18.16 19.53
N MET G 137 50.87 -17.06 20.08
CA MET G 137 50.23 -16.25 21.14
C MET G 137 48.89 -15.69 20.64
N VAL G 138 48.86 -15.25 19.38
CA VAL G 138 47.69 -14.56 18.75
C VAL G 138 46.62 -15.59 18.38
N HIS G 139 47.03 -16.68 17.70
CA HIS G 139 46.14 -17.67 17.04
C HIS G 139 45.85 -18.87 17.96
N GLY G 140 46.80 -19.22 18.83
CA GLY G 140 46.67 -20.37 19.75
C GLY G 140 47.09 -21.69 19.09
N LYS G 141 47.74 -21.61 17.93
CA LYS G 141 48.32 -22.76 17.18
C LYS G 141 49.61 -22.32 16.51
N SER G 142 50.48 -23.28 16.16
CA SER G 142 51.67 -23.06 15.29
C SER G 142 51.22 -22.60 13.91
N PHE G 143 52.13 -22.04 13.12
CA PHE G 143 51.84 -21.49 11.76
C PHE G 143 51.24 -22.58 10.88
N PHE G 144 51.91 -23.74 10.78
CA PHE G 144 51.54 -24.85 9.88
C PHE G 144 50.24 -25.52 10.35
N GLU G 145 49.96 -25.51 11.67
CA GLU G 145 48.68 -25.99 12.24
C GLU G 145 47.53 -25.11 11.75
N HIS G 146 47.76 -23.79 11.65
CA HIS G 146 46.77 -22.78 11.18
C HIS G 146 46.52 -22.95 9.68
N LEU G 147 47.56 -23.31 8.91
CA LEU G 147 47.49 -23.52 7.44
C LEU G 147 46.60 -24.74 7.13
N ASP G 148 46.60 -25.75 8.00
CA ASP G 148 45.75 -26.97 7.86
C ASP G 148 44.27 -26.61 8.01
N SER G 149 43.96 -25.55 8.78
CA SER G 149 42.59 -25.07 9.06
C SER G 149 42.11 -24.07 7.99
N ASN G 150 42.96 -23.10 7.64
CA ASN G 150 42.65 -22.04 6.64
C ASN G 150 43.22 -22.44 5.28
N LYS G 151 42.39 -23.07 4.44
CA LYS G 151 42.77 -23.63 3.11
C LYS G 151 43.12 -22.51 2.13
N GLY G 152 42.45 -21.36 2.25
CA GLY G 152 42.67 -20.17 1.41
C GLY G 152 44.10 -19.66 1.48
N LEU G 153 44.66 -19.58 2.69
CA LEU G 153 46.02 -19.02 2.96
C LEU G 153 47.10 -20.06 2.61
N LYS G 154 46.76 -21.35 2.60
CA LYS G 154 47.71 -22.45 2.28
C LYS G 154 47.97 -22.46 0.77
N SER G 155 46.94 -22.25 -0.06
CA SER G 155 47.03 -22.15 -1.54
C SER G 155 47.86 -20.91 -1.91
N ASP G 156 47.65 -19.79 -1.20
CA ASP G 156 48.41 -18.52 -1.37
C ASP G 156 49.88 -18.75 -1.00
N PHE G 157 50.13 -19.46 0.10
CA PHE G 157 51.48 -19.81 0.61
C PHE G 157 52.20 -20.70 -0.41
N ASP G 158 51.54 -21.79 -0.83
CA ASP G 158 52.11 -22.82 -1.76
C ASP G 158 52.40 -22.18 -3.12
N ALA G 159 51.60 -21.19 -3.53
CA ALA G 159 51.75 -20.44 -4.80
C ALA G 159 53.03 -19.60 -4.77
N LEU G 160 53.35 -19.01 -3.61
CA LEU G 160 54.55 -18.17 -3.40
C LEU G 160 55.80 -19.06 -3.34
N MET G 161 55.71 -20.18 -2.62
CA MET G 161 56.80 -21.19 -2.49
C MET G 161 57.13 -21.77 -3.88
N SER G 162 56.10 -22.04 -4.70
CA SER G 162 56.22 -22.53 -6.10
C SER G 162 57.01 -21.52 -6.94
N LYS G 163 56.67 -20.24 -6.82
CA LYS G 163 57.26 -19.13 -7.60
C LYS G 163 58.76 -19.00 -7.29
N TYR G 164 59.14 -19.06 -6.01
CA TYR G 164 60.54 -18.92 -5.54
C TYR G 164 61.39 -20.11 -5.98
N THR G 165 60.76 -21.24 -6.37
CA THR G 165 61.46 -22.48 -6.78
C THR G 165 61.90 -22.40 -8.25
N ASN G 166 61.16 -21.67 -9.09
CA ASN G 166 61.39 -21.60 -10.55
C ASN G 166 62.53 -20.60 -10.86
N LYS G 167 62.81 -19.67 -9.93
CA LYS G 167 63.98 -18.74 -10.01
C LYS G 167 65.25 -19.50 -9.59
N ILE G 168 65.09 -20.73 -9.10
CA ILE G 168 66.16 -21.57 -8.47
C ILE G 168 66.49 -22.76 -9.39
N ILE G 169 65.48 -23.45 -9.92
CA ILE G 169 65.58 -24.75 -10.63
C ILE G 169 66.73 -24.74 -11.65
N LYS G 170 66.82 -23.69 -12.47
CA LYS G 170 67.65 -23.70 -13.71
C LYS G 170 69.09 -23.28 -13.39
N GLU G 171 69.33 -22.58 -12.28
CA GLU G 171 70.68 -22.39 -11.68
C GLU G 171 71.05 -23.66 -10.90
N LEU G 172 70.06 -24.30 -10.27
CA LEU G 172 70.20 -25.52 -9.43
C LEU G 172 70.69 -26.69 -10.30
N LEU G 173 70.02 -26.94 -11.43
CA LEU G 173 70.29 -28.07 -12.35
C LEU G 173 71.70 -27.96 -12.94
N VAL G 174 72.21 -26.73 -13.11
CA VAL G 174 73.57 -26.46 -13.65
C VAL G 174 74.61 -26.79 -12.57
N ILE G 175 74.42 -26.26 -11.36
CA ILE G 175 75.42 -26.29 -10.25
C ILE G 175 75.52 -27.70 -9.67
N TYR G 176 74.39 -28.42 -9.54
CA TYR G 176 74.34 -29.80 -8.99
C TYR G 176 73.90 -30.78 -10.08
N ASP G 177 74.63 -31.90 -10.20
CA ASP G 177 74.32 -33.02 -11.13
C ASP G 177 73.40 -34.01 -10.42
N PHE G 178 72.10 -34.00 -10.76
CA PHE G 178 71.06 -34.90 -10.19
C PHE G 178 71.05 -36.24 -10.93
N ASP G 179 71.70 -36.31 -12.10
CA ASP G 179 71.68 -37.48 -13.01
C ASP G 179 72.44 -38.66 -12.37
N LYS G 180 73.39 -38.39 -11.47
CA LYS G 180 74.23 -39.43 -10.80
C LYS G 180 73.41 -40.20 -9.75
N HIS G 181 72.31 -39.61 -9.26
CA HIS G 181 71.47 -40.19 -8.16
C HIS G 181 70.34 -41.04 -8.75
N ASN G 182 69.91 -42.07 -8.01
CA ASN G 182 68.82 -43.02 -8.39
C ASN G 182 67.52 -42.63 -7.67
N ARG G 183 67.49 -42.75 -6.34
CA ARG G 183 66.31 -42.48 -5.49
C ARG G 183 66.51 -41.14 -4.75
N ILE G 184 65.53 -40.25 -4.83
CA ILE G 184 65.58 -38.86 -4.27
C ILE G 184 64.35 -38.65 -3.38
N LEU G 185 64.56 -38.07 -2.18
CA LEU G 185 63.48 -37.74 -1.19
C LEU G 185 63.59 -36.26 -0.82
N ASP G 186 62.49 -35.51 -1.00
CA ASP G 186 62.37 -34.08 -0.59
C ASP G 186 61.61 -34.02 0.73
N LEU G 187 62.32 -33.68 1.82
CA LEU G 187 61.77 -33.59 3.20
C LEU G 187 61.11 -32.22 3.37
N GLY G 188 59.79 -32.19 3.59
CA GLY G 188 58.98 -30.96 3.63
C GLY G 188 58.96 -30.26 2.28
N GLY G 189 58.47 -30.97 1.25
CA GLY G 189 58.42 -30.48 -0.14
C GLY G 189 57.08 -29.82 -0.47
N GLY G 190 56.03 -30.14 0.28
CA GLY G 190 54.64 -29.66 0.04
C GLY G 190 54.11 -30.17 -1.29
N ASP G 191 53.48 -29.30 -2.08
CA ASP G 191 53.20 -29.56 -3.52
C ASP G 191 54.54 -29.52 -4.26
N GLY G 192 55.12 -30.70 -4.54
CA GLY G 192 56.54 -30.90 -4.84
C GLY G 192 56.95 -30.27 -6.16
N GLU G 193 56.94 -28.94 -6.25
CA GLU G 193 57.36 -28.16 -7.44
C GLU G 193 58.84 -28.44 -7.72
N LEU G 194 59.67 -28.45 -6.69
CA LEU G 194 61.14 -28.72 -6.79
C LEU G 194 61.36 -30.04 -7.54
N LEU G 195 60.66 -31.11 -7.12
CA LEU G 195 60.82 -32.47 -7.69
C LEU G 195 60.09 -32.59 -9.03
N ILE G 196 58.97 -31.87 -9.22
CA ILE G 196 58.23 -31.82 -10.52
C ILE G 196 59.12 -31.15 -11.57
N ARG G 197 59.74 -30.01 -11.24
CA ARG G 197 60.60 -29.23 -12.16
C ARG G 197 61.89 -30.00 -12.45
N ILE G 198 62.45 -30.68 -11.45
CA ILE G 198 63.65 -31.56 -11.58
C ILE G 198 63.25 -32.82 -12.37
N SER G 199 62.03 -33.33 -12.15
CA SER G 199 61.46 -34.53 -12.82
C SER G 199 61.37 -34.32 -14.34
N GLU G 200 61.15 -33.07 -14.78
CA GLU G 200 61.09 -32.69 -16.22
C GLU G 200 62.49 -32.83 -16.86
N GLN G 201 63.47 -32.10 -16.33
CA GLN G 201 64.83 -31.95 -16.93
C GLN G 201 65.68 -33.20 -16.67
N VAL G 202 65.42 -33.92 -15.57
CA VAL G 202 66.16 -35.16 -15.17
C VAL G 202 65.13 -36.30 -15.03
N LYS G 203 65.20 -37.29 -15.92
CA LYS G 203 64.24 -38.43 -15.99
C LYS G 203 64.98 -39.75 -15.72
N GLY G 204 64.21 -40.80 -15.39
CA GLY G 204 64.71 -42.17 -15.13
C GLY G 204 65.16 -42.35 -13.69
N LYS G 205 64.46 -41.71 -12.74
CA LYS G 205 64.77 -41.75 -11.29
C LYS G 205 63.47 -41.91 -10.48
N ASP G 206 63.60 -42.32 -9.21
CA ASP G 206 62.49 -42.56 -8.26
C ASP G 206 62.39 -41.34 -7.32
N TYR G 207 61.61 -40.33 -7.74
CA TYR G 207 61.37 -39.07 -6.99
C TYR G 207 60.26 -39.29 -5.96
N THR G 208 60.45 -38.79 -4.73
CA THR G 208 59.48 -38.89 -3.61
C THR G 208 59.48 -37.59 -2.77
N VAL G 209 58.28 -37.11 -2.41
CA VAL G 209 58.06 -35.91 -1.56
C VAL G 209 57.44 -36.36 -0.24
N LEU G 210 58.02 -35.94 0.89
CA LEU G 210 57.54 -36.25 2.27
C LEU G 210 57.09 -34.95 2.94
N ASP G 211 55.84 -34.90 3.41
CA ASP G 211 55.22 -33.71 4.06
C ASP G 211 53.99 -34.16 4.86
N ARG G 212 53.36 -33.23 5.59
CA ARG G 212 52.09 -33.44 6.34
C ARG G 212 51.00 -32.55 5.75
N TYR G 213 49.93 -33.15 5.22
CA TYR G 213 48.76 -32.46 4.62
C TYR G 213 47.57 -32.54 5.59
N VAL G 216 47.00 -35.31 -0.40
CA VAL G 216 48.18 -35.83 -1.15
C VAL G 216 48.05 -35.41 -2.61
N PRO G 217 48.92 -34.51 -3.13
CA PRO G 217 48.87 -34.10 -4.53
C PRO G 217 49.11 -35.25 -5.53
N ILE G 218 48.71 -35.05 -6.79
CA ILE G 218 48.89 -35.99 -7.93
C ILE G 218 49.75 -35.30 -8.99
N SER G 219 50.83 -35.96 -9.42
CA SER G 219 51.76 -35.49 -10.49
C SER G 219 52.51 -36.69 -11.08
N GLU G 220 52.67 -36.73 -12.41
CA GLU G 220 53.27 -37.85 -13.18
C GLU G 220 54.76 -38.00 -12.79
N GLY G 221 55.13 -39.20 -12.33
CA GLY G 221 56.53 -39.58 -12.02
C GLY G 221 56.97 -39.14 -10.63
N ILE G 222 56.02 -38.73 -9.78
CA ILE G 222 56.28 -38.24 -8.39
C ILE G 222 55.46 -39.08 -7.41
N ASN G 223 56.09 -39.56 -6.33
CA ASN G 223 55.45 -40.26 -5.19
C ASN G 223 55.33 -39.29 -4.02
N PHE G 224 54.15 -39.17 -3.41
CA PHE G 224 53.83 -38.21 -2.31
C PHE G 224 53.56 -38.99 -1.02
N ILE G 225 54.55 -39.04 -0.12
CA ILE G 225 54.48 -39.69 1.22
C ILE G 225 53.82 -38.71 2.21
N LYS G 226 53.13 -39.25 3.22
CA LYS G 226 52.47 -38.50 4.31
C LYS G 226 53.08 -38.95 5.65
N GLY G 227 54.10 -38.23 6.11
CA GLY G 227 54.88 -38.56 7.33
C GLY G 227 55.57 -37.35 7.93
N ASP G 228 56.20 -37.54 9.09
CA ASP G 228 56.91 -36.50 9.88
C ASP G 228 58.42 -36.78 9.77
N PHE G 229 59.24 -35.75 9.51
CA PHE G 229 60.72 -35.88 9.37
C PHE G 229 61.38 -35.99 10.74
N PHE G 230 60.66 -35.64 11.82
CA PHE G 230 61.11 -35.82 13.23
C PHE G 230 61.08 -37.31 13.60
N LYS G 231 60.23 -38.09 12.91
CA LYS G 231 60.24 -39.58 12.97
C LYS G 231 61.46 -40.08 12.18
N PRO G 232 61.92 -41.34 12.42
CA PRO G 232 63.05 -41.89 11.66
C PRO G 232 62.77 -41.86 10.15
N ILE G 233 63.50 -41.01 9.43
CA ILE G 233 63.30 -40.72 7.97
C ILE G 233 63.52 -42.03 7.19
N PRO G 234 62.65 -42.35 6.20
CA PRO G 234 62.78 -43.59 5.44
C PRO G 234 64.16 -43.72 4.76
N THR G 235 64.75 -44.91 4.83
CA THR G 235 66.10 -45.23 4.30
C THR G 235 65.97 -45.73 2.84
N GLY G 236 67.11 -45.92 2.17
CA GLY G 236 67.17 -46.44 0.79
C GLY G 236 67.51 -45.35 -0.23
N TYR G 237 67.12 -44.10 0.06
CA TYR G 237 67.32 -42.92 -0.82
C TYR G 237 68.79 -42.47 -0.74
N ASP G 238 69.38 -42.12 -1.89
CA ASP G 238 70.81 -41.73 -2.02
C ASP G 238 70.95 -40.22 -2.16
N LEU G 239 69.82 -39.48 -2.15
CA LEU G 239 69.77 -37.99 -2.07
C LEU G 239 68.59 -37.56 -1.21
N TYR G 240 68.86 -36.82 -0.13
CA TYR G 240 67.85 -36.14 0.72
C TYR G 240 67.94 -34.63 0.48
N ILE G 241 66.79 -33.94 0.45
CA ILE G 241 66.71 -32.47 0.20
C ILE G 241 65.87 -31.83 1.32
N LEU G 242 66.37 -30.74 1.90
CA LEU G 242 65.67 -29.89 2.91
C LEU G 242 65.61 -28.46 2.39
N LYS G 243 64.58 -28.13 1.60
CA LYS G 243 64.41 -26.81 0.96
C LYS G 243 63.48 -25.93 1.80
N ASN G 244 64.03 -24.85 2.38
CA ASN G 244 63.30 -23.82 3.17
C ASN G 244 62.53 -24.51 4.32
N VAL G 245 63.20 -25.44 5.00
CA VAL G 245 62.65 -26.23 6.15
C VAL G 245 63.35 -25.80 7.43
N LEU G 246 64.68 -25.95 7.48
CA LEU G 246 65.52 -25.78 8.70
C LEU G 246 65.39 -24.36 9.27
N ASN G 247 65.03 -23.37 8.44
CA ASN G 247 64.84 -21.96 8.86
C ASN G 247 63.49 -21.79 9.57
N ASN G 248 62.65 -22.84 9.59
CA ASN G 248 61.36 -22.87 10.33
C ASN G 248 61.54 -23.44 11.73
N TRP G 249 62.75 -23.87 12.11
CA TRP G 249 63.03 -24.60 13.37
C TRP G 249 64.17 -23.95 14.14
N PRO G 250 64.06 -23.85 15.49
CA PRO G 250 65.20 -23.51 16.35
C PRO G 250 66.31 -24.57 16.32
N ASP G 251 67.47 -24.26 16.89
CA ASP G 251 68.72 -25.07 16.84
C ASP G 251 68.46 -26.51 17.27
N ASN G 252 67.86 -26.70 18.45
CA ASN G 252 67.57 -28.04 19.03
C ASN G 252 66.67 -28.84 18.08
N ASP G 253 65.68 -28.18 17.47
CA ASP G 253 64.71 -28.80 16.51
C ASP G 253 65.41 -29.04 15.16
N ALA G 254 66.32 -28.14 14.76
CA ALA G 254 67.08 -28.21 13.49
C ALA G 254 68.02 -29.42 13.49
N ILE G 255 68.74 -29.63 14.59
CA ILE G 255 69.72 -30.74 14.77
C ILE G 255 68.96 -32.08 14.75
N SER G 256 67.78 -32.13 15.37
CA SER G 256 66.87 -33.32 15.42
C SER G 256 66.63 -33.84 14.01
N ILE G 257 66.29 -32.93 13.08
CA ILE G 257 65.97 -33.25 11.65
C ILE G 257 67.24 -33.74 10.95
N LEU G 258 68.37 -33.07 11.16
CA LEU G 258 69.68 -33.39 10.52
C LEU G 258 70.22 -34.73 11.05
N LYS G 259 69.98 -35.03 12.34
CA LYS G 259 70.40 -36.31 12.97
C LYS G 259 69.61 -37.47 12.34
N ASN G 260 68.30 -37.28 12.14
CA ASN G 260 67.40 -38.26 11.48
C ASN G 260 67.87 -38.49 10.04
N CYS G 261 68.35 -37.44 9.37
CA CYS G 261 68.91 -37.48 7.99
C CYS G 261 70.18 -38.35 7.97
N ARG G 262 71.15 -38.03 8.83
CA ARG G 262 72.44 -38.78 8.96
C ARG G 262 72.15 -40.26 9.26
N GLU G 263 71.16 -40.53 10.13
CA GLU G 263 70.73 -41.90 10.52
C GLU G 263 70.22 -42.64 9.27
N ALA G 264 69.30 -42.02 8.52
CA ALA G 264 68.68 -42.58 7.30
C ALA G 264 69.74 -42.73 6.19
N MET G 265 70.63 -41.74 6.07
CA MET G 265 71.71 -41.70 5.06
C MET G 265 72.75 -42.78 5.36
N ASP G 266 73.43 -43.27 4.32
CA ASP G 266 74.69 -44.06 4.40
C ASP G 266 75.83 -43.16 3.93
N ASN G 267 77.07 -43.67 3.93
CA ASN G 267 78.31 -42.89 3.64
C ASN G 267 78.31 -42.40 2.19
N ASN G 268 77.61 -43.10 1.29
CA ASN G 268 77.49 -42.75 -0.16
C ASN G 268 76.46 -41.62 -0.34
N ALA G 269 75.36 -41.66 0.42
CA ALA G 269 74.19 -40.77 0.30
C ALA G 269 74.58 -39.31 0.54
N THR G 270 73.78 -38.37 0.02
CA THR G 270 74.01 -36.91 0.06
C THR G 270 72.78 -36.20 0.65
N LEU G 271 72.99 -35.06 1.32
CA LEU G 271 71.93 -34.15 1.83
C LEU G 271 72.11 -32.76 1.20
N LEU G 272 71.04 -32.19 0.66
CA LEU G 272 71.00 -30.82 0.08
C LEU G 272 70.15 -29.91 0.97
N ILE G 273 70.69 -28.74 1.35
CA ILE G 273 69.98 -27.68 2.11
C ILE G 273 69.90 -26.44 1.21
N ILE G 274 68.72 -26.20 0.62
CA ILE G 274 68.41 -24.99 -0.20
C ILE G 274 67.69 -23.98 0.70
N THR G 275 68.30 -22.81 0.93
CA THR G 275 67.90 -21.86 2.00
C THR G 275 68.29 -20.43 1.62
N LEU G 276 67.60 -19.44 2.18
CA LEU G 276 68.05 -18.02 2.24
C LEU G 276 69.22 -17.94 3.23
N MET G 277 70.38 -17.48 2.78
CA MET G 277 71.60 -17.38 3.61
C MET G 277 71.69 -15.97 4.19
N LYS G 278 71.87 -15.87 5.51
CA LYS G 278 72.04 -14.58 6.23
C LYS G 278 73.40 -14.00 5.84
N LYS G 279 73.41 -12.90 5.09
CA LYS G 279 74.63 -12.17 4.66
C LYS G 279 74.85 -10.98 5.58
N PRO G 280 76.10 -10.52 5.78
CA PRO G 280 76.36 -9.38 6.67
C PRO G 280 75.77 -8.06 6.20
N GLN G 281 75.52 -7.93 4.88
CA GLN G 281 75.13 -6.65 4.22
C GLN G 281 73.87 -6.84 3.37
N SER G 282 73.06 -7.86 3.66
CA SER G 282 71.77 -8.15 2.99
C SER G 282 70.61 -7.73 3.87
N LEU G 283 69.79 -6.78 3.38
CA LEU G 283 68.58 -6.25 4.06
C LEU G 283 67.40 -7.22 3.84
N VAL G 284 67.36 -7.86 2.67
CA VAL G 284 66.26 -8.76 2.22
C VAL G 284 66.14 -9.94 3.20
N VAL G 285 67.26 -10.51 3.64
CA VAL G 285 67.32 -11.77 4.45
C VAL G 285 67.14 -11.45 5.94
N LYS G 286 67.72 -10.34 6.41
CA LYS G 286 67.63 -9.89 7.84
C LYS G 286 66.17 -9.62 8.20
N SER G 287 65.38 -9.11 7.25
CA SER G 287 63.92 -8.84 7.42
C SER G 287 63.16 -10.17 7.58
N VAL G 288 63.64 -11.24 6.92
CA VAL G 288 63.03 -12.61 6.95
C VAL G 288 63.48 -13.32 8.23
N ASP G 289 64.66 -13.00 8.75
CA ASP G 289 65.22 -13.58 10.01
C ASP G 289 64.26 -13.26 11.17
N ILE G 290 63.76 -12.02 11.23
CA ILE G 290 62.78 -11.55 12.27
C ILE G 290 61.43 -12.24 11.99
N LEU G 291 61.07 -12.41 10.72
CA LEU G 291 59.81 -13.04 10.28
C LEU G 291 59.75 -14.49 10.80
N MET G 292 60.86 -15.22 10.70
CA MET G 292 60.97 -16.64 11.16
C MET G 292 60.84 -16.71 12.69
N ASP G 293 61.33 -15.70 13.42
CA ASP G 293 61.20 -15.59 14.90
C ASP G 293 59.74 -15.40 15.27
N MET G 294 59.05 -14.51 14.54
CA MET G 294 57.63 -14.14 14.77
C MET G 294 56.73 -15.36 14.56
N LEU G 295 57.01 -16.17 13.53
CA LEU G 295 56.13 -17.26 13.06
C LEU G 295 56.44 -18.58 13.77
N PHE G 296 57.73 -18.89 13.99
CA PHE G 296 58.19 -20.24 14.45
C PHE G 296 59.13 -20.18 15.67
N SER G 297 59.56 -18.98 16.09
CA SER G 297 60.69 -18.75 17.04
C SER G 297 61.97 -19.39 16.47
N ALA G 298 62.10 -19.41 15.13
CA ALA G 298 63.25 -19.97 14.38
C ALA G 298 64.13 -18.81 13.89
N LYS G 299 64.93 -19.03 12.83
CA LYS G 299 65.84 -18.01 12.27
C LYS G 299 66.38 -18.45 10.91
N GLN G 300 66.82 -17.49 10.10
CA GLN G 300 67.78 -17.71 8.98
C GLN G 300 69.16 -17.86 9.61
N ARG G 301 70.07 -18.62 8.98
CA ARG G 301 71.37 -18.99 9.59
C ARG G 301 72.53 -18.60 8.67
N TYR G 302 73.65 -18.20 9.28
CA TYR G 302 74.98 -18.03 8.64
C TYR G 302 75.54 -19.43 8.29
N LEU G 303 76.61 -19.47 7.48
CA LEU G 303 77.33 -20.73 7.13
C LEU G 303 77.79 -21.42 8.42
N SER G 304 78.41 -20.65 9.32
CA SER G 304 78.90 -21.08 10.66
C SER G 304 77.76 -21.79 11.43
N GLU G 305 76.57 -21.21 11.40
CA GLU G 305 75.36 -21.69 12.13
C GLU G 305 74.85 -22.98 11.48
N PHE G 306 75.03 -23.15 10.17
CA PHE G 306 74.71 -24.40 9.42
C PHE G 306 75.80 -25.45 9.69
N GLU G 307 77.06 -25.03 9.73
CA GLU G 307 78.23 -25.90 10.02
C GLU G 307 78.12 -26.43 11.45
N ASP G 308 77.63 -25.60 12.37
CA ASP G 308 77.44 -25.92 13.82
C ASP G 308 76.44 -27.09 13.94
N ILE G 309 75.21 -26.89 13.47
CA ILE G 309 74.09 -27.87 13.59
C ILE G 309 74.41 -29.13 12.77
N ALA G 310 75.15 -28.99 11.67
CA ALA G 310 75.61 -30.12 10.82
C ALA G 310 76.66 -30.94 11.59
N ASN G 311 77.68 -30.26 12.15
CA ASN G 311 78.77 -30.86 12.95
C ASN G 311 78.17 -31.68 14.11
N GLN G 312 77.20 -31.11 14.83
CA GLN G 312 76.52 -31.75 16.01
C GLN G 312 75.61 -32.89 15.54
N ALA G 313 75.13 -32.84 14.29
CA ALA G 313 74.25 -33.86 13.67
C ALA G 313 75.10 -34.95 12.98
N GLY G 314 76.43 -34.86 13.08
CA GLY G 314 77.37 -35.83 12.50
C GLY G 314 77.47 -35.71 10.99
N LEU G 315 77.32 -34.49 10.46
CA LEU G 315 77.41 -34.16 9.01
C LEU G 315 78.54 -33.13 8.81
N VAL G 316 79.11 -33.09 7.59
CA VAL G 316 80.20 -32.16 7.17
C VAL G 316 79.78 -31.47 5.87
N ILE G 317 79.92 -30.15 5.80
CA ILE G 317 79.66 -29.34 4.56
C ILE G 317 80.75 -29.67 3.54
N ARG G 318 80.40 -30.47 2.52
CA ARG G 318 81.33 -30.98 1.48
C ARG G 318 81.45 -29.94 0.35
N HIS G 319 80.48 -29.04 0.22
CA HIS G 319 80.42 -27.98 -0.82
C HIS G 319 79.31 -26.96 -0.49
N TYR G 320 79.56 -25.67 -0.78
CA TYR G 320 78.61 -24.54 -0.63
C TYR G 320 78.69 -23.63 -1.85
N LYS G 321 77.52 -23.19 -2.37
CA LYS G 321 77.41 -22.37 -3.60
C LYS G 321 76.15 -21.49 -3.54
N ASP G 322 76.29 -20.20 -3.82
CA ASP G 322 75.17 -19.23 -3.92
C ASP G 322 74.48 -19.43 -5.27
N LEU G 323 73.16 -19.65 -5.26
CA LEU G 323 72.36 -20.01 -6.45
C LEU G 323 71.97 -18.73 -7.21
N ASP G 324 71.45 -17.73 -6.48
CA ASP G 324 71.30 -16.33 -6.96
C ASP G 324 71.69 -15.39 -5.81
N GLU G 325 71.04 -14.23 -5.67
CA GLU G 325 71.42 -13.16 -4.71
C GLU G 325 70.99 -13.58 -3.28
N ILE G 326 69.89 -14.32 -3.16
CA ILE G 326 69.24 -14.64 -1.85
C ILE G 326 69.45 -16.11 -1.48
N PHE G 327 69.11 -17.04 -2.39
CA PHE G 327 69.12 -18.51 -2.15
C PHE G 327 70.54 -19.06 -2.32
N SER G 328 70.88 -20.12 -1.57
CA SER G 328 72.18 -20.82 -1.60
C SER G 328 71.99 -22.34 -1.50
N LEU G 329 72.95 -23.11 -2.01
CA LEU G 329 72.99 -24.60 -1.96
C LEU G 329 74.10 -25.03 -1.00
N ILE G 330 73.82 -26.01 -0.13
CA ILE G 330 74.82 -26.62 0.81
C ILE G 330 74.78 -28.15 0.61
N GLU G 331 75.91 -28.73 0.21
CA GLU G 331 76.13 -30.20 0.09
C GLU G 331 76.68 -30.73 1.42
N LEU G 332 76.01 -31.73 2.01
CA LEU G 332 76.42 -32.37 3.28
C LEU G 332 76.57 -33.89 3.07
N LYS G 333 77.52 -34.50 3.78
CA LYS G 333 77.83 -35.96 3.74
C LYS G 333 77.99 -36.46 5.18
N VAL G 334 77.77 -37.76 5.41
CA VAL G 334 77.93 -38.40 6.75
C VAL G 334 79.45 -38.53 7.01
N LYS G 335 79.96 -37.82 8.03
CA LYS G 335 81.38 -37.80 8.42
C LYS G 335 81.53 -37.13 9.80
N SER H 18 9.66 -10.65 18.49
CA SER H 18 10.88 -11.30 17.94
C SER H 18 11.80 -11.76 19.08
N MET H 19 12.66 -12.76 18.82
CA MET H 19 13.41 -13.52 19.85
C MET H 19 14.37 -12.61 20.63
N LEU H 20 15.23 -11.87 19.91
CA LEU H 20 16.37 -11.12 20.51
C LEU H 20 15.85 -10.02 21.44
N ILE H 21 14.94 -9.17 20.94
CA ILE H 21 14.33 -8.03 21.71
C ILE H 21 13.62 -8.60 22.95
N ASP H 22 12.94 -9.75 22.80
CA ASP H 22 12.26 -10.46 23.92
C ASP H 22 13.29 -10.77 25.02
N LEU H 23 14.40 -11.43 24.65
CA LEU H 23 15.47 -11.87 25.57
C LEU H 23 16.06 -10.66 26.31
N ILE H 24 16.24 -9.54 25.62
CA ILE H 24 16.82 -8.28 26.19
C ILE H 24 15.83 -7.70 27.21
N THR H 25 14.54 -7.61 26.85
CA THR H 25 13.48 -6.91 27.63
C THR H 25 12.86 -7.83 28.69
N SER H 26 13.21 -9.12 28.69
CA SER H 26 12.65 -10.16 29.62
C SER H 26 12.95 -9.81 31.08
N TYR H 27 14.02 -9.05 31.34
CA TYR H 27 14.45 -8.62 32.71
C TYR H 27 13.34 -7.81 33.38
N ARG H 28 12.52 -7.11 32.58
CA ARG H 28 11.34 -6.33 33.06
C ARG H 28 10.37 -7.26 33.79
N LYS H 29 10.20 -8.48 33.29
CA LYS H 29 9.28 -9.51 33.84
C LYS H 29 9.78 -9.91 35.23
N THR H 30 11.06 -10.24 35.34
CA THR H 30 11.78 -10.50 36.63
C THR H 30 11.56 -9.31 37.58
N ALA H 31 11.69 -8.08 37.06
CA ALA H 31 11.53 -6.82 37.83
C ALA H 31 10.10 -6.73 38.37
N ALA H 32 9.09 -6.87 37.51
CA ALA H 32 7.66 -6.77 37.84
C ALA H 32 7.31 -7.77 38.95
N ILE H 33 7.75 -9.03 38.80
CA ILE H 33 7.54 -10.12 39.80
C ILE H 33 8.20 -9.69 41.12
N TYR H 34 9.46 -9.25 41.08
CA TYR H 34 10.26 -8.82 42.26
C TYR H 34 9.51 -7.74 43.04
N THR H 35 8.94 -6.74 42.35
CA THR H 35 8.23 -5.58 42.96
C THR H 35 6.93 -6.06 43.60
N PHE H 36 6.23 -6.99 42.92
CA PHE H 36 4.99 -7.65 43.38
C PHE H 36 5.27 -8.43 44.68
N VAL H 37 6.49 -8.92 44.86
CA VAL H 37 6.94 -9.74 46.03
C VAL H 37 7.54 -8.83 47.11
N ASP H 38 8.48 -7.95 46.72
CA ASP H 38 9.28 -7.10 47.66
C ASP H 38 8.34 -6.17 48.45
N ALA H 39 7.29 -5.66 47.79
CA ALA H 39 6.27 -4.76 48.40
C ALA H 39 5.41 -5.53 49.41
N GLY H 40 5.41 -6.86 49.35
CA GLY H 40 4.72 -7.76 50.29
C GLY H 40 3.28 -8.05 49.87
N LEU H 41 2.95 -7.79 48.61
CA LEU H 41 1.58 -7.94 48.05
C LEU H 41 1.30 -9.42 47.74
N SER H 42 2.34 -10.16 47.34
CA SER H 42 2.27 -11.58 46.89
C SER H 42 1.69 -12.48 47.98
N ILE H 43 1.88 -12.12 49.25
CA ILE H 43 1.45 -12.93 50.45
C ILE H 43 -0.08 -13.05 50.48
N HIS H 44 -0.81 -12.13 49.86
CA HIS H 44 -2.31 -12.04 49.90
C HIS H 44 -2.96 -12.91 48.81
N PHE H 45 -2.17 -13.70 48.07
CA PHE H 45 -2.64 -14.49 46.89
C PHE H 45 -2.51 -15.99 47.16
N LYS H 46 -2.78 -16.42 48.39
CA LYS H 46 -2.68 -17.85 48.82
C LYS H 46 -3.98 -18.58 48.45
N ASN H 47 -3.88 -19.90 48.22
CA ASN H 47 -5.01 -20.83 48.00
C ASN H 47 -5.69 -20.57 46.64
N GLY H 48 -5.03 -19.80 45.76
CA GLY H 48 -5.58 -19.38 44.45
C GLY H 48 -6.76 -18.44 44.60
N ASP H 49 -6.76 -17.61 45.65
CA ASP H 49 -7.85 -16.64 45.98
C ASP H 49 -7.72 -15.39 45.09
N TYR H 50 -8.85 -14.81 44.71
CA TYR H 50 -8.95 -13.57 43.89
C TYR H 50 -9.02 -12.35 44.83
N VAL H 51 -8.22 -11.33 44.57
CA VAL H 51 -8.00 -10.15 45.45
C VAL H 51 -8.44 -8.88 44.72
N ASP H 52 -9.17 -8.00 45.41
CA ASP H 52 -9.51 -6.63 44.93
C ASP H 52 -8.25 -5.76 45.01
N ILE H 53 -7.93 -5.06 43.92
CA ILE H 53 -6.69 -4.24 43.80
C ILE H 53 -6.85 -2.94 44.60
N ASN H 54 -8.08 -2.45 44.73
CA ASN H 54 -8.42 -1.17 45.43
C ASN H 54 -8.22 -1.35 46.94
N LYS H 55 -8.44 -2.56 47.46
CA LYS H 55 -8.27 -2.90 48.91
C LYS H 55 -6.77 -2.98 49.24
N LEU H 56 -6.02 -3.79 48.47
CA LEU H 56 -4.54 -3.96 48.62
C LEU H 56 -3.87 -2.60 48.62
N ALA H 57 -4.29 -1.70 47.71
CA ALA H 57 -3.80 -0.31 47.59
C ALA H 57 -3.97 0.43 48.92
N SER H 58 -5.14 0.31 49.55
CA SER H 58 -5.50 0.98 50.84
C SER H 58 -4.65 0.44 51.98
N GLN H 59 -4.42 -0.87 52.03
CA GLN H 59 -3.67 -1.57 53.11
C GLN H 59 -2.24 -1.02 53.20
N TYR H 60 -1.52 -1.00 52.07
CA TYR H 60 -0.08 -0.64 51.96
C TYR H 60 0.08 0.82 51.53
N GLY H 61 -1.04 1.53 51.35
CA GLY H 61 -1.07 2.97 51.00
C GLY H 61 -0.52 3.23 49.59
N ILE H 62 -0.87 2.37 48.64
CA ILE H 62 -0.43 2.43 47.22
C ILE H 62 -1.51 3.15 46.39
N ASP H 63 -1.11 3.82 45.31
CA ASP H 63 -2.03 4.44 44.30
C ASP H 63 -2.67 3.32 43.48
N TYR H 64 -4.01 3.30 43.39
CA TYR H 64 -4.80 2.25 42.70
C TYR H 64 -4.38 2.14 41.23
N SER H 65 -4.29 3.28 40.54
CA SER H 65 -4.00 3.38 39.08
C SER H 65 -2.69 2.64 38.75
N ARG H 66 -1.65 2.83 39.56
CA ARG H 66 -0.30 2.24 39.37
C ARG H 66 -0.36 0.72 39.56
N LEU H 67 -0.97 0.27 40.66
CA LEU H 67 -1.03 -1.17 41.07
C LEU H 67 -1.86 -1.96 40.05
N ASN H 68 -3.01 -1.42 39.64
CA ASN H 68 -3.90 -1.99 38.59
C ASN H 68 -3.09 -2.18 37.30
N ARG H 69 -2.26 -1.21 36.95
CA ARG H 69 -1.40 -1.25 35.72
C ARG H 69 -0.32 -2.32 35.89
N LEU H 70 0.38 -2.34 37.04
CA LEU H 70 1.39 -3.39 37.37
C LEU H 70 0.73 -4.77 37.25
N CYS H 71 -0.50 -4.90 37.75
CA CYS H 71 -1.34 -6.13 37.69
C CYS H 71 -1.65 -6.47 36.22
N ASP H 72 -2.00 -5.47 35.40
CA ASP H 72 -2.31 -5.65 33.95
C ASP H 72 -1.10 -6.26 33.23
N PHE H 73 0.11 -5.86 33.60
CA PHE H 73 1.39 -6.35 33.02
C PHE H 73 1.66 -7.77 33.51
N LEU H 74 1.44 -8.03 34.81
CA LEU H 74 1.60 -9.38 35.43
C LEU H 74 0.58 -10.35 34.80
N ILE H 75 -0.61 -9.86 34.44
CA ILE H 75 -1.68 -10.65 33.75
C ILE H 75 -1.16 -11.06 32.36
N GLU H 76 -0.56 -10.11 31.63
CA GLU H 76 -0.13 -10.27 30.21
C GLU H 76 0.98 -11.33 30.09
N ILE H 77 1.91 -11.37 31.05
CA ILE H 77 3.08 -12.29 31.05
C ILE H 77 2.68 -13.65 31.66
N GLY H 78 1.41 -13.80 32.09
CA GLY H 78 0.82 -15.09 32.50
C GLY H 78 1.06 -15.41 33.96
N VAL H 79 1.39 -14.40 34.78
CA VAL H 79 1.60 -14.54 36.25
C VAL H 79 0.25 -14.40 36.97
N LEU H 80 -0.62 -13.50 36.47
CA LEU H 80 -1.99 -13.26 37.03
C LEU H 80 -3.05 -13.64 35.99
N VAL H 81 -4.27 -13.90 36.47
CA VAL H 81 -5.49 -14.19 35.66
C VAL H 81 -6.67 -13.45 36.29
N SER H 82 -7.39 -12.65 35.49
CA SER H 82 -8.42 -11.67 35.97
C SER H 82 -9.81 -12.29 35.97
N SER H 83 -10.65 -11.87 36.93
CA SER H 83 -12.10 -12.18 37.04
C SER H 83 -12.89 -10.87 37.12
N ASP H 84 -14.20 -10.95 37.36
CA ASP H 84 -15.09 -9.77 37.57
C ASP H 84 -14.81 -9.16 38.96
N HIS H 85 -14.54 -10.01 39.96
CA HIS H 85 -14.21 -9.61 41.36
C HIS H 85 -12.80 -8.97 41.40
N GLY H 86 -11.77 -9.77 41.11
CA GLY H 86 -10.35 -9.36 41.19
C GLY H 86 -9.46 -10.24 40.33
N VAL H 87 -8.21 -10.44 40.77
CA VAL H 87 -7.17 -11.21 40.04
C VAL H 87 -6.43 -12.11 41.03
N ALA H 88 -6.12 -13.34 40.62
CA ALA H 88 -5.43 -14.38 41.43
C ALA H 88 -4.19 -14.89 40.70
N LEU H 89 -3.19 -15.37 41.43
CA LEU H 89 -1.96 -16.01 40.89
C LEU H 89 -2.36 -17.23 40.05
N SER H 90 -1.92 -17.30 38.79
CA SER H 90 -2.10 -18.46 37.88
C SER H 90 -1.52 -19.72 38.55
N GLU H 91 -2.06 -20.89 38.20
CA GLU H 91 -1.70 -22.19 38.82
C GLU H 91 -0.17 -22.37 38.83
N GLU H 92 0.50 -21.93 37.76
CA GLU H 92 1.96 -22.10 37.53
C GLU H 92 2.75 -21.22 38.51
N CYS H 93 2.23 -20.04 38.85
CA CYS H 93 2.94 -19.00 39.65
C CYS H 93 2.37 -18.92 41.07
N SER H 94 1.80 -20.02 41.59
CA SER H 94 1.20 -20.12 42.94
C SER H 94 2.27 -20.03 44.03
N ALA H 95 3.53 -20.37 43.69
CA ALA H 95 4.68 -20.41 44.62
C ALA H 95 5.04 -19.02 45.14
N LEU H 96 4.65 -17.95 44.42
CA LEU H 96 4.87 -16.54 44.85
C LEU H 96 4.06 -16.23 46.11
N ALA H 97 3.02 -17.03 46.40
CA ALA H 97 2.11 -16.88 47.56
C ALA H 97 2.85 -17.20 48.86
N ASP H 98 3.36 -18.43 49.01
CA ASP H 98 4.00 -18.92 50.26
C ASP H 98 5.44 -18.42 50.32
N PRO H 99 5.88 -17.81 51.44
CA PRO H 99 7.26 -17.31 51.57
C PRO H 99 8.36 -18.39 51.56
N ASN H 100 8.00 -19.66 51.79
CA ASN H 100 8.91 -20.82 51.77
C ASN H 100 8.72 -21.60 50.46
N SER H 101 9.03 -20.96 49.33
CA SER H 101 9.05 -21.55 47.97
C SER H 101 10.38 -21.19 47.29
N VAL H 102 10.95 -22.12 46.52
CA VAL H 102 12.26 -21.94 45.81
C VAL H 102 12.21 -20.64 45.00
N GLU H 103 11.05 -20.33 44.38
CA GLU H 103 10.84 -19.15 43.50
C GLU H 103 10.88 -17.87 44.34
N PHE H 104 10.10 -17.83 45.44
CA PHE H 104 9.99 -16.66 46.36
C PHE H 104 11.36 -16.34 46.96
N LEU H 105 12.04 -17.36 47.51
CA LEU H 105 13.34 -17.21 48.21
C LEU H 105 14.44 -16.82 47.21
N THR H 106 14.31 -17.24 45.95
CA THR H 106 15.21 -16.86 44.82
C THR H 106 15.06 -15.35 44.55
N VAL H 107 13.82 -14.84 44.54
CA VAL H 107 13.49 -13.40 44.34
C VAL H 107 14.08 -12.59 45.51
N LYS H 108 14.02 -13.12 46.73
CA LYS H 108 14.50 -12.46 47.97
C LYS H 108 16.04 -12.46 47.99
N TYR H 109 16.66 -13.59 47.62
CA TYR H 109 18.13 -13.77 47.58
C TYR H 109 18.72 -12.98 46.41
N GLU H 110 18.29 -13.26 45.18
CA GLU H 110 19.03 -12.93 43.94
C GLU H 110 18.71 -11.51 43.47
N ILE H 111 17.43 -11.10 43.48
CA ILE H 111 16.99 -9.81 42.85
C ILE H 111 17.22 -8.67 43.85
N ASN H 112 18.42 -8.08 43.79
CA ASN H 112 18.88 -6.98 44.68
C ASN H 112 20.09 -6.29 44.02
N SER H 113 20.55 -5.18 44.60
CA SER H 113 21.73 -4.39 44.13
C SER H 113 22.96 -5.31 44.05
N GLU H 114 23.14 -6.16 45.08
CA GLU H 114 24.33 -7.05 45.26
C GLU H 114 24.62 -7.81 43.95
N HIS H 115 23.60 -8.38 43.31
CA HIS H 115 23.72 -9.21 42.08
C HIS H 115 23.63 -8.32 40.83
N TRP H 116 22.65 -7.41 40.80
CA TRP H 116 22.32 -6.58 39.60
C TRP H 116 23.44 -5.56 39.34
N ASP H 117 24.02 -4.96 40.38
CA ASP H 117 25.19 -4.05 40.26
C ASP H 117 26.41 -4.86 39.78
N SER H 118 26.55 -6.10 40.27
CA SER H 118 27.66 -7.03 39.93
C SER H 118 27.53 -7.50 38.47
N TRP H 119 26.32 -7.86 38.05
CA TRP H 119 26.02 -8.28 36.65
C TRP H 119 26.42 -7.18 35.66
N LEU H 120 26.26 -5.92 36.07
CA LEU H 120 26.61 -4.72 35.24
C LEU H 120 28.13 -4.51 35.22
N MET H 121 28.85 -5.10 36.19
CA MET H 121 30.33 -5.02 36.33
C MET H 121 30.99 -6.23 35.65
N TYR H 122 30.21 -7.27 35.31
CA TYR H 122 30.70 -8.56 34.74
C TYR H 122 31.56 -8.32 33.49
N PRO H 123 31.16 -7.47 32.53
CA PRO H 123 31.96 -7.26 31.32
C PRO H 123 33.35 -6.69 31.64
N LYS H 124 33.43 -5.77 32.62
CA LYS H 124 34.70 -5.18 33.11
C LYS H 124 35.55 -6.26 33.79
N SER H 125 34.91 -7.22 34.48
CA SER H 125 35.59 -8.35 35.17
C SER H 125 36.20 -9.33 34.15
N LEU H 126 35.63 -9.40 32.94
CA LEU H 126 36.17 -10.22 31.82
C LEU H 126 37.38 -9.50 31.21
N LEU H 127 37.20 -8.23 30.82
CA LEU H 127 38.23 -7.38 30.15
C LEU H 127 39.46 -7.23 31.06
N GLU H 128 39.26 -7.22 32.37
CA GLU H 128 40.35 -7.24 33.39
C GLU H 128 40.69 -8.70 33.73
N ASN H 129 41.76 -9.24 33.14
CA ASN H 129 42.19 -10.65 33.34
C ASN H 129 42.95 -10.75 34.67
N ASN H 130 42.23 -10.57 35.79
CA ASN H 130 42.77 -10.68 37.17
C ASN H 130 41.91 -11.69 37.95
N GLY H 131 42.32 -12.00 39.19
CA GLY H 131 41.63 -12.99 40.06
C GLY H 131 40.44 -12.40 40.78
N LYS H 132 40.11 -11.13 40.50
CA LYS H 132 39.00 -10.38 41.17
C LYS H 132 37.71 -10.55 40.36
N SER H 133 36.70 -11.17 40.96
CA SER H 133 35.36 -11.43 40.37
C SER H 133 34.57 -10.12 40.29
N ALA H 134 33.51 -10.10 39.46
CA ALA H 134 32.65 -8.91 39.23
C ALA H 134 32.06 -8.41 40.55
N PHE H 135 31.67 -9.32 41.45
CA PHE H 135 31.13 -9.00 42.80
C PHE H 135 32.19 -8.23 43.61
N GLU H 136 33.42 -8.74 43.64
CA GLU H 136 34.57 -8.16 44.40
C GLU H 136 34.83 -6.73 43.95
N MET H 137 34.74 -6.47 42.64
CA MET H 137 35.01 -5.14 42.01
C MET H 137 33.99 -4.12 42.50
N VAL H 138 32.73 -4.54 42.72
CA VAL H 138 31.63 -3.64 43.19
C VAL H 138 31.78 -3.40 44.70
N HIS H 139 31.79 -4.46 45.49
CA HIS H 139 31.65 -4.43 46.98
C HIS H 139 32.99 -4.17 47.66
N GLY H 140 34.10 -4.69 47.10
CA GLY H 140 35.45 -4.56 47.66
C GLY H 140 35.78 -5.67 48.65
N LYS H 141 34.88 -6.66 48.77
CA LYS H 141 35.07 -7.89 49.59
C LYS H 141 34.67 -9.09 48.75
N SER H 142 34.86 -10.31 49.28
CA SER H 142 34.30 -11.57 48.71
C SER H 142 32.81 -11.65 49.08
N PHE H 143 32.07 -12.53 48.40
CA PHE H 143 30.60 -12.73 48.58
C PHE H 143 30.30 -12.99 50.06
N PHE H 144 31.00 -13.97 50.66
CA PHE H 144 30.78 -14.45 52.05
C PHE H 144 31.26 -13.40 53.06
N GLU H 145 32.30 -12.64 52.73
CA GLU H 145 32.82 -11.51 53.56
C GLU H 145 31.76 -10.40 53.64
N HIS H 146 31.03 -10.16 52.55
CA HIS H 146 29.93 -9.15 52.48
C HIS H 146 28.69 -9.67 53.22
N LEU H 147 28.43 -10.97 53.16
CA LEU H 147 27.25 -11.63 53.81
C LEU H 147 27.34 -11.48 55.33
N ASP H 148 28.55 -11.50 55.91
CA ASP H 148 28.80 -11.23 57.35
C ASP H 148 28.30 -9.84 57.71
N SER H 149 28.54 -8.85 56.84
CA SER H 149 28.20 -7.42 57.04
C SER H 149 26.68 -7.22 57.10
N ASN H 150 25.94 -7.88 56.20
CA ASN H 150 24.47 -7.72 56.06
C ASN H 150 23.77 -9.04 56.46
N LYS H 151 23.11 -9.05 57.63
CA LYS H 151 22.43 -10.23 58.22
C LYS H 151 21.19 -10.60 57.39
N GLY H 152 20.52 -9.61 56.80
CA GLY H 152 19.28 -9.78 56.04
C GLY H 152 19.45 -10.69 54.83
N LEU H 153 20.47 -10.42 54.02
CA LEU H 153 20.80 -11.20 52.78
C LEU H 153 21.35 -12.58 53.18
N LYS H 154 22.14 -12.64 54.25
CA LYS H 154 22.75 -13.88 54.79
C LYS H 154 21.65 -14.89 55.14
N SER H 155 20.55 -14.41 55.73
CA SER H 155 19.37 -15.21 56.13
C SER H 155 18.69 -15.84 54.90
N ASP H 156 18.46 -15.02 53.87
CA ASP H 156 17.72 -15.42 52.63
C ASP H 156 18.58 -16.38 51.80
N PHE H 157 19.91 -16.26 51.88
CA PHE H 157 20.89 -17.20 51.27
C PHE H 157 20.73 -18.58 51.93
N ASP H 158 20.77 -18.63 53.26
CA ASP H 158 20.63 -19.87 54.07
C ASP H 158 19.26 -20.51 53.82
N ALA H 159 18.22 -19.68 53.61
CA ALA H 159 16.82 -20.10 53.38
C ALA H 159 16.70 -20.83 52.03
N LEU H 160 17.31 -20.26 50.98
CA LEU H 160 17.29 -20.82 49.60
C LEU H 160 18.08 -22.13 49.55
N MET H 161 19.24 -22.18 50.23
CA MET H 161 20.13 -23.37 50.28
C MET H 161 19.44 -24.51 51.04
N SER H 162 18.55 -24.17 51.99
CA SER H 162 17.74 -25.13 52.80
C SER H 162 16.67 -25.79 51.91
N LYS H 163 16.11 -25.05 50.95
CA LYS H 163 15.09 -25.55 49.98
C LYS H 163 15.75 -26.53 49.01
N TYR H 164 16.94 -26.21 48.51
CA TYR H 164 17.72 -27.06 47.57
C TYR H 164 18.29 -28.27 48.32
N THR H 165 18.44 -28.19 49.65
CA THR H 165 18.84 -29.31 50.53
C THR H 165 17.67 -30.31 50.62
N ASN H 166 16.49 -29.84 51.02
CA ASN H 166 15.28 -30.66 51.30
C ASN H 166 14.77 -31.31 50.00
N LYS H 167 15.09 -30.73 48.84
CA LYS H 167 14.75 -31.31 47.51
C LYS H 167 15.41 -32.68 47.35
N ILE H 168 16.72 -32.77 47.60
CA ILE H 168 17.58 -33.95 47.30
C ILE H 168 17.64 -34.89 48.52
N ILE H 169 17.22 -34.40 49.69
CA ILE H 169 17.46 -35.04 51.02
C ILE H 169 16.82 -36.44 51.05
N LYS H 170 15.65 -36.60 50.44
CA LYS H 170 14.95 -37.91 50.32
C LYS H 170 15.83 -38.89 49.54
N GLU H 171 16.12 -38.55 48.27
CA GLU H 171 16.86 -39.42 47.31
C GLU H 171 18.30 -39.64 47.78
N LEU H 172 18.88 -38.67 48.51
CA LEU H 172 20.26 -38.75 49.07
C LEU H 172 20.34 -39.92 50.06
N LEU H 173 19.36 -40.04 50.95
CA LEU H 173 19.28 -41.08 52.02
C LEU H 173 19.03 -42.46 51.39
N VAL H 174 18.28 -42.52 50.30
CA VAL H 174 17.91 -43.76 49.56
C VAL H 174 19.17 -44.34 48.92
N ILE H 175 19.90 -43.52 48.16
CA ILE H 175 21.06 -43.93 47.30
C ILE H 175 22.29 -44.21 48.17
N TYR H 176 22.59 -43.36 49.15
CA TYR H 176 23.79 -43.46 50.03
C TYR H 176 23.38 -43.92 51.43
N ASP H 177 24.08 -44.94 51.95
CA ASP H 177 23.91 -45.48 53.32
C ASP H 177 24.84 -44.71 54.28
N PHE H 178 24.26 -43.83 55.10
CA PHE H 178 24.99 -43.04 56.14
C PHE H 178 25.10 -43.85 57.43
N ASP H 179 24.35 -44.96 57.52
CA ASP H 179 24.25 -45.83 58.73
C ASP H 179 25.61 -46.51 58.99
N LYS H 180 26.35 -46.85 57.94
CA LYS H 180 27.66 -47.55 58.02
C LYS H 180 28.72 -46.64 58.66
N HIS H 181 28.56 -45.31 58.60
CA HIS H 181 29.51 -44.30 59.13
C HIS H 181 29.30 -44.09 60.63
N ASN H 182 30.24 -43.41 61.29
CA ASN H 182 30.27 -43.16 62.75
C ASN H 182 30.40 -41.65 63.02
N ARG H 183 31.45 -41.02 62.47
CA ARG H 183 31.75 -39.57 62.62
C ARG H 183 31.65 -38.90 61.25
N ILE H 184 30.71 -37.95 61.11
CA ILE H 184 30.38 -37.24 59.82
C ILE H 184 30.73 -35.76 59.97
N LEU H 185 31.51 -35.22 59.02
CA LEU H 185 31.93 -33.78 58.98
C LEU H 185 31.45 -33.16 57.67
N ASP H 186 30.63 -32.10 57.76
CA ASP H 186 30.10 -31.34 56.59
C ASP H 186 30.93 -30.08 56.40
N LEU H 187 31.82 -30.08 55.40
CA LEU H 187 32.72 -28.94 55.07
C LEU H 187 31.91 -27.88 54.31
N GLY H 188 31.79 -26.68 54.89
CA GLY H 188 30.98 -25.56 54.36
C GLY H 188 29.50 -25.89 54.36
N GLY H 189 28.95 -26.30 55.50
CA GLY H 189 27.55 -26.70 55.68
C GLY H 189 26.65 -25.57 56.15
N GLY H 190 27.22 -24.39 56.41
CA GLY H 190 26.51 -23.19 56.91
C GLY H 190 25.74 -23.50 58.18
N ASP H 191 24.42 -23.25 58.17
CA ASP H 191 23.45 -23.85 59.12
C ASP H 191 23.18 -25.28 58.63
N GLY H 192 23.59 -26.29 59.40
CA GLY H 192 23.73 -27.69 58.95
C GLY H 192 22.41 -28.35 58.62
N GLU H 193 21.59 -27.73 57.77
CA GLU H 193 20.27 -28.24 57.33
C GLU H 193 20.42 -29.66 56.76
N LEU H 194 21.52 -29.92 56.05
CA LEU H 194 21.87 -31.26 55.48
C LEU H 194 21.99 -32.27 56.63
N LEU H 195 22.81 -31.97 57.63
CA LEU H 195 23.09 -32.88 58.78
C LEU H 195 21.91 -32.91 59.76
N ILE H 196 21.08 -31.85 59.79
CA ILE H 196 19.81 -31.79 60.57
C ILE H 196 18.84 -32.83 60.01
N ARG H 197 18.67 -32.87 58.67
CA ARG H 197 17.70 -33.75 57.98
C ARG H 197 18.21 -35.20 57.94
N ILE H 198 19.53 -35.41 57.91
CA ILE H 198 20.18 -36.74 57.93
C ILE H 198 20.07 -37.33 59.35
N SER H 199 20.11 -36.47 60.38
CA SER H 199 20.02 -36.85 61.82
C SER H 199 18.57 -37.15 62.23
N GLU H 200 17.60 -36.98 61.32
CA GLU H 200 16.16 -37.27 61.54
C GLU H 200 15.83 -38.71 61.10
N GLN H 201 16.52 -39.23 60.07
CA GLN H 201 16.35 -40.63 59.57
C GLN H 201 17.44 -41.52 60.18
N VAL H 202 18.70 -41.12 60.04
CA VAL H 202 19.88 -41.82 60.63
C VAL H 202 20.14 -41.23 62.03
N LYS H 203 20.20 -42.09 63.05
CA LYS H 203 20.32 -41.70 64.48
C LYS H 203 21.63 -42.21 65.07
N GLY H 204 21.97 -41.76 66.28
CA GLY H 204 23.14 -42.20 67.07
C GLY H 204 24.43 -42.10 66.28
N LYS H 205 24.77 -40.88 65.82
CA LYS H 205 25.95 -40.60 64.97
C LYS H 205 26.49 -39.21 65.32
N ASP H 206 27.82 -39.05 65.29
CA ASP H 206 28.53 -37.78 65.63
C ASP H 206 28.54 -36.87 64.40
N TYR H 207 27.49 -36.05 64.25
CA TYR H 207 27.31 -35.07 63.16
C TYR H 207 28.05 -33.78 63.52
N THR H 208 28.88 -33.27 62.60
CA THR H 208 29.71 -32.04 62.78
C THR H 208 29.69 -31.21 61.48
N VAL H 209 29.64 -29.88 61.61
CA VAL H 209 29.56 -28.91 60.47
C VAL H 209 30.71 -27.90 60.61
N LEU H 210 31.60 -27.86 59.61
CA LEU H 210 32.75 -26.90 59.54
C LEU H 210 32.39 -25.79 58.53
N ASP H 211 32.58 -24.53 58.92
CA ASP H 211 32.20 -23.33 58.14
C ASP H 211 32.74 -22.07 58.82
N ARG H 212 32.61 -20.91 58.16
CA ARG H 212 32.70 -19.56 58.79
C ARG H 212 31.27 -19.02 58.92
N TYR H 213 30.56 -19.49 59.96
CA TYR H 213 29.14 -19.18 60.27
C TYR H 213 29.02 -18.75 61.74
N SER H 219 25.53 -25.45 68.45
CA SER H 219 24.15 -24.96 68.67
C SER H 219 23.28 -26.09 69.23
N GLU H 220 22.34 -26.62 68.44
CA GLU H 220 21.31 -27.60 68.87
C GLU H 220 21.34 -28.82 67.96
N GLY H 221 21.87 -29.94 68.47
CA GLY H 221 21.80 -31.28 67.84
C GLY H 221 23.09 -31.62 67.08
N ILE H 222 23.90 -30.60 66.78
CA ILE H 222 25.07 -30.69 65.86
C ILE H 222 26.29 -30.03 66.53
N ASN H 223 27.49 -30.53 66.24
CA ASN H 223 28.79 -29.92 66.61
C ASN H 223 29.16 -28.87 65.55
N PHE H 224 28.88 -27.59 65.83
CA PHE H 224 29.25 -26.44 64.96
C PHE H 224 30.69 -25.99 65.29
N ILE H 225 31.62 -26.18 64.35
CA ILE H 225 33.07 -25.87 64.48
C ILE H 225 33.43 -24.74 63.51
N LYS H 226 33.94 -23.63 64.04
CA LYS H 226 34.21 -22.37 63.29
C LYS H 226 35.63 -22.43 62.70
N GLY H 227 35.80 -23.21 61.62
CA GLY H 227 37.11 -23.48 60.98
C GLY H 227 37.16 -22.99 59.54
N ASP H 228 38.24 -23.35 58.83
CA ASP H 228 38.54 -22.93 57.43
C ASP H 228 39.13 -24.13 56.68
N PHE H 229 38.48 -24.59 55.61
CA PHE H 229 38.82 -25.85 54.89
C PHE H 229 40.07 -25.65 54.01
N PHE H 230 40.56 -24.42 53.85
CA PHE H 230 41.85 -24.09 53.19
C PHE H 230 43.00 -24.50 54.12
N LYS H 231 42.84 -24.27 55.43
CA LYS H 231 43.75 -24.77 56.50
C LYS H 231 43.52 -26.26 56.68
N PRO H 232 44.45 -27.02 57.30
CA PRO H 232 44.29 -28.47 57.47
C PRO H 232 42.94 -28.86 58.07
N ILE H 233 42.26 -29.82 57.42
CA ILE H 233 40.89 -30.30 57.80
C ILE H 233 41.02 -31.28 58.96
N PRO H 234 40.20 -31.15 60.03
CA PRO H 234 40.32 -32.01 61.21
C PRO H 234 40.15 -33.50 60.87
N THR H 235 40.98 -34.36 61.48
CA THR H 235 41.05 -35.83 61.22
C THR H 235 40.10 -36.56 62.16
N GLY H 236 39.93 -37.87 61.95
CA GLY H 236 39.12 -38.78 62.79
C GLY H 236 37.79 -39.15 62.14
N TYR H 237 37.26 -38.28 61.28
CA TYR H 237 35.94 -38.45 60.61
C TYR H 237 36.10 -39.42 59.44
N ASP H 238 35.10 -40.30 59.24
CA ASP H 238 35.08 -41.37 58.21
C ASP H 238 34.13 -40.97 57.07
N LEU H 239 33.43 -39.82 57.18
CA LEU H 239 32.60 -39.23 56.11
C LEU H 239 32.78 -37.71 56.11
N TYR H 240 33.46 -37.18 55.08
CA TYR H 240 33.57 -35.73 54.77
C TYR H 240 32.56 -35.40 53.66
N ILE H 241 31.85 -34.28 53.78
CA ILE H 241 30.84 -33.83 52.78
C ILE H 241 31.20 -32.42 52.30
N LEU H 242 31.25 -32.23 50.97
CA LEU H 242 31.36 -30.91 50.29
C LEU H 242 30.11 -30.70 49.43
N LYS H 243 29.05 -30.12 49.99
CA LYS H 243 27.77 -29.84 49.30
C LYS H 243 27.74 -28.39 48.83
N ASN H 244 27.76 -28.18 47.51
CA ASN H 244 27.64 -26.84 46.85
C ASN H 244 28.74 -25.91 47.39
N VAL H 245 29.98 -26.40 47.45
CA VAL H 245 31.17 -25.66 47.97
C VAL H 245 32.15 -25.41 46.82
N LEU H 246 32.55 -26.48 46.11
CA LEU H 246 33.62 -26.47 45.07
C LEU H 246 33.23 -25.55 43.90
N ASN H 247 31.93 -25.37 43.67
CA ASN H 247 31.39 -24.49 42.59
C ASN H 247 31.60 -23.00 42.96
N ASN H 248 32.16 -22.71 44.14
CA ASN H 248 32.44 -21.32 44.63
C ASN H 248 33.95 -21.04 44.56
N TRP H 249 34.75 -21.90 43.94
CA TRP H 249 36.23 -21.80 43.90
C TRP H 249 36.77 -22.17 42.52
N PRO H 250 37.74 -21.39 41.98
CA PRO H 250 38.49 -21.81 40.79
C PRO H 250 39.31 -23.08 41.05
N ASP H 251 39.86 -23.67 39.99
CA ASP H 251 40.53 -25.01 40.00
C ASP H 251 41.66 -25.02 41.03
N ASN H 252 42.47 -23.95 41.11
CA ASN H 252 43.66 -23.86 42.00
C ASN H 252 43.21 -23.96 43.47
N ASP H 253 42.11 -23.28 43.83
CA ASP H 253 41.57 -23.23 45.21
C ASP H 253 40.75 -24.50 45.50
N ALA H 254 40.11 -25.06 44.48
CA ALA H 254 39.31 -26.31 44.55
C ALA H 254 40.23 -27.51 44.78
N ILE H 255 41.42 -27.51 44.18
CA ILE H 255 42.48 -28.57 44.34
C ILE H 255 43.02 -28.53 45.77
N SER H 256 43.19 -27.33 46.35
CA SER H 256 43.69 -27.11 47.73
C SER H 256 42.73 -27.72 48.75
N ILE H 257 41.42 -27.56 48.55
CA ILE H 257 40.34 -28.11 49.43
C ILE H 257 40.45 -29.64 49.42
N LEU H 258 40.42 -30.24 48.23
CA LEU H 258 40.43 -31.72 48.03
C LEU H 258 41.76 -32.30 48.54
N LYS H 259 42.85 -31.54 48.41
CA LYS H 259 44.19 -31.89 48.98
C LYS H 259 44.11 -31.93 50.51
N ASN H 260 43.44 -30.95 51.12
CA ASN H 260 43.24 -30.87 52.59
C ASN H 260 42.35 -32.02 53.05
N CYS H 261 41.32 -32.37 52.26
CA CYS H 261 40.44 -33.54 52.48
C CYS H 261 41.26 -34.83 52.38
N ARG H 262 42.07 -34.96 51.33
CA ARG H 262 43.02 -36.09 51.10
C ARG H 262 43.90 -36.27 52.35
N GLU H 263 44.54 -35.18 52.79
CA GLU H 263 45.46 -35.14 53.97
C GLU H 263 44.70 -35.60 55.22
N ALA H 264 43.49 -35.08 55.44
CA ALA H 264 42.63 -35.35 56.62
C ALA H 264 42.09 -36.79 56.58
N MET H 265 41.73 -37.28 55.39
CA MET H 265 41.14 -38.63 55.19
C MET H 265 42.20 -39.71 55.38
N ASP H 266 41.81 -40.86 55.97
CA ASP H 266 42.60 -42.11 55.99
C ASP H 266 42.02 -43.05 54.91
N ASN H 267 42.49 -44.30 54.85
CA ASN H 267 42.13 -45.28 53.79
C ASN H 267 40.66 -45.70 53.93
N ASN H 268 40.10 -45.65 55.15
CA ASN H 268 38.70 -46.06 55.45
C ASN H 268 37.73 -44.91 55.16
N ALA H 269 38.19 -43.66 55.30
CA ALA H 269 37.38 -42.42 55.17
C ALA H 269 36.84 -42.28 53.74
N THR H 270 35.66 -41.67 53.61
CA THR H 270 34.96 -41.38 52.33
C THR H 270 34.72 -39.86 52.21
N LEU H 271 34.66 -39.35 50.98
CA LEU H 271 34.31 -37.94 50.65
C LEU H 271 33.07 -37.93 49.75
N LEU H 272 32.01 -37.24 50.19
CA LEU H 272 30.78 -36.99 49.40
C LEU H 272 30.84 -35.58 48.80
N ILE H 273 30.59 -35.47 47.49
CA ILE H 273 30.41 -34.17 46.78
C ILE H 273 28.98 -34.16 46.21
N ILE H 274 28.11 -33.33 46.80
CA ILE H 274 26.73 -33.05 46.30
C ILE H 274 26.77 -31.68 45.60
N THR H 275 26.50 -31.65 44.30
CA THR H 275 26.78 -30.48 43.42
C THR H 275 25.75 -30.43 42.28
N LEU H 276 25.59 -29.25 41.67
CA LEU H 276 24.94 -29.07 40.34
C LEU H 276 25.92 -29.57 39.27
N MET H 277 25.48 -30.52 38.42
CA MET H 277 26.32 -31.21 37.41
C MET H 277 26.06 -30.61 36.03
N LYS H 278 27.09 -30.02 35.40
CA LYS H 278 27.04 -29.52 34.00
C LYS H 278 26.80 -30.70 33.06
N LYS H 279 25.78 -30.60 32.21
CA LYS H 279 25.47 -31.54 31.10
C LYS H 279 25.67 -30.81 29.78
N PRO H 280 25.79 -31.51 28.63
CA PRO H 280 26.00 -30.84 27.34
C PRO H 280 24.79 -30.07 26.81
N GLN H 281 23.58 -30.32 27.34
CA GLN H 281 22.30 -29.72 26.85
C GLN H 281 21.53 -29.02 27.99
N SER H 282 22.01 -29.09 29.24
CA SER H 282 21.31 -28.55 30.44
C SER H 282 21.56 -27.04 30.58
N LEU H 283 20.53 -26.24 30.34
CA LEU H 283 20.56 -24.75 30.42
C LEU H 283 20.56 -24.31 31.88
N VAL H 284 19.85 -25.05 32.74
CA VAL H 284 19.60 -24.73 34.18
C VAL H 284 20.94 -24.52 34.89
N VAL H 285 21.94 -25.37 34.60
CA VAL H 285 23.28 -25.34 35.23
C VAL H 285 24.14 -24.28 34.54
N LYS H 286 24.05 -24.17 33.21
CA LYS H 286 24.82 -23.18 32.40
C LYS H 286 24.56 -21.76 32.93
N SER H 287 23.30 -21.43 33.22
CA SER H 287 22.88 -20.10 33.76
C SER H 287 23.55 -19.87 35.12
N VAL H 288 23.57 -20.89 35.99
CA VAL H 288 24.20 -20.85 37.33
C VAL H 288 25.72 -20.79 37.17
N ASP H 289 26.27 -21.47 36.16
CA ASP H 289 27.72 -21.51 35.85
C ASP H 289 28.27 -20.08 35.74
N ILE H 290 27.55 -19.20 35.02
CA ILE H 290 27.96 -17.78 34.77
C ILE H 290 27.77 -16.98 36.07
N LEU H 291 26.73 -17.31 36.85
CA LEU H 291 26.46 -16.69 38.18
C LEU H 291 27.68 -16.89 39.08
N MET H 292 28.29 -18.08 39.05
CA MET H 292 29.47 -18.43 39.87
C MET H 292 30.69 -17.61 39.41
N ASP H 293 30.84 -17.40 38.09
CA ASP H 293 31.94 -16.60 37.49
C ASP H 293 31.86 -15.16 38.01
N MET H 294 30.66 -14.58 38.00
CA MET H 294 30.37 -13.19 38.43
C MET H 294 30.70 -13.03 39.93
N LEU H 295 30.21 -13.97 40.75
CA LEU H 295 30.33 -13.91 42.25
C LEU H 295 31.76 -14.24 42.69
N PHE H 296 32.28 -15.40 42.27
CA PHE H 296 33.47 -16.06 42.88
C PHE H 296 34.66 -16.15 41.91
N SER H 297 34.44 -15.95 40.60
CA SER H 297 35.36 -16.34 39.50
C SER H 297 35.53 -17.87 39.49
N ALA H 298 34.49 -18.60 39.93
CA ALA H 298 34.42 -20.07 39.98
C ALA H 298 33.60 -20.58 38.80
N LYS H 299 33.10 -21.82 38.87
CA LYS H 299 32.30 -22.46 37.79
C LYS H 299 31.58 -23.70 38.34
N GLN H 300 30.51 -24.13 37.66
CA GLN H 300 29.97 -25.51 37.74
C GLN H 300 30.87 -26.39 36.86
N ARG H 301 31.02 -27.66 37.22
CA ARG H 301 32.00 -28.58 36.57
C ARG H 301 31.26 -29.78 35.96
N TYR H 302 31.74 -30.26 34.80
CA TYR H 302 31.38 -31.56 34.20
C TYR H 302 31.90 -32.69 35.09
N LEU H 303 31.45 -33.93 34.85
CA LEU H 303 31.92 -35.13 35.58
C LEU H 303 33.44 -35.26 35.40
N SER H 304 33.92 -34.98 34.17
CA SER H 304 35.35 -34.97 33.76
C SER H 304 36.15 -33.98 34.61
N GLU H 305 35.58 -32.80 34.88
CA GLU H 305 36.28 -31.67 35.55
C GLU H 305 36.42 -31.94 37.05
N PHE H 306 35.51 -32.73 37.63
CA PHE H 306 35.58 -33.19 39.04
C PHE H 306 36.69 -34.25 39.17
N GLU H 307 36.75 -35.17 38.19
CA GLU H 307 37.83 -36.19 38.06
C GLU H 307 39.18 -35.48 37.92
N ASP H 308 39.23 -34.41 37.12
CA ASP H 308 40.46 -33.62 36.83
C ASP H 308 41.06 -33.07 38.14
N ILE H 309 40.25 -32.38 38.95
CA ILE H 309 40.70 -31.72 40.21
C ILE H 309 40.91 -32.79 41.31
N ALA H 310 40.27 -33.96 41.18
CA ALA H 310 40.40 -35.11 42.10
C ALA H 310 41.76 -35.80 41.89
N ASN H 311 42.21 -35.90 40.63
CA ASN H 311 43.54 -36.46 40.25
C ASN H 311 44.65 -35.63 40.91
N GLN H 312 44.63 -34.31 40.70
CA GLN H 312 45.66 -33.34 41.17
C GLN H 312 45.62 -33.26 42.71
N ALA H 313 44.46 -33.54 43.31
CA ALA H 313 44.28 -33.66 44.78
C ALA H 313 44.75 -35.04 45.25
N GLY H 314 44.55 -36.07 44.42
CA GLY H 314 44.97 -37.47 44.68
C GLY H 314 43.80 -38.36 45.05
N LEU H 315 42.58 -37.85 44.94
CA LEU H 315 41.32 -38.56 45.31
C LEU H 315 40.81 -39.34 44.09
N VAL H 316 40.03 -40.42 44.34
CA VAL H 316 39.56 -41.38 43.31
C VAL H 316 38.03 -41.46 43.37
N ILE H 317 37.35 -41.25 42.23
CA ILE H 317 35.87 -41.36 42.09
C ILE H 317 35.50 -42.85 42.09
N ARG H 318 34.72 -43.29 43.07
CA ARG H 318 34.30 -44.70 43.29
C ARG H 318 32.82 -44.88 42.96
N HIS H 319 32.08 -43.80 42.70
CA HIS H 319 30.61 -43.84 42.43
C HIS H 319 30.13 -42.45 41.97
N TYR H 320 29.31 -42.41 40.91
CA TYR H 320 28.59 -41.21 40.42
C TYR H 320 27.11 -41.55 40.17
N LYS H 321 26.21 -40.70 40.66
CA LYS H 321 24.73 -40.90 40.59
C LYS H 321 24.04 -39.53 40.73
N ASP H 322 23.12 -39.21 39.81
CA ASP H 322 22.34 -37.95 39.83
C ASP H 322 21.09 -38.15 40.71
N LEU H 323 20.86 -37.22 41.64
CA LEU H 323 19.77 -37.28 42.66
C LEU H 323 18.44 -36.89 42.02
N ASP H 324 18.40 -35.72 41.38
CA ASP H 324 17.25 -35.21 40.58
C ASP H 324 17.73 -35.05 39.13
N GLU H 325 17.38 -33.95 38.45
CA GLU H 325 17.80 -33.69 37.04
C GLU H 325 18.59 -32.37 36.97
N ILE H 326 19.20 -31.96 38.08
CA ILE H 326 20.18 -30.82 38.15
C ILE H 326 21.33 -31.17 39.11
N PHE H 327 21.02 -31.70 40.30
CA PHE H 327 21.99 -32.10 41.34
C PHE H 327 22.49 -33.52 41.06
N SER H 328 23.64 -33.88 41.65
CA SER H 328 24.26 -35.23 41.56
C SER H 328 25.07 -35.52 42.83
N LEU H 329 25.49 -36.78 42.96
CA LEU H 329 26.34 -37.30 44.08
C LEU H 329 27.60 -37.94 43.48
N ILE H 330 28.76 -37.67 44.09
CA ILE H 330 30.06 -38.31 43.74
C ILE H 330 30.73 -38.81 45.03
N GLU H 331 31.01 -40.11 45.11
CA GLU H 331 31.81 -40.72 46.21
C GLU H 331 33.29 -40.71 45.78
N LEU H 332 34.14 -40.00 46.52
CA LEU H 332 35.61 -39.95 46.32
C LEU H 332 36.30 -40.65 47.50
N LYS H 333 37.34 -41.44 47.24
CA LYS H 333 38.04 -42.28 48.24
C LYS H 333 39.55 -42.23 48.00
N VAL H 334 40.30 -41.84 49.04
CA VAL H 334 41.79 -41.74 49.03
C VAL H 334 42.38 -43.12 48.73
N SAH I . -61.38 43.12 21.62
CA SAH I . -60.56 42.17 22.44
CB SAH I . -60.79 40.72 22.03
CG SAH I . -60.76 40.50 20.52
SD SAH I . -60.68 38.75 20.07
C SAH I . -59.07 42.53 22.28
O SAH I . -58.26 42.29 23.18
OXT SAH I . -58.66 43.05 21.24
C5' SAH I . -62.29 38.48 19.30
C4' SAH I . -63.44 38.51 20.28
O4' SAH I . -64.69 38.34 19.56
C3' SAH I . -63.41 37.41 21.34
O3' SAH I . -63.46 37.97 22.64
C2' SAH I . -64.67 36.58 21.05
O2' SAH I . -65.28 36.08 22.22
C1' SAH I . -65.56 37.61 20.38
N9 SAH I . -66.63 37.05 19.57
C8 SAH I . -66.54 36.01 18.68
N7 SAH I . -67.68 35.73 18.10
C5 SAH I . -68.59 36.63 18.65
C6 SAH I . -69.96 36.84 18.43
N6 SAH I . -70.70 36.12 17.59
N1 SAH I . -70.56 37.83 19.14
C2 SAH I . -69.81 38.55 19.98
N3 SAH I . -68.51 38.45 20.26
C4 SAH I . -67.95 37.46 19.55
N SAH J . -27.60 3.88 6.05
CA SAH J . -28.69 4.52 5.26
CB SAH J . -29.98 4.64 6.07
CG SAH J . -29.79 5.12 7.50
SD SAH J . -31.35 5.27 8.42
C SAH J . -28.23 5.92 4.82
O SAH J . -28.67 6.41 3.77
OXT SAH J . -27.43 6.58 5.48
C5' SAH J . -31.38 3.74 9.38
C4' SAH J . -31.67 2.51 8.57
O4' SAH J . -31.70 1.35 9.45
C3' SAH J . -33.02 2.52 7.84
O3' SAH J . -32.85 2.26 6.45
C2' SAH J . -33.83 1.39 8.51
O2' SAH J . -34.65 0.70 7.60
C1' SAH J . -32.71 0.48 9.02
N9 SAH J . -33.10 -0.35 10.15
C8 SAH J . -33.86 0.02 11.24
N7 SAH J . -34.06 -0.95 12.10
C5 SAH J . -33.39 -2.02 11.55
C6 SAH J . -33.22 -3.35 11.99
N6 SAH J . -33.73 -3.82 13.13
N1 SAH J . -32.48 -4.18 11.21
C2 SAH J . -31.97 -3.71 10.07
N3 SAH J . -32.07 -2.48 9.55
C4 SAH J . -32.79 -1.68 10.35
N SAH K . 10.21 13.80 20.13
CA SAH K . 11.56 13.19 20.26
CB SAH K . 11.94 12.95 21.73
CG SAH K . 10.79 12.46 22.60
SD SAH K . 11.33 12.08 24.28
C SAH K . 11.59 11.86 19.50
O SAH K . 12.66 11.39 19.11
OXT SAH K . 10.56 11.23 19.27
C5' SAH K . 10.75 13.52 25.22
C4' SAH K . 11.47 14.81 24.89
O4' SAH K . 10.85 15.88 25.64
C3' SAH K . 12.95 14.84 25.24
O3' SAH K . 13.72 15.33 24.15
C2' SAH K . 13.04 15.80 26.43
O2' SAH K . 14.25 16.52 26.45
C1' SAH K . 11.87 16.72 26.15
N9 SAH K . 11.34 17.42 27.31
C8 SAH K . 11.17 16.93 28.58
N7 SAH K . 10.63 17.79 29.41
C5 SAH K . 10.42 18.92 28.64
C6 SAH K . 9.87 20.18 28.93
N6 SAH K . 9.42 20.52 30.14
N1 SAH K . 9.79 21.09 27.93
C2 SAH K . 10.24 20.74 26.72
N3 SAH K . 10.79 19.58 26.32
C4 SAH K . 10.85 18.70 27.34
N SAH L . 10.15 -22.74 -4.04
CA SAH L . 10.92 -23.81 -3.35
CB SAH L . 10.26 -25.18 -3.52
CG SAH L . 9.80 -25.49 -4.95
SD SAH L . 9.38 -27.23 -5.20
C SAH L . 12.35 -23.86 -3.91
O SAH L . 13.31 -24.09 -3.18
OXT SAH L . 12.57 -23.65 -5.11
C5' SAH L . 7.56 -27.20 -5.29
C4' SAH L . 6.90 -26.83 -3.99
O4' SAH L . 5.48 -26.72 -4.20
C3' SAH L . 7.08 -27.84 -2.85
O3' SAH L . 7.51 -27.19 -1.66
C2' SAH L . 5.69 -28.45 -2.68
O2' SAH L . 5.43 -28.88 -1.36
C1' SAH L . 4.82 -27.27 -3.09
N9 SAH L . 3.46 -27.62 -3.46
C8 SAH L . 3.03 -28.73 -4.14
N7 SAH L . 1.73 -28.77 -4.32
C5 SAH L . 1.27 -27.61 -3.72
C6 SAH L . -0.02 -27.07 -3.57
N6 SAH L . -1.13 -27.66 -4.04
N1 SAH L . -0.14 -25.90 -2.92
C2 SAH L . 0.96 -25.31 -2.45
N3 SAH L . 2.22 -25.72 -2.53
C4 SAH L . 2.32 -26.89 -3.18
N SAH M . -34.42 11.64 -56.68
CA SAH M . -33.53 10.45 -56.50
CB SAH M . -32.12 10.71 -57.02
CG SAH M . -31.55 12.06 -56.59
SD SAH M . -29.75 12.15 -56.74
C SAH M . -33.47 10.09 -55.01
O SAH M . -33.23 8.93 -54.64
OXT SAH M . -33.65 10.96 -54.15
C5' SAH M . -29.55 13.30 -58.13
C4' SAH M . -30.08 12.78 -59.43
O4' SAH M . -30.06 13.84 -60.41
C3' SAH M . -29.30 11.61 -60.03
O3' SAH M . -30.15 10.50 -60.27
C2' SAH M . -28.75 12.18 -61.36
O2' SAH M . -28.69 11.23 -62.39
C1' SAH M . -29.77 13.26 -61.66
N9 SAH M . -29.30 14.30 -62.56
C8 SAH M . -28.11 14.96 -62.52
N7 SAH M . -27.96 15.85 -63.46
C5 SAH M . -29.16 15.78 -64.17
C6 SAH M . -29.62 16.49 -65.30
N6 SAH M . -28.92 17.43 -65.93
N1 SAH M . -30.86 16.17 -65.77
C2 SAH M . -31.56 15.22 -65.13
N3 SAH M . -31.21 14.50 -64.07
C4 SAH M . -29.99 14.83 -63.63
CL CL N . -0.87 16.13 -50.94
N SAH O . 15.52 2.58 -36.84
CA SAH O . 14.95 3.86 -37.36
CB SAH O . 14.25 3.65 -38.71
CG SAH O . 13.42 2.38 -38.78
SD SAH O . 12.36 2.30 -40.25
C SAH O . 13.96 4.43 -36.34
O SAH O . 13.71 5.63 -36.30
OXT SAH O . 13.39 3.68 -35.53
C5' SAH O . 13.19 1.04 -41.27
C4' SAH O . 14.54 1.46 -41.79
O4' SAH O . 15.15 0.34 -42.48
C3' SAH O . 14.51 2.61 -42.81
O3' SAH O . 15.42 3.64 -42.44
C2' SAH O . 14.93 1.95 -44.13
O2' SAH O . 15.63 2.81 -44.99
C1' SAH O . 15.82 0.83 -43.60
N9 SAH O . 16.03 -0.26 -44.54
C8 SAH O . 15.07 -0.93 -45.26
N7 SAH O . 15.56 -1.88 -46.01
C5 SAH O . 16.92 -1.84 -45.78
C6 SAH O . 17.99 -2.61 -46.28
N6 SAH O . 17.84 -3.60 -47.15
N1 SAH O . 19.23 -2.32 -45.83
C2 SAH O . 19.38 -1.32 -44.95
N3 SAH O . 18.45 -0.54 -44.41
C4 SAH O . 17.23 -0.85 -44.87
N SAH P . 60.15 -27.29 0.21
CA SAH P . 58.99 -26.46 -0.23
CB SAH P . 58.18 -25.96 0.97
CG SAH P . 59.02 -25.50 2.15
SD SAH P . 58.06 -24.67 3.44
C SAH P . 59.50 -25.26 -1.03
O SAH P . 58.88 -24.86 -2.02
OXT SAH P . 60.53 -24.66 -0.72
C5' SAH P . 58.16 -25.83 4.82
C4' SAH P . 57.40 -27.12 4.58
O4' SAH P . 57.67 -28.03 5.68
C3' SAH P . 55.88 -26.97 4.51
O3' SAH P . 55.38 -27.49 3.28
C2' SAH P . 55.37 -27.80 5.70
O2' SAH P . 54.17 -28.49 5.42
C1' SAH P . 56.52 -28.78 5.91
N9 SAH P . 56.58 -29.33 7.26
C8 SAH P . 56.44 -28.66 8.45
N7 SAH P . 56.55 -29.44 9.50
C5 SAH P . 56.77 -30.70 8.98
C6 SAH P . 56.96 -31.95 9.59
N6 SAH P . 56.97 -32.14 10.91
N1 SAH P . 57.16 -33.02 8.77
C2 SAH P . 57.16 -32.83 7.45
N3 SAH P . 56.98 -31.70 6.77
C4 SAH P . 56.79 -30.65 7.59
N SAH Q . 26.06 -26.64 52.01
CA SAH Q . 25.12 -25.48 52.00
CB SAH Q . 25.61 -24.39 51.04
CG SAH Q . 26.95 -23.82 51.42
SD SAH Q . 27.55 -22.56 50.26
C SAH Q . 23.73 -25.95 51.57
O SAH Q . 22.80 -26.02 52.37
OXT SAH Q . 23.52 -26.28 50.39
C5' SAH Q . 29.31 -22.45 50.68
C4' SAH Q . 29.61 -22.45 52.16
O4' SAH Q . 31.04 -22.48 52.35
C3' SAH Q . 29.10 -21.22 52.92
O3' SAH Q . 28.36 -21.62 54.07
C2' SAH Q . 30.38 -20.46 53.30
O2' SAH Q . 30.28 -19.75 54.51
C1' SAH Q . 31.37 -21.61 53.41
N9 SAH Q . 32.77 -21.22 53.25
C8 SAH Q . 33.29 -20.30 52.37
N7 SAH Q . 34.59 -20.18 52.45
C5 SAH Q . 34.96 -21.08 53.43
C6 SAH Q . 36.21 -21.43 53.98
N6 SAH Q . 37.36 -20.88 53.59
N1 SAH Q . 36.23 -22.38 54.95
C2 SAH Q . 35.07 -22.93 55.33
N3 SAH Q . 33.84 -22.68 54.89
C4 SAH Q . 33.85 -21.74 53.93
#